data_5I8H
#
_entry.id   5I8H
#
_cell.length_a   252.296
_cell.length_b   252.296
_cell.length_c   561.202
_cell.angle_alpha   90.000
_cell.angle_beta   90.000
_cell.angle_gamma   120.000
#
_symmetry.space_group_name_H-M   'H 3 2'
#
loop_
_entity.id
_entity.type
_entity.pdbx_description
1 polymer 'BG505 SOSIP.664 gp120'
2 polymer 'BG505 SOSIP.664 gp41'
3 polymer 'PGT122 Fab light chain'
4 polymer 'VRC34.01 Fab heavy chain'
5 polymer 'VRC34.01 Fab light chain'
6 polymer 'PGT122 Fab heavy chain'
7 branched alpha-D-mannopyranose-(1-3)-[alpha-D-mannopyranose-(1-6)]alpha-D-mannopyranose-(1-6)-[alpha-D-mannopyranose-(1-3)]beta-D-mannopyranose-(1-4)-2-acetamido-2-deoxy-beta-D-glucopyranose-(1-4)-2-acetamido-2-deoxy-beta-D-glucopyranose
8 branched alpha-D-mannopyranose-(1-3)-[alpha-D-mannopyranose-(1-6)]beta-D-mannopyranose-(1-4)-2-acetamido-2-deoxy-beta-D-glucopyranose-(1-4)-2-acetamido-2-deoxy-beta-D-glucopyranose
9 branched 2-acetamido-2-deoxy-beta-D-glucopyranose-(1-4)-2-acetamido-2-deoxy-beta-D-glucopyranose
10 branched alpha-D-mannopyranose-(1-2)-alpha-D-mannopyranose-(1-3)-[alpha-D-mannopyranose-(1-6)]beta-D-mannopyranose-(1-4)-2-acetamido-2-deoxy-beta-D-glucopyranose-(1-4)-2-acetamido-2-deoxy-beta-D-glucopyranose
11 branched beta-D-mannopyranose-(1-4)-2-acetamido-2-deoxy-beta-D-glucopyranose-(1-4)-2-acetamido-2-deoxy-beta-D-glucopyranose
12 branched alpha-D-mannopyranose-(1-2)-alpha-D-mannopyranose-(1-2)-alpha-D-mannopyranose-(1-3)-[alpha-D-mannopyranose-(1-2)-alpha-D-mannopyranose-(1-3)-[alpha-D-mannopyranose-(1-6)]alpha-D-mannopyranose-(1-6)]beta-D-mannopyranose-(1-4)-2-acetamido-2-deoxy-beta-D-glucopyranose-(1-4)-2-acetamido-2-deoxy-beta-D-glucopyranose
13 branched alpha-D-mannopyranose-(1-3)-beta-D-mannopyranose-(1-4)-2-acetamido-2-deoxy-beta-D-glucopyranose-(1-4)-2-acetamido-2-deoxy-beta-D-glucopyranose
14 non-polymer 2-acetamido-2-deoxy-beta-D-glucopyranose
#
loop_
_entity_poly.entity_id
_entity_poly.type
_entity_poly.pdbx_seq_one_letter_code
_entity_poly.pdbx_strand_id
1 'polypeptide(L)'
;AENLWVTVYYGVPVWKDAETTLFCASDAKAYETEKHNVWATHACVPTDPNPQEIHLENVTEEFNMWKNNMVEQMHTDIIS
LWDQSLKPCVKLTPLCVTLQCTNVTNNITDDMRGELKNCSFNMTTELRDKKQKVYSLFYRLDVVQINENQGNRSNNSNKE
YRLINCNTSAITQACPKVSFEPIPIHYCAPAGFAILKCKDKKFNGTGPCPSVSTVQCTHGIKPVVSTQLLLNGSLAEEEV
MIRSENITNNAKNILVQFNTPVQINCTRPNNNTRKSIRIGPGQAFYATGDIIGDIRQAHCNVSKATWNETLGKVVKQLRK
HFGNNTIIRFANSSGGDLEVTTHSFNCGGEFFYCNTSGLFNSTWISNTSVQGSNSTGSNDSITLPCRIKQIINMWQRIGQ
AMYAPPIQGVIRCVSNITGLILTRDGGSTNSTTETFRPGGGDMRDNWRSELYKYKVVKIEPLGVAPTRCKRRVVGRRRRR
R
;
A,C
2 'polypeptide(L)'
;AVGIGAVFLGFLGAAGSTMGAASMTLTVQARNLLSGIVQQQSNLLRAIEAQQHLLKLTVWGIKQLQARVLAVERYLRDQQ
LLGIWGCSGKLICCTNVPWNSSWSNRNLSEIWDNMTWLQWDKEISNYTQIIYGLLEESQNQQEKNEQDLLALD
;
B,D
3 'polypeptide(L)'
;APTFVSVAPGQTARITCGEESLGSRSVIWYQQRPGQAPSLIIYNNNDRPSGIPDRFSGSPGSTFGTTATLTITSVEAGDE
ADYYCHIWDSRRPTNWVFGEGTTLIVLSQPKAAPSVTLFPPSSEELQANKATLVCLISDFYPGAVTVAWKADSSPVKAGV
ETTTPSKQSNNKYAASSYLSLTPEQWKSHKSYSCQVTHEGSTVEKTVAPT
;
L,J
4 'polypeptide(L)'
;QEVLVQSGAEVKKPGASVKVSCRAFGYTFTGNALHWVRQAPGQGLEWLGWINPHSGDTTTSQKFQGRVYMTRDKSINTAF
LDVTRLTSDDTGIYYCARDKYYGNEAVGMDVWGQGTSVTVSSASTKGPSVFPLAPSSKSTSGGTAALGCLVKDYFPEPVT
VSWNSGALTSGVHTFPAVLQSSGLYSLSSVVTVPSSSLGTQTYICNVNHKPSNTKVDKKVEPK
;
E,G
5 'polypeptide(L)'
;DIQLTQSPSFLSASVGDKVTITCRASQGVRNELAWYQQKPGKAPNLLIYYASTLQSGVPSRFSATGSGTHFTLTVSSLQP
EDFATYFCQHMSSYPLTFGGGTKVEIKRTVAAPSVFIFPPSDEQLKSGTASVVCLLNNFYPREAKVQWKVDNALQSGNSQ
ESVTEQDSKDSTYSLSSTLTLSKADYEKHKVYACEVTHQGLSSPVTKSFNRG
;
F,H
6 'polypeptide(L)'
;QVHLQESGPGLVKPSETLSLTCNVSGTLVRDNYWSWIRQPLGKQPEWIGYVHDSGDTNYNPSLKSRVHLSLDKSKNLVSL
RLTGVTAADSAIYYCATTKHGRRIYGVVAFKEWFTYFYMDVWGKGTSVTVSSASTKGPSVFPLAPSSKSTSGGTAALGCL
VKDYFPEPVTVSWNSGALTSGVHTFPAVLQSSGLYSLSSVVTVPSSSLGTQTYICNVNHKPSNTKVDKRVEPKSC
;
I,K
#
# COMPACT_ATOMS: atom_id res chain seq x y z
N ALA A 1 -46.11 70.96 77.65
CA ALA A 1 -45.30 71.93 76.91
C ALA A 1 -43.88 71.41 76.68
N GLU A 2 -42.91 72.05 77.32
CA GLU A 2 -41.51 71.66 77.19
C GLU A 2 -41.19 70.38 77.96
N ASN A 3 -41.93 70.08 79.03
CA ASN A 3 -41.69 68.83 79.73
C ASN A 3 -42.40 67.74 78.95
N LEU A 4 -41.63 66.74 78.53
CA LEU A 4 -42.03 65.66 77.64
C LEU A 4 -42.88 64.62 78.34
N TRP A 5 -43.59 63.85 77.49
CA TRP A 5 -44.45 62.76 77.90
C TRP A 5 -44.19 61.57 76.97
N VAL A 6 -44.22 60.37 77.53
CA VAL A 6 -43.96 59.17 76.74
C VAL A 6 -45.11 58.91 75.77
N THR A 7 -44.79 58.32 74.61
CA THR A 7 -45.79 57.95 73.61
C THR A 7 -45.42 56.61 72.98
N VAL A 8 -46.39 55.68 73.00
CA VAL A 8 -46.22 54.33 72.50
C VAL A 8 -46.40 54.25 70.98
N TYR A 9 -45.41 53.67 70.30
CA TYR A 9 -45.47 53.44 68.86
C TYR A 9 -45.52 51.94 68.60
N TYR A 10 -46.45 51.53 67.71
CA TYR A 10 -46.65 50.14 67.34
C TYR A 10 -46.42 49.96 65.84
N GLY A 11 -45.36 49.24 65.50
CA GLY A 11 -45.01 49.02 64.11
C GLY A 11 -43.71 49.70 63.79
N VAL A 12 -42.80 49.76 64.76
CA VAL A 12 -41.51 50.42 64.54
C VAL A 12 -40.46 49.44 64.01
N PRO A 13 -39.62 49.88 63.09
CA PRO A 13 -38.55 49.00 62.58
C PRO A 13 -37.50 48.71 63.63
N VAL A 14 -37.79 47.84 64.59
CA VAL A 14 -36.84 47.49 65.65
C VAL A 14 -36.75 45.98 65.69
N TRP A 15 -35.55 45.46 65.48
CA TRP A 15 -35.32 44.03 65.50
C TRP A 15 -34.09 43.70 66.32
N LYS A 16 -34.03 42.47 66.82
CA LYS A 16 -32.87 42.01 67.55
C LYS A 16 -32.55 40.60 67.07
N ASP A 17 -31.27 40.24 67.06
CA ASP A 17 -30.88 38.90 66.62
C ASP A 17 -31.45 37.81 67.52
N ALA A 18 -32.07 36.80 66.91
CA ALA A 18 -32.64 35.69 67.67
C ALA A 18 -32.70 34.46 66.75
N GLU A 19 -33.20 33.36 67.30
CA GLU A 19 -33.34 32.09 66.60
C GLU A 19 -34.75 31.57 66.74
N THR A 20 -35.32 31.10 65.62
CA THR A 20 -36.68 30.58 65.59
C THR A 20 -36.76 29.36 64.70
N THR A 21 -37.97 28.83 64.57
CA THR A 21 -38.24 27.65 63.76
C THR A 21 -38.63 28.09 62.35
N LEU A 22 -37.75 27.82 61.39
CA LEU A 22 -37.95 28.17 60.00
C LEU A 22 -38.70 27.06 59.28
N PHE A 23 -39.57 27.44 58.35
CA PHE A 23 -40.28 26.47 57.53
C PHE A 23 -39.75 26.48 56.10
N CYS A 24 -40.28 25.58 55.28
CA CYS A 24 -39.76 25.35 53.93
C CYS A 24 -40.63 26.02 52.87
N ALA A 25 -40.13 25.92 51.64
CA ALA A 25 -40.80 26.40 50.44
C ALA A 25 -40.10 25.81 49.23
N SER A 26 -40.84 25.27 48.27
CA SER A 26 -40.18 24.62 47.15
C SER A 26 -41.06 24.68 45.90
N ASP A 27 -41.33 25.90 45.44
CA ASP A 27 -42.03 26.11 44.18
C ASP A 27 -43.35 25.35 44.11
N ALA A 28 -43.83 25.17 42.89
CA ALA A 28 -45.04 24.42 42.60
C ALA A 28 -44.77 23.37 41.55
N LYS A 29 -43.72 23.52 40.74
CA LYS A 29 -43.32 22.53 39.75
C LYS A 29 -42.53 21.41 40.42
N ALA A 30 -41.88 21.73 41.55
CA ALA A 30 -41.12 20.72 42.26
C ALA A 30 -42.05 19.67 42.84
N TYR A 31 -43.29 20.05 43.10
CA TYR A 31 -44.29 19.13 43.61
C TYR A 31 -44.87 18.27 42.48
N GLU A 32 -44.70 18.72 41.22
CA GLU A 32 -45.16 18.03 40.01
C GLU A 32 -44.22 16.92 39.55
N THR A 33 -43.06 16.79 40.18
CA THR A 33 -42.10 15.73 39.86
C THR A 33 -42.64 14.40 40.34
N GLU A 34 -43.60 14.45 41.26
CA GLU A 34 -44.26 13.36 41.95
C GLU A 34 -43.31 12.23 42.25
N LYS A 35 -43.52 11.10 41.58
CA LYS A 35 -42.76 9.88 41.78
C LYS A 35 -42.80 9.46 43.25
N HIS A 36 -43.98 9.46 43.87
CA HIS A 36 -44.14 9.04 45.26
C HIS A 36 -43.21 9.79 46.22
N ASN A 37 -43.37 11.12 46.24
CA ASN A 37 -42.58 11.97 47.13
C ASN A 37 -41.09 11.85 46.92
N VAL A 38 -40.54 12.66 46.02
CA VAL A 38 -39.11 12.64 45.82
C VAL A 38 -38.48 13.52 46.88
N TRP A 39 -37.46 13.01 47.55
CA TRP A 39 -36.77 13.74 48.61
C TRP A 39 -37.70 14.17 49.73
N ALA A 40 -38.10 15.45 49.73
CA ALA A 40 -38.88 16.03 50.83
C ALA A 40 -40.24 16.60 50.46
N THR A 41 -40.36 17.29 49.34
CA THR A 41 -41.57 18.03 48.98
C THR A 41 -42.86 17.21 48.99
N HIS A 42 -43.52 17.15 50.14
CA HIS A 42 -44.81 16.49 50.28
C HIS A 42 -45.83 17.48 50.81
N ALA A 43 -45.63 18.00 52.02
CA ALA A 43 -46.51 19.01 52.60
C ALA A 43 -45.76 20.34 52.74
N CYS A 44 -44.84 20.61 51.81
CA CYS A 44 -44.05 21.83 51.83
C CYS A 44 -44.85 22.96 51.18
N VAL A 45 -44.74 24.15 51.73
CA VAL A 45 -45.50 25.32 51.26
C VAL A 45 -45.02 25.79 49.89
N PRO A 46 -45.93 25.96 48.92
CA PRO A 46 -45.55 26.50 47.61
C PRO A 46 -44.94 27.89 47.72
N THR A 47 -43.87 28.12 46.96
CA THR A 47 -43.16 29.39 46.99
C THR A 47 -44.00 30.55 46.43
N ASP A 48 -43.88 31.70 47.08
CA ASP A 48 -44.56 32.93 46.65
C ASP A 48 -44.16 33.26 45.22
N PRO A 49 -45.12 33.37 44.29
CA PRO A 49 -44.80 33.68 42.89
C PRO A 49 -43.94 34.91 42.63
N ASN A 50 -44.15 36.01 43.38
CA ASN A 50 -43.38 37.24 43.23
C ASN A 50 -42.72 37.60 44.56
N PRO A 51 -41.57 37.00 44.85
CA PRO A 51 -40.89 37.30 46.11
C PRO A 51 -40.51 38.77 46.14
N GLN A 52 -40.49 39.33 47.35
CA GLN A 52 -40.18 40.74 47.55
C GLN A 52 -38.90 40.93 48.35
N GLU A 53 -38.06 41.85 47.87
CA GLU A 53 -36.80 42.21 48.52
C GLU A 53 -36.82 43.70 48.76
N ILE A 54 -36.96 44.09 50.03
CA ILE A 54 -37.03 45.49 50.39
C ILE A 54 -35.60 45.86 50.73
N HIS A 55 -35.00 46.74 49.95
CA HIS A 55 -33.63 47.16 50.20
C HIS A 55 -33.64 48.18 51.33
N LEU A 56 -33.09 47.79 52.48
CA LEU A 56 -33.07 48.67 53.64
C LEU A 56 -31.97 49.71 53.49
N GLU A 57 -32.34 50.88 52.98
CA GLU A 57 -31.39 51.96 52.77
C GLU A 57 -30.84 52.43 54.13
N ASN A 58 -29.59 52.88 54.14
CA ASN A 58 -28.93 53.42 55.32
C ASN A 58 -28.75 52.39 56.45
N VAL A 59 -29.10 51.12 56.22
CA VAL A 59 -29.06 50.11 57.28
C VAL A 59 -27.77 49.29 57.15
N THR A 60 -27.04 49.19 58.27
CA THR A 60 -25.81 48.40 58.34
C THR A 60 -25.92 47.36 59.46
N GLU A 61 -26.05 46.08 59.09
CA GLU A 61 -26.20 44.99 60.06
C GLU A 61 -25.02 44.02 59.99
N GLU A 62 -24.57 43.56 61.15
CA GLU A 62 -23.44 42.63 61.26
C GLU A 62 -23.92 41.19 61.13
N PHE A 63 -23.33 40.45 60.22
CA PHE A 63 -23.61 39.04 59.98
C PHE A 63 -22.50 38.18 60.56
N ASN A 64 -22.78 36.88 60.70
CA ASN A 64 -21.78 35.93 61.20
C ASN A 64 -22.11 34.56 60.64
N MET A 65 -21.45 34.20 59.54
CA MET A 65 -21.72 32.92 58.87
C MET A 65 -21.27 31.72 59.70
N TRP A 66 -20.36 31.90 60.64
CA TRP A 66 -19.85 30.78 61.42
C TRP A 66 -20.63 30.54 62.70
N LYS A 67 -21.43 31.50 63.12
CA LYS A 67 -22.30 31.40 64.28
C LYS A 67 -23.73 31.69 63.87
N ASN A 68 -24.11 31.23 62.68
CA ASN A 68 -25.46 31.44 62.17
C ASN A 68 -26.21 30.14 62.43
N ASN A 69 -27.39 30.25 63.03
CA ASN A 69 -28.14 29.09 63.47
C ASN A 69 -28.97 28.47 62.35
N MET A 70 -29.11 29.17 61.22
CA MET A 70 -29.87 28.61 60.11
C MET A 70 -29.19 27.35 59.59
N VAL A 71 -27.87 27.28 59.74
CA VAL A 71 -27.10 26.12 59.32
C VAL A 71 -27.38 24.94 60.25
N GLU A 72 -27.33 25.18 61.56
CA GLU A 72 -27.56 24.14 62.55
C GLU A 72 -28.99 23.61 62.49
N GLN A 73 -29.91 24.41 61.96
CA GLN A 73 -31.30 23.98 61.80
C GLN A 73 -31.45 23.13 60.54
N MET A 74 -30.81 23.56 59.45
CA MET A 74 -30.88 22.82 58.19
C MET A 74 -30.23 21.44 58.30
N HIS A 75 -29.10 21.35 58.99
CA HIS A 75 -28.41 20.06 59.11
C HIS A 75 -29.28 19.03 59.81
N THR A 76 -29.93 19.41 60.91
CA THR A 76 -30.81 18.52 61.65
C THR A 76 -32.10 18.22 60.87
N ASP A 77 -32.44 19.05 59.90
CA ASP A 77 -33.63 18.83 59.10
C ASP A 77 -33.38 17.75 58.04
N ILE A 78 -32.24 17.85 57.35
CA ILE A 78 -31.92 16.87 56.31
C ILE A 78 -31.70 15.50 56.94
N ILE A 79 -31.11 15.45 58.14
CA ILE A 79 -30.90 14.18 58.82
C ILE A 79 -32.24 13.52 59.18
N SER A 80 -33.16 14.29 59.77
CA SER A 80 -34.45 13.70 60.08
C SER A 80 -35.19 13.32 58.81
N LEU A 81 -34.93 14.05 57.72
CA LEU A 81 -35.52 13.69 56.44
C LEU A 81 -35.02 12.33 55.99
N TRP A 82 -33.73 12.07 56.21
CA TRP A 82 -33.12 10.80 55.79
C TRP A 82 -33.71 9.63 56.57
N ASP A 83 -33.96 9.82 57.87
CA ASP A 83 -34.47 8.72 58.68
C ASP A 83 -35.94 8.49 58.36
N GLN A 84 -36.69 9.57 58.17
CA GLN A 84 -38.10 9.44 57.87
C GLN A 84 -38.29 8.82 56.49
N SER A 85 -37.34 9.02 55.59
CA SER A 85 -37.43 8.50 54.22
C SER A 85 -37.06 7.04 54.13
N LEU A 86 -36.45 6.48 55.17
CA LEU A 86 -36.02 5.10 55.23
C LEU A 86 -36.87 4.32 56.21
N LYS A 87 -37.82 4.99 56.86
CA LYS A 87 -38.71 4.31 57.81
C LYS A 87 -39.66 3.34 57.11
N PRO A 88 -40.39 3.73 56.06
CA PRO A 88 -41.29 2.77 55.40
C PRO A 88 -40.63 1.95 54.31
N CYS A 89 -39.29 1.94 54.27
CA CYS A 89 -38.51 1.23 53.28
C CYS A 89 -38.17 -0.20 53.71
N VAL A 90 -37.72 -0.99 52.74
CA VAL A 90 -37.40 -2.40 52.97
C VAL A 90 -36.13 -2.52 53.79
N LYS A 91 -36.21 -3.23 54.92
CA LYS A 91 -35.08 -3.49 55.80
C LYS A 91 -34.36 -4.77 55.37
N LEU A 92 -33.04 -4.68 55.18
CA LEU A 92 -32.26 -5.83 54.73
C LEU A 92 -31.61 -6.61 55.87
N THR A 93 -32.34 -6.84 56.97
CA THR A 93 -31.80 -7.63 58.08
C THR A 93 -31.30 -9.03 57.70
N PRO A 94 -32.02 -9.86 56.89
CA PRO A 94 -31.48 -11.20 56.59
C PRO A 94 -30.61 -11.28 55.34
N LEU A 95 -29.72 -10.31 55.19
CA LEU A 95 -28.75 -10.25 54.11
C LEU A 95 -27.33 -10.45 54.64
N CYS A 96 -27.18 -10.73 55.94
CA CYS A 96 -25.86 -10.92 56.52
C CYS A 96 -25.42 -12.37 56.46
N VAL A 97 -25.96 -13.11 55.48
CA VAL A 97 -25.58 -14.50 55.29
C VAL A 97 -24.19 -14.58 54.69
N THR A 98 -23.52 -15.72 54.90
CA THR A 98 -22.19 -15.96 54.35
C THR A 98 -22.20 -15.89 52.82
N LEU A 99 -21.31 -15.09 52.24
CA LEU A 99 -21.22 -14.88 50.80
C LEU A 99 -19.99 -15.60 50.23
N GLN A 100 -20.20 -16.60 49.38
CA GLN A 100 -19.13 -17.31 48.65
C GLN A 100 -18.90 -16.62 47.31
N CYS A 101 -18.02 -15.61 47.29
CA CYS A 101 -17.79 -14.76 46.13
C CYS A 101 -16.57 -15.19 45.32
N THR A 102 -16.49 -14.68 44.08
CA THR A 102 -15.37 -14.92 43.16
C THR A 102 -15.23 -13.70 42.26
N ASN A 103 -14.14 -13.65 41.47
CA ASN A 103 -13.98 -12.51 40.58
C ASN A 103 -15.05 -12.44 39.51
N VAL A 104 -15.32 -11.22 39.08
CA VAL A 104 -16.28 -11.00 38.01
C VAL A 104 -15.66 -11.52 36.72
N THR A 105 -16.52 -11.91 35.78
CA THR A 105 -16.08 -12.49 34.53
C THR A 105 -15.35 -11.44 33.68
N ASN A 106 -14.03 -11.57 33.60
CA ASN A 106 -13.21 -10.69 32.78
C ASN A 106 -11.93 -11.43 32.45
N ASN A 107 -11.01 -10.76 31.78
CA ASN A 107 -9.77 -11.39 31.38
C ASN A 107 -8.59 -10.63 31.97
N ILE A 108 -8.19 -11.02 33.19
CA ILE A 108 -6.97 -10.53 33.86
C ILE A 108 -6.98 -8.93 33.71
N THR A 109 -5.93 -8.13 33.99
CA THR A 109 -4.66 -8.48 34.57
C THR A 109 -4.69 -8.70 36.07
N ASP A 110 -3.51 -8.84 36.67
CA ASP A 110 -3.44 -9.05 38.11
C ASP A 110 -3.56 -7.72 38.85
N ASP A 111 -3.55 -6.61 38.13
CA ASP A 111 -3.66 -5.29 38.73
C ASP A 111 -5.09 -4.82 38.74
N MET A 112 -6.02 -5.64 38.22
CA MET A 112 -7.41 -5.23 38.24
C MET A 112 -7.96 -5.39 39.64
N ARG A 113 -7.20 -6.10 40.49
CA ARG A 113 -7.49 -6.37 41.89
C ARG A 113 -8.98 -6.54 42.17
N GLY A 114 -9.65 -7.19 41.22
CA GLY A 114 -11.06 -7.55 41.26
C GLY A 114 -12.06 -6.42 41.32
N GLU A 115 -12.15 -5.73 42.46
CA GLU A 115 -13.10 -4.66 42.69
C GLU A 115 -14.55 -5.14 42.64
N LEU A 116 -14.96 -5.77 41.54
CA LEU A 116 -16.32 -6.29 41.42
C LEU A 116 -16.28 -7.77 41.78
N LYS A 117 -17.15 -8.20 42.70
CA LYS A 117 -17.19 -9.59 43.14
C LYS A 117 -18.53 -10.26 42.83
N ASN A 118 -18.47 -11.50 42.32
CA ASN A 118 -19.66 -12.32 42.00
C ASN A 118 -20.03 -13.30 43.12
N CYS A 119 -20.87 -12.83 44.05
CA CYS A 119 -21.27 -13.52 45.28
C CYS A 119 -22.53 -14.39 45.20
N SER A 120 -22.43 -15.62 45.71
CA SER A 120 -23.53 -16.58 45.85
C SER A 120 -23.83 -16.86 47.33
N PHE A 121 -25.12 -16.95 47.68
CA PHE A 121 -25.53 -17.14 49.08
C PHE A 121 -26.95 -17.70 49.17
N ASN A 122 -27.31 -18.16 50.38
CA ASN A 122 -28.66 -18.63 50.71
C ASN A 122 -29.57 -17.45 51.04
N MET A 123 -30.88 -17.66 50.86
CA MET A 123 -31.84 -16.58 51.11
C MET A 123 -33.23 -17.10 51.46
N THR A 124 -33.92 -16.35 52.33
CA THR A 124 -35.28 -16.69 52.75
C THR A 124 -36.30 -16.23 51.71
N THR A 125 -37.16 -17.14 51.28
CA THR A 125 -38.21 -16.85 50.31
C THR A 125 -39.43 -16.27 51.02
N GLU A 126 -40.58 -16.28 50.34
CA GLU A 126 -41.81 -15.82 50.97
C GLU A 126 -42.19 -16.74 52.12
N LEU A 127 -42.01 -18.03 51.92
CA LEU A 127 -42.31 -19.05 52.91
C LEU A 127 -41.15 -19.20 53.91
N ARG A 128 -41.51 -19.71 55.08
CA ARG A 128 -40.63 -19.88 56.23
C ARG A 128 -40.04 -21.29 56.29
N ASP A 129 -39.91 -21.94 55.13
CA ASP A 129 -39.38 -23.30 55.06
C ASP A 129 -38.14 -23.47 54.19
N LYS A 130 -38.41 -23.83 52.93
CA LYS A 130 -37.42 -24.12 51.90
C LYS A 130 -36.57 -22.89 51.63
N LYS A 131 -35.28 -23.11 51.37
CA LYS A 131 -34.35 -21.99 51.18
C LYS A 131 -34.30 -21.38 49.77
N GLN A 132 -33.20 -20.69 49.46
CA GLN A 132 -33.04 -20.04 48.15
C GLN A 132 -31.58 -19.76 47.84
N LYS A 133 -31.03 -20.40 46.81
CA LYS A 133 -29.63 -20.23 46.37
C LYS A 133 -29.53 -19.14 45.30
N VAL A 134 -29.50 -17.86 45.72
CA VAL A 134 -29.40 -16.75 44.75
C VAL A 134 -28.04 -16.05 44.81
N TYR A 135 -27.67 -15.41 43.69
CA TYR A 135 -26.39 -14.70 43.56
C TYR A 135 -26.59 -13.21 43.30
N SER A 136 -25.60 -12.40 43.70
CA SER A 136 -25.61 -10.95 43.46
C SER A 136 -24.22 -10.50 42.98
N LEU A 137 -24.06 -9.17 42.84
CA LEU A 137 -22.81 -8.52 42.39
C LEU A 137 -22.52 -7.28 43.25
N PHE A 138 -21.57 -7.38 44.17
CA PHE A 138 -21.22 -6.30 45.07
C PHE A 138 -19.85 -5.68 44.78
N TYR A 139 -19.71 -4.41 45.17
CA TYR A 139 -18.46 -3.68 45.04
C TYR A 139 -17.50 -4.15 46.13
N ARG A 140 -16.20 -3.91 45.90
CA ARG A 140 -15.21 -4.36 46.89
C ARG A 140 -15.32 -3.63 48.23
N LEU A 141 -15.72 -2.35 48.22
CA LEU A 141 -15.89 -1.56 49.43
C LEU A 141 -17.09 -1.95 50.27
N ASP A 142 -18.01 -2.74 49.71
CA ASP A 142 -19.21 -3.16 50.41
C ASP A 142 -19.05 -4.48 51.14
N VAL A 143 -18.06 -5.29 50.76
CA VAL A 143 -17.88 -6.61 51.35
C VAL A 143 -16.56 -6.64 52.10
N VAL A 144 -16.39 -7.70 52.89
CA VAL A 144 -15.16 -7.92 53.64
C VAL A 144 -15.08 -9.41 54.00
N GLN A 145 -13.95 -10.02 53.64
CA GLN A 145 -13.74 -11.44 53.86
C GLN A 145 -13.58 -11.75 55.34
N ILE A 146 -13.79 -13.03 55.68
CA ILE A 146 -13.67 -13.48 57.07
C ILE A 146 -13.21 -14.93 57.07
N ASN A 147 -12.17 -15.22 57.85
CA ASN A 147 -11.63 -16.58 57.95
C ASN A 147 -11.85 -17.15 59.35
N SER A 157 -11.80 -25.24 50.16
CA SER A 157 -12.85 -24.29 50.54
C SER A 157 -12.67 -22.96 49.78
N ASN A 158 -13.79 -22.31 49.46
CA ASN A 158 -13.78 -21.07 48.71
C ASN A 158 -13.39 -19.90 49.61
N LYS A 159 -13.31 -18.70 49.03
CA LYS A 159 -13.06 -17.49 49.81
C LYS A 159 -14.40 -16.88 50.24
N GLU A 160 -14.50 -16.59 51.54
CA GLU A 160 -15.76 -16.28 52.22
C GLU A 160 -15.82 -14.81 52.60
N TYR A 161 -16.94 -14.15 52.27
CA TYR A 161 -17.06 -12.73 52.59
C TYR A 161 -18.29 -12.47 53.45
N ARG A 162 -18.56 -11.18 53.69
CA ARG A 162 -19.73 -10.70 54.41
C ARG A 162 -19.93 -9.23 54.08
N LEU A 163 -21.11 -8.70 54.40
CA LEU A 163 -21.36 -7.27 54.22
C LEU A 163 -20.56 -6.47 55.24
N ILE A 164 -20.00 -5.34 54.80
CA ILE A 164 -19.11 -4.54 55.64
C ILE A 164 -19.83 -3.90 56.82
N ASN A 165 -21.16 -3.87 56.83
CA ASN A 165 -21.89 -3.21 57.89
C ASN A 165 -22.51 -4.19 58.88
N CYS A 166 -22.46 -5.48 58.58
CA CYS A 166 -23.09 -6.48 59.44
C CYS A 166 -22.45 -6.50 60.83
N ASN A 167 -21.22 -6.04 60.95
CA ASN A 167 -20.54 -6.01 62.24
C ASN A 167 -20.52 -4.61 62.83
N THR A 168 -21.26 -3.67 62.25
CA THR A 168 -21.31 -2.29 62.73
C THR A 168 -22.71 -1.85 63.17
N SER A 169 -23.72 -2.02 62.32
CA SER A 169 -25.08 -1.58 62.65
C SER A 169 -26.08 -2.29 61.75
N ALA A 170 -27.36 -1.93 61.89
CA ALA A 170 -28.39 -2.49 61.04
C ALA A 170 -28.31 -1.85 59.65
N ILE A 171 -29.11 -2.34 58.71
CA ILE A 171 -29.06 -1.86 57.33
C ILE A 171 -30.46 -1.82 56.72
N THR A 172 -30.76 -0.72 56.01
CA THR A 172 -32.04 -0.54 55.33
C THR A 172 -31.88 -0.15 53.86
N GLN A 173 -32.69 -0.76 53.00
CA GLN A 173 -32.65 -0.49 51.57
C GLN A 173 -33.49 0.73 51.23
N ALA A 174 -32.95 1.63 50.41
CA ALA A 174 -33.73 2.77 49.97
C ALA A 174 -34.84 2.31 49.02
N CYS A 175 -36.02 2.86 49.21
CA CYS A 175 -37.14 2.51 48.34
C CYS A 175 -36.85 3.04 46.94
N PRO A 176 -37.15 2.27 45.90
CA PRO A 176 -36.87 2.73 44.54
C PRO A 176 -37.82 3.81 44.06
N LYS A 177 -38.88 4.07 44.81
CA LYS A 177 -39.86 5.08 44.44
C LYS A 177 -39.32 6.50 44.63
N VAL A 178 -38.59 6.73 45.72
CA VAL A 178 -38.06 8.06 45.99
C VAL A 178 -36.78 8.29 45.17
N SER A 179 -36.41 9.55 45.04
CA SER A 179 -35.20 9.92 44.31
C SER A 179 -34.37 10.85 45.15
N PHE A 180 -33.06 10.81 44.91
CA PHE A 180 -32.08 11.61 45.62
C PHE A 180 -31.70 12.85 44.80
N GLU A 181 -32.67 13.42 44.09
CA GLU A 181 -32.41 14.60 43.28
C GLU A 181 -32.53 15.86 44.13
N PRO A 182 -31.44 16.60 44.33
CA PRO A 182 -31.51 17.82 45.16
C PRO A 182 -32.41 18.87 44.52
N ILE A 183 -33.51 19.20 45.19
CA ILE A 183 -34.40 20.23 44.64
C ILE A 183 -34.36 21.51 45.46
N PRO A 184 -34.51 22.68 44.81
CA PRO A 184 -34.45 23.97 45.51
C PRO A 184 -35.43 24.08 46.66
N ILE A 185 -34.93 24.47 47.84
CA ILE A 185 -35.74 24.64 49.03
C ILE A 185 -35.56 26.03 49.60
N HIS A 186 -36.64 26.82 49.65
CA HIS A 186 -36.60 28.17 50.21
C HIS A 186 -36.92 28.13 51.70
N TYR A 187 -36.04 28.68 52.52
CA TYR A 187 -36.27 28.79 53.96
C TYR A 187 -36.93 30.12 54.28
N CYS A 188 -38.04 30.07 55.01
CA CYS A 188 -38.80 31.27 55.31
C CYS A 188 -38.94 31.43 56.82
N ALA A 189 -39.21 32.68 57.27
CA ALA A 189 -39.37 33.02 58.68
C ALA A 189 -40.84 33.29 59.02
N PRO A 190 -41.31 32.86 60.20
CA PRO A 190 -42.71 33.06 60.58
C PRO A 190 -43.09 34.52 60.78
N ALA A 191 -44.37 34.76 61.04
CA ALA A 191 -44.85 36.12 61.24
C ALA A 191 -44.17 36.76 62.44
N GLY A 192 -43.84 38.05 62.31
CA GLY A 192 -43.17 38.75 63.37
C GLY A 192 -41.67 38.67 63.29
N PHE A 193 -41.14 37.78 62.45
CA PHE A 193 -39.71 37.59 62.23
C PHE A 193 -39.37 37.99 60.80
N ALA A 194 -38.08 38.08 60.50
CA ALA A 194 -37.64 38.44 59.16
C ALA A 194 -36.25 37.92 58.91
N ILE A 195 -35.90 37.76 57.64
CA ILE A 195 -34.59 37.29 57.22
C ILE A 195 -33.88 38.38 56.44
N LEU A 196 -32.71 38.79 56.96
CA LEU A 196 -31.91 39.84 56.33
C LEU A 196 -30.96 39.22 55.31
N LYS A 197 -30.72 39.95 54.21
CA LYS A 197 -29.88 39.49 53.11
C LYS A 197 -28.81 40.53 52.78
N CYS A 198 -27.55 40.08 52.79
CA CYS A 198 -26.40 40.93 52.49
C CYS A 198 -26.20 41.03 50.98
N LYS A 199 -26.19 42.27 50.46
CA LYS A 199 -26.13 42.52 49.03
C LYS A 199 -24.83 43.21 48.59
N ASP A 200 -23.73 43.00 49.32
CA ASP A 200 -22.47 43.54 48.83
C ASP A 200 -21.77 42.51 47.95
N LYS A 201 -21.02 43.00 46.96
CA LYS A 201 -20.37 42.08 46.05
C LYS A 201 -19.12 41.45 46.66
N LYS A 202 -18.57 42.08 47.71
CA LYS A 202 -17.40 41.59 48.43
C LYS A 202 -17.74 41.48 49.91
N PHE A 203 -17.85 40.24 50.43
CA PHE A 203 -18.22 40.01 51.82
C PHE A 203 -17.74 38.64 52.27
N ASN A 204 -16.89 38.62 53.30
CA ASN A 204 -16.32 37.38 53.81
C ASN A 204 -17.19 36.71 54.86
N GLY A 205 -18.48 37.03 54.93
CA GLY A 205 -19.37 36.36 55.84
C GLY A 205 -19.38 36.88 57.26
N THR A 206 -18.40 37.69 57.68
CA THR A 206 -18.35 38.19 59.04
C THR A 206 -18.16 39.69 59.03
N GLY A 207 -18.92 40.40 59.86
CA GLY A 207 -18.81 41.83 59.95
C GLY A 207 -20.04 42.60 59.52
N PRO A 208 -19.93 43.93 59.57
CA PRO A 208 -21.06 44.79 59.16
C PRO A 208 -21.24 44.77 57.65
N CYS A 209 -22.50 44.82 57.21
CA CYS A 209 -22.84 44.79 55.78
C CYS A 209 -23.42 46.13 55.32
N PRO A 210 -22.81 46.78 54.33
CA PRO A 210 -23.32 48.08 53.85
C PRO A 210 -24.70 48.09 53.20
N SER A 211 -24.94 47.20 52.23
CA SER A 211 -26.21 47.14 51.51
C SER A 211 -26.99 45.90 51.97
N VAL A 212 -27.90 46.11 52.92
CA VAL A 212 -28.71 45.06 53.50
C VAL A 212 -30.15 45.19 53.03
N SER A 213 -30.75 44.07 52.68
CA SER A 213 -32.16 44.01 52.29
C SER A 213 -32.81 42.87 53.07
N THR A 214 -34.12 42.97 53.24
CA THR A 214 -34.86 41.95 53.96
C THR A 214 -35.73 41.14 53.01
N VAL A 215 -35.88 39.86 53.33
CA VAL A 215 -36.72 38.96 52.56
C VAL A 215 -37.47 38.08 53.54
N GLN A 216 -38.53 37.48 53.04
CA GLN A 216 -39.32 36.56 53.85
C GLN A 216 -38.81 35.15 53.63
N CYS A 217 -38.43 34.83 52.39
CA CYS A 217 -37.91 33.53 51.99
C CYS A 217 -36.60 33.67 51.22
N THR A 218 -35.63 32.84 51.59
CA THR A 218 -34.34 32.78 50.93
C THR A 218 -34.47 32.19 49.53
N HIS A 219 -33.39 32.35 48.76
CA HIS A 219 -33.37 31.80 47.41
C HIS A 219 -33.36 30.27 47.46
N GLY A 220 -33.62 29.65 46.30
CA GLY A 220 -33.65 28.20 46.20
C GLY A 220 -32.31 27.53 46.47
N ILE A 221 -32.17 26.94 47.65
CA ILE A 221 -30.93 26.26 48.05
C ILE A 221 -31.11 24.74 47.98
N LYS A 222 -30.46 24.12 47.00
CA LYS A 222 -30.52 22.68 46.81
C LYS A 222 -29.63 21.96 47.83
N PRO A 223 -30.16 21.02 48.62
CA PRO A 223 -29.33 20.31 49.61
C PRO A 223 -28.40 19.28 49.01
N VAL A 224 -27.33 19.73 48.36
CA VAL A 224 -26.35 18.85 47.74
C VAL A 224 -25.31 18.41 48.77
N VAL A 225 -25.34 17.13 49.12
CA VAL A 225 -24.42 16.52 50.07
C VAL A 225 -23.17 16.09 49.33
N SER A 226 -22.04 16.75 49.59
CA SER A 226 -20.79 16.40 48.92
C SER A 226 -19.61 16.80 49.80
N THR A 227 -18.43 16.29 49.45
CA THR A 227 -17.19 16.59 50.16
C THR A 227 -16.15 17.14 49.19
N GLN A 228 -15.14 17.80 49.76
CA GLN A 228 -14.03 18.38 48.99
C GLN A 228 -14.46 19.39 47.93
N LEU A 229 -15.27 18.97 46.96
CA LEU A 229 -15.72 19.85 45.88
C LEU A 229 -17.17 20.28 46.08
N LEU A 230 -17.38 21.59 46.23
CA LEU A 230 -18.72 22.15 46.35
C LEU A 230 -19.38 22.18 44.98
N LEU A 231 -20.50 21.47 44.83
CA LEU A 231 -21.18 21.34 43.55
C LEU A 231 -22.52 22.09 43.55
N ASN A 232 -22.83 22.69 42.40
CA ASN A 232 -24.10 23.41 42.15
C ASN A 232 -24.49 24.46 43.19
N GLY A 233 -23.53 25.31 43.57
CA GLY A 233 -23.80 26.34 44.54
C GLY A 233 -23.93 27.70 43.84
N SER A 234 -24.12 28.73 44.66
CA SER A 234 -24.24 30.08 44.12
C SER A 234 -22.84 30.65 43.90
N LEU A 235 -22.59 31.14 42.69
CA LEU A 235 -21.29 31.69 42.37
C LEU A 235 -21.11 33.07 43.01
N ALA A 236 -19.86 33.38 43.35
CA ALA A 236 -19.55 34.66 43.99
C ALA A 236 -19.49 35.76 42.93
N GLU A 237 -19.43 37.00 43.41
CA GLU A 237 -19.37 38.16 42.54
C GLU A 237 -17.96 38.69 42.36
N GLU A 238 -17.70 39.13 41.13
CA GLU A 238 -16.45 39.71 40.65
C GLU A 238 -15.30 38.75 40.90
N GLU A 239 -14.38 39.13 41.79
CA GLU A 239 -13.29 38.23 42.13
C GLU A 239 -13.77 37.16 43.12
N VAL A 240 -13.13 35.98 43.03
CA VAL A 240 -13.45 34.88 43.93
C VAL A 240 -13.13 35.21 45.39
N MET A 241 -13.97 34.69 46.28
CA MET A 241 -13.94 34.95 47.71
C MET A 241 -13.29 33.81 48.47
N ILE A 242 -12.64 34.16 49.57
CA ILE A 242 -12.00 33.22 50.48
C ILE A 242 -12.55 33.48 51.88
N ARG A 243 -13.20 32.48 52.48
CA ARG A 243 -13.83 32.66 53.78
C ARG A 243 -13.32 31.63 54.78
N SER A 244 -13.03 32.09 56.00
CA SER A 244 -12.56 31.20 57.06
C SER A 244 -12.87 31.80 58.42
N GLU A 245 -13.19 30.92 59.38
CA GLU A 245 -13.48 31.36 60.74
C GLU A 245 -12.22 31.86 61.43
N ASN A 246 -11.06 31.25 61.13
CA ASN A 246 -9.78 31.67 61.71
C ASN A 246 -8.65 31.29 60.77
N ILE A 247 -8.15 32.28 60.02
CA ILE A 247 -7.10 32.02 59.04
C ILE A 247 -5.81 31.59 59.73
N THR A 248 -5.51 32.17 60.90
CA THR A 248 -4.31 31.83 61.65
C THR A 248 -4.33 30.40 62.18
N ASN A 249 -5.53 29.86 62.43
CA ASN A 249 -5.69 28.50 62.93
C ASN A 249 -5.70 27.50 61.78
N ASN A 250 -4.74 26.57 61.78
CA ASN A 250 -4.67 25.58 60.73
C ASN A 250 -5.67 24.44 60.93
N ALA A 251 -6.47 24.51 61.99
CA ALA A 251 -7.49 23.52 62.31
C ALA A 251 -8.87 23.91 61.81
N LYS A 252 -9.06 25.16 61.42
CA LYS A 252 -10.34 25.64 60.90
C LYS A 252 -10.35 25.51 59.39
N ASN A 253 -11.45 25.00 58.84
CA ASN A 253 -11.57 24.81 57.41
C ASN A 253 -11.67 26.15 56.69
N ILE A 254 -11.30 26.15 55.41
CA ILE A 254 -11.30 27.33 54.55
C ILE A 254 -12.27 27.16 53.39
N LEU A 255 -13.45 27.77 53.50
CA LEU A 255 -14.47 27.69 52.44
C LEU A 255 -14.15 28.67 51.31
N VAL A 256 -14.01 28.16 50.09
CA VAL A 256 -13.71 28.94 48.89
C VAL A 256 -14.97 29.03 48.03
N GLN A 257 -15.23 30.20 47.45
CA GLN A 257 -16.36 30.39 46.54
C GLN A 257 -15.88 30.90 45.19
N PHE A 258 -16.34 30.25 44.12
CA PHE A 258 -15.94 30.53 42.74
C PHE A 258 -16.81 31.60 42.09
N ASN A 259 -16.24 32.23 41.07
CA ASN A 259 -16.93 33.20 40.22
C ASN A 259 -17.45 32.56 38.93
N THR A 260 -16.59 31.79 38.22
CA THR A 260 -16.88 31.02 37.01
C THR A 260 -16.99 29.52 37.30
N PRO A 261 -18.10 28.90 36.90
CA PRO A 261 -18.30 27.47 37.19
C PRO A 261 -17.36 26.57 36.41
N VAL A 262 -16.90 25.49 37.04
CA VAL A 262 -16.01 24.50 36.43
C VAL A 262 -16.82 23.30 35.96
N GLN A 263 -16.86 23.10 34.64
CA GLN A 263 -17.62 22.01 34.04
C GLN A 263 -17.01 20.67 34.48
N ILE A 264 -17.81 19.83 35.13
CA ILE A 264 -17.37 18.51 35.57
C ILE A 264 -18.32 17.50 34.96
N ASN A 265 -17.75 16.42 34.40
CA ASN A 265 -18.53 15.39 33.74
C ASN A 265 -18.24 14.05 34.43
N CYS A 266 -19.29 13.41 34.94
CA CYS A 266 -19.18 12.11 35.62
C CYS A 266 -20.08 11.07 34.98
N THR A 267 -19.53 9.87 34.79
CA THR A 267 -20.26 8.78 34.19
C THR A 267 -20.02 7.50 34.97
N ARG A 268 -20.92 6.53 34.74
CA ARG A 268 -20.86 5.20 35.33
C ARG A 268 -20.87 4.22 34.17
N PRO A 269 -19.72 3.91 33.59
CA PRO A 269 -19.67 3.03 32.41
C PRO A 269 -19.97 1.58 32.73
N ASN A 270 -21.17 1.28 33.22
CA ASN A 270 -21.55 -0.10 33.52
C ASN A 270 -23.05 -0.25 33.38
N ASN A 271 -23.50 -0.90 32.31
CA ASN A 271 -24.93 -1.14 32.11
C ASN A 271 -25.41 -2.20 33.08
N ASN A 272 -25.78 -1.78 34.29
CA ASN A 272 -26.17 -2.74 35.32
C ASN A 272 -27.58 -3.26 35.03
N THR A 273 -27.88 -4.42 35.63
CA THR A 273 -29.18 -5.07 35.52
C THR A 273 -29.73 -5.22 36.94
N ARG A 274 -31.01 -4.90 37.10
CA ARG A 274 -31.66 -4.97 38.41
C ARG A 274 -32.41 -6.28 38.58
N LYS A 275 -31.84 -7.16 39.39
CA LYS A 275 -32.48 -8.41 39.80
C LYS A 275 -33.33 -8.12 41.03
N SER A 276 -34.62 -8.42 40.95
CA SER A 276 -35.56 -8.17 42.04
C SER A 276 -35.91 -9.48 42.75
N ILE A 277 -34.97 -9.96 43.58
CA ILE A 277 -35.24 -11.19 44.34
C ILE A 277 -36.25 -10.89 45.43
N ARG A 278 -37.13 -11.88 45.71
CA ARG A 278 -38.27 -11.72 46.61
C ARG A 278 -38.00 -12.34 47.98
N ILE A 279 -37.78 -11.49 48.98
CA ILE A 279 -37.67 -11.94 50.36
C ILE A 279 -39.03 -11.69 51.01
N GLY A 280 -40.07 -12.37 50.53
CA GLY A 280 -41.40 -12.12 51.04
C GLY A 280 -41.63 -12.57 52.47
N PRO A 281 -42.86 -12.36 52.99
CA PRO A 281 -43.96 -11.73 52.26
C PRO A 281 -43.95 -10.20 52.29
N GLY A 282 -44.07 -9.58 51.12
CA GLY A 282 -44.11 -8.14 51.06
C GLY A 282 -42.81 -7.49 50.62
N GLN A 283 -41.77 -7.69 51.40
CA GLN A 283 -40.46 -7.10 51.13
C GLN A 283 -39.85 -7.69 49.86
N ALA A 284 -38.98 -6.89 49.22
CA ALA A 284 -38.30 -7.30 47.99
C ALA A 284 -36.97 -6.58 47.89
N PHE A 285 -35.88 -7.34 47.68
CA PHE A 285 -34.54 -6.81 47.57
C PHE A 285 -34.12 -6.66 46.11
N TYR A 286 -33.50 -5.53 45.78
CA TYR A 286 -33.03 -5.25 44.42
C TYR A 286 -31.53 -5.50 44.33
N ALA A 287 -31.17 -6.69 43.83
CA ALA A 287 -29.78 -7.10 43.67
C ALA A 287 -29.22 -6.60 42.34
N THR A 288 -27.91 -6.78 42.15
CA THR A 288 -27.25 -6.42 40.91
C THR A 288 -26.99 -7.66 40.08
N GLY A 289 -27.61 -7.72 38.90
CA GLY A 289 -27.45 -8.83 37.99
C GLY A 289 -26.12 -8.70 37.27
N ASP A 290 -26.01 -9.41 36.16
CA ASP A 290 -24.80 -9.33 35.35
C ASP A 290 -24.72 -7.97 34.65
N ILE A 291 -23.49 -7.56 34.28
CA ILE A 291 -23.20 -6.28 33.64
C ILE A 291 -23.12 -6.46 32.13
N ILE A 292 -23.89 -5.64 31.40
CA ILE A 292 -23.94 -5.68 29.95
C ILE A 292 -22.83 -4.79 29.36
N GLY A 293 -21.82 -5.44 28.78
CA GLY A 293 -20.72 -4.76 28.12
C GLY A 293 -19.38 -5.05 28.79
N ASP A 294 -18.52 -4.04 28.80
CA ASP A 294 -17.16 -4.11 29.33
C ASP A 294 -17.10 -3.67 30.78
N ILE A 295 -16.16 -4.27 31.52
CA ILE A 295 -15.95 -3.92 32.93
C ILE A 295 -15.08 -2.67 33.00
N ARG A 296 -15.70 -1.51 33.15
CA ARG A 296 -15.03 -0.23 33.27
C ARG A 296 -15.43 0.39 34.61
N GLN A 297 -14.61 1.31 35.08
CA GLN A 297 -14.84 1.99 36.35
C GLN A 297 -15.32 3.41 36.11
N ALA A 298 -16.07 3.92 37.07
CA ALA A 298 -16.62 5.27 36.97
C ALA A 298 -15.48 6.29 37.01
N HIS A 299 -15.70 7.43 36.36
CA HIS A 299 -14.69 8.47 36.30
C HIS A 299 -15.38 9.81 36.10
N CYS A 300 -14.66 10.90 36.45
CA CYS A 300 -15.13 12.27 36.31
C CYS A 300 -14.08 13.07 35.53
N ASN A 301 -14.53 13.86 34.56
CA ASN A 301 -13.65 14.67 33.72
C ASN A 301 -13.74 16.16 34.03
N VAL A 302 -12.58 16.82 34.17
CA VAL A 302 -12.49 18.27 34.34
C VAL A 302 -11.52 18.84 33.31
N SER A 303 -11.99 19.77 32.50
CA SER A 303 -11.21 20.44 31.46
C SER A 303 -9.98 21.17 32.01
N LYS A 304 -8.78 20.75 31.58
CA LYS A 304 -7.53 21.33 32.08
C LYS A 304 -7.50 22.85 31.93
N ALA A 305 -8.09 23.36 30.85
CA ALA A 305 -8.08 24.81 30.62
C ALA A 305 -8.90 25.57 31.67
N THR A 306 -10.09 25.07 32.00
CA THR A 306 -10.92 25.76 32.99
C THR A 306 -10.29 25.70 34.37
N TRP A 307 -9.73 24.55 34.74
CA TRP A 307 -9.15 24.31 36.06
C TRP A 307 -7.87 25.12 36.30
N ASN A 308 -7.10 25.40 35.24
CA ASN A 308 -5.85 26.15 35.36
C ASN A 308 -6.12 27.59 35.75
N GLU A 309 -7.16 28.16 35.17
CA GLU A 309 -7.55 29.54 35.42
C GLU A 309 -8.20 29.68 36.79
N THR A 310 -8.99 28.70 37.19
CA THR A 310 -9.68 28.74 38.48
C THR A 310 -8.68 28.67 39.62
N LEU A 311 -7.71 27.75 39.52
CA LEU A 311 -6.69 27.62 40.56
C LEU A 311 -5.82 28.86 40.62
N GLY A 312 -5.49 29.46 39.47
CA GLY A 312 -4.67 30.66 39.50
C GLY A 312 -5.40 31.86 40.03
N LYS A 313 -6.73 31.83 40.03
CA LYS A 313 -7.46 32.95 40.59
C LYS A 313 -7.58 32.80 42.09
N VAL A 314 -7.52 31.57 42.58
CA VAL A 314 -7.60 31.35 44.03
C VAL A 314 -6.27 31.65 44.70
N VAL A 315 -5.16 31.16 44.11
CA VAL A 315 -3.87 31.38 44.74
C VAL A 315 -3.52 32.86 44.78
N LYS A 316 -4.03 33.65 43.82
CA LYS A 316 -3.79 35.09 43.84
C LYS A 316 -4.58 35.76 44.95
N GLN A 317 -5.66 35.14 45.41
CA GLN A 317 -6.46 35.64 46.52
C GLN A 317 -5.93 35.12 47.84
N LEU A 318 -5.21 34.00 47.79
CA LEU A 318 -4.62 33.42 48.97
C LEU A 318 -3.41 34.23 49.40
N ARG A 319 -2.75 34.90 48.44
CA ARG A 319 -1.59 35.73 48.74
C ARG A 319 -1.98 37.03 49.43
N LYS A 320 -3.26 37.38 49.44
CA LYS A 320 -3.70 38.58 50.14
C LYS A 320 -3.77 38.34 51.63
N HIS A 321 -3.57 37.10 52.06
CA HIS A 321 -3.65 36.72 53.46
C HIS A 321 -2.38 36.06 53.95
N PHE A 322 -1.57 35.49 53.06
CA PHE A 322 -0.35 34.76 53.38
C PHE A 322 0.90 35.41 52.80
N GLY A 323 0.86 36.72 52.60
CA GLY A 323 2.00 37.43 52.03
C GLY A 323 1.94 37.58 50.52
N ASN A 324 2.33 38.75 50.02
CA ASN A 324 2.25 39.02 48.59
C ASN A 324 3.17 38.13 47.78
N ASN A 325 4.41 37.96 48.25
CA ASN A 325 5.42 37.15 47.57
C ASN A 325 5.65 35.85 48.34
N THR A 326 4.70 34.92 48.23
CA THR A 326 4.83 33.65 48.90
C THR A 326 4.52 32.52 47.95
N ILE A 327 4.99 31.32 48.30
CA ILE A 327 4.79 30.12 47.49
C ILE A 327 3.66 29.31 48.11
N ILE A 328 2.64 29.02 47.31
CA ILE A 328 1.49 28.24 47.71
C ILE A 328 1.49 26.91 46.97
N ARG A 329 1.52 25.80 47.70
CA ARG A 329 1.55 24.47 47.13
C ARG A 329 0.27 23.72 47.50
N PHE A 330 -0.30 23.02 46.52
CA PHE A 330 -1.51 22.24 46.71
C PHE A 330 -1.18 20.75 46.77
N ALA A 331 -1.72 20.08 47.78
CA ALA A 331 -1.50 18.65 47.95
C ALA A 331 -2.83 18.00 48.32
N ASN A 332 -2.94 16.72 48.01
CA ASN A 332 -4.13 15.93 48.27
C ASN A 332 -4.29 15.65 49.77
N SER A 333 -5.37 14.95 50.13
CA SER A 333 -5.73 14.68 51.52
C SER A 333 -4.68 13.90 52.30
N SER A 334 -4.71 14.09 53.63
CA SER A 334 -3.80 13.44 54.57
C SER A 334 -4.16 11.98 54.84
N GLY A 335 -5.46 11.68 54.99
CA GLY A 335 -5.88 10.33 55.25
C GLY A 335 -7.07 10.22 56.18
N GLY A 336 -7.58 9.00 56.35
CA GLY A 336 -8.70 8.73 57.21
C GLY A 336 -9.80 7.91 56.53
N ASP A 337 -11.04 8.32 56.76
CA ASP A 337 -12.17 7.64 56.17
C ASP A 337 -12.22 7.89 54.66
N LEU A 338 -12.98 7.04 53.97
CA LEU A 338 -13.11 7.17 52.52
C LEU A 338 -13.91 8.40 52.16
N GLU A 339 -14.81 8.82 53.05
CA GLU A 339 -15.65 9.99 52.81
C GLU A 339 -14.88 11.30 52.94
N VAL A 340 -13.68 11.27 53.51
CA VAL A 340 -12.90 12.48 53.72
C VAL A 340 -11.78 12.60 52.68
N THR A 341 -11.20 11.47 52.28
CA THR A 341 -10.09 11.47 51.34
C THR A 341 -10.52 11.53 49.88
N THR A 342 -11.80 11.29 49.57
CA THR A 342 -12.30 11.28 48.21
C THR A 342 -13.47 12.25 48.05
N HIS A 343 -13.75 12.59 46.79
CA HIS A 343 -14.85 13.47 46.42
C HIS A 343 -16.15 12.64 46.43
N SER A 344 -16.81 12.65 47.57
CA SER A 344 -18.05 11.89 47.75
C SER A 344 -19.23 12.67 47.18
N PHE A 345 -20.04 12.01 46.36
CA PHE A 345 -21.24 12.64 45.83
C PHE A 345 -22.19 11.58 45.31
N ASN A 346 -23.38 12.03 44.90
CA ASN A 346 -24.45 11.19 44.38
C ASN A 346 -24.79 11.59 42.96
N CYS A 347 -24.92 10.60 42.09
CA CYS A 347 -25.28 10.85 40.70
C CYS A 347 -26.04 9.67 40.14
N GLY A 348 -27.34 9.86 39.94
CA GLY A 348 -28.22 8.84 39.39
C GLY A 348 -28.65 7.81 40.40
N GLY A 349 -28.43 8.07 41.69
CA GLY A 349 -28.79 7.17 42.75
C GLY A 349 -27.59 6.46 43.34
N GLU A 350 -26.52 6.32 42.57
CA GLU A 350 -25.28 5.70 43.02
C GLU A 350 -24.44 6.71 43.77
N PHE A 351 -23.56 6.21 44.64
CA PHE A 351 -22.67 7.04 45.45
C PHE A 351 -21.22 6.91 45.00
N PHE A 352 -20.74 7.92 44.27
CA PHE A 352 -19.39 7.91 43.74
C PHE A 352 -18.41 8.34 44.82
N TYR A 353 -17.15 7.91 44.66
CA TYR A 353 -16.05 8.29 45.53
C TYR A 353 -14.82 8.47 44.65
N CYS A 354 -14.53 9.71 44.24
CA CYS A 354 -13.51 9.97 43.24
C CYS A 354 -12.18 10.38 43.87
N ASN A 355 -11.10 9.95 43.22
CA ASN A 355 -9.73 10.26 43.65
C ASN A 355 -9.36 11.66 43.23
N THR A 356 -9.12 12.54 44.21
CA THR A 356 -8.78 13.92 43.91
C THR A 356 -7.30 14.17 44.09
N SER A 357 -6.47 13.24 43.61
CA SER A 357 -5.03 13.41 43.67
C SER A 357 -4.49 14.07 42.41
N GLY A 358 -5.33 14.21 41.38
CA GLY A 358 -4.99 14.80 40.10
C GLY A 358 -5.40 16.25 40.03
N LEU A 359 -6.12 16.70 41.05
CA LEU A 359 -6.62 18.07 41.15
C LEU A 359 -5.78 18.93 42.09
N PHE A 360 -5.20 18.33 43.12
CA PHE A 360 -4.43 19.06 44.12
C PHE A 360 -2.95 18.70 44.05
N ASN A 361 -2.39 18.67 42.84
CA ASN A 361 -0.98 18.40 42.58
C ASN A 361 -0.28 19.58 41.89
N SER A 362 -0.03 20.68 42.59
CA SER A 362 0.56 21.84 41.91
C SER A 362 1.48 22.63 42.84
N THR A 363 2.22 23.57 42.25
CA THR A 363 3.08 24.47 43.04
C THR A 363 3.26 25.79 42.30
N TRP A 364 2.59 26.81 42.80
CA TRP A 364 2.55 28.17 42.23
C TRP A 364 3.42 29.16 43.01
N ILE A 365 4.31 29.85 42.28
CA ILE A 365 5.20 30.88 42.81
C ILE A 365 4.49 32.22 42.81
N SER A 366 5.13 33.26 43.37
CA SER A 366 4.53 34.58 43.45
C SER A 366 4.14 35.10 42.08
N ASN A 367 4.85 34.68 41.04
CA ASN A 367 4.59 35.07 39.67
C ASN A 367 5.15 34.05 38.71
N ASN A 379 -4.59 20.39 25.31
CA ASN A 379 -6.01 20.70 25.27
C ASN A 379 -6.86 19.45 25.38
N ASP A 380 -7.16 19.02 26.61
CA ASP A 380 -7.99 17.84 26.78
C ASP A 380 -8.77 17.88 28.10
N SER A 381 -8.94 16.72 28.75
CA SER A 381 -9.69 16.64 30.00
C SER A 381 -8.93 15.83 31.05
N ILE A 382 -9.10 16.22 32.31
CA ILE A 382 -8.48 15.55 33.46
C ILE A 382 -9.40 14.46 34.01
N THR A 383 -9.09 13.20 33.72
CA THR A 383 -9.91 12.09 34.19
C THR A 383 -9.55 11.73 35.64
N LEU A 384 -10.57 11.46 36.46
CA LEU A 384 -10.34 11.12 37.86
C LEU A 384 -10.94 9.76 38.19
N PRO A 385 -10.17 8.87 38.81
CA PRO A 385 -10.67 7.52 39.18
C PRO A 385 -11.79 7.55 40.20
N CYS A 386 -12.96 7.03 39.83
CA CYS A 386 -14.11 7.06 40.74
C CYS A 386 -14.55 5.63 41.06
N ARG A 387 -14.68 5.34 42.35
CA ARG A 387 -15.19 4.09 42.88
C ARG A 387 -16.65 4.30 43.29
N ILE A 388 -17.39 3.20 43.42
CA ILE A 388 -18.79 3.27 43.79
C ILE A 388 -19.11 2.36 44.97
N LYS A 389 -19.77 2.92 45.98
CA LYS A 389 -20.19 2.19 47.17
C LYS A 389 -21.71 2.28 47.29
N GLN A 390 -22.34 1.15 47.64
CA GLN A 390 -23.78 1.07 47.78
C GLN A 390 -24.27 1.17 49.22
N ILE A 391 -23.56 0.54 50.16
CA ILE A 391 -23.89 0.56 51.59
C ILE A 391 -23.19 1.74 52.28
N ILE A 392 -23.96 2.75 52.67
CA ILE A 392 -23.38 3.97 53.23
C ILE A 392 -23.86 4.21 54.67
N ASN A 393 -23.10 5.06 55.38
CA ASN A 393 -23.36 5.50 56.77
C ASN A 393 -22.99 6.97 56.88
N MET A 394 -23.69 7.80 56.14
CA MET A 394 -23.40 9.22 56.07
C MET A 394 -23.74 9.93 57.38
N TRP A 395 -23.25 11.17 57.51
CA TRP A 395 -23.46 12.03 58.68
C TRP A 395 -22.91 11.45 59.99
N GLN A 396 -21.88 10.61 59.91
CA GLN A 396 -21.29 10.01 61.11
C GLN A 396 -22.36 9.30 61.93
N ARG A 397 -23.29 8.65 61.26
CA ARG A 397 -24.38 8.01 61.95
C ARG A 397 -24.09 6.53 62.06
N ILE A 398 -24.24 5.99 63.26
CA ILE A 398 -24.08 4.56 63.52
C ILE A 398 -25.43 4.06 63.99
N GLY A 399 -25.85 2.94 63.41
CA GLY A 399 -27.15 2.33 63.71
C GLY A 399 -28.04 2.26 62.49
N GLN A 400 -27.89 3.21 61.57
CA GLN A 400 -28.69 3.30 60.34
C GLN A 400 -27.77 3.23 59.13
N ALA A 401 -27.72 2.07 58.48
CA ALA A 401 -26.93 1.84 57.28
C ALA A 401 -27.87 1.70 56.08
N MET A 402 -27.60 2.48 55.04
CA MET A 402 -28.43 2.49 53.85
C MET A 402 -27.79 1.78 52.66
N TYR A 403 -28.55 0.85 52.08
CA TYR A 403 -28.16 0.14 50.86
C TYR A 403 -28.77 0.84 49.66
N ALA A 404 -27.95 1.54 48.90
CA ALA A 404 -28.47 2.22 47.72
C ALA A 404 -28.80 1.16 46.67
N PRO A 405 -30.03 1.06 46.21
CA PRO A 405 -30.38 0.05 45.20
C PRO A 405 -29.67 0.32 43.89
N PRO A 406 -29.27 -0.74 43.18
CA PRO A 406 -28.57 -0.58 41.90
C PRO A 406 -29.43 0.18 40.89
N ILE A 407 -28.77 0.87 39.97
CA ILE A 407 -29.45 1.65 38.95
C ILE A 407 -29.12 1.06 37.59
N GLN A 408 -30.18 0.80 36.80
CA GLN A 408 -30.03 0.22 35.47
C GLN A 408 -29.47 1.24 34.49
N GLY A 409 -28.61 0.76 33.59
CA GLY A 409 -28.06 1.60 32.54
C GLY A 409 -26.91 2.47 32.98
N VAL A 410 -26.21 3.01 31.98
CA VAL A 410 -25.09 3.90 32.23
C VAL A 410 -25.62 5.23 32.75
N ILE A 411 -25.07 5.71 33.85
CA ILE A 411 -25.50 6.96 34.47
C ILE A 411 -24.57 8.06 34.02
N ARG A 412 -25.14 9.16 33.52
CA ARG A 412 -24.35 10.32 33.12
C ARG A 412 -24.89 11.57 33.80
N CYS A 413 -23.96 12.40 34.27
CA CYS A 413 -24.27 13.68 34.91
C CYS A 413 -23.19 14.74 34.69
N VAL A 414 -23.66 15.96 34.47
CA VAL A 414 -22.83 17.14 34.29
C VAL A 414 -23.15 18.15 35.39
N SER A 415 -22.17 18.51 36.21
CA SER A 415 -22.39 19.40 37.33
C SER A 415 -21.48 20.62 37.23
N ASN A 416 -21.70 21.57 38.14
CA ASN A 416 -20.92 22.80 38.23
C ASN A 416 -20.06 22.76 39.50
N ILE A 417 -18.74 22.85 39.36
CA ILE A 417 -17.82 22.98 40.50
C ILE A 417 -17.77 24.44 40.94
N THR A 418 -18.44 24.76 42.06
CA THR A 418 -18.58 26.13 42.52
C THR A 418 -17.84 26.46 43.83
N GLY A 419 -17.00 25.59 44.35
CA GLY A 419 -16.29 25.92 45.59
C GLY A 419 -15.50 24.79 46.21
N LEU A 420 -14.59 25.11 47.14
CA LEU A 420 -13.75 24.11 47.81
C LEU A 420 -13.79 24.25 49.33
N ILE A 421 -13.42 23.15 50.01
CA ILE A 421 -13.26 23.10 51.47
C ILE A 421 -11.82 22.70 51.80
N LEU A 422 -10.96 23.67 52.10
CA LEU A 422 -9.53 23.42 52.33
C LEU A 422 -9.13 23.50 53.80
N THR A 423 -8.06 22.78 54.12
CA THR A 423 -7.43 22.77 55.43
C THR A 423 -5.94 22.99 55.24
N ARG A 424 -5.33 23.69 56.20
CA ARG A 424 -3.92 24.06 56.16
C ARG A 424 -3.12 23.25 57.16
N ASP A 425 -1.89 22.91 56.79
CA ASP A 425 -1.04 22.12 57.65
C ASP A 425 -0.44 22.99 58.76
N GLY A 426 0.10 22.33 59.78
CA GLY A 426 0.69 23.01 60.92
C GLY A 426 2.20 23.10 60.88
N GLY A 427 2.80 22.35 59.94
CA GLY A 427 4.24 22.35 59.76
C GLY A 427 4.78 23.71 59.36
N SER A 428 5.50 24.35 60.26
CA SER A 428 5.93 25.72 60.01
C SER A 428 7.18 26.15 60.80
N THR A 429 8.15 26.86 60.20
CA THR A 429 8.23 27.25 58.77
C THR A 429 6.96 27.96 58.26
N ASN A 430 6.55 29.03 58.94
CA ASN A 430 5.27 29.63 58.59
C ASN A 430 5.41 30.74 57.57
N SER A 431 6.43 31.59 57.71
CA SER A 431 6.65 32.74 56.84
C SER A 431 7.25 32.38 55.48
N THR A 432 7.42 31.09 55.16
CA THR A 432 8.00 30.70 53.88
C THR A 432 6.91 30.26 52.91
N THR A 433 6.52 29.00 52.96
CA THR A 433 5.52 28.46 52.06
C THR A 433 4.38 27.89 52.89
N GLU A 434 3.21 27.76 52.27
CA GLU A 434 2.04 27.23 52.94
C GLU A 434 1.41 26.15 52.06
N THR A 435 0.99 25.06 52.69
CA THR A 435 0.39 23.94 51.98
C THR A 435 -1.09 23.79 52.36
N PHE A 436 -1.92 23.62 51.34
CA PHE A 436 -3.36 23.47 51.49
C PHE A 436 -3.82 22.11 50.97
N ARG A 437 -4.67 21.44 51.73
CA ARG A 437 -5.19 20.12 51.40
C ARG A 437 -6.71 20.07 51.49
N PRO A 438 -7.34 19.17 50.71
CA PRO A 438 -8.80 19.05 50.77
C PRO A 438 -9.27 18.43 52.08
N GLY A 439 -10.36 18.98 52.60
CA GLY A 439 -10.93 18.47 53.84
C GLY A 439 -12.43 18.31 53.75
N GLY A 440 -13.08 18.24 54.90
CA GLY A 440 -14.51 18.09 54.92
C GLY A 440 -15.00 17.48 56.20
N GLY A 441 -15.62 16.31 56.10
CA GLY A 441 -16.14 15.59 57.23
C GLY A 441 -17.45 16.17 57.71
N ASP A 442 -17.38 17.30 58.41
CA ASP A 442 -18.57 17.96 58.90
C ASP A 442 -19.36 18.57 57.75
N MET A 443 -20.55 18.02 57.48
CA MET A 443 -21.37 18.50 56.38
C MET A 443 -22.03 19.83 56.71
N ARG A 444 -21.91 20.28 57.97
CA ARG A 444 -22.50 21.55 58.38
C ARG A 444 -21.83 22.71 57.64
N ASP A 445 -20.59 22.50 57.23
CA ASP A 445 -19.86 23.51 56.47
C ASP A 445 -20.51 23.73 55.11
N ASN A 446 -21.08 22.65 54.54
CA ASN A 446 -21.70 22.71 53.23
C ASN A 446 -22.89 23.65 53.18
N TRP A 447 -23.60 23.83 54.30
CA TRP A 447 -24.75 24.71 54.34
C TRP A 447 -24.31 26.16 54.52
N ARG A 448 -23.16 26.35 55.14
CA ARG A 448 -22.61 27.66 55.44
C ARG A 448 -22.22 28.40 54.16
N SER A 449 -22.02 27.68 53.06
CA SER A 449 -21.62 28.25 51.79
C SER A 449 -22.78 28.92 51.06
N GLU A 450 -24.01 28.76 51.56
CA GLU A 450 -25.20 29.34 50.98
C GLU A 450 -25.95 30.20 51.97
N LEU A 451 -25.75 29.99 53.26
CA LEU A 451 -26.41 30.74 54.31
C LEU A 451 -25.48 31.81 54.89
N TYR A 452 -24.42 32.15 54.15
CA TYR A 452 -23.48 33.15 54.64
C TYR A 452 -24.05 34.55 54.55
N LYS A 453 -25.04 34.75 53.68
CA LYS A 453 -25.65 36.04 53.46
C LYS A 453 -27.05 36.17 54.06
N TYR A 454 -27.41 35.27 55.00
CA TYR A 454 -28.72 35.30 55.65
C TYR A 454 -28.59 35.18 57.16
N LYS A 455 -29.53 35.82 57.86
CA LYS A 455 -29.61 35.72 59.32
C LYS A 455 -31.02 36.03 59.79
N VAL A 456 -31.37 35.45 60.94
CA VAL A 456 -32.70 35.52 61.53
C VAL A 456 -32.72 36.65 62.54
N VAL A 457 -33.75 37.49 62.49
CA VAL A 457 -33.95 38.60 63.40
C VAL A 457 -35.37 38.56 63.96
N LYS A 458 -35.54 39.14 65.13
CA LYS A 458 -36.83 39.20 65.79
C LYS A 458 -37.35 40.63 65.71
N ILE A 459 -38.65 40.79 65.45
CA ILE A 459 -39.23 42.13 65.34
C ILE A 459 -39.81 42.53 66.69
N GLU A 460 -39.42 43.69 67.20
CA GLU A 460 -40.00 44.18 68.45
C GLU A 460 -40.69 45.50 68.09
N PRO A 461 -41.95 45.42 67.63
CA PRO A 461 -42.62 46.61 67.11
C PRO A 461 -42.99 47.62 68.18
N LEU A 462 -42.77 47.29 69.45
CA LEU A 462 -43.08 48.19 70.56
C LEU A 462 -41.88 49.07 70.86
N GLY A 463 -42.00 50.35 70.55
CA GLY A 463 -40.96 51.32 70.82
C GLY A 463 -41.59 52.57 71.41
N VAL A 464 -41.06 53.02 72.54
CA VAL A 464 -41.55 54.21 73.25
C VAL A 464 -40.67 55.40 72.91
N ALA A 465 -41.29 56.58 72.83
CA ALA A 465 -40.57 57.78 72.49
C ALA A 465 -41.24 59.00 73.09
N PRO A 466 -40.46 59.99 73.53
CA PRO A 466 -41.05 61.18 74.15
C PRO A 466 -41.50 62.22 73.13
N THR A 467 -42.60 62.90 73.47
CA THR A 467 -43.09 63.99 72.63
C THR A 467 -44.03 64.83 73.48
N ARG A 468 -44.24 66.06 73.02
CA ARG A 468 -45.06 67.06 73.67
C ARG A 468 -46.56 66.84 73.50
N CYS A 469 -47.01 65.61 73.78
CA CYS A 469 -48.40 65.16 73.68
C CYS A 469 -48.88 64.59 75.00
N LYS A 470 -50.03 65.07 75.47
CA LYS A 470 -50.64 64.60 76.71
C LYS A 470 -52.07 64.17 76.38
N ARG A 471 -52.58 63.15 77.09
CA ARG A 471 -53.94 62.77 76.74
C ARG A 471 -54.98 63.68 77.38
N ARG A 472 -56.21 63.19 77.40
CA ARG A 472 -57.32 63.95 77.93
C ARG A 472 -57.60 63.65 79.40
N VAL A 473 -58.82 63.98 79.78
CA VAL A 473 -59.36 64.01 81.13
C VAL A 473 -60.86 63.75 80.94
N VAL A 474 -61.19 63.28 79.73
CA VAL A 474 -62.53 63.02 79.23
C VAL A 474 -63.37 64.28 79.40
N GLY A 475 -62.84 65.41 78.96
CA GLY A 475 -63.56 66.68 79.06
C GLY A 475 -64.84 66.73 78.26
N ALA B 1 -38.94 72.49 45.71
CA ALA B 1 -38.76 71.79 44.44
C ALA B 1 -40.06 71.08 44.01
N VAL B 2 -40.08 70.58 42.78
CA VAL B 2 -41.25 69.88 42.28
C VAL B 2 -41.33 68.50 42.93
N GLY B 3 -42.55 68.00 43.08
CA GLY B 3 -42.77 66.69 43.67
C GLY B 3 -43.96 66.02 43.03
N ILE B 4 -43.94 64.69 43.05
CA ILE B 4 -44.99 63.91 42.41
C ILE B 4 -45.64 62.99 43.45
N GLY B 5 -45.59 63.39 44.71
CA GLY B 5 -46.36 62.75 45.76
C GLY B 5 -45.54 61.80 46.60
N ALA B 6 -46.25 61.16 47.53
CA ALA B 6 -45.62 60.24 48.47
C ALA B 6 -45.14 58.98 47.75
N VAL B 7 -44.12 58.35 48.34
CA VAL B 7 -43.62 57.10 47.81
C VAL B 7 -43.78 56.02 48.88
N PHE B 8 -43.28 54.81 48.61
CA PHE B 8 -43.40 53.70 49.54
C PHE B 8 -42.07 52.96 49.68
N LEU B 9 -41.70 52.59 50.91
CA LEU B 9 -40.44 51.91 51.13
C LEU B 9 -40.60 50.42 51.45
N GLY B 10 -41.75 50.00 51.94
CA GLY B 10 -42.02 48.60 52.22
C GLY B 10 -41.88 48.20 53.68
N PHE B 11 -41.97 46.88 53.89
CA PHE B 11 -41.81 46.29 55.21
C PHE B 11 -40.44 46.63 55.74
N LEU B 12 -40.37 47.18 56.95
CA LEU B 12 -39.11 47.59 57.54
C LEU B 12 -38.39 48.59 56.64
N GLY B 13 -39.16 49.32 55.84
CA GLY B 13 -38.61 50.27 54.89
C GLY B 13 -37.77 51.32 55.55
N ALA B 14 -38.38 52.07 56.47
CA ALA B 14 -37.70 53.15 57.16
C ALA B 14 -36.96 52.67 58.40
N ALA B 15 -36.18 51.60 58.25
CA ALA B 15 -35.42 51.09 59.39
C ALA B 15 -34.21 51.95 59.68
N GLY B 16 -33.59 52.49 58.64
CA GLY B 16 -32.43 53.36 58.74
C GLY B 16 -32.77 54.83 58.74
N SER B 17 -34.06 55.16 58.62
CA SER B 17 -34.52 56.53 58.62
C SER B 17 -34.71 57.02 60.06
N THR B 18 -34.83 58.34 60.20
CA THR B 18 -35.07 58.91 61.51
C THR B 18 -36.40 58.44 62.08
N MET B 19 -36.53 58.56 63.40
CA MET B 19 -37.76 58.13 64.06
C MET B 19 -38.94 58.95 63.58
N GLY B 20 -38.73 60.24 63.33
CA GLY B 20 -39.81 61.08 62.84
C GLY B 20 -40.26 60.67 61.44
N ALA B 21 -39.31 60.27 60.59
CA ALA B 21 -39.64 59.85 59.24
C ALA B 21 -40.23 58.44 59.26
N ALA B 22 -39.73 57.58 60.13
CA ALA B 22 -40.19 56.20 60.24
C ALA B 22 -41.55 56.08 60.91
N SER B 23 -42.04 57.16 61.53
CA SER B 23 -43.34 57.16 62.18
C SER B 23 -44.47 57.19 61.16
N MET B 24 -44.17 57.43 59.89
CA MET B 24 -45.15 57.44 58.83
C MET B 24 -45.38 56.04 58.27
N THR B 25 -44.48 55.11 58.60
CA THR B 25 -44.51 53.75 58.09
C THR B 25 -44.98 52.77 59.16
N LEU B 26 -45.70 53.26 60.16
CA LEU B 26 -46.15 52.40 61.26
C LEU B 26 -47.17 51.39 60.76
N THR B 27 -48.02 51.82 59.82
CA THR B 27 -49.07 50.95 59.33
C THR B 27 -48.56 49.92 58.34
N VAL B 28 -47.26 49.86 58.09
CA VAL B 28 -46.67 48.89 57.18
C VAL B 28 -46.10 47.71 57.94
N GLN B 29 -45.38 48.00 59.03
CA GLN B 29 -44.83 46.96 59.89
C GLN B 29 -45.92 46.28 60.71
N ALA B 30 -47.07 46.95 60.87
CA ALA B 30 -48.21 46.41 61.61
C ALA B 30 -48.99 45.43 60.74
N ARG B 31 -48.94 45.65 59.42
CA ARG B 31 -49.65 44.84 58.43
C ARG B 31 -49.05 43.44 58.30
N ASN B 32 -47.74 43.37 58.12
CA ASN B 32 -47.04 42.11 57.95
C ASN B 32 -46.60 41.48 59.26
N LEU B 33 -47.28 41.78 60.36
CA LEU B 33 -46.85 41.23 61.64
C LEU B 33 -47.59 39.93 61.93
N LEU B 34 -48.79 39.78 61.38
CA LEU B 34 -49.60 38.58 61.52
C LEU B 34 -49.70 37.79 60.22
N SER B 35 -49.81 38.49 59.08
CA SER B 35 -49.86 37.91 57.74
C SER B 35 -50.94 36.84 57.59
N GLY B 36 -52.19 37.26 57.44
CA GLY B 36 -53.29 36.33 57.28
C GLY B 36 -53.65 35.58 58.54
N THR B 58 -48.00 13.76 60.89
CA THR B 58 -46.80 13.71 60.07
C THR B 58 -45.89 14.89 60.43
N VAL B 59 -44.59 14.63 60.62
CA VAL B 59 -43.67 15.69 61.01
C VAL B 59 -43.39 16.60 59.82
N TRP B 60 -42.51 17.59 60.00
CA TRP B 60 -42.11 18.57 58.99
C TRP B 60 -43.27 19.48 58.62
N GLY B 61 -44.49 18.99 58.84
CA GLY B 61 -45.68 19.80 58.65
C GLY B 61 -46.07 20.31 60.01
N ILE B 62 -45.60 19.62 61.06
CA ILE B 62 -45.83 20.09 62.41
C ILE B 62 -44.82 21.14 62.82
N LYS B 63 -43.74 21.25 62.06
CA LYS B 63 -42.71 22.25 62.33
C LYS B 63 -43.25 23.67 62.13
N GLN B 64 -44.11 23.85 61.13
CA GLN B 64 -44.66 25.16 60.81
C GLN B 64 -45.84 25.48 61.70
N LEU B 65 -46.51 24.46 62.23
CA LEU B 65 -47.64 24.68 63.12
C LEU B 65 -47.17 25.38 64.39
N GLN B 66 -46.13 24.84 65.04
CA GLN B 66 -45.57 25.42 66.26
C GLN B 66 -45.02 26.82 66.04
N ALA B 67 -44.71 27.16 64.80
CA ALA B 67 -44.21 28.48 64.44
C ALA B 67 -45.38 29.42 64.33
N ARG B 68 -46.48 28.92 63.75
CA ARG B 68 -47.68 29.71 63.54
C ARG B 68 -48.46 29.87 64.83
N VAL B 69 -48.17 29.05 65.85
CA VAL B 69 -48.75 29.26 67.18
C VAL B 69 -48.03 30.37 67.94
N LEU B 70 -46.70 30.38 67.89
CA LEU B 70 -45.92 31.44 68.55
C LEU B 70 -46.10 32.80 67.89
N ALA B 71 -46.47 32.83 66.62
CA ALA B 71 -46.66 34.09 65.92
C ALA B 71 -47.85 34.84 66.50
N VAL B 72 -48.92 34.11 66.79
CA VAL B 72 -50.11 34.74 67.34
C VAL B 72 -49.94 34.95 68.84
N GLU B 73 -49.09 34.16 69.48
CA GLU B 73 -48.84 34.41 70.90
C GLU B 73 -48.02 35.69 71.05
N ARG B 74 -47.13 35.94 70.09
CA ARG B 74 -46.36 37.17 70.08
C ARG B 74 -47.24 38.35 69.74
N TYR B 75 -48.26 38.15 68.91
CA TYR B 75 -49.15 39.24 68.53
C TYR B 75 -50.06 39.62 69.69
N LEU B 76 -50.73 38.63 70.31
CA LEU B 76 -51.60 38.95 71.42
C LEU B 76 -50.81 39.43 72.63
N ARG B 77 -49.53 39.04 72.72
CA ARG B 77 -48.69 39.54 73.80
C ARG B 77 -48.55 41.04 73.65
N ASP B 78 -48.22 41.50 72.43
CA ASP B 78 -48.12 42.93 72.19
C ASP B 78 -49.50 43.59 72.26
N GLN B 79 -50.54 42.88 71.78
CA GLN B 79 -51.89 43.45 71.84
C GLN B 79 -52.42 43.53 73.26
N GLN B 80 -52.03 42.60 74.13
CA GLN B 80 -52.47 42.69 75.52
C GLN B 80 -51.79 43.87 76.19
N LEU B 81 -50.49 44.01 75.96
CA LEU B 81 -49.77 45.17 76.48
C LEU B 81 -50.35 46.45 75.90
N LEU B 82 -50.67 46.42 74.61
CA LEU B 82 -51.25 47.58 73.94
C LEU B 82 -52.65 47.89 74.44
N GLY B 83 -53.31 46.91 75.06
CA GLY B 83 -54.66 47.06 75.57
C GLY B 83 -54.69 47.49 77.02
N ILE B 84 -53.83 46.88 77.84
CA ILE B 84 -53.81 47.22 79.26
C ILE B 84 -53.25 48.62 79.48
N TRP B 85 -52.51 49.15 78.51
CA TRP B 85 -52.05 50.52 78.63
C TRP B 85 -53.21 51.44 78.23
N GLY B 86 -52.99 52.75 78.28
CA GLY B 86 -54.08 53.60 77.85
C GLY B 86 -54.13 53.78 76.35
N CYS B 87 -54.15 52.67 75.62
CA CYS B 87 -54.12 52.77 74.16
C CYS B 87 -55.19 51.89 73.54
N SER B 88 -54.95 50.58 73.48
CA SER B 88 -55.86 49.66 72.77
C SER B 88 -55.90 50.04 71.30
N GLY B 89 -56.40 51.23 70.98
CA GLY B 89 -56.28 51.70 69.62
C GLY B 89 -54.81 51.78 69.24
N LYS B 90 -54.45 51.04 68.19
CA LYS B 90 -53.06 50.83 67.79
C LYS B 90 -52.36 52.04 67.17
N LEU B 91 -51.29 51.78 66.42
CA LEU B 91 -50.49 52.80 65.75
C LEU B 91 -49.84 53.81 66.71
N ILE B 92 -50.58 54.84 67.10
CA ILE B 92 -50.05 55.87 67.99
C ILE B 92 -51.01 56.10 69.14
N CYS B 93 -50.45 56.50 70.28
CA CYS B 93 -51.23 56.86 71.46
C CYS B 93 -50.39 57.64 72.46
N CYS B 94 -51.03 58.55 73.17
CA CYS B 94 -50.37 59.38 74.16
C CYS B 94 -50.57 58.87 75.60
N THR B 95 -49.71 59.35 76.51
CA THR B 95 -49.78 58.97 77.92
C THR B 95 -49.41 60.16 78.80
N ASN B 96 -49.88 60.11 80.04
CA ASN B 96 -49.61 61.14 81.05
C ASN B 96 -48.46 60.72 81.95
N VAL B 97 -47.29 60.38 81.38
CA VAL B 97 -46.14 59.97 82.17
C VAL B 97 -44.96 60.89 81.85
N PRO B 98 -44.43 61.62 82.84
CA PRO B 98 -43.29 62.51 82.58
C PRO B 98 -42.02 61.73 82.25
N TRP B 99 -41.33 62.16 81.20
CA TRP B 99 -40.11 61.51 80.75
C TRP B 99 -38.97 61.83 81.72
N ASN B 100 -38.49 60.84 82.47
CA ASN B 100 -37.41 61.04 83.42
C ASN B 100 -36.09 61.35 82.67
N SER B 101 -35.40 62.42 83.11
CA SER B 101 -34.19 62.88 82.44
C SER B 101 -33.04 61.87 82.48
N SER B 102 -33.05 60.94 83.44
CA SER B 102 -31.99 59.95 83.56
C SER B 102 -31.97 58.97 82.39
N TRP B 103 -33.07 58.90 81.64
CA TRP B 103 -33.20 58.00 80.49
C TRP B 103 -32.61 58.61 79.22
N SER B 104 -31.31 58.89 79.27
CA SER B 104 -30.60 59.51 78.15
C SER B 104 -31.23 60.84 77.76
N ASN B 105 -30.83 61.91 78.44
CA ASN B 105 -31.39 63.25 78.21
C ASN B 105 -31.00 63.76 76.83
N ARG B 106 -31.90 63.55 75.85
CA ARG B 106 -31.75 64.02 74.48
C ARG B 106 -32.87 65.02 74.19
N ASN B 107 -32.70 65.79 73.10
CA ASN B 107 -33.71 66.78 72.72
C ASN B 107 -34.76 66.27 71.74
N LEU B 108 -35.84 67.05 71.62
CA LEU B 108 -36.95 66.70 70.73
C LEU B 108 -36.48 66.66 69.29
N SER B 109 -35.67 67.64 68.90
CA SER B 109 -35.15 67.76 67.55
C SER B 109 -33.92 66.89 67.36
N GLU B 110 -33.41 66.34 68.46
CA GLU B 110 -32.23 65.50 68.46
C GLU B 110 -32.58 64.01 68.45
N ILE B 111 -33.87 63.67 68.59
CA ILE B 111 -34.34 62.28 68.59
C ILE B 111 -35.04 61.92 67.29
N TRP B 112 -36.06 62.70 66.91
CA TRP B 112 -36.90 62.45 65.74
C TRP B 112 -36.26 62.89 64.44
N ASP B 113 -35.17 63.64 64.50
CA ASP B 113 -34.50 64.17 63.32
C ASP B 113 -33.01 63.90 63.38
N ASN B 114 -32.61 62.91 64.19
CA ASN B 114 -31.19 62.56 64.30
C ASN B 114 -30.99 61.17 64.88
N MET B 115 -31.97 60.28 64.84
CA MET B 115 -31.81 58.97 65.45
C MET B 115 -32.76 57.95 64.83
N THR B 116 -32.25 56.74 64.61
CA THR B 116 -33.08 55.67 64.08
C THR B 116 -33.69 54.89 65.23
N TRP B 117 -34.74 54.14 64.93
CA TRP B 117 -35.41 53.36 65.96
C TRP B 117 -34.51 52.25 66.50
N LEU B 118 -33.66 51.68 65.64
CA LEU B 118 -32.72 50.64 66.06
C LEU B 118 -31.67 51.21 67.00
N GLN B 119 -31.16 52.40 66.68
CA GLN B 119 -30.14 53.03 67.50
C GLN B 119 -30.76 53.50 68.81
N TRP B 120 -32.03 53.89 68.76
CA TRP B 120 -32.72 54.37 69.96
C TRP B 120 -33.04 53.22 70.89
N ASP B 121 -33.53 52.10 70.34
CA ASP B 121 -33.85 50.96 71.19
C ASP B 121 -32.62 50.38 71.88
N LYS B 122 -31.42 50.63 71.33
CA LYS B 122 -30.21 50.09 71.95
C LYS B 122 -29.88 50.82 73.24
N GLU B 123 -30.22 52.11 73.30
CA GLU B 123 -29.94 52.95 74.45
C GLU B 123 -31.04 52.80 75.50
N ILE B 124 -32.31 52.82 75.07
CA ILE B 124 -33.41 52.76 76.03
C ILE B 124 -33.72 51.34 76.45
N SER B 125 -33.00 50.36 75.90
CA SER B 125 -33.21 48.96 76.25
C SER B 125 -33.07 48.74 77.75
N ASN B 126 -32.21 49.54 78.39
CA ASN B 126 -31.99 49.45 79.82
C ASN B 126 -33.19 49.90 80.65
N TYR B 127 -33.99 50.83 80.13
CA TYR B 127 -35.09 51.39 80.88
C TYR B 127 -36.45 51.03 80.29
N THR B 128 -36.46 50.17 79.27
CA THR B 128 -37.72 49.77 78.63
C THR B 128 -38.65 49.10 79.63
N GLN B 129 -38.11 48.18 80.45
CA GLN B 129 -38.91 47.45 81.40
C GLN B 129 -39.45 48.34 82.52
N ILE B 130 -38.71 49.40 82.87
CA ILE B 130 -39.16 50.32 83.91
C ILE B 130 -40.34 51.14 83.41
N ILE B 131 -40.23 51.65 82.19
CA ILE B 131 -41.28 52.48 81.61
C ILE B 131 -42.58 51.68 81.49
N TYR B 132 -42.47 50.42 81.11
CA TYR B 132 -43.66 49.59 80.96
C TYR B 132 -44.45 49.51 82.26
N GLY B 133 -43.73 49.48 83.40
CA GLY B 133 -44.42 49.41 84.69
C GLY B 133 -45.16 50.68 85.07
N LEU B 134 -44.67 51.83 84.64
CA LEU B 134 -45.29 53.11 84.95
C LEU B 134 -46.51 53.39 84.08
N LEU B 135 -46.74 52.55 83.06
CA LEU B 135 -47.82 52.70 82.10
C LEU B 135 -49.02 51.84 82.47
N GLU B 136 -48.81 50.60 82.90
CA GLU B 136 -49.94 49.71 83.22
C GLU B 136 -50.53 49.97 84.59
N GLU B 137 -49.67 50.27 85.57
CA GLU B 137 -50.11 50.42 86.96
C GLU B 137 -50.52 51.85 87.29
N SER B 138 -49.61 52.81 87.11
CA SER B 138 -49.93 54.17 87.55
C SER B 138 -51.07 54.79 86.74
N GLN B 139 -51.29 54.32 85.50
CA GLN B 139 -52.28 54.95 84.63
C GLN B 139 -53.65 54.31 84.64
N ASN B 140 -53.89 53.36 83.72
CA ASN B 140 -55.24 52.82 83.54
C ASN B 140 -55.83 52.13 84.77
N GLN B 141 -55.06 51.94 85.83
CA GLN B 141 -55.65 51.42 87.06
C GLN B 141 -56.10 52.56 87.96
N GLN B 142 -55.44 53.71 87.82
CA GLN B 142 -55.77 54.90 88.58
C GLN B 142 -56.61 55.84 87.75
N GLU B 143 -56.47 55.78 86.43
CA GLU B 143 -57.23 56.65 85.52
C GLU B 143 -58.65 56.13 85.36
N LYS B 144 -58.80 54.81 85.11
CA LYS B 144 -60.13 54.25 84.94
C LYS B 144 -60.88 54.25 86.26
N ASN B 145 -60.18 54.03 87.37
CA ASN B 145 -60.85 54.10 88.67
C ASN B 145 -61.30 55.52 88.93
N GLU B 146 -60.56 56.52 88.43
CA GLU B 146 -61.01 57.89 88.55
C GLU B 146 -62.28 58.07 87.74
N GLN B 147 -62.37 57.38 86.60
CA GLN B 147 -63.53 57.52 85.74
C GLN B 147 -64.76 56.89 86.40
N ASP B 148 -64.58 55.82 87.18
CA ASP B 148 -65.72 55.24 87.88
C ASP B 148 -66.27 56.19 88.94
N LEU B 149 -65.43 57.05 89.48
CA LEU B 149 -65.90 58.02 90.46
C LEU B 149 -66.52 59.23 89.78
N LEU B 150 -66.09 59.54 88.56
CA LEU B 150 -66.57 60.70 87.82
C LEU B 150 -67.81 60.41 86.98
N ALA B 151 -68.11 59.13 86.71
CA ALA B 151 -69.21 58.75 85.85
C ALA B 151 -70.48 58.44 86.63
N LEU B 152 -70.38 58.32 87.95
CA LEU B 152 -71.54 58.03 88.79
C LEU B 152 -72.37 59.28 89.09
N ASP B 153 -71.78 60.46 88.99
CA ASP B 153 -72.51 61.70 89.25
C ASP B 153 -73.09 62.30 87.97
N ALA C 1 65.37 -64.97 -68.08
CA ALA C 1 66.00 -65.55 -66.90
C ALA C 1 66.54 -64.46 -65.98
N GLU C 2 67.87 -64.39 -65.85
CA GLU C 2 68.47 -63.38 -64.97
C GLU C 2 68.41 -61.98 -65.57
N ASN C 3 68.42 -61.86 -66.89
CA ASN C 3 68.30 -60.54 -67.52
C ASN C 3 66.83 -60.12 -67.58
N LEU C 4 66.52 -58.98 -66.97
CA LEU C 4 65.14 -58.49 -66.86
C LEU C 4 64.65 -57.90 -68.17
N TRP C 5 63.33 -57.80 -68.28
CA TRP C 5 62.66 -57.22 -69.42
C TRP C 5 61.57 -56.29 -68.91
N VAL C 6 61.38 -55.17 -69.63
CA VAL C 6 60.37 -54.21 -69.19
C VAL C 6 58.98 -54.79 -69.44
N THR C 7 58.04 -54.39 -68.58
CA THR C 7 56.65 -54.80 -68.72
C THR C 7 55.76 -53.63 -68.36
N VAL C 8 54.85 -53.30 -69.26
CA VAL C 8 53.94 -52.17 -69.12
C VAL C 8 52.76 -52.53 -68.24
N TYR C 9 52.52 -51.72 -67.21
CA TYR C 9 51.38 -51.89 -66.32
C TYR C 9 50.43 -50.71 -66.52
N TYR C 10 49.14 -51.01 -66.68
CA TYR C 10 48.09 -50.03 -66.89
C TYR C 10 47.07 -50.10 -65.76
N GLY C 11 47.02 -49.05 -64.96
CA GLY C 11 46.10 -48.99 -63.84
C GLY C 11 46.87 -48.98 -62.54
N VAL C 12 48.03 -48.34 -62.54
CA VAL C 12 48.84 -48.29 -61.33
C VAL C 12 48.49 -47.06 -60.50
N PRO C 13 48.46 -47.19 -59.18
CA PRO C 13 48.18 -46.03 -58.32
C PRO C 13 49.32 -45.02 -58.34
N VAL C 14 49.46 -44.23 -59.40
CA VAL C 14 50.52 -43.24 -59.49
C VAL C 14 49.89 -41.90 -59.83
N TRP C 15 50.08 -40.91 -58.96
CA TRP C 15 49.55 -39.58 -59.16
C TRP C 15 50.62 -38.54 -58.86
N LYS C 16 50.46 -37.37 -59.45
CA LYS C 16 51.35 -36.24 -59.20
C LYS C 16 50.48 -34.99 -59.06
N ASP C 17 50.95 -34.06 -58.24
CA ASP C 17 50.20 -32.83 -58.00
C ASP C 17 50.03 -32.02 -59.28
N ALA C 18 48.80 -31.60 -59.56
CA ALA C 18 48.53 -30.77 -60.72
C ALA C 18 47.25 -30.00 -60.42
N GLU C 19 46.85 -29.16 -61.38
CA GLU C 19 45.64 -28.33 -61.28
C GLU C 19 44.74 -28.48 -62.49
N THR C 20 43.44 -28.64 -62.25
CA THR C 20 42.45 -28.80 -63.32
C THR C 20 41.17 -28.05 -62.96
N THR C 21 40.19 -28.15 -63.85
CA THR C 21 38.89 -27.49 -63.69
C THR C 21 37.93 -28.45 -62.98
N LEU C 22 37.60 -28.12 -61.73
CA LEU C 22 36.71 -28.89 -60.86
C LEU C 22 35.26 -28.47 -61.08
N PHE C 23 34.34 -29.44 -60.99
CA PHE C 23 32.93 -29.10 -61.10
C PHE C 23 32.24 -29.22 -59.74
N CYS C 24 30.94 -28.87 -59.72
CA CYS C 24 30.15 -28.74 -58.50
C CYS C 24 29.26 -29.95 -58.26
N ALA C 25 28.59 -29.91 -57.09
CA ALA C 25 27.62 -30.90 -56.66
C ALA C 25 26.82 -30.32 -55.48
N SER C 26 25.50 -30.46 -55.50
CA SER C 26 24.73 -29.82 -54.45
C SER C 26 23.43 -30.57 -54.20
N ASP C 27 23.56 -31.83 -53.77
CA ASP C 27 22.41 -32.64 -53.36
C ASP C 27 21.31 -32.68 -54.40
N ALA C 28 20.11 -33.03 -53.93
CA ALA C 28 18.91 -33.07 -54.73
C ALA C 28 17.80 -32.27 -54.07
N LYS C 29 17.89 -32.04 -52.76
CA LYS C 29 16.94 -31.20 -52.05
C LYS C 29 17.30 -29.74 -52.24
N ALA C 30 18.58 -29.46 -52.48
CA ALA C 30 18.99 -28.07 -52.69
C ALA C 30 18.42 -27.55 -53.99
N TYR C 31 18.15 -28.44 -54.93
CA TYR C 31 17.54 -28.04 -56.19
C TYR C 31 16.04 -27.86 -55.98
N GLU C 32 15.48 -28.44 -54.90
CA GLU C 32 14.07 -28.33 -54.58
C GLU C 32 13.74 -27.01 -53.87
N THR C 33 14.76 -26.24 -53.51
CA THR C 33 14.50 -24.94 -52.88
C THR C 33 13.98 -23.98 -53.92
N GLU C 34 14.23 -24.30 -55.19
CA GLU C 34 13.87 -23.57 -56.41
C GLU C 34 13.93 -22.07 -56.19
N LYS C 35 12.78 -21.43 -56.20
CA LYS C 35 12.66 -19.98 -56.08
C LYS C 35 13.45 -19.24 -57.17
N HIS C 36 13.29 -19.69 -58.43
CA HIS C 36 13.97 -19.03 -59.56
C HIS C 36 15.48 -18.96 -59.37
N ASN C 37 16.09 -20.14 -59.21
CA ASN C 37 17.54 -20.26 -59.05
C ASN C 37 18.09 -19.48 -57.86
N VAL C 38 18.13 -20.11 -56.70
CA VAL C 38 18.72 -19.47 -55.54
C VAL C 38 20.21 -19.70 -55.60
N TRP C 39 20.98 -18.63 -55.42
CA TRP C 39 22.44 -18.70 -55.44
C TRP C 39 22.95 -19.26 -56.77
N ALA C 40 23.31 -20.55 -56.76
CA ALA C 40 23.96 -21.23 -57.87
C ALA C 40 23.24 -22.42 -58.46
N THR C 41 22.63 -23.27 -57.63
CA THR C 41 22.05 -24.52 -58.10
C THR C 41 21.06 -24.38 -59.24
N HIS C 42 21.55 -24.41 -60.48
CA HIS C 42 20.71 -24.40 -61.66
C HIS C 42 21.04 -25.63 -62.50
N ALA C 43 22.26 -25.71 -63.02
CA ALA C 43 22.71 -26.87 -63.78
C ALA C 43 23.81 -27.61 -63.01
N CYS C 44 23.74 -27.58 -61.68
CA CYS C 44 24.75 -28.25 -60.88
C CYS C 44 24.37 -29.72 -60.74
N VAL C 45 25.38 -30.58 -60.78
CA VAL C 45 25.19 -32.03 -60.73
C VAL C 45 24.70 -32.48 -59.36
N PRO C 46 23.62 -33.26 -59.28
CA PRO C 46 23.15 -33.80 -58.00
C PRO C 46 24.23 -34.68 -57.35
N THR C 47 24.38 -34.51 -56.04
CA THR C 47 25.39 -35.25 -55.28
C THR C 47 25.09 -36.75 -55.24
N ASP C 48 26.15 -37.56 -55.34
CA ASP C 48 26.06 -39.02 -55.25
C ASP C 48 25.45 -39.43 -53.92
N PRO C 49 24.33 -40.17 -53.94
CA PRO C 49 23.68 -40.59 -52.68
C PRO C 49 24.57 -41.28 -51.65
N ASN C 50 25.51 -42.14 -52.08
CA ASN C 50 26.41 -42.84 -51.17
C ASN C 50 27.84 -42.53 -51.55
N PRO C 51 28.37 -41.38 -51.13
CA PRO C 51 29.75 -41.02 -51.48
C PRO C 51 30.72 -42.03 -50.87
N GLN C 52 31.82 -42.25 -51.58
CA GLN C 52 32.85 -43.19 -51.13
C GLN C 52 34.16 -42.47 -50.82
N GLU C 53 34.74 -42.80 -49.68
CA GLU C 53 36.03 -42.28 -49.23
C GLU C 53 36.90 -43.48 -48.95
N ILE C 54 37.89 -43.71 -49.80
CA ILE C 54 38.77 -44.87 -49.68
C ILE C 54 39.97 -44.40 -48.88
N HIS C 55 40.14 -44.97 -47.70
CA HIS C 55 41.26 -44.62 -46.83
C HIS C 55 42.51 -45.34 -47.34
N LEU C 56 43.46 -44.56 -47.86
CA LEU C 56 44.72 -45.07 -48.41
C LEU C 56 45.75 -45.41 -47.33
N GLU C 57 45.78 -46.68 -46.95
CA GLU C 57 46.71 -47.17 -45.93
C GLU C 57 48.15 -47.03 -46.40
N ASN C 58 49.06 -46.81 -45.45
CA ASN C 58 50.51 -46.69 -45.67
C ASN C 58 50.92 -45.49 -46.54
N VAL C 59 49.99 -44.62 -46.91
CA VAL C 59 50.28 -43.49 -47.79
C VAL C 59 50.48 -42.22 -46.98
N THR C 60 51.61 -41.53 -47.24
CA THR C 60 51.94 -40.25 -46.60
C THR C 60 52.14 -39.17 -47.67
N GLU C 61 51.18 -38.26 -47.78
CA GLU C 61 51.20 -37.19 -48.78
C GLU C 61 51.28 -35.81 -48.14
N GLU C 62 52.09 -34.94 -48.75
CA GLU C 62 52.27 -33.59 -48.25
C GLU C 62 51.20 -32.66 -48.82
N PHE C 63 50.51 -31.94 -47.93
CA PHE C 63 49.50 -30.97 -48.30
C PHE C 63 50.04 -29.55 -48.12
N ASN C 64 49.32 -28.58 -48.71
CA ASN C 64 49.72 -27.18 -48.57
C ASN C 64 48.48 -26.30 -48.74
N MET C 65 47.87 -25.92 -47.61
CA MET C 65 46.65 -25.12 -47.64
C MET C 65 46.91 -23.71 -48.16
N TRP C 66 48.16 -23.24 -48.10
CA TRP C 66 48.48 -21.89 -48.52
C TRP C 66 48.90 -21.81 -49.98
N LYS C 67 49.21 -22.95 -50.59
CA LYS C 67 49.55 -23.06 -52.01
C LYS C 67 48.63 -24.06 -52.69
N ASN C 68 47.36 -24.07 -52.27
CA ASN C 68 46.35 -24.95 -52.83
C ASN C 68 45.50 -24.15 -53.82
N ASN C 69 45.33 -24.70 -55.01
CA ASN C 69 44.66 -23.98 -56.08
C ASN C 69 43.15 -24.10 -56.03
N MET C 70 42.62 -25.02 -55.22
CA MET C 70 41.18 -25.17 -55.10
C MET C 70 40.56 -23.89 -54.55
N VAL C 71 41.32 -23.16 -53.74
CA VAL C 71 40.86 -21.90 -53.16
C VAL C 71 40.76 -20.83 -54.24
N GLU C 72 41.82 -20.69 -55.05
CA GLU C 72 41.88 -19.69 -56.10
C GLU C 72 40.82 -19.96 -57.18
N GLN C 73 40.38 -21.20 -57.31
CA GLN C 73 39.33 -21.55 -58.27
C GLN C 73 37.96 -21.23 -57.71
N MET C 74 37.73 -21.55 -56.42
CA MET C 74 36.45 -21.26 -55.79
C MET C 74 36.20 -19.77 -55.73
N HIS C 75 37.25 -18.98 -55.42
CA HIS C 75 37.07 -17.54 -55.33
C HIS C 75 36.62 -16.96 -56.66
N THR C 76 37.25 -17.39 -57.77
CA THR C 76 36.86 -16.92 -59.08
C THR C 76 35.51 -17.48 -59.52
N ASP C 77 35.05 -18.56 -58.88
CA ASP C 77 33.76 -19.16 -59.20
C ASP C 77 32.63 -18.37 -58.56
N ILE C 78 32.79 -18.04 -57.28
CA ILE C 78 31.75 -17.28 -56.58
C ILE C 78 31.63 -15.89 -57.19
N ILE C 79 32.76 -15.32 -57.62
CA ILE C 79 32.74 -14.00 -58.25
C ILE C 79 31.98 -14.03 -59.58
N SER C 80 32.30 -14.98 -60.46
CA SER C 80 31.57 -15.03 -61.73
C SER C 80 30.11 -15.38 -61.56
N LEU C 81 29.78 -16.17 -60.54
CA LEU C 81 28.38 -16.50 -60.26
C LEU C 81 27.64 -15.23 -59.88
N TRP C 82 28.31 -14.39 -59.10
CA TRP C 82 27.75 -13.12 -58.64
C TRP C 82 27.50 -12.17 -59.81
N ASP C 83 28.40 -12.12 -60.80
CA ASP C 83 28.21 -11.15 -61.88
C ASP C 83 27.09 -11.55 -62.83
N GLN C 84 27.03 -12.82 -63.25
CA GLN C 84 25.95 -13.24 -64.14
C GLN C 84 24.61 -13.22 -63.45
N SER C 85 24.57 -13.33 -62.12
CA SER C 85 23.32 -13.37 -61.39
C SER C 85 22.68 -11.99 -61.31
N LEU C 86 23.44 -10.96 -61.67
CA LEU C 86 23.01 -9.57 -61.66
C LEU C 86 22.83 -9.04 -63.08
N LYS C 87 23.13 -9.85 -64.12
CA LYS C 87 22.92 -9.37 -65.48
C LYS C 87 21.44 -9.22 -65.80
N PRO C 88 20.57 -10.19 -65.54
CA PRO C 88 19.15 -9.99 -65.86
C PRO C 88 18.38 -9.28 -64.77
N CYS C 89 19.09 -8.66 -63.83
CA CYS C 89 18.45 -7.94 -62.74
C CYS C 89 18.23 -6.50 -63.16
N VAL C 90 17.39 -5.80 -62.41
CA VAL C 90 17.06 -4.41 -62.73
C VAL C 90 18.24 -3.50 -62.38
N LYS C 91 18.71 -2.74 -63.38
CA LYS C 91 19.79 -1.77 -63.19
C LYS C 91 19.20 -0.44 -62.77
N LEU C 92 19.72 0.10 -61.66
CA LEU C 92 19.24 1.34 -61.05
C LEU C 92 19.99 2.60 -61.49
N THR C 93 20.31 2.74 -62.77
CA THR C 93 21.00 3.95 -63.24
C THR C 93 20.32 5.30 -62.95
N PRO C 94 18.98 5.49 -63.11
CA PRO C 94 18.44 6.84 -62.85
C PRO C 94 17.96 7.14 -61.44
N LEU C 95 18.74 6.73 -60.44
CA LEU C 95 18.45 7.04 -59.06
C LEU C 95 19.48 7.99 -58.49
N CYS C 96 20.40 8.50 -59.32
CA CYS C 96 21.43 9.40 -58.84
C CYS C 96 20.97 10.83 -58.88
N VAL C 97 19.66 11.00 -58.79
CA VAL C 97 19.01 12.30 -58.75
C VAL C 97 19.26 12.94 -57.38
N THR C 98 19.19 14.27 -57.35
CA THR C 98 19.35 14.99 -56.09
C THR C 98 18.31 14.55 -55.06
N LEU C 99 18.77 14.19 -53.87
CA LEU C 99 17.93 13.67 -52.80
C LEU C 99 17.72 14.73 -51.71
N GLN C 100 16.48 15.15 -51.52
CA GLN C 100 16.09 16.08 -50.45
C GLN C 100 15.74 15.28 -49.20
N CYS C 101 16.75 14.96 -48.39
CA CYS C 101 16.54 14.07 -47.26
C CYS C 101 16.35 14.83 -45.95
N THR C 102 15.81 14.13 -44.96
CA THR C 102 15.61 14.67 -43.62
C THR C 102 15.70 13.53 -42.62
N ASN C 103 15.74 13.88 -41.33
CA ASN C 103 15.81 12.86 -40.29
C ASN C 103 14.54 12.01 -40.25
N VAL C 104 14.72 10.76 -39.81
CA VAL C 104 13.58 9.86 -39.67
C VAL C 104 12.72 10.33 -38.50
N THR C 105 11.43 9.98 -38.57
CA THR C 105 10.46 10.40 -37.57
C THR C 105 10.75 9.69 -36.25
N ASN C 106 11.28 10.45 -35.29
CA ASN C 106 11.57 9.96 -33.95
C ASN C 106 11.61 11.17 -33.04
N ASN C 107 11.95 10.94 -31.78
CA ASN C 107 12.00 12.01 -30.81
C ASN C 107 13.41 12.10 -30.22
N ILE C 108 14.27 12.89 -30.88
CA ILE C 108 15.62 13.26 -30.41
C ILE C 108 16.30 11.90 -29.92
N THR C 109 17.45 11.81 -29.23
CA THR C 109 18.39 12.84 -28.83
C THR C 109 19.32 13.29 -29.95
N ASP C 110 20.32 14.11 -29.59
CA ASP C 110 21.28 14.59 -30.58
C ASP C 110 22.37 13.57 -30.87
N ASP C 111 22.44 12.47 -30.12
CA ASP C 111 23.44 11.44 -30.35
C ASP C 111 22.90 10.33 -31.23
N MET C 112 21.65 10.46 -31.64
CA MET C 112 21.02 9.48 -32.51
C MET C 112 21.53 9.64 -33.92
N ARG C 113 22.23 10.75 -34.19
CA ARG C 113 22.83 11.12 -35.47
C ARG C 113 21.99 10.68 -36.67
N GLY C 114 20.67 10.77 -36.55
CA GLY C 114 19.82 10.43 -37.67
C GLY C 114 19.97 8.98 -38.10
N GLU C 115 21.13 8.66 -38.71
CA GLU C 115 21.44 7.35 -39.26
C GLU C 115 20.51 6.98 -40.39
N LEU C 116 19.20 6.99 -40.13
CA LEU C 116 18.20 6.70 -41.14
C LEU C 116 17.72 8.05 -41.68
N LYS C 117 17.71 8.19 -43.01
CA LYS C 117 17.31 9.43 -43.65
C LYS C 117 16.07 9.26 -44.52
N ASN C 118 15.12 10.20 -44.42
CA ASN C 118 13.88 10.22 -45.21
C ASN C 118 14.00 11.11 -46.46
N CYS C 119 14.47 10.49 -47.56
CA CYS C 119 14.78 11.15 -48.84
C CYS C 119 13.61 11.21 -49.83
N SER C 120 13.37 12.40 -50.38
CA SER C 120 12.41 12.66 -51.44
C SER C 120 13.13 13.11 -52.71
N PHE C 121 12.68 12.64 -53.88
CA PHE C 121 13.39 12.94 -55.12
C PHE C 121 12.46 12.77 -56.33
N ASN C 122 12.92 13.28 -57.48
CA ASN C 122 12.22 13.09 -58.75
C ASN C 122 12.54 11.73 -59.36
N MET C 123 11.63 11.23 -60.20
CA MET C 123 11.80 9.93 -60.81
C MET C 123 11.07 9.80 -62.14
N THR C 124 11.66 9.03 -63.05
CA THR C 124 11.08 8.79 -64.37
C THR C 124 10.02 7.69 -64.26
N THR C 125 8.82 7.98 -64.77
CA THR C 125 7.74 7.01 -64.75
C THR C 125 7.87 6.05 -65.93
N GLU C 126 6.80 5.32 -66.26
CA GLU C 126 6.84 4.44 -67.41
C GLU C 126 6.99 5.25 -68.69
N LEU C 127 6.30 6.38 -68.75
CA LEU C 127 6.39 7.26 -69.89
C LEU C 127 7.64 8.12 -69.72
N ARG C 128 8.14 8.62 -70.85
CA ARG C 128 9.35 9.41 -70.86
C ARG C 128 9.06 10.90 -70.79
N ASP C 129 7.94 11.26 -70.18
CA ASP C 129 7.49 12.63 -70.07
C ASP C 129 7.37 13.08 -68.63
N LYS C 130 6.18 12.96 -68.05
CA LYS C 130 5.95 13.42 -66.70
C LYS C 130 6.86 12.66 -65.74
N LYS C 131 7.41 13.38 -64.75
CA LYS C 131 8.33 12.77 -63.79
C LYS C 131 7.54 12.12 -62.64
N GLN C 132 8.18 11.95 -61.48
CA GLN C 132 7.55 11.31 -60.32
C GLN C 132 8.24 11.72 -59.03
N LYS C 133 7.54 12.42 -58.15
CA LYS C 133 8.11 12.85 -56.86
C LYS C 133 7.81 11.81 -55.78
N VAL C 134 8.62 10.74 -55.75
CA VAL C 134 8.45 9.69 -54.76
C VAL C 134 9.63 9.71 -53.78
N TYR C 135 9.39 9.17 -52.58
CA TYR C 135 10.37 9.14 -51.50
C TYR C 135 10.75 7.73 -51.07
N SER C 136 11.95 7.60 -50.50
CA SER C 136 12.49 6.34 -49.97
C SER C 136 13.14 6.59 -48.60
N LEU C 137 13.78 5.55 -48.05
CA LEU C 137 14.44 5.60 -46.73
C LEU C 137 15.80 4.90 -46.80
N PHE C 138 16.88 5.69 -46.82
CA PHE C 138 18.23 5.16 -46.92
C PHE C 138 19.01 5.32 -45.62
N TYR C 139 19.98 4.43 -45.41
CA TYR C 139 20.88 4.49 -44.27
C TYR C 139 21.94 5.57 -44.50
N ARG C 140 22.55 6.03 -43.40
CA ARG C 140 23.58 7.06 -43.51
C ARG C 140 24.80 6.58 -44.27
N LEU C 141 25.12 5.28 -44.16
CA LEU C 141 26.26 4.71 -44.85
C LEU C 141 26.04 4.61 -46.36
N ASP C 142 24.81 4.77 -46.81
CA ASP C 142 24.45 4.68 -48.22
C ASP C 142 24.45 6.02 -48.93
N VAL C 143 24.34 7.12 -48.19
CA VAL C 143 24.23 8.46 -48.75
C VAL C 143 25.45 9.30 -48.37
N VAL C 144 25.56 10.45 -49.04
CA VAL C 144 26.60 11.44 -48.80
C VAL C 144 26.16 12.80 -49.32
N GLN C 145 26.22 13.81 -48.46
CA GLN C 145 25.77 15.15 -48.80
C GLN C 145 26.70 15.80 -49.81
N ILE C 146 26.20 16.84 -50.48
CA ILE C 146 27.00 17.53 -51.48
C ILE C 146 26.59 19.00 -51.52
N ASN C 147 27.58 19.89 -51.50
CA ASN C 147 27.39 21.33 -51.69
C ASN C 147 27.98 21.83 -53.02
N GLU C 160 21.19 18.54 -48.76
CA GLU C 160 21.16 17.84 -50.04
C GLU C 160 22.08 16.62 -50.03
N TYR C 161 21.59 15.46 -50.47
CA TYR C 161 22.43 14.25 -50.47
C TYR C 161 22.52 13.64 -51.87
N ARG C 162 23.14 12.47 -51.92
CA ARG C 162 23.28 11.67 -53.14
C ARG C 162 23.63 10.25 -52.72
N LEU C 163 23.49 9.32 -53.66
CA LEU C 163 23.91 7.95 -53.37
C LEU C 163 25.44 7.90 -53.29
N ILE C 164 25.96 7.13 -52.33
CA ILE C 164 27.39 7.12 -52.08
C ILE C 164 28.19 6.49 -53.22
N ASN C 165 27.54 5.81 -54.16
CA ASN C 165 28.23 5.12 -55.23
C ASN C 165 28.14 5.85 -56.56
N CYS C 166 27.32 6.90 -56.63
CA CYS C 166 27.12 7.62 -57.88
C CYS C 166 28.41 8.25 -58.38
N ASN C 167 29.37 8.49 -57.49
CA ASN C 167 30.64 9.07 -57.88
C ASN C 167 31.74 8.01 -57.92
N THR C 168 31.38 6.73 -57.81
CA THR C 168 32.33 5.63 -57.86
C THR C 168 32.12 4.68 -59.03
N SER C 169 30.90 4.18 -59.21
CA SER C 169 30.62 3.23 -60.28
C SER C 169 29.12 3.17 -60.54
N ALA C 170 28.73 2.29 -61.46
CA ALA C 170 27.32 2.06 -61.76
C ALA C 170 26.70 1.23 -60.65
N ILE C 171 25.38 1.03 -60.71
CA ILE C 171 24.68 0.30 -59.66
C ILE C 171 23.56 -0.56 -60.25
N THR C 172 23.45 -1.81 -59.78
CA THR C 172 22.40 -2.73 -60.19
C THR C 172 21.70 -3.34 -58.97
N GLN C 173 20.37 -3.43 -59.05
CA GLN C 173 19.56 -3.95 -57.96
C GLN C 173 19.49 -5.48 -58.02
N ALA C 174 19.68 -6.12 -56.88
CA ALA C 174 19.55 -7.57 -56.83
C ALA C 174 18.09 -7.97 -57.02
N CYS C 175 17.87 -8.99 -57.83
CA CYS C 175 16.51 -9.46 -58.07
C CYS C 175 15.94 -10.09 -56.79
N PRO C 176 14.66 -9.82 -56.48
CA PRO C 176 14.07 -10.38 -55.26
C PRO C 176 13.77 -11.86 -55.36
N LYS C 177 13.86 -12.43 -56.57
CA LYS C 177 13.59 -13.85 -56.78
C LYS C 177 14.69 -14.73 -56.21
N VAL C 178 15.94 -14.33 -56.39
CA VAL C 178 17.06 -15.12 -55.91
C VAL C 178 17.25 -14.85 -54.41
N SER C 179 17.98 -15.74 -53.76
CA SER C 179 18.25 -15.58 -52.34
C SER C 179 19.75 -15.72 -52.10
N PHE C 180 20.21 -15.05 -51.05
CA PHE C 180 21.62 -15.08 -50.68
C PHE C 180 21.88 -16.08 -49.57
N GLU C 181 21.15 -17.21 -49.59
CA GLU C 181 21.33 -18.24 -48.58
C GLU C 181 22.45 -19.18 -49.01
N PRO C 182 23.56 -19.23 -48.27
CA PRO C 182 24.67 -20.11 -48.64
C PRO C 182 24.22 -21.56 -48.57
N ILE C 183 24.22 -22.24 -49.72
CA ILE C 183 23.81 -23.64 -49.74
C ILE C 183 25.02 -24.54 -49.99
N PRO C 184 25.04 -25.74 -49.40
CA PRO C 184 26.18 -26.65 -49.52
C PRO C 184 26.57 -26.97 -50.96
N ILE C 185 27.86 -26.80 -51.28
CA ILE C 185 28.40 -27.08 -52.60
C ILE C 185 29.58 -28.04 -52.53
N HIS C 186 29.45 -29.22 -53.12
CA HIS C 186 30.52 -30.21 -53.18
C HIS C 186 31.37 -30.02 -54.44
N TYR C 187 32.68 -29.86 -54.27
CA TYR C 187 33.58 -29.74 -55.40
C TYR C 187 34.12 -31.13 -55.75
N CYS C 188 34.00 -31.53 -57.04
CA CYS C 188 34.40 -32.86 -57.49
C CYS C 188 35.45 -32.76 -58.60
N ALA C 189 36.23 -33.87 -58.77
CA ALA C 189 37.27 -33.93 -59.80
C ALA C 189 36.88 -34.86 -60.95
N PRO C 190 37.22 -34.47 -62.19
CA PRO C 190 36.89 -35.29 -63.37
C PRO C 190 37.61 -36.64 -63.45
N ALA C 191 37.28 -37.43 -64.45
CA ALA C 191 37.90 -38.74 -64.64
C ALA C 191 39.40 -38.59 -64.84
N GLY C 192 40.17 -39.50 -64.26
CA GLY C 192 41.61 -39.46 -64.35
C GLY C 192 42.26 -38.67 -63.25
N PHE C 193 41.49 -37.89 -62.51
CA PHE C 193 41.93 -37.07 -61.38
C PHE C 193 41.30 -37.62 -60.10
N ALA C 194 41.79 -37.12 -58.97
CA ALA C 194 41.27 -37.53 -57.67
C ALA C 194 41.56 -36.43 -56.66
N ILE C 195 40.77 -36.40 -55.58
CA ILE C 195 40.94 -35.43 -54.50
C ILE C 195 41.31 -36.17 -53.23
N LEU C 196 42.48 -35.86 -52.68
CA LEU C 196 42.93 -36.47 -51.45
C LEU C 196 42.44 -35.67 -50.26
N LYS C 197 42.08 -36.36 -49.17
CA LYS C 197 41.54 -35.71 -47.97
C LYS C 197 42.31 -36.16 -46.73
N CYS C 198 42.86 -35.20 -45.97
CA CYS C 198 43.59 -35.51 -44.75
C CYS C 198 42.61 -35.65 -43.58
N LYS C 199 42.59 -36.82 -42.92
CA LYS C 199 41.63 -37.07 -41.85
C LYS C 199 42.30 -37.29 -40.50
N ASP C 200 43.45 -36.66 -40.25
CA ASP C 200 44.06 -36.75 -38.93
C ASP C 200 43.48 -35.65 -38.07
N LYS C 201 43.41 -35.91 -36.79
CA LYS C 201 42.75 -34.97 -35.91
C LYS C 201 43.58 -33.72 -35.61
N LYS C 202 44.91 -33.78 -35.78
CA LYS C 202 45.76 -32.61 -35.57
C LYS C 202 46.59 -32.36 -36.84
N PHE C 203 46.28 -31.28 -37.55
CA PHE C 203 46.95 -30.96 -38.80
C PHE C 203 46.84 -29.47 -39.08
N ASN C 204 48.00 -28.80 -39.17
CA ASN C 204 48.05 -27.36 -39.39
C ASN C 204 48.01 -26.99 -40.86
N GLY C 205 47.56 -27.88 -41.74
CA GLY C 205 47.42 -27.54 -43.15
C GLY C 205 48.69 -27.66 -43.98
N THR C 206 49.86 -27.78 -43.35
CA THR C 206 51.12 -27.86 -44.10
C THR C 206 51.94 -29.04 -43.59
N GLY C 207 52.50 -29.81 -44.52
CA GLY C 207 53.31 -30.94 -44.16
C GLY C 207 52.76 -32.29 -44.58
N PRO C 208 53.49 -33.34 -44.25
CA PRO C 208 53.04 -34.71 -44.57
C PRO C 208 51.86 -35.13 -43.70
N CYS C 209 50.93 -35.88 -44.30
CA CYS C 209 49.75 -36.34 -43.57
C CYS C 209 49.79 -37.85 -43.36
N PRO C 210 49.73 -38.33 -42.10
CA PRO C 210 49.77 -39.78 -41.85
C PRO C 210 48.58 -40.58 -42.36
N SER C 211 47.36 -40.14 -42.06
CA SER C 211 46.13 -40.84 -42.46
C SER C 211 45.42 -40.06 -43.57
N VAL C 212 45.68 -40.46 -44.81
CA VAL C 212 45.14 -39.85 -46.02
C VAL C 212 44.11 -40.75 -46.67
N SER C 213 43.00 -40.16 -47.11
CA SER C 213 41.97 -40.87 -47.84
C SER C 213 41.63 -40.05 -49.09
N THR C 214 41.12 -40.74 -50.10
CA THR C 214 40.74 -40.11 -51.35
C THR C 214 39.23 -40.09 -51.51
N VAL C 215 38.76 -39.03 -52.16
CA VAL C 215 37.34 -38.88 -52.45
C VAL C 215 37.22 -38.33 -53.86
N GLN C 216 36.02 -38.49 -54.41
CA GLN C 216 35.73 -37.96 -55.72
C GLN C 216 35.15 -36.56 -55.55
N CYS C 217 34.32 -36.41 -54.50
CA CYS C 217 33.67 -35.16 -54.12
C CYS C 217 33.86 -34.84 -52.65
N THR C 218 34.22 -33.59 -52.39
CA THR C 218 34.41 -33.06 -51.05
C THR C 218 33.06 -32.93 -50.34
N HIS C 219 33.12 -32.72 -49.02
CA HIS C 219 31.92 -32.54 -48.22
C HIS C 219 31.27 -31.20 -48.58
N GLY C 220 30.03 -31.00 -48.12
CA GLY C 220 29.27 -29.79 -48.39
C GLY C 220 29.84 -28.52 -47.79
N ILE C 221 30.46 -27.68 -48.63
CA ILE C 221 31.08 -26.41 -48.22
C ILE C 221 30.21 -25.23 -48.64
N LYS C 222 29.59 -24.59 -47.66
CA LYS C 222 28.71 -23.44 -47.88
C LYS C 222 29.54 -22.19 -48.19
N PRO C 223 29.31 -21.51 -49.32
CA PRO C 223 30.07 -20.30 -49.62
C PRO C 223 29.64 -19.11 -48.79
N VAL C 224 29.99 -19.12 -47.50
CA VAL C 224 29.63 -18.03 -46.59
C VAL C 224 30.68 -16.93 -46.68
N VAL C 225 30.29 -15.78 -47.23
CA VAL C 225 31.17 -14.64 -47.38
C VAL C 225 31.11 -13.83 -46.08
N SER C 226 32.21 -13.82 -45.32
CA SER C 226 32.23 -13.07 -44.08
C SER C 226 33.66 -12.68 -43.74
N THR C 227 33.79 -11.76 -42.79
CA THR C 227 35.08 -11.29 -42.32
C THR C 227 35.15 -11.46 -40.81
N GLN C 228 36.37 -11.43 -40.29
CA GLN C 228 36.64 -11.55 -38.86
C GLN C 228 36.11 -12.83 -38.21
N LEU C 229 34.79 -13.06 -38.25
CA LEU C 229 34.15 -14.23 -37.65
C LEU C 229 33.71 -15.23 -38.71
N LEU C 230 34.26 -16.45 -38.66
CA LEU C 230 33.88 -17.53 -39.56
C LEU C 230 32.54 -18.13 -39.13
N LEU C 231 31.55 -18.07 -40.02
CA LEU C 231 30.16 -18.50 -39.76
C LEU C 231 29.83 -19.77 -40.55
N ASN C 232 29.02 -20.66 -39.93
CA ASN C 232 28.58 -21.91 -40.57
C ASN C 232 29.73 -22.75 -41.13
N GLY C 233 30.81 -22.90 -40.36
CA GLY C 233 31.92 -23.67 -40.83
C GLY C 233 32.07 -25.05 -40.18
N SER C 234 33.13 -25.73 -40.60
CA SER C 234 33.47 -27.06 -40.08
C SER C 234 34.26 -26.94 -38.79
N LEU C 235 33.81 -27.64 -37.76
CA LEU C 235 34.49 -27.62 -36.46
C LEU C 235 35.79 -28.43 -36.51
N ALA C 236 36.77 -27.99 -35.73
CA ALA C 236 38.03 -28.70 -35.69
C ALA C 236 37.92 -29.92 -34.80
N GLU C 237 38.93 -30.78 -34.85
CA GLU C 237 38.94 -31.99 -34.05
C GLU C 237 39.81 -31.83 -32.80
N GLU C 238 39.33 -32.40 -31.69
CA GLU C 238 40.03 -32.38 -30.40
C GLU C 238 40.33 -30.95 -29.98
N GLU C 239 41.62 -30.58 -29.96
CA GLU C 239 42.00 -29.23 -29.62
C GLU C 239 41.76 -28.29 -30.80
N VAL C 240 41.48 -27.03 -30.48
CA VAL C 240 41.30 -26.03 -31.53
C VAL C 240 42.62 -25.85 -32.28
N MET C 241 42.51 -25.60 -33.57
CA MET C 241 43.66 -25.52 -34.45
C MET C 241 44.04 -24.08 -34.75
N ILE C 242 45.33 -23.86 -34.94
CA ILE C 242 45.88 -22.56 -35.30
C ILE C 242 46.70 -22.76 -36.57
N ARG C 243 46.32 -22.08 -37.65
CA ARG C 243 47.00 -22.25 -38.93
C ARG C 243 47.47 -20.91 -39.47
N SER C 244 48.70 -20.90 -39.98
CA SER C 244 49.28 -19.69 -40.55
C SER C 244 50.36 -20.08 -41.55
N GLU C 245 50.45 -19.30 -42.62
CA GLU C 245 51.47 -19.53 -43.65
C GLU C 245 52.87 -19.21 -43.11
N ASN C 246 52.98 -18.21 -42.24
CA ASN C 246 54.25 -17.82 -41.61
C ASN C 246 53.91 -17.16 -40.27
N ILE C 247 54.09 -17.94 -39.20
CA ILE C 247 53.76 -17.48 -37.84
C ILE C 247 54.64 -16.32 -37.43
N THR C 248 55.92 -16.35 -37.80
CA THR C 248 56.86 -15.28 -37.47
C THR C 248 56.53 -13.97 -38.19
N ASN C 249 55.89 -14.05 -39.35
CA ASN C 249 55.49 -12.90 -40.17
C ASN C 249 54.16 -12.29 -39.78
N ASN C 250 54.19 -11.01 -39.40
CA ASN C 250 52.97 -10.32 -39.00
C ASN C 250 52.11 -9.85 -40.18
N ALA C 251 52.49 -10.11 -41.45
CA ALA C 251 51.62 -9.65 -42.53
C ALA C 251 50.65 -10.69 -43.06
N LYS C 252 50.85 -11.96 -42.75
CA LYS C 252 49.93 -13.03 -43.15
C LYS C 252 48.96 -13.31 -42.01
N ASN C 253 47.68 -13.47 -42.36
CA ASN C 253 46.62 -13.70 -41.40
C ASN C 253 46.77 -15.07 -40.72
N ILE C 254 46.17 -15.18 -39.53
CA ILE C 254 46.23 -16.39 -38.72
C ILE C 254 44.82 -16.95 -38.63
N LEU C 255 44.55 -17.98 -39.41
CA LEU C 255 43.24 -18.62 -39.44
C LEU C 255 43.08 -19.56 -38.23
N VAL C 256 42.05 -19.31 -37.43
CA VAL C 256 41.75 -20.10 -36.23
C VAL C 256 40.53 -20.95 -36.51
N GLN C 257 40.55 -22.20 -36.05
CA GLN C 257 39.41 -23.09 -36.18
C GLN C 257 38.97 -23.57 -34.79
N PHE C 258 37.67 -23.47 -34.53
CA PHE C 258 37.09 -23.79 -33.23
C PHE C 258 36.71 -25.26 -33.14
N ASN C 259 36.62 -25.72 -31.88
CA ASN C 259 36.14 -27.06 -31.56
C ASN C 259 34.67 -27.03 -31.18
N THR C 260 34.30 -26.12 -30.30
CA THR C 260 32.92 -25.91 -29.91
C THR C 260 32.37 -24.64 -30.55
N PRO C 261 31.25 -24.73 -31.27
CA PRO C 261 30.70 -23.56 -31.95
C PRO C 261 30.18 -22.54 -30.95
N VAL C 262 30.36 -21.27 -31.26
CA VAL C 262 29.86 -20.18 -30.42
C VAL C 262 28.55 -19.68 -30.99
N GLN C 263 27.47 -19.89 -30.23
CA GLN C 263 26.13 -19.50 -30.64
C GLN C 263 26.07 -17.98 -30.77
N ILE C 264 25.71 -17.50 -31.96
CA ILE C 264 25.58 -16.08 -32.22
C ILE C 264 24.16 -15.82 -32.71
N ASN C 265 23.54 -14.79 -32.16
CA ASN C 265 22.16 -14.44 -32.47
C ASN C 265 22.13 -13.01 -33.00
N CYS C 266 21.62 -12.83 -34.22
CA CYS C 266 21.51 -11.52 -34.87
C CYS C 266 20.08 -11.21 -35.31
N THR C 267 19.65 -9.98 -35.06
CA THR C 267 18.31 -9.53 -35.42
C THR C 267 18.34 -8.15 -36.05
N ARG C 268 17.24 -7.83 -36.74
CA ARG C 268 17.02 -6.54 -37.38
C ARG C 268 15.70 -5.99 -36.84
N PRO C 269 15.74 -5.32 -35.68
CA PRO C 269 14.51 -4.84 -35.03
C PRO C 269 13.85 -3.66 -35.75
N ASN C 270 13.42 -3.86 -37.00
CA ASN C 270 12.76 -2.79 -37.74
C ASN C 270 11.81 -3.42 -38.75
N ASN C 271 10.50 -3.36 -38.50
CA ASN C 271 9.53 -3.92 -39.45
C ASN C 271 9.47 -3.03 -40.69
N ASN C 272 10.38 -3.26 -41.64
CA ASN C 272 10.42 -2.42 -42.83
C ASN C 272 9.30 -2.78 -43.80
N THR C 273 8.97 -1.83 -44.67
CA THR C 273 7.96 -2.01 -45.72
C THR C 273 8.63 -1.72 -47.05
N ARG C 274 8.36 -2.55 -48.05
CA ARG C 274 8.94 -2.40 -49.38
C ARG C 274 7.96 -1.66 -50.30
N LYS C 275 8.28 -0.39 -50.59
CA LYS C 275 7.55 0.44 -51.54
C LYS C 275 8.10 0.15 -52.93
N SER C 276 7.22 -0.26 -53.85
CA SER C 276 7.58 -0.63 -55.23
C SER C 276 7.22 0.42 -56.28
N ILE C 277 8.02 1.50 -56.34
CA ILE C 277 7.82 2.53 -57.35
C ILE C 277 8.21 1.99 -58.72
N ARG C 278 7.48 2.42 -59.76
CA ARG C 278 7.65 1.86 -61.11
C ARG C 278 8.45 2.81 -61.99
N ILE C 279 9.71 2.45 -62.28
CA ILE C 279 10.52 3.19 -63.25
C ILE C 279 10.41 2.44 -64.56
N GLY C 280 9.21 2.37 -65.11
CA GLY C 280 8.96 1.62 -66.33
C GLY C 280 9.59 2.21 -67.57
N PRO C 281 9.40 1.55 -68.72
CA PRO C 281 8.64 0.31 -68.83
C PRO C 281 9.43 -0.96 -68.52
N GLY C 282 8.88 -1.80 -67.65
CA GLY C 282 9.50 -3.06 -67.30
C GLY C 282 10.19 -3.03 -65.96
N GLN C 283 11.22 -2.20 -65.82
CA GLN C 283 11.96 -2.13 -64.57
C GLN C 283 11.09 -1.57 -63.45
N ALA C 284 11.43 -1.95 -62.22
CA ALA C 284 10.71 -1.50 -61.03
C ALA C 284 11.67 -1.50 -59.85
N PHE C 285 11.73 -0.37 -59.14
CA PHE C 285 12.61 -0.18 -58.00
C PHE C 285 11.89 -0.45 -56.69
N TYR C 286 12.56 -1.17 -55.79
CA TYR C 286 12.03 -1.53 -54.48
C TYR C 286 12.62 -0.58 -53.44
N ALA C 287 11.87 0.46 -53.10
CA ALA C 287 12.31 1.45 -52.13
C ALA C 287 11.99 0.98 -50.71
N THR C 288 12.48 1.72 -49.73
CA THR C 288 12.20 1.42 -48.34
C THR C 288 11.14 2.41 -47.83
N GLY C 289 9.98 1.90 -47.46
CA GLY C 289 8.90 2.71 -46.96
C GLY C 289 9.13 3.09 -45.50
N ASP C 290 8.05 3.48 -44.84
CA ASP C 290 8.11 3.83 -43.43
C ASP C 290 8.30 2.56 -42.58
N ILE C 291 8.84 2.77 -41.36
CA ILE C 291 9.15 1.69 -40.42
C ILE C 291 8.01 1.53 -39.41
N ILE C 292 7.50 0.30 -39.30
CA ILE C 292 6.41 -0.06 -38.38
C ILE C 292 6.98 -0.45 -37.03
N GLY C 293 6.77 0.38 -36.02
CA GLY C 293 7.19 0.10 -34.65
C GLY C 293 8.20 1.13 -34.15
N ASP C 294 9.15 0.65 -33.35
CA ASP C 294 10.15 1.51 -32.73
C ASP C 294 11.40 1.57 -33.60
N ILE C 295 12.07 2.72 -33.55
CA ILE C 295 13.32 2.92 -34.30
C ILE C 295 14.47 2.34 -33.48
N ARG C 296 14.85 1.11 -33.79
CA ARG C 296 15.94 0.40 -33.16
C ARG C 296 16.99 0.03 -34.19
N GLN C 297 18.20 -0.24 -33.71
CA GLN C 297 19.35 -0.61 -34.55
C GLN C 297 19.62 -2.10 -34.41
N ALA C 298 20.19 -2.68 -35.46
CA ALA C 298 20.52 -4.10 -35.46
C ALA C 298 21.59 -4.41 -34.43
N HIS C 299 21.55 -5.63 -33.90
CA HIS C 299 22.52 -6.05 -32.88
C HIS C 299 22.68 -7.57 -32.93
N CYS C 300 23.81 -8.06 -32.40
CA CYS C 300 24.14 -9.48 -32.31
C CYS C 300 24.52 -9.85 -30.87
N ASN C 301 23.99 -10.96 -30.34
CA ASN C 301 24.28 -11.42 -28.98
C ASN C 301 25.16 -12.67 -28.97
N VAL C 302 26.19 -12.67 -28.10
CA VAL C 302 27.08 -13.80 -27.88
C VAL C 302 27.12 -14.11 -26.38
N SER C 303 26.81 -15.35 -26.01
CA SER C 303 26.79 -15.80 -24.61
C SER C 303 28.13 -15.61 -23.92
N LYS C 304 28.12 -14.76 -22.87
CA LYS C 304 29.31 -14.39 -22.11
C LYS C 304 30.06 -15.60 -21.55
N ALA C 305 29.33 -16.62 -21.11
CA ALA C 305 29.97 -17.81 -20.55
C ALA C 305 30.75 -18.56 -21.61
N THR C 306 30.14 -18.77 -22.79
CA THR C 306 30.80 -19.52 -23.85
C THR C 306 31.99 -18.75 -24.40
N TRP C 307 31.87 -17.44 -24.56
CA TRP C 307 32.96 -16.67 -25.14
C TRP C 307 34.16 -16.59 -24.19
N ASN C 308 33.93 -16.61 -22.87
CA ASN C 308 35.03 -16.52 -21.91
C ASN C 308 35.88 -17.78 -21.91
N GLU C 309 35.25 -18.95 -22.00
CA GLU C 309 35.99 -20.21 -22.03
C GLU C 309 36.64 -20.40 -23.38
N THR C 310 35.95 -19.98 -24.46
CA THR C 310 36.48 -20.13 -25.80
C THR C 310 37.71 -19.27 -25.98
N LEU C 311 37.67 -18.02 -25.51
CA LEU C 311 38.85 -17.17 -25.62
C LEU C 311 39.99 -17.75 -24.78
N GLY C 312 39.66 -18.29 -23.62
CA GLY C 312 40.67 -18.90 -22.78
C GLY C 312 41.17 -20.21 -23.38
N LYS C 313 40.39 -20.78 -24.29
CA LYS C 313 40.76 -22.02 -24.97
C LYS C 313 41.68 -21.72 -26.15
N VAL C 314 41.58 -20.51 -26.71
CA VAL C 314 42.45 -20.15 -27.82
C VAL C 314 43.82 -19.72 -27.33
N VAL C 315 43.85 -18.90 -26.27
CA VAL C 315 45.11 -18.39 -25.73
C VAL C 315 45.98 -19.51 -25.19
N LYS C 316 45.37 -20.62 -24.74
CA LYS C 316 46.19 -21.73 -24.27
C LYS C 316 46.91 -22.41 -25.42
N GLN C 317 46.40 -22.27 -26.64
CA GLN C 317 47.04 -22.80 -27.83
C GLN C 317 48.01 -21.77 -28.42
N LEU C 318 47.78 -20.49 -28.13
CA LEU C 318 48.63 -19.42 -28.62
C LEU C 318 49.96 -19.38 -27.88
N ARG C 319 49.98 -19.84 -26.62
CA ARG C 319 51.20 -19.86 -25.84
C ARG C 319 52.12 -20.98 -26.29
N LYS C 320 51.62 -21.91 -27.09
CA LYS C 320 52.43 -23.00 -27.60
C LYS C 320 53.32 -22.55 -28.74
N HIS C 321 53.16 -21.33 -29.23
CA HIS C 321 53.94 -20.80 -30.33
C HIS C 321 54.66 -19.51 -29.99
N PHE C 322 54.21 -18.79 -28.97
CA PHE C 322 54.77 -17.50 -28.58
C PHE C 322 55.30 -17.58 -27.16
N GLY C 323 55.73 -18.77 -26.75
CA GLY C 323 56.22 -18.96 -25.39
C GLY C 323 55.17 -19.41 -24.41
N ASN C 324 55.56 -20.34 -23.53
CA ASN C 324 54.64 -20.95 -22.56
C ASN C 324 54.08 -19.96 -21.59
N ASN C 325 54.95 -19.10 -21.06
CA ASN C 325 54.61 -18.09 -20.08
C ASN C 325 54.66 -16.70 -20.71
N THR C 326 53.64 -16.37 -21.50
CA THR C 326 53.56 -15.07 -22.15
C THR C 326 52.17 -14.47 -21.96
N ILE C 327 52.10 -13.16 -22.14
CA ILE C 327 50.86 -12.39 -22.00
C ILE C 327 50.30 -12.12 -23.39
N ILE C 328 49.05 -12.51 -23.60
CA ILE C 328 48.33 -12.33 -24.85
C ILE C 328 47.21 -11.31 -24.62
N ARG C 329 47.24 -10.21 -25.38
CA ARG C 329 46.23 -9.16 -25.25
C ARG C 329 45.45 -9.09 -26.55
N PHE C 330 44.12 -8.95 -26.43
CA PHE C 330 43.23 -8.84 -27.56
C PHE C 330 42.77 -7.38 -27.69
N ALA C 331 42.86 -6.84 -28.90
CA ALA C 331 42.47 -5.47 -29.20
C ALA C 331 41.67 -5.41 -30.50
N ASN C 332 40.87 -4.36 -30.64
CA ASN C 332 40.03 -4.20 -31.82
C ASN C 332 40.90 -3.87 -33.04
N SER C 333 40.25 -3.75 -34.20
CA SER C 333 40.92 -3.53 -35.48
C SER C 333 41.70 -2.21 -35.52
N SER C 334 42.70 -2.17 -36.41
CA SER C 334 43.52 -0.96 -36.53
C SER C 334 42.80 0.13 -37.31
N GLY C 335 42.13 -0.21 -38.42
CA GLY C 335 41.41 0.80 -39.20
C GLY C 335 41.38 0.65 -40.72
N GLY C 336 40.60 1.51 -41.37
CA GLY C 336 40.45 1.57 -42.82
C GLY C 336 39.00 1.57 -43.27
N ASP C 337 38.69 0.80 -44.31
CA ASP C 337 37.33 0.70 -44.83
C ASP C 337 36.46 -0.07 -43.85
N LEU C 338 35.15 0.05 -44.04
CA LEU C 338 34.17 -0.59 -43.16
C LEU C 338 34.11 -2.11 -43.29
N GLU C 339 34.47 -2.67 -44.44
CA GLU C 339 34.39 -4.13 -44.58
C GLU C 339 35.50 -4.86 -43.82
N VAL C 340 36.53 -4.17 -43.37
CA VAL C 340 37.66 -4.79 -42.66
C VAL C 340 37.55 -4.58 -41.16
N THR C 341 37.04 -3.42 -40.72
CA THR C 341 36.96 -3.08 -39.31
C THR C 341 35.74 -3.68 -38.60
N THR C 342 34.74 -4.15 -39.34
CA THR C 342 33.52 -4.69 -38.74
C THR C 342 33.27 -6.11 -39.23
N HIS C 343 32.43 -6.84 -38.48
CA HIS C 343 32.04 -8.19 -38.86
C HIS C 343 30.97 -8.09 -39.93
N SER C 344 31.40 -8.10 -41.19
CA SER C 344 30.51 -7.99 -42.33
C SER C 344 29.91 -9.36 -42.65
N PHE C 345 28.58 -9.40 -42.83
CA PHE C 345 27.92 -10.64 -43.20
C PHE C 345 26.54 -10.34 -43.76
N ASN C 346 25.88 -11.39 -44.22
CA ASN C 346 24.54 -11.33 -44.81
C ASN C 346 23.61 -12.20 -43.99
N CYS C 347 22.44 -11.65 -43.69
CA CYS C 347 21.40 -12.35 -42.94
C CYS C 347 20.01 -11.87 -43.33
N GLY C 348 19.30 -12.74 -44.05
CA GLY C 348 17.95 -12.47 -44.48
C GLY C 348 17.90 -11.59 -45.71
N GLY C 349 19.04 -11.39 -46.37
CA GLY C 349 19.16 -10.57 -47.55
C GLY C 349 19.84 -9.25 -47.28
N GLU C 350 19.79 -8.79 -46.02
CA GLU C 350 20.42 -7.56 -45.60
C GLU C 350 21.90 -7.79 -45.30
N PHE C 351 22.69 -6.73 -45.39
CA PHE C 351 24.12 -6.81 -45.11
C PHE C 351 24.47 -6.06 -43.83
N PHE C 352 24.69 -6.83 -42.76
CA PHE C 352 25.00 -6.25 -41.46
C PHE C 352 26.48 -5.88 -41.39
N TYR C 353 26.80 -4.93 -40.52
CA TYR C 353 28.20 -4.53 -40.28
C TYR C 353 28.31 -4.25 -38.78
N CYS C 354 28.77 -5.24 -38.01
CA CYS C 354 28.73 -5.17 -36.55
C CYS C 354 30.06 -4.75 -35.94
N ASN C 355 29.93 -4.01 -34.84
CA ASN C 355 31.05 -3.51 -34.06
C ASN C 355 31.59 -4.63 -33.16
N THR C 356 32.82 -5.05 -33.41
CA THR C 356 33.44 -6.15 -32.65
C THR C 356 34.44 -5.63 -31.63
N SER C 357 34.06 -4.59 -30.90
CA SER C 357 34.89 -4.03 -29.84
C SER C 357 34.60 -4.66 -28.49
N GLY C 358 33.53 -5.46 -28.40
CA GLY C 358 33.13 -6.10 -27.16
C GLY C 358 33.62 -7.54 -27.13
N LEU C 359 34.19 -7.99 -28.25
CA LEU C 359 34.72 -9.33 -28.37
C LEU C 359 36.24 -9.39 -28.27
N PHE C 360 36.94 -8.34 -28.71
CA PHE C 360 38.39 -8.32 -28.70
C PHE C 360 38.94 -7.30 -27.71
N ASN C 361 38.39 -7.30 -26.50
CA ASN C 361 38.80 -6.45 -25.39
C ASN C 361 39.26 -7.30 -24.20
N SER C 362 40.44 -7.92 -24.28
CA SER C 362 40.86 -8.80 -23.19
C SER C 362 42.37 -8.74 -23.02
N THR C 363 42.83 -9.34 -21.90
CA THR C 363 44.25 -9.45 -21.58
C THR C 363 44.46 -10.70 -20.73
N TRP C 364 45.07 -11.73 -21.31
CA TRP C 364 45.27 -13.00 -20.63
C TRP C 364 46.69 -13.14 -20.11
N ILE C 365 46.82 -13.43 -18.82
CA ILE C 365 48.14 -13.64 -18.20
C ILE C 365 48.43 -15.13 -18.41
N SER C 366 49.64 -15.58 -18.07
CA SER C 366 50.00 -16.98 -18.26
C SER C 366 49.07 -17.92 -17.53
N ASN C 367 48.50 -17.48 -16.41
CA ASN C 367 47.58 -18.30 -15.64
C ASN C 367 46.67 -17.44 -14.77
N ASN C 379 25.93 -13.97 -15.74
CA ASN C 379 25.36 -14.91 -16.69
C ASN C 379 24.46 -14.21 -17.70
N ASP C 380 25.02 -13.71 -18.80
CA ASP C 380 24.18 -13.05 -19.80
C ASP C 380 24.77 -13.10 -21.22
N SER C 381 24.56 -12.03 -22.01
CA SER C 381 25.04 -11.97 -23.40
C SER C 381 25.72 -10.64 -23.73
N ILE C 382 26.75 -10.68 -24.59
CA ILE C 382 27.47 -9.49 -25.04
C ILE C 382 26.84 -8.95 -26.33
N THR C 383 26.10 -7.86 -26.24
CA THR C 383 25.44 -7.24 -27.39
C THR C 383 26.43 -6.39 -28.18
N LEU C 384 26.35 -6.46 -29.51
CA LEU C 384 27.26 -5.72 -30.40
C LEU C 384 26.50 -4.81 -31.36
N PRO C 385 26.90 -3.53 -31.45
CA PRO C 385 26.26 -2.56 -32.35
C PRO C 385 26.40 -2.90 -33.83
N CYS C 386 25.26 -3.08 -34.51
CA CYS C 386 25.25 -3.47 -35.92
C CYS C 386 24.58 -2.39 -36.77
N ARG C 387 25.27 -2.00 -37.85
CA ARG C 387 24.86 -1.06 -38.89
C ARG C 387 24.39 -1.86 -40.10
N ILE C 388 23.60 -1.22 -40.97
CA ILE C 388 23.08 -1.89 -42.16
C ILE C 388 23.33 -1.06 -43.40
N LYS C 389 23.94 -1.69 -44.42
CA LYS C 389 24.21 -1.02 -45.68
C LYS C 389 23.53 -1.78 -46.81
N GLN C 390 22.93 -1.05 -47.75
CA GLN C 390 22.23 -1.64 -48.89
C GLN C 390 23.06 -1.67 -50.16
N ILE C 391 23.80 -0.59 -50.44
CA ILE C 391 24.67 -0.48 -51.62
C ILE C 391 26.06 -1.00 -51.28
N ILE C 392 26.43 -2.17 -51.81
CA ILE C 392 27.69 -2.81 -51.47
C ILE C 392 28.59 -2.99 -52.68
N ASN C 393 29.88 -3.21 -52.40
CA ASN C 393 30.94 -3.47 -53.40
C ASN C 393 31.94 -4.48 -52.87
N MET C 394 31.49 -5.70 -52.60
CA MET C 394 32.35 -6.72 -52.00
C MET C 394 33.39 -7.22 -53.00
N TRP C 395 34.37 -7.97 -52.47
CA TRP C 395 35.47 -8.55 -53.23
C TRP C 395 36.37 -7.52 -53.92
N GLN C 396 36.46 -6.30 -53.37
CA GLN C 396 37.30 -5.27 -53.96
C GLN C 396 36.94 -5.05 -55.43
N ARG C 397 35.65 -5.07 -55.73
CA ARG C 397 35.19 -4.93 -57.10
C ARG C 397 34.78 -3.49 -57.34
N ILE C 398 35.27 -2.90 -58.43
CA ILE C 398 34.91 -1.55 -58.82
C ILE C 398 34.21 -1.65 -60.17
N GLY C 399 33.06 -0.98 -60.30
CA GLY C 399 32.28 -0.99 -61.52
C GLY C 399 30.90 -1.60 -61.36
N GLN C 400 30.75 -2.55 -60.45
CA GLN C 400 29.50 -3.26 -60.20
C GLN C 400 29.07 -3.06 -58.76
N ALA C 401 28.11 -2.17 -58.53
CA ALA C 401 27.58 -1.89 -57.20
C ALA C 401 26.17 -2.47 -57.14
N MET C 402 25.92 -3.29 -56.12
CA MET C 402 24.63 -3.96 -55.95
C MET C 402 23.81 -3.33 -54.84
N TYR C 403 22.56 -2.99 -55.16
CA TYR C 403 21.60 -2.48 -54.19
C TYR C 403 20.76 -3.64 -53.68
N ALA C 404 21.01 -4.04 -52.44
CA ALA C 404 20.26 -5.12 -51.84
C ALA C 404 18.86 -4.59 -51.57
N PRO C 405 17.82 -5.20 -52.13
CA PRO C 405 16.47 -4.70 -51.88
C PRO C 405 16.07 -4.86 -50.43
N PRO C 406 15.30 -3.91 -49.90
CA PRO C 406 14.86 -3.99 -48.49
C PRO C 406 14.07 -5.26 -48.23
N ILE C 407 14.13 -5.73 -46.99
CA ILE C 407 13.43 -6.94 -46.57
C ILE C 407 12.36 -6.60 -45.55
N GLN C 408 11.13 -7.05 -45.80
CA GLN C 408 10.00 -6.78 -44.92
C GLN C 408 10.10 -7.59 -43.63
N GLY C 409 9.72 -6.97 -42.52
CA GLY C 409 9.67 -7.63 -41.23
C GLY C 409 11.01 -7.72 -40.54
N VAL C 410 10.93 -8.03 -39.25
CA VAL C 410 12.13 -8.18 -38.44
C VAL C 410 12.84 -9.47 -38.85
N ILE C 411 14.14 -9.37 -39.12
CA ILE C 411 14.94 -10.51 -39.56
C ILE C 411 15.69 -11.08 -38.37
N ARG C 412 15.59 -12.40 -38.18
CA ARG C 412 16.31 -13.10 -37.12
C ARG C 412 17.07 -14.27 -37.72
N CYS C 413 18.30 -14.45 -37.25
CA CYS C 413 19.21 -15.52 -37.64
C CYS C 413 20.13 -15.96 -36.52
N VAL C 414 20.33 -17.27 -36.46
CA VAL C 414 21.21 -17.92 -35.50
C VAL C 414 22.29 -18.63 -36.30
N SER C 415 23.54 -18.26 -36.06
CA SER C 415 24.66 -18.80 -36.82
C SER C 415 25.65 -19.45 -35.86
N ASN C 416 26.66 -20.09 -36.43
CA ASN C 416 27.70 -20.75 -35.67
C ASN C 416 28.99 -19.98 -35.85
N ILE C 417 29.58 -19.50 -34.76
CA ILE C 417 30.91 -18.89 -34.82
C ILE C 417 31.94 -20.02 -34.79
N THR C 418 32.53 -20.35 -35.94
CA THR C 418 33.41 -21.51 -36.07
C THR C 418 34.88 -21.15 -36.34
N GLY C 419 35.27 -19.87 -36.28
CA GLY C 419 36.65 -19.53 -36.52
C GLY C 419 36.93 -18.05 -36.60
N LEU C 420 38.21 -17.67 -36.50
CA LEU C 420 38.63 -16.27 -36.55
C LEU C 420 39.74 -16.05 -37.57
N ILE C 421 39.89 -14.79 -38.00
CA ILE C 421 40.99 -14.35 -38.86
C ILE C 421 41.75 -13.25 -38.12
N LEU C 422 42.86 -13.59 -37.49
CA LEU C 422 43.62 -12.68 -36.64
C LEU C 422 44.91 -12.19 -37.31
N THR C 423 45.34 -10.99 -36.89
CA THR C 423 46.58 -10.37 -37.31
C THR C 423 47.36 -9.90 -36.09
N ARG C 424 48.68 -9.97 -36.17
CA ARG C 424 49.58 -9.62 -35.08
C ARG C 424 50.29 -8.30 -35.38
N ASP C 425 50.50 -7.51 -34.34
CA ASP C 425 51.15 -6.21 -34.53
C ASP C 425 52.66 -6.39 -34.68
N GLY C 426 53.31 -5.34 -35.16
CA GLY C 426 54.73 -5.35 -35.36
C GLY C 426 55.49 -4.63 -34.27
N GLY C 427 54.78 -3.90 -33.41
CA GLY C 427 55.43 -3.21 -32.32
C GLY C 427 56.09 -4.21 -31.39
N SER C 428 57.41 -4.25 -31.42
CA SER C 428 58.12 -5.26 -30.68
C SER C 428 59.58 -4.89 -30.36
N THR C 429 60.09 -5.15 -29.15
CA THR C 429 59.46 -5.70 -27.93
C THR C 429 58.65 -6.99 -28.20
N ASN C 430 59.34 -7.98 -28.77
CA ASN C 430 58.68 -9.20 -29.22
C ASN C 430 58.67 -10.27 -28.15
N SER C 431 59.76 -10.43 -27.43
CA SER C 431 59.86 -11.49 -26.42
C SER C 431 59.08 -11.17 -25.15
N THR C 432 58.34 -10.07 -25.11
CA THR C 432 57.57 -9.70 -23.92
C THR C 432 56.10 -10.05 -24.15
N THR C 433 55.33 -9.15 -24.75
CA THR C 433 53.92 -9.39 -24.98
C THR C 433 53.61 -9.29 -26.46
N GLU C 434 52.48 -9.89 -26.86
CA GLU C 434 52.02 -9.89 -28.24
C GLU C 434 50.56 -9.48 -28.28
N THR C 435 50.21 -8.65 -29.27
CA THR C 435 48.86 -8.14 -29.45
C THR C 435 48.23 -8.69 -30.72
N PHE C 436 46.99 -9.15 -30.61
CA PHE C 436 46.24 -9.72 -31.72
C PHE C 436 44.99 -8.90 -32.02
N ARG C 437 44.75 -8.63 -33.30
CA ARG C 437 43.62 -7.85 -33.77
C ARG C 437 42.87 -8.56 -34.89
N PRO C 438 41.58 -8.30 -35.04
CA PRO C 438 40.82 -8.94 -36.13
C PRO C 438 41.20 -8.38 -37.49
N GLY C 439 41.30 -9.26 -38.48
CA GLY C 439 41.64 -8.83 -39.82
C GLY C 439 40.73 -9.45 -40.87
N GLY C 440 41.17 -9.48 -42.12
CA GLY C 440 40.35 -10.06 -43.16
C GLY C 440 40.67 -9.51 -44.53
N GLY C 441 39.68 -8.87 -45.15
CA GLY C 441 39.87 -8.30 -46.47
C GLY C 441 39.82 -9.34 -47.57
N ASP C 442 40.90 -10.09 -47.71
CA ASP C 442 40.98 -11.14 -48.72
C ASP C 442 40.03 -12.29 -48.40
N MET C 443 39.01 -12.46 -49.25
CA MET C 443 38.01 -13.50 -49.03
C MET C 443 38.59 -14.86 -49.37
N ARG C 444 39.80 -14.88 -49.94
CA ARG C 444 40.46 -16.13 -50.29
C ARG C 444 40.81 -16.90 -49.03
N ASP C 445 41.00 -16.19 -47.92
CA ASP C 445 41.27 -16.85 -46.65
C ASP C 445 40.06 -17.64 -46.18
N ASN C 446 38.85 -17.12 -46.50
CA ASN C 446 37.60 -17.76 -46.09
C ASN C 446 37.43 -19.14 -46.69
N TRP C 447 37.98 -19.37 -47.87
CA TRP C 447 37.86 -20.66 -48.52
C TRP C 447 38.91 -21.63 -47.99
N ARG C 448 40.03 -21.08 -47.51
CA ARG C 448 41.14 -21.85 -47.00
C ARG C 448 40.78 -22.56 -45.69
N SER C 449 39.75 -22.09 -45.00
CA SER C 449 39.30 -22.68 -43.74
C SER C 449 38.50 -23.95 -43.94
N GLU C 450 38.16 -24.28 -45.18
CA GLU C 450 37.39 -25.46 -45.51
C GLU C 450 38.09 -26.36 -46.51
N LEU C 451 39.03 -25.81 -47.28
CA LEU C 451 39.78 -26.53 -48.29
C LEU C 451 41.17 -26.91 -47.79
N TYR C 452 41.36 -26.88 -46.47
CA TYR C 452 42.66 -27.19 -45.88
C TYR C 452 42.96 -28.68 -45.92
N LYS C 453 41.92 -29.51 -46.06
CA LYS C 453 42.08 -30.96 -46.08
C LYS C 453 41.94 -31.53 -47.48
N TYR C 454 42.02 -30.71 -48.52
CA TYR C 454 41.87 -31.22 -49.88
C TYR C 454 42.97 -30.70 -50.81
N LYS C 455 43.33 -31.54 -51.79
CA LYS C 455 44.26 -31.17 -52.83
C LYS C 455 44.01 -32.06 -54.04
N VAL C 456 44.31 -31.51 -55.22
CA VAL C 456 44.05 -32.13 -56.52
C VAL C 456 45.30 -32.82 -57.03
N VAL C 457 45.15 -34.08 -57.46
CA VAL C 457 46.25 -34.83 -58.06
C VAL C 457 45.77 -35.43 -59.37
N LYS C 458 46.70 -35.66 -60.29
CA LYS C 458 46.41 -36.28 -61.58
C LYS C 458 47.01 -37.68 -61.58
N ILE C 459 46.28 -38.62 -62.19
CA ILE C 459 46.67 -40.01 -62.26
C ILE C 459 47.50 -40.28 -63.51
N GLU C 460 48.67 -40.89 -63.35
CA GLU C 460 49.53 -41.28 -64.45
C GLU C 460 49.58 -42.81 -64.37
N PRO C 461 48.60 -43.47 -64.98
CA PRO C 461 48.44 -44.93 -64.84
C PRO C 461 49.51 -45.72 -65.56
N LEU C 462 50.38 -45.06 -66.32
CA LEU C 462 51.43 -45.71 -67.07
C LEU C 462 52.70 -45.84 -66.23
N GLY C 463 53.02 -47.08 -65.84
CA GLY C 463 54.20 -47.38 -65.08
C GLY C 463 54.85 -48.61 -65.67
N VAL C 464 56.15 -48.50 -65.95
CA VAL C 464 56.94 -49.58 -66.54
C VAL C 464 57.69 -50.30 -65.44
N ALA C 465 57.85 -51.62 -65.57
CA ALA C 465 58.56 -52.34 -64.54
C ALA C 465 59.24 -53.58 -65.10
N PRO C 466 60.42 -53.91 -64.60
CA PRO C 466 61.16 -55.08 -65.11
C PRO C 466 60.73 -56.40 -64.48
N THR C 467 60.76 -57.45 -65.28
CA THR C 467 60.50 -58.80 -64.81
C THR C 467 61.04 -59.76 -65.84
N ARG C 468 61.25 -61.00 -65.41
CA ARG C 468 61.82 -62.07 -66.20
C ARG C 468 60.79 -62.69 -67.15
N CYS C 469 60.11 -61.82 -67.91
CA CYS C 469 59.08 -62.16 -68.89
C CYS C 469 59.41 -61.63 -70.27
N LYS C 470 59.39 -62.52 -71.27
CA LYS C 470 59.64 -62.12 -72.64
C LYS C 470 58.48 -62.60 -73.50
N ARG C 471 58.16 -61.86 -74.56
CA ARG C 471 57.04 -62.23 -75.42
C ARG C 471 57.45 -63.33 -76.39
N ARG C 472 56.67 -63.53 -77.46
CA ARG C 472 56.95 -64.60 -78.41
C ARG C 472 57.76 -64.07 -79.59
N VAL C 473 57.77 -64.83 -80.68
CA VAL C 473 58.52 -64.50 -81.87
C VAL C 473 57.53 -64.35 -83.02
N ALA D 1 -15.55 18.38 -32.04
CA ALA D 1 -14.49 18.12 -31.07
C ALA D 1 -14.93 17.20 -29.90
N PRO D 2 -16.05 17.46 -29.25
CA PRO D 2 -16.47 16.60 -28.13
C PRO D 2 -17.10 15.30 -28.62
N THR D 3 -16.92 14.24 -27.84
CA THR D 3 -17.49 12.94 -28.17
C THR D 3 -18.28 12.40 -26.98
N PHE D 4 -19.24 11.52 -27.27
CA PHE D 4 -20.11 10.94 -26.25
C PHE D 4 -20.29 9.45 -26.44
N VAL D 5 -20.36 8.73 -25.31
CA VAL D 5 -20.61 7.28 -25.28
C VAL D 5 -21.63 6.99 -24.17
N SER D 6 -22.82 6.53 -24.55
CA SER D 6 -23.89 6.21 -23.60
C SER D 6 -23.94 4.71 -23.40
N VAL D 7 -23.82 4.26 -22.15
CA VAL D 7 -23.81 2.84 -21.79
C VAL D 7 -24.78 2.59 -20.63
N ALA D 8 -25.61 1.55 -20.77
CA ALA D 8 -26.56 1.16 -19.75
C ALA D 8 -25.85 0.75 -18.45
N PRO D 9 -26.45 1.02 -17.30
CA PRO D 9 -25.84 0.66 -16.01
C PRO D 9 -25.55 -0.84 -15.90
N GLY D 10 -24.35 -1.15 -15.42
CA GLY D 10 -23.96 -2.53 -15.24
C GLY D 10 -23.27 -3.14 -16.43
N GLN D 11 -23.29 -2.45 -17.57
CA GLN D 11 -22.69 -2.92 -18.81
C GLN D 11 -21.21 -2.55 -18.88
N THR D 12 -20.69 -2.39 -20.08
CA THR D 12 -19.29 -2.08 -20.33
C THR D 12 -19.15 -0.82 -21.18
N ALA D 13 -18.33 0.12 -20.73
CA ALA D 13 -18.08 1.37 -21.42
C ALA D 13 -16.73 1.29 -22.11
N ARG D 14 -16.63 1.91 -23.29
CA ARG D 14 -15.41 1.92 -24.08
C ARG D 14 -15.09 3.35 -24.50
N ILE D 15 -13.85 3.76 -24.30
CA ILE D 15 -13.43 5.15 -24.55
C ILE D 15 -12.24 5.18 -25.49
N THR D 16 -12.34 5.97 -26.56
CA THR D 16 -11.25 6.13 -27.52
C THR D 16 -10.73 7.55 -27.35
N CYS D 17 -9.42 7.68 -27.21
CA CYS D 17 -8.84 9.01 -27.05
C CYS D 17 -7.49 9.05 -27.73
N GLY D 18 -7.11 10.23 -28.20
CA GLY D 18 -5.82 10.38 -28.82
C GLY D 18 -5.77 9.77 -30.21
N GLU D 19 -4.69 10.05 -30.93
CA GLU D 19 -4.51 9.50 -32.27
C GLU D 19 -4.14 8.02 -32.18
N GLU D 20 -3.90 7.39 -33.33
CA GLU D 20 -3.48 6.00 -33.35
C GLU D 20 -2.03 5.86 -32.93
N SER D 21 -1.73 4.75 -32.26
CA SER D 21 -0.39 4.46 -31.77
C SER D 21 0.60 4.28 -32.91
N LEU D 22 1.78 4.88 -32.74
CA LEU D 22 2.87 4.81 -33.70
C LEU D 22 4.03 3.97 -33.19
N GLY D 23 4.20 3.91 -31.87
CA GLY D 23 5.22 3.09 -31.24
C GLY D 23 4.70 2.55 -29.93
N SER D 24 5.59 2.08 -29.08
CA SER D 24 5.19 1.59 -27.76
C SER D 24 4.71 2.78 -26.93
N ARG D 25 3.50 2.67 -26.40
CA ARG D 25 2.91 3.78 -25.67
C ARG D 25 2.88 3.50 -24.17
N SER D 26 2.61 4.57 -23.42
CA SER D 26 2.40 4.51 -21.99
C SER D 26 1.24 5.46 -21.73
N VAL D 27 0.05 5.03 -22.15
CA VAL D 27 -1.12 5.90 -22.07
C VAL D 27 -1.53 6.06 -20.61
N ILE D 28 -1.63 7.30 -20.16
CA ILE D 28 -2.10 7.62 -18.82
C ILE D 28 -3.49 8.24 -18.95
N TRP D 29 -4.45 7.64 -18.27
CA TRP D 29 -5.83 8.09 -18.32
C TRP D 29 -6.16 8.91 -17.08
N TYR D 30 -7.08 9.86 -17.25
CA TYR D 30 -7.53 10.71 -16.16
C TYR D 30 -9.04 10.87 -16.30
N GLN D 31 -9.71 11.02 -15.16
CA GLN D 31 -11.15 11.23 -15.10
C GLN D 31 -11.49 12.54 -14.43
N GLN D 32 -12.38 13.32 -15.04
CA GLN D 32 -12.75 14.60 -14.46
C GLN D 32 -14.27 14.62 -14.26
N ARG D 33 -14.69 14.37 -13.04
CA ARG D 33 -16.10 14.49 -12.70
C ARG D 33 -16.47 15.97 -12.74
N PRO D 34 -17.66 16.32 -13.21
CA PRO D 34 -18.03 17.74 -13.31
C PRO D 34 -17.89 18.55 -12.02
N GLY D 35 -17.08 19.61 -12.13
CA GLY D 35 -16.79 20.52 -11.03
C GLY D 35 -15.64 20.15 -10.12
N GLN D 36 -14.82 19.15 -10.48
CA GLN D 36 -13.72 18.72 -9.63
C GLN D 36 -12.39 18.73 -10.38
N ALA D 37 -11.32 18.16 -9.74
CA ALA D 37 -9.98 18.12 -10.32
C ALA D 37 -9.70 16.75 -10.93
N PRO D 38 -8.91 16.72 -12.01
CA PRO D 38 -8.56 15.43 -12.64
C PRO D 38 -7.89 14.46 -11.68
N SER D 39 -8.36 13.21 -11.69
CA SER D 39 -7.82 12.17 -10.83
C SER D 39 -7.22 11.03 -11.65
N LEU D 40 -6.16 10.42 -11.13
CA LEU D 40 -5.49 9.31 -11.81
C LEU D 40 -6.28 8.01 -11.70
N ILE D 41 -6.49 7.35 -12.83
CA ILE D 41 -7.18 6.05 -12.90
C ILE D 41 -6.23 4.97 -13.35
N ILE D 42 -5.63 5.13 -14.51
CA ILE D 42 -4.72 4.14 -15.06
C ILE D 42 -3.51 4.84 -15.64
N TYR D 43 -2.34 4.54 -15.10
CA TYR D 43 -1.08 5.02 -15.62
C TYR D 43 -0.36 3.84 -16.26
N ASN D 44 0.55 4.12 -17.18
CA ASN D 44 1.26 3.07 -17.91
C ASN D 44 0.30 2.08 -18.57
N ASN D 45 -0.52 2.60 -19.47
CA ASN D 45 -1.46 1.80 -20.26
C ASN D 45 -2.54 1.06 -19.46
N ASN D 46 -2.15 0.21 -18.51
CA ASN D 46 -3.14 -0.57 -17.78
C ASN D 46 -2.70 -0.79 -16.34
N ASP D 47 -2.05 0.20 -15.75
CA ASP D 47 -1.63 0.14 -14.34
C ASP D 47 -2.36 1.19 -13.53
N ARG D 48 -3.13 0.78 -12.66
CA ARG D 48 -3.96 1.54 -11.75
C ARG D 48 -3.32 1.65 -10.36
N PRO D 49 -3.37 2.87 -9.80
CA PRO D 49 -2.86 3.12 -8.46
C PRO D 49 -3.77 2.60 -7.36
N SER D 50 -3.43 2.92 -6.12
CA SER D 50 -4.23 2.46 -5.00
C SER D 50 -5.54 3.26 -4.98
N GLY D 51 -6.66 2.56 -4.85
CA GLY D 51 -7.94 3.24 -4.84
C GLY D 51 -8.76 3.02 -6.10
N ILE D 52 -8.19 2.48 -7.16
CA ILE D 52 -8.89 2.30 -8.43
C ILE D 52 -9.36 0.84 -8.56
N PRO D 53 -10.67 0.62 -8.77
CA PRO D 53 -11.24 -0.72 -8.93
C PRO D 53 -10.77 -1.44 -10.19
N ASP D 54 -11.05 -2.75 -10.24
CA ASP D 54 -10.61 -3.52 -11.40
C ASP D 54 -11.53 -3.34 -12.59
N ARG D 55 -12.54 -2.47 -12.45
CA ARG D 55 -13.47 -2.14 -13.54
C ARG D 55 -12.81 -1.32 -14.63
N PHE D 56 -11.78 -0.56 -14.26
CA PHE D 56 -11.06 0.30 -15.19
C PHE D 56 -9.84 -0.41 -15.76
N SER D 57 -9.86 -0.63 -17.08
CA SER D 57 -8.76 -1.27 -17.78
C SER D 57 -8.43 -0.40 -18.99
N GLY D 58 -7.16 -0.42 -19.36
CA GLY D 58 -6.71 0.37 -20.49
C GLY D 58 -6.04 -0.46 -21.55
N SER D 59 -6.06 0.01 -22.79
CA SER D 59 -5.42 -0.74 -23.85
C SER D 59 -3.90 -0.80 -23.64
N PRO D 60 -3.29 -1.96 -23.84
CA PRO D 60 -1.84 -2.09 -23.66
C PRO D 60 -1.09 -1.23 -24.65
N GLY D 61 0.02 -0.64 -24.20
CA GLY D 61 0.80 0.19 -25.07
C GLY D 61 1.79 -0.64 -25.86
N SER D 62 1.36 -1.82 -26.30
CA SER D 62 2.19 -2.71 -27.09
C SER D 62 1.61 -2.99 -28.45
N THR D 63 0.38 -2.52 -28.72
CA THR D 63 -0.27 -2.69 -30.02
C THR D 63 0.05 -1.47 -30.89
N PHE D 64 0.65 -1.72 -32.05
CA PHE D 64 1.07 -0.65 -32.94
C PHE D 64 0.01 -0.46 -34.01
N GLY D 65 -0.57 0.74 -34.06
CA GLY D 65 -1.58 1.07 -35.03
C GLY D 65 -2.99 1.17 -34.49
N THR D 66 -3.15 1.29 -33.18
CA THR D 66 -4.46 1.38 -32.53
C THR D 66 -4.51 2.60 -31.64
N THR D 67 -5.72 3.04 -31.33
CA THR D 67 -5.93 4.20 -30.48
C THR D 67 -6.01 3.75 -29.02
N ALA D 68 -5.75 4.70 -28.12
CA ALA D 68 -5.84 4.40 -26.69
C ALA D 68 -7.30 4.13 -26.33
N THR D 69 -7.54 2.99 -25.70
CA THR D 69 -8.90 2.57 -25.35
C THR D 69 -9.00 2.30 -23.85
N LEU D 70 -10.00 2.91 -23.23
CA LEU D 70 -10.30 2.76 -21.80
C LEU D 70 -11.59 1.95 -21.64
N THR D 71 -11.47 0.75 -21.07
CA THR D 71 -12.60 -0.14 -20.89
C THR D 71 -13.10 -0.01 -19.46
N ILE D 72 -14.40 0.23 -19.29
CA ILE D 72 -15.00 0.37 -17.97
C ILE D 72 -16.09 -0.67 -17.82
N THR D 73 -15.77 -1.76 -17.12
CA THR D 73 -16.73 -2.82 -16.87
C THR D 73 -17.59 -2.45 -15.67
N SER D 74 -18.81 -2.98 -15.62
CA SER D 74 -19.76 -2.69 -14.53
C SER D 74 -19.97 -1.19 -14.37
N VAL D 75 -20.54 -0.60 -15.42
CA VAL D 75 -20.78 0.83 -15.47
C VAL D 75 -21.79 1.24 -14.42
N GLU D 76 -21.44 2.25 -13.61
CA GLU D 76 -22.32 2.74 -12.57
C GLU D 76 -22.65 4.21 -12.78
N ALA D 77 -23.66 4.68 -12.05
CA ALA D 77 -24.09 6.06 -12.17
C ALA D 77 -22.98 7.00 -11.73
N GLY D 78 -22.10 6.51 -10.86
CA GLY D 78 -20.97 7.25 -10.35
C GLY D 78 -19.90 7.48 -11.40
N ASP D 79 -19.92 6.69 -12.46
CA ASP D 79 -18.99 6.72 -13.59
C ASP D 79 -19.30 7.80 -14.62
N GLU D 80 -20.37 8.58 -14.41
CA GLU D 80 -20.79 9.64 -15.33
C GLU D 80 -19.80 10.80 -15.29
N ALA D 81 -18.85 10.82 -16.23
CA ALA D 81 -17.85 11.89 -16.26
C ALA D 81 -17.15 11.94 -17.61
N ASP D 82 -16.16 12.84 -17.67
CA ASP D 82 -15.28 13.05 -18.80
C ASP D 82 -13.99 12.27 -18.57
N TYR D 83 -13.40 11.75 -19.65
CA TYR D 83 -12.17 10.96 -19.58
C TYR D 83 -11.14 11.45 -20.59
N TYR D 84 -9.96 11.81 -20.10
CA TYR D 84 -8.84 12.27 -20.91
C TYR D 84 -7.74 11.22 -20.88
N CYS D 85 -6.86 11.27 -21.88
CA CYS D 85 -5.75 10.36 -21.98
C CYS D 85 -4.46 11.11 -22.28
N HIS D 86 -3.35 10.60 -21.75
CA HIS D 86 -2.04 11.18 -21.97
C HIS D 86 -1.18 10.20 -22.76
N ILE D 87 -1.09 10.42 -24.06
CA ILE D 87 -0.37 9.52 -24.97
C ILE D 87 1.13 9.70 -24.78
N TRP D 88 1.83 8.61 -24.46
CA TRP D 88 3.29 8.63 -24.35
C TRP D 88 3.86 7.71 -25.42
N ASP D 89 4.11 8.27 -26.60
CA ASP D 89 4.61 7.49 -27.73
C ASP D 89 6.11 7.72 -27.85
N SER D 90 6.85 6.66 -28.20
CA SER D 90 8.30 6.73 -28.33
C SER D 90 8.79 7.36 -29.63
N ARG D 91 7.91 7.64 -30.58
CA ARG D 91 8.31 8.25 -31.85
C ARG D 91 7.87 9.69 -31.98
N ARG D 92 7.00 10.13 -31.13
CA ARG D 92 6.46 11.48 -31.18
C ARG D 92 6.96 12.24 -29.97
N PRO D 93 7.16 13.54 -30.12
CA PRO D 93 7.59 14.37 -28.99
C PRO D 93 6.59 14.33 -27.86
N THR D 94 7.04 14.83 -26.72
CA THR D 94 6.21 14.85 -25.52
C THR D 94 4.96 15.68 -25.75
N ASN D 95 3.81 15.03 -25.62
CA ASN D 95 2.53 15.69 -25.79
C ASN D 95 2.20 16.45 -24.52
N TRP D 96 2.19 17.76 -24.61
CA TRP D 96 1.90 18.66 -23.50
C TRP D 96 0.43 19.00 -23.44
N VAL D 97 -0.38 18.33 -24.26
CA VAL D 97 -1.82 18.52 -24.29
C VAL D 97 -2.50 17.15 -24.31
N PHE D 98 -3.38 16.91 -23.35
CA PHE D 98 -4.10 15.65 -23.30
C PHE D 98 -4.98 15.49 -24.55
N GLY D 99 -5.24 14.24 -24.93
CA GLY D 99 -6.09 13.96 -26.07
C GLY D 99 -7.53 14.37 -25.83
N GLU D 100 -8.29 14.51 -26.91
CA GLU D 100 -9.69 14.91 -26.76
C GLU D 100 -10.51 13.92 -25.96
N GLY D 101 -11.13 14.43 -24.91
CA GLY D 101 -11.89 13.62 -23.97
C GLY D 101 -13.15 13.00 -24.57
N THR D 102 -13.66 12.02 -23.83
CA THR D 102 -14.88 11.31 -24.18
C THR D 102 -15.82 11.31 -22.98
N THR D 103 -17.04 11.81 -23.17
CA THR D 103 -18.04 11.92 -22.10
C THR D 103 -18.83 10.62 -21.97
N LEU D 104 -18.90 10.07 -20.76
CA LEU D 104 -19.65 8.85 -20.48
C LEU D 104 -21.05 9.17 -19.95
N ILE D 105 -22.07 8.72 -20.69
CA ILE D 105 -23.47 8.94 -20.35
C ILE D 105 -24.05 7.64 -19.79
N VAL D 106 -24.45 7.63 -18.53
CA VAL D 106 -25.05 6.46 -17.91
C VAL D 106 -26.57 6.51 -18.15
N LEU D 107 -27.06 5.63 -19.02
CA LEU D 107 -28.46 5.61 -19.39
C LEU D 107 -29.33 5.18 -18.21
N SER D 108 -30.65 5.27 -18.39
CA SER D 108 -31.64 4.88 -17.37
C SER D 108 -31.38 5.63 -16.06
N GLN D 109 -31.20 6.95 -16.18
CA GLN D 109 -31.04 7.80 -15.00
C GLN D 109 -32.26 7.81 -14.06
N PRO D 110 -33.50 7.95 -14.57
CA PRO D 110 -33.96 8.30 -15.91
C PRO D 110 -34.63 9.68 -16.00
N LYS D 111 -35.53 9.96 -15.05
CA LYS D 111 -36.26 11.21 -14.97
C LYS D 111 -36.07 11.88 -13.61
N ALA D 112 -36.28 13.19 -13.58
CA ALA D 112 -36.15 13.96 -12.35
C ALA D 112 -37.05 15.18 -12.45
N ALA D 113 -37.98 15.30 -11.50
CA ALA D 113 -38.91 16.43 -11.47
C ALA D 113 -38.19 17.69 -10.99
N PRO D 114 -38.28 18.80 -11.73
CA PRO D 114 -37.57 20.01 -11.29
C PRO D 114 -38.16 20.58 -10.01
N SER D 115 -37.29 20.95 -9.07
CA SER D 115 -37.69 21.55 -7.80
C SER D 115 -37.47 23.07 -7.87
N VAL D 116 -38.52 23.80 -8.27
CA VAL D 116 -38.45 25.25 -8.45
C VAL D 116 -38.77 25.97 -7.14
N THR D 117 -38.14 27.13 -6.95
CA THR D 117 -38.35 27.97 -5.78
C THR D 117 -38.20 29.44 -6.19
N LEU D 118 -39.22 30.25 -5.94
CA LEU D 118 -39.24 31.66 -6.34
C LEU D 118 -39.12 32.56 -5.12
N PHE D 119 -38.08 33.39 -5.08
CA PHE D 119 -37.88 34.31 -3.97
C PHE D 119 -38.15 35.75 -4.38
N PRO D 120 -38.87 36.49 -3.55
CA PRO D 120 -39.14 37.92 -3.82
C PRO D 120 -37.93 38.78 -3.53
N PRO D 121 -37.91 40.02 -4.05
CA PRO D 121 -36.76 40.90 -3.79
C PRO D 121 -36.69 41.20 -2.30
N SER D 122 -35.47 41.28 -1.78
CA SER D 122 -35.31 41.52 -0.37
C SER D 122 -35.70 42.93 0.02
N SER D 123 -36.04 43.10 1.29
CA SER D 123 -36.41 44.41 1.79
C SER D 123 -35.19 45.32 1.81
N GLU D 124 -33.99 44.72 1.90
CA GLU D 124 -32.72 45.43 1.96
C GLU D 124 -32.27 46.01 0.62
N GLU D 125 -32.55 45.33 -0.49
CA GLU D 125 -32.15 45.81 -1.81
C GLU D 125 -33.06 46.92 -2.35
N LEU D 126 -34.35 46.91 -1.98
CA LEU D 126 -35.31 47.88 -2.48
C LEU D 126 -34.94 49.33 -2.13
N GLN D 127 -34.24 49.55 -1.03
CA GLN D 127 -33.79 50.89 -0.67
C GLN D 127 -32.63 51.36 -1.54
N ALA D 128 -32.00 50.45 -2.26
CA ALA D 128 -30.93 50.82 -3.15
C ALA D 128 -31.47 51.02 -4.54
N ASN D 129 -32.79 51.23 -4.61
CA ASN D 129 -33.53 51.45 -5.83
C ASN D 129 -33.32 50.29 -6.81
N LYS D 130 -33.28 49.08 -6.25
CA LYS D 130 -33.07 47.88 -7.06
C LYS D 130 -34.02 46.80 -6.57
N ALA D 131 -34.42 45.93 -7.51
CA ALA D 131 -35.29 44.80 -7.26
C ALA D 131 -34.89 43.63 -8.16
N THR D 132 -34.98 42.41 -7.66
CA THR D 132 -34.59 41.25 -8.46
C THR D 132 -35.37 40.02 -7.99
N LEU D 133 -36.08 39.39 -8.92
CA LEU D 133 -36.82 38.17 -8.68
C LEU D 133 -35.90 36.99 -8.99
N VAL D 134 -35.89 35.99 -8.10
CA VAL D 134 -35.01 34.82 -8.23
C VAL D 134 -35.82 33.52 -8.36
N CYS D 135 -35.51 32.71 -9.39
CA CYS D 135 -36.19 31.43 -9.62
C CYS D 135 -35.16 30.29 -9.63
N LEU D 136 -35.05 29.54 -8.53
CA LEU D 136 -34.09 28.45 -8.41
C LEU D 136 -34.69 27.13 -8.90
N ILE D 137 -33.99 26.45 -9.80
CA ILE D 137 -34.44 25.17 -10.39
C ILE D 137 -33.39 24.11 -10.13
N SER D 138 -33.78 23.01 -9.46
CA SER D 138 -32.84 21.95 -9.14
C SER D 138 -33.51 20.58 -9.23
N ASP D 139 -32.68 19.54 -9.14
CA ASP D 139 -33.10 18.13 -9.14
C ASP D 139 -33.91 17.77 -10.39
N PHE D 140 -33.43 18.18 -11.56
CA PHE D 140 -34.12 17.86 -12.80
C PHE D 140 -33.18 17.21 -13.80
N TYR D 141 -33.69 16.19 -14.49
CA TYR D 141 -32.92 15.47 -15.50
C TYR D 141 -33.83 15.20 -16.70
N PRO D 142 -33.34 15.45 -17.91
CA PRO D 142 -32.00 15.97 -18.19
C PRO D 142 -31.93 17.49 -18.03
N GLY D 143 -30.72 18.04 -18.13
CA GLY D 143 -30.51 19.47 -17.96
C GLY D 143 -30.89 20.26 -19.18
N ALA D 144 -32.17 20.56 -19.31
CA ALA D 144 -32.67 21.35 -20.44
C ALA D 144 -34.01 21.96 -20.01
N VAL D 145 -33.94 23.17 -19.46
CA VAL D 145 -35.12 23.86 -18.96
C VAL D 145 -35.22 25.22 -19.64
N THR D 146 -36.44 25.73 -19.70
CA THR D 146 -36.73 27.04 -20.25
C THR D 146 -37.60 27.80 -19.26
N VAL D 147 -37.16 29.00 -18.87
CA VAL D 147 -37.85 29.80 -17.87
C VAL D 147 -38.56 30.95 -18.56
N ALA D 148 -39.84 31.14 -18.24
CA ALA D 148 -40.62 32.24 -18.78
C ALA D 148 -41.31 32.99 -17.64
N TRP D 149 -40.97 34.27 -17.48
CA TRP D 149 -41.57 35.04 -16.41
C TRP D 149 -42.90 35.61 -16.87
N LYS D 150 -43.77 35.92 -15.91
CA LYS D 150 -45.11 36.42 -16.22
C LYS D 150 -45.43 37.56 -15.26
N ALA D 151 -45.90 38.68 -15.81
CA ALA D 151 -46.43 39.81 -15.04
C ALA D 151 -47.96 39.77 -15.08
N ASP D 152 -48.57 39.39 -13.95
CA ASP D 152 -50.01 39.13 -13.84
C ASP D 152 -50.37 38.03 -14.82
N SER D 153 -50.93 38.41 -15.96
CA SER D 153 -51.25 37.47 -17.02
C SER D 153 -50.48 37.80 -18.29
N SER D 154 -49.65 38.86 -18.27
CA SER D 154 -48.81 39.39 -19.35
C SER D 154 -47.38 38.93 -19.21
N PRO D 155 -46.78 38.42 -20.29
CA PRO D 155 -45.39 37.96 -20.26
C PRO D 155 -44.42 39.11 -20.11
N VAL D 156 -43.25 38.82 -19.53
CA VAL D 156 -42.20 39.81 -19.35
C VAL D 156 -41.19 39.57 -20.47
N LYS D 157 -40.91 40.62 -21.25
CA LYS D 157 -40.03 40.50 -22.42
C LYS D 157 -38.56 40.66 -22.06
N ALA D 158 -38.21 41.77 -21.41
CA ALA D 158 -36.82 42.04 -21.11
C ALA D 158 -36.57 41.90 -19.62
N GLY D 159 -35.29 41.85 -19.29
CA GLY D 159 -34.83 41.72 -17.93
C GLY D 159 -34.66 40.29 -17.48
N VAL D 160 -34.91 39.31 -18.36
CA VAL D 160 -34.82 37.91 -18.00
C VAL D 160 -33.41 37.42 -18.32
N GLU D 161 -32.72 36.93 -17.30
CA GLU D 161 -31.38 36.37 -17.41
C GLU D 161 -31.42 34.96 -16.81
N THR D 162 -31.11 33.96 -17.62
CA THR D 162 -31.22 32.57 -17.22
C THR D 162 -29.89 31.84 -17.38
N THR D 163 -29.56 31.04 -16.36
CA THR D 163 -28.32 30.28 -16.38
C THR D 163 -28.49 29.02 -17.23
N THR D 164 -27.41 28.46 -17.59
CA THR D 164 -27.35 27.22 -18.34
C THR D 164 -27.25 26.00 -17.41
N PRO D 165 -27.95 24.91 -17.76
CA PRO D 165 -27.92 23.69 -16.94
C PRO D 165 -26.50 23.25 -16.64
N SER D 166 -26.30 22.67 -15.43
CA SER D 166 -24.96 22.26 -15.01
C SER D 166 -25.03 21.17 -13.94
N LYS D 167 -24.61 19.95 -14.28
CA LYS D 167 -24.66 18.83 -13.34
C LYS D 167 -23.66 18.98 -12.20
N GLN D 168 -24.05 18.43 -11.02
CA GLN D 168 -23.21 18.45 -9.81
C GLN D 168 -23.23 17.07 -9.13
N SER D 169 -22.38 16.16 -9.60
CA SER D 169 -22.24 14.83 -8.99
C SER D 169 -23.57 14.08 -8.85
N ASN D 170 -24.53 14.31 -9.74
CA ASN D 170 -25.83 13.64 -9.58
C ASN D 170 -26.61 13.82 -10.87
N ASN D 171 -27.89 13.46 -10.82
CA ASN D 171 -28.80 13.76 -11.92
C ASN D 171 -29.27 15.21 -11.82
N LYS D 172 -29.05 15.82 -10.66
CA LYS D 172 -29.44 17.18 -10.34
C LYS D 172 -28.68 18.16 -11.20
N TYR D 173 -29.37 18.83 -12.11
CA TYR D 173 -28.78 19.92 -12.86
C TYR D 173 -29.18 21.18 -12.11
N ALA D 174 -28.43 22.26 -12.28
CA ALA D 174 -28.73 23.49 -11.56
C ALA D 174 -29.01 24.64 -12.54
N ALA D 175 -29.99 25.48 -12.19
CA ALA D 175 -30.33 26.61 -13.05
C ALA D 175 -31.03 27.70 -12.25
N SER D 176 -30.54 28.93 -12.39
CA SER D 176 -31.12 30.10 -11.71
C SER D 176 -31.48 31.12 -12.78
N SER D 177 -32.72 31.64 -12.69
CA SER D 177 -33.25 32.65 -13.60
C SER D 177 -33.59 33.92 -12.82
N TYR D 178 -33.07 35.06 -13.27
CA TYR D 178 -33.26 36.34 -12.58
C TYR D 178 -34.09 37.29 -13.44
N LEU D 179 -34.85 38.14 -12.75
CA LEU D 179 -35.68 39.15 -13.39
C LEU D 179 -35.48 40.46 -12.63
N SER D 180 -34.71 41.35 -13.22
CA SER D 180 -34.39 42.64 -12.63
C SER D 180 -35.55 43.60 -12.85
N LEU D 181 -36.13 44.10 -11.77
CA LEU D 181 -37.25 45.04 -11.85
C LEU D 181 -36.95 46.26 -11.01
N THR D 182 -37.84 47.24 -11.11
CA THR D 182 -37.73 48.45 -10.33
C THR D 182 -38.72 48.42 -9.16
N PRO D 183 -38.40 49.10 -8.07
CA PRO D 183 -39.33 49.14 -6.93
C PRO D 183 -40.74 49.60 -7.28
N GLU D 184 -40.91 50.40 -8.33
CA GLU D 184 -42.26 50.82 -8.72
C GLU D 184 -43.01 49.74 -9.49
N GLN D 185 -42.30 48.98 -10.33
CA GLN D 185 -42.95 47.93 -11.10
C GLN D 185 -43.40 46.80 -10.18
N TRP D 186 -42.61 46.51 -9.14
CA TRP D 186 -42.92 45.40 -8.25
C TRP D 186 -44.22 45.65 -7.49
N LYS D 187 -44.42 46.86 -7.00
CA LYS D 187 -45.64 47.14 -6.28
C LYS D 187 -46.81 47.39 -7.22
N SER D 188 -46.57 47.42 -8.54
CA SER D 188 -47.59 47.70 -9.55
C SER D 188 -48.53 46.52 -9.76
N HIS D 189 -48.06 45.50 -10.47
CA HIS D 189 -48.91 44.34 -10.77
C HIS D 189 -49.27 43.57 -9.51
N LYS D 190 -50.29 42.71 -9.67
CA LYS D 190 -50.80 41.93 -8.55
C LYS D 190 -49.80 40.88 -8.11
N SER D 191 -49.25 40.12 -9.06
CA SER D 191 -48.32 39.07 -8.73
C SER D 191 -47.48 38.74 -9.96
N TYR D 192 -46.30 38.17 -9.71
CA TYR D 192 -45.39 37.72 -10.75
C TYR D 192 -45.30 36.20 -10.64
N SER D 193 -45.04 35.55 -11.76
CA SER D 193 -44.98 34.10 -11.82
C SER D 193 -43.70 33.62 -12.47
N CYS D 194 -43.27 32.40 -12.13
CA CYS D 194 -42.08 31.80 -12.72
C CYS D 194 -42.48 30.44 -13.32
N GLN D 195 -42.86 30.42 -14.61
CA GLN D 195 -43.26 29.18 -15.27
C GLN D 195 -42.01 28.51 -15.84
N VAL D 196 -41.67 27.34 -15.32
CA VAL D 196 -40.49 26.59 -15.76
C VAL D 196 -40.96 25.38 -16.57
N THR D 197 -40.56 25.35 -17.84
CA THR D 197 -40.90 24.29 -18.77
C THR D 197 -39.74 23.30 -18.85
N HIS D 198 -39.93 22.09 -18.32
CA HIS D 198 -38.93 21.04 -18.33
C HIS D 198 -39.49 19.83 -19.06
N GLU D 199 -38.77 19.38 -20.10
CA GLU D 199 -39.20 18.23 -20.90
C GLU D 199 -40.60 18.45 -21.47
N GLY D 200 -41.60 17.97 -20.72
CA GLY D 200 -42.97 18.07 -21.13
C GLY D 200 -43.88 18.76 -20.15
N SER D 201 -43.43 18.94 -18.90
CA SER D 201 -44.27 19.57 -17.90
C SER D 201 -43.83 21.02 -17.69
N THR D 202 -44.72 21.78 -17.05
CA THR D 202 -44.46 23.19 -16.76
C THR D 202 -44.99 23.50 -15.37
N VAL D 203 -44.09 23.76 -14.44
CA VAL D 203 -44.42 24.09 -13.06
C VAL D 203 -44.46 25.60 -12.91
N GLU D 204 -45.49 26.12 -12.23
CA GLU D 204 -45.64 27.56 -12.05
C GLU D 204 -45.80 27.90 -10.58
N LYS D 205 -44.94 28.79 -10.07
CA LYS D 205 -44.99 29.32 -8.71
C LYS D 205 -45.05 30.84 -8.81
N THR D 206 -45.87 31.45 -7.96
CA THR D 206 -46.14 32.89 -7.98
C THR D 206 -45.57 33.60 -6.75
N VAL D 207 -45.75 34.92 -6.72
CA VAL D 207 -45.30 35.78 -5.62
C VAL D 207 -46.13 37.07 -5.63
N ALA D 208 -46.55 37.49 -4.44
CA ALA D 208 -47.38 38.68 -4.22
C ALA D 208 -46.74 39.61 -3.19
N PRO D 209 -46.79 40.91 -3.41
CA PRO D 209 -46.23 41.86 -2.43
C PRO D 209 -47.02 41.82 -1.13
N THR D 210 -46.44 42.44 -0.10
CA THR D 210 -47.07 42.48 1.21
C THR D 210 -47.36 43.90 1.67
N GLN E 1 -24.98 47.61 43.56
CA GLN E 1 -26.22 46.84 43.51
C GLN E 1 -27.38 47.64 42.92
N GLU E 2 -27.42 48.95 43.14
CA GLU E 2 -28.59 49.75 42.77
C GLU E 2 -28.39 50.19 41.31
N VAL E 3 -29.17 49.60 40.41
CA VAL E 3 -28.97 49.73 38.98
C VAL E 3 -30.33 49.75 38.28
N LEU E 4 -30.34 50.35 37.10
CA LEU E 4 -31.49 50.34 36.21
C LEU E 4 -31.02 49.73 34.89
N VAL E 5 -31.75 48.72 34.42
CA VAL E 5 -31.43 48.03 33.17
C VAL E 5 -32.52 48.31 32.16
N GLN E 6 -32.12 48.83 31.00
CA GLN E 6 -33.02 49.27 29.95
C GLN E 6 -33.04 48.27 28.80
N SER E 7 -34.13 48.30 28.04
CA SER E 7 -34.26 47.44 26.87
C SER E 7 -33.29 47.86 25.78
N GLY E 8 -33.10 46.97 24.81
CA GLY E 8 -32.11 47.18 23.79
C GLY E 8 -32.52 48.22 22.77
N ALA E 9 -31.55 48.57 21.92
CA ALA E 9 -31.76 49.58 20.89
C ALA E 9 -32.95 49.22 20.00
N GLU E 10 -33.61 50.25 19.48
CA GLU E 10 -34.78 50.06 18.62
C GLU E 10 -34.72 51.00 17.42
N VAL E 11 -35.27 50.54 16.30
CA VAL E 11 -35.51 51.37 15.12
C VAL E 11 -37.01 51.39 14.85
N LYS E 12 -37.55 52.58 14.56
CA LYS E 12 -38.92 52.71 14.11
C LYS E 12 -39.01 53.73 12.98
N LYS E 13 -40.06 53.61 12.16
CA LYS E 13 -40.32 54.56 11.10
C LYS E 13 -41.09 55.77 11.62
N PRO E 14 -41.01 56.91 10.92
CA PRO E 14 -41.78 58.09 11.35
C PRO E 14 -43.28 57.81 11.44
N GLY E 15 -43.89 58.38 12.47
CA GLY E 15 -45.31 58.26 12.72
C GLY E 15 -45.68 57.10 13.62
N ALA E 16 -44.80 56.12 13.78
CA ALA E 16 -45.03 54.94 14.60
C ALA E 16 -44.77 55.26 16.08
N SER E 17 -44.85 54.24 16.93
CA SER E 17 -44.59 54.36 18.35
C SER E 17 -43.54 53.34 18.78
N VAL E 18 -42.77 53.71 19.80
CA VAL E 18 -41.78 52.84 20.41
C VAL E 18 -42.05 52.77 21.90
N LYS E 19 -41.90 51.57 22.47
CA LYS E 19 -42.05 51.34 23.91
C LYS E 19 -40.72 50.82 24.41
N VAL E 20 -40.12 51.57 25.34
CA VAL E 20 -38.84 51.16 25.91
C VAL E 20 -39.07 50.85 27.38
N SER E 21 -38.30 49.89 27.92
CA SER E 21 -38.48 49.50 29.32
C SER E 21 -37.22 49.69 30.15
N CYS E 22 -37.45 49.82 31.48
CA CYS E 22 -36.40 50.06 32.46
C CYS E 22 -36.74 49.31 33.75
N ARG E 23 -35.91 48.34 34.14
CA ARG E 23 -36.19 47.54 35.34
C ARG E 23 -35.19 47.88 36.44
N ALA E 24 -35.71 48.07 37.64
CA ALA E 24 -34.94 48.46 38.82
C ALA E 24 -34.47 47.23 39.58
N PHE E 25 -33.18 47.19 39.92
CA PHE E 25 -32.63 46.14 40.75
C PHE E 25 -31.91 46.74 41.96
N GLY E 26 -31.94 46.01 43.08
CA GLY E 26 -31.13 46.36 44.23
C GLY E 26 -31.71 47.45 45.11
N TYR E 27 -32.95 47.85 44.88
CA TYR E 27 -33.63 48.78 45.77
C TYR E 27 -35.13 48.61 45.58
N THR E 28 -35.90 49.31 46.40
CA THR E 28 -37.35 49.21 46.34
C THR E 28 -37.83 50.12 45.22
N PHE E 29 -38.36 49.51 44.17
CA PHE E 29 -38.78 50.23 42.97
C PHE E 29 -39.73 51.38 43.28
N THR E 30 -40.64 51.17 44.22
CA THR E 30 -41.67 52.15 44.55
C THR E 30 -41.19 53.25 45.50
N GLY E 31 -39.92 53.26 45.87
CA GLY E 31 -39.41 54.21 46.82
C GLY E 31 -38.84 55.49 46.27
N ASN E 32 -38.75 55.63 44.95
CA ASN E 32 -38.13 56.80 44.36
C ASN E 32 -38.85 57.16 43.06
N ALA E 33 -39.06 58.46 42.86
CA ALA E 33 -39.56 58.94 41.57
C ALA E 33 -38.53 58.60 40.49
N LEU E 34 -39.01 58.44 39.26
CA LEU E 34 -38.14 58.05 38.17
C LEU E 34 -38.28 59.00 36.99
N HIS E 35 -37.15 59.48 36.49
CA HIS E 35 -37.10 60.41 35.38
C HIS E 35 -36.78 59.66 34.09
N TRP E 36 -37.23 60.21 32.97
CA TRP E 36 -36.77 59.85 31.64
C TRP E 36 -36.13 61.06 30.98
N VAL E 37 -34.92 60.86 30.46
CA VAL E 37 -34.09 61.92 29.88
C VAL E 37 -33.55 61.40 28.56
N ARG E 38 -33.56 62.23 27.52
CA ARG E 38 -33.01 61.81 26.24
C ARG E 38 -31.88 62.72 25.79
N GLN E 39 -31.06 62.19 24.89
CA GLN E 39 -29.91 62.89 24.35
C GLN E 39 -29.79 62.62 22.85
N ALA E 40 -30.00 63.66 22.04
CA ALA E 40 -29.82 63.50 20.61
C ALA E 40 -28.32 63.41 20.31
N PRO E 41 -27.93 62.76 19.23
CA PRO E 41 -26.50 62.54 18.99
C PRO E 41 -25.73 63.86 18.91
N GLY E 42 -24.68 63.97 19.71
CA GLY E 42 -23.86 65.16 19.77
C GLY E 42 -24.45 66.32 20.54
N GLN E 43 -25.63 66.15 21.16
CA GLN E 43 -26.36 67.24 21.81
C GLN E 43 -26.38 67.04 23.32
N GLY E 44 -27.09 67.92 24.02
CA GLY E 44 -27.22 67.87 25.46
C GLY E 44 -28.41 67.06 25.92
N LEU E 45 -28.81 67.29 27.16
CA LEU E 45 -29.83 66.49 27.83
C LEU E 45 -31.18 67.20 27.86
N GLU E 46 -32.25 66.46 27.56
CA GLU E 46 -33.60 67.00 27.51
C GLU E 46 -34.54 66.15 28.37
N TRP E 47 -35.20 66.79 29.33
CA TRP E 47 -36.13 66.14 30.25
C TRP E 47 -37.50 65.92 29.61
N LEU E 48 -37.98 64.67 29.60
CA LEU E 48 -39.31 64.35 29.08
C LEU E 48 -40.41 64.40 30.14
N GLY E 49 -40.13 63.89 31.33
CA GLY E 49 -41.12 63.81 32.39
C GLY E 49 -40.65 62.85 33.46
N TRP E 50 -41.49 62.68 34.47
CA TRP E 50 -41.18 61.68 35.50
C TRP E 50 -42.47 61.05 36.00
N ILE E 51 -42.31 59.89 36.65
CA ILE E 51 -43.42 59.09 37.16
C ILE E 51 -43.12 58.70 38.60
N ASN E 52 -44.17 58.66 39.42
CA ASN E 52 -44.09 58.10 40.76
C ASN E 52 -44.45 56.62 40.67
N PRO E 53 -43.50 55.70 40.88
CA PRO E 53 -43.81 54.28 40.67
C PRO E 53 -44.80 53.73 41.68
N HIS E 54 -44.94 54.38 42.84
CA HIS E 54 -45.91 53.93 43.84
C HIS E 54 -47.34 54.18 43.39
N SER E 55 -47.67 55.45 43.12
CA SER E 55 -49.03 55.83 42.77
C SER E 55 -49.34 55.66 41.29
N GLY E 56 -48.34 55.72 40.42
CA GLY E 56 -48.56 55.77 39.00
C GLY E 56 -48.79 57.16 38.44
N ASP E 57 -48.87 58.18 39.31
CA ASP E 57 -49.06 59.56 38.86
C ASP E 57 -47.88 60.01 38.01
N THR E 58 -48.16 60.83 37.01
CA THR E 58 -47.15 61.31 36.10
C THR E 58 -47.28 62.81 35.90
N THR E 59 -46.15 63.45 35.61
CA THR E 59 -46.12 64.81 35.08
C THR E 59 -45.19 64.82 33.88
N THR E 60 -45.69 65.27 32.74
CA THR E 60 -44.93 65.29 31.50
C THR E 60 -44.54 66.71 31.14
N SER E 61 -43.31 66.87 30.64
CA SER E 61 -42.92 68.16 30.09
C SER E 61 -43.93 68.56 29.03
N GLN E 62 -44.35 69.82 29.06
CA GLN E 62 -45.48 70.21 28.23
C GLN E 62 -45.17 70.15 26.74
N LYS E 63 -43.89 70.26 26.35
CA LYS E 63 -43.52 70.03 24.95
C LYS E 63 -43.96 68.66 24.45
N PHE E 64 -43.98 67.66 25.32
CA PHE E 64 -44.32 66.29 24.96
C PHE E 64 -45.70 65.85 25.41
N GLN E 65 -46.47 66.72 26.07
CA GLN E 65 -47.76 66.34 26.62
C GLN E 65 -48.65 65.75 25.53
N GLY E 66 -49.22 64.58 25.82
CA GLY E 66 -50.12 63.90 24.91
C GLY E 66 -49.42 63.09 23.85
N ARG E 67 -48.09 63.12 23.81
CA ARG E 67 -47.28 62.38 22.86
C ARG E 67 -46.42 61.35 23.55
N VAL E 68 -45.80 61.70 24.68
CA VAL E 68 -45.01 60.79 25.52
C VAL E 68 -45.85 60.35 26.71
N TYR E 69 -45.84 59.03 26.98
CA TYR E 69 -46.64 58.40 28.04
C TYR E 69 -45.79 57.52 28.94
N MET E 70 -45.93 57.71 30.25
CA MET E 70 -45.19 56.97 31.26
C MET E 70 -46.13 56.05 32.03
N THR E 71 -45.74 54.79 32.18
CA THR E 71 -46.49 53.80 32.93
C THR E 71 -45.52 52.99 33.77
N ARG E 72 -46.07 52.17 34.67
CA ARG E 72 -45.23 51.27 35.45
C ARG E 72 -45.96 49.96 35.73
N ASP E 73 -45.17 48.89 35.90
CA ASP E 73 -45.64 47.61 36.41
C ASP E 73 -44.84 47.32 37.68
N LYS E 74 -45.49 47.46 38.84
CA LYS E 74 -44.79 47.30 40.12
C LYS E 74 -44.30 45.87 40.35
N SER E 75 -45.05 44.87 39.86
CA SER E 75 -44.71 43.47 40.14
C SER E 75 -43.34 43.08 39.61
N ILE E 76 -42.95 43.61 38.45
CA ILE E 76 -41.66 43.32 37.86
C ILE E 76 -40.66 44.47 38.02
N ASN E 77 -40.96 45.45 38.87
CA ASN E 77 -40.03 46.55 39.17
C ASN E 77 -39.63 47.30 37.91
N THR E 78 -40.57 47.47 36.98
CA THR E 78 -40.26 47.96 35.65
C THR E 78 -41.15 49.16 35.30
N ALA E 79 -40.52 50.19 34.72
CA ALA E 79 -41.19 51.36 34.16
C ALA E 79 -41.14 51.33 32.64
N PHE E 80 -42.17 51.88 31.99
CA PHE E 80 -42.26 51.94 30.54
C PHE E 80 -42.43 53.37 30.06
N LEU E 81 -41.80 53.67 28.93
CA LEU E 81 -41.92 54.95 28.23
C LEU E 81 -42.46 54.69 26.83
N ASP E 82 -43.61 55.27 26.51
CA ASP E 82 -44.17 55.21 25.17
C ASP E 82 -43.98 56.56 24.48
N VAL E 83 -43.21 56.57 23.40
CA VAL E 83 -43.02 57.76 22.57
C VAL E 83 -43.73 57.55 21.25
N THR E 84 -44.73 58.39 20.96
CA THR E 84 -45.62 58.20 19.82
C THR E 84 -45.42 59.29 18.78
N ARG E 85 -46.07 59.10 17.63
CA ARG E 85 -46.04 60.04 16.50
C ARG E 85 -44.61 60.49 16.18
N LEU E 86 -43.73 59.50 16.01
CA LEU E 86 -42.30 59.73 15.90
C LEU E 86 -41.94 60.52 14.64
N THR E 87 -40.90 61.35 14.77
CA THR E 87 -40.22 61.97 13.63
C THR E 87 -38.72 61.78 13.83
N SER E 88 -37.93 62.21 12.83
CA SER E 88 -36.49 62.05 12.91
C SER E 88 -35.87 62.84 14.06
N ASP E 89 -36.57 63.86 14.56
CA ASP E 89 -36.09 64.65 15.69
C ASP E 89 -36.04 63.85 16.99
N ASP E 90 -36.69 62.70 17.03
CA ASP E 90 -36.74 61.87 18.22
C ASP E 90 -35.60 60.86 18.30
N THR E 91 -34.73 60.82 17.29
CA THR E 91 -33.56 59.95 17.33
C THR E 91 -32.62 60.35 18.46
N GLY E 92 -32.16 59.37 19.22
CA GLY E 92 -31.23 59.62 20.30
C GLY E 92 -31.20 58.46 21.29
N ILE E 93 -30.45 58.67 22.38
CA ILE E 93 -30.34 57.72 23.48
C ILE E 93 -31.29 58.15 24.59
N TYR E 94 -32.12 57.21 25.05
CA TYR E 94 -33.11 57.44 26.10
C TYR E 94 -32.66 56.78 27.40
N TYR E 95 -32.59 57.57 28.47
CA TYR E 95 -32.20 57.11 29.80
C TYR E 95 -33.37 57.14 30.76
N CYS E 96 -33.44 56.13 31.63
CA CYS E 96 -34.19 56.26 32.86
C CYS E 96 -33.21 56.60 33.98
N ALA E 97 -33.66 57.44 34.92
CA ALA E 97 -32.78 57.86 35.99
C ALA E 97 -33.57 58.04 37.27
N ARG E 98 -33.13 57.37 38.33
CA ARG E 98 -33.80 57.48 39.62
C ARG E 98 -33.47 58.81 40.28
N ASP E 99 -34.46 59.44 40.91
CA ASP E 99 -34.21 60.61 41.75
C ASP E 99 -34.03 60.18 43.20
N LYS E 100 -33.06 60.82 43.88
CA LYS E 100 -32.92 60.63 45.32
C LYS E 100 -34.24 60.90 46.04
N TYR E 101 -34.98 61.92 45.60
CA TYR E 101 -36.35 62.19 46.05
C TYR E 101 -36.44 62.48 47.56
N TYR E 102 -35.38 63.02 48.16
CA TYR E 102 -35.47 63.46 49.54
C TYR E 102 -36.63 64.43 49.72
N GLY E 103 -37.36 64.26 50.82
CA GLY E 103 -38.49 65.15 51.07
C GLY E 103 -39.60 65.00 50.06
N ASN E 104 -39.62 63.90 49.31
CA ASN E 104 -40.62 63.65 48.26
C ASN E 104 -40.60 64.78 47.22
N GLU E 105 -39.41 65.27 46.90
CA GLU E 105 -39.24 66.25 45.84
C GLU E 105 -37.96 65.93 45.08
N ALA E 106 -37.83 66.52 43.90
CA ALA E 106 -36.65 66.32 43.08
C ALA E 106 -35.42 66.89 43.76
N VAL E 107 -34.36 66.08 43.82
CA VAL E 107 -33.11 66.47 44.47
C VAL E 107 -31.97 66.23 43.49
N GLY E 108 -31.92 65.04 42.91
CA GLY E 108 -30.89 64.72 41.92
C GLY E 108 -31.04 63.29 41.45
N MET E 109 -30.48 63.03 40.26
CA MET E 109 -30.64 61.74 39.59
C MET E 109 -29.36 60.94 39.87
N ASP E 110 -29.45 60.02 40.84
CA ASP E 110 -28.26 59.35 41.36
C ASP E 110 -27.94 58.01 40.72
N VAL E 111 -28.91 57.36 40.07
CA VAL E 111 -28.65 56.09 39.39
C VAL E 111 -29.26 56.15 37.99
N TRP E 112 -28.44 55.89 36.98
CA TRP E 112 -28.89 55.95 35.60
C TRP E 112 -28.82 54.57 34.96
N GLY E 113 -29.82 54.27 34.14
CA GLY E 113 -29.75 53.15 33.25
C GLY E 113 -28.68 53.35 32.20
N GLN E 114 -28.42 52.27 31.44
CA GLN E 114 -27.37 52.35 30.45
C GLN E 114 -27.81 53.07 29.18
N GLY E 115 -29.09 53.36 29.04
CA GLY E 115 -29.59 54.05 27.87
C GLY E 115 -30.08 53.09 26.81
N THR E 116 -31.09 53.51 26.07
CA THR E 116 -31.62 52.75 24.95
C THR E 116 -31.57 53.63 23.70
N SER E 117 -30.83 53.19 22.69
CA SER E 117 -30.77 53.91 21.43
C SER E 117 -32.04 53.69 20.60
N VAL E 118 -32.69 54.79 20.21
CA VAL E 118 -33.86 54.77 19.33
C VAL E 118 -33.55 55.58 18.07
N THR E 119 -33.66 54.95 16.90
CA THR E 119 -33.44 55.61 15.62
C THR E 119 -34.75 55.69 14.84
N VAL E 120 -35.18 56.91 14.48
CA VAL E 120 -36.37 57.16 13.68
C VAL E 120 -35.93 57.62 12.29
N SER E 121 -36.28 56.83 11.28
CA SER E 121 -35.85 57.05 9.91
C SER E 121 -36.78 56.28 8.99
N SER E 122 -36.84 56.71 7.73
CA SER E 122 -37.56 55.86 6.79
C SER E 122 -36.61 54.88 6.13
N ALA E 123 -35.33 54.98 6.44
CA ALA E 123 -34.36 54.03 5.96
C ALA E 123 -34.72 52.66 6.54
N SER E 124 -34.38 51.61 5.81
CA SER E 124 -34.55 50.22 6.22
C SER E 124 -33.21 49.52 6.06
N THR E 125 -32.96 48.53 6.90
CA THR E 125 -31.64 47.94 7.12
C THR E 125 -30.89 47.51 5.86
N LYS E 126 -29.63 47.96 5.77
CA LYS E 126 -28.68 47.78 4.67
C LYS E 126 -27.26 47.69 5.22
N GLY E 127 -26.51 46.69 4.75
CA GLY E 127 -25.11 46.59 5.05
C GLY E 127 -24.24 47.56 4.26
N PRO E 128 -23.10 47.93 4.83
CA PRO E 128 -22.22 48.90 4.18
C PRO E 128 -21.53 48.37 2.94
N SER E 129 -21.23 49.29 2.03
CA SER E 129 -20.27 49.06 0.96
C SER E 129 -18.90 49.45 1.50
N VAL E 130 -17.92 48.56 1.37
CA VAL E 130 -16.59 48.79 1.92
C VAL E 130 -15.60 48.95 0.77
N PHE E 131 -14.94 50.10 0.74
CA PHE E 131 -14.02 50.48 -0.33
C PHE E 131 -12.64 50.75 0.26
N PRO E 132 -11.57 50.40 -0.46
CA PRO E 132 -10.22 50.66 0.05
C PRO E 132 -9.87 52.13 0.01
N LEU E 133 -9.17 52.57 1.05
CA LEU E 133 -8.43 53.83 1.04
C LEU E 133 -6.97 53.43 0.87
N ALA E 134 -6.48 53.53 -0.34
CA ALA E 134 -5.21 52.88 -0.65
C ALA E 134 -4.05 53.74 -0.18
N PRO E 135 -2.98 53.12 0.33
CA PRO E 135 -1.83 53.91 0.77
C PRO E 135 -1.19 54.61 -0.41
N SER E 136 -0.80 55.85 -0.17
CA SER E 136 -0.13 56.62 -1.21
C SER E 136 1.15 55.93 -1.64
N SER E 137 1.39 55.91 -2.95
CA SER E 137 2.65 55.40 -3.46
C SER E 137 3.79 56.34 -3.13
N LYS E 138 3.49 57.56 -2.67
CA LYS E 138 4.47 58.57 -2.32
C LYS E 138 4.82 58.54 -0.84
N SER E 139 4.34 57.53 -0.13
CA SER E 139 4.59 57.39 1.30
C SER E 139 6.07 57.52 1.61
N THR E 140 6.35 58.20 2.72
CA THR E 140 7.70 58.63 3.07
C THR E 140 8.62 57.43 3.29
N SER E 141 9.76 57.44 2.60
CA SER E 141 10.73 56.36 2.71
C SER E 141 11.25 56.24 4.13
N GLY E 142 11.10 55.06 4.71
CA GLY E 142 11.38 54.85 6.11
C GLY E 142 10.44 55.58 7.04
N GLY E 143 9.41 56.21 6.50
CA GLY E 143 8.45 57.04 7.19
C GLY E 143 7.17 56.29 7.51
N THR E 144 6.09 57.06 7.61
CA THR E 144 4.78 56.53 8.00
C THR E 144 3.81 56.65 6.83
N ALA E 145 3.08 55.58 6.58
CA ALA E 145 2.05 55.54 5.56
C ALA E 145 0.69 55.41 6.23
N ALA E 146 -0.33 55.95 5.59
CA ALA E 146 -1.70 55.83 6.05
C ALA E 146 -2.53 55.05 5.03
N LEU E 147 -3.42 54.20 5.54
CA LEU E 147 -4.36 53.44 4.72
C LEU E 147 -5.62 53.24 5.53
N GLY E 148 -6.65 52.70 4.89
CA GLY E 148 -7.89 52.55 5.61
C GLY E 148 -8.96 51.89 4.77
N CYS E 149 -10.18 51.94 5.31
CA CYS E 149 -11.39 51.50 4.64
C CYS E 149 -12.49 52.53 4.82
N LEU E 150 -13.19 52.82 3.72
CA LEU E 150 -14.39 53.65 3.73
C LEU E 150 -15.59 52.74 3.90
N VAL E 151 -16.35 52.96 4.97
CA VAL E 151 -17.49 52.11 5.30
C VAL E 151 -18.75 52.94 5.07
N LYS E 152 -19.39 52.74 3.93
CA LYS E 152 -20.36 53.69 3.38
C LYS E 152 -21.73 53.06 3.19
N ASP E 153 -22.77 53.85 3.44
CA ASP E 153 -24.16 53.54 3.13
C ASP E 153 -24.68 52.30 3.88
N TYR E 154 -24.69 52.39 5.22
CA TYR E 154 -25.29 51.34 6.01
C TYR E 154 -26.38 51.93 6.91
N PHE E 155 -27.31 51.07 7.32
CA PHE E 155 -28.35 51.47 8.28
C PHE E 155 -28.86 50.25 9.04
N PRO E 156 -29.17 50.41 10.33
CA PRO E 156 -28.84 51.54 11.20
C PRO E 156 -27.44 51.39 11.76
N GLU E 157 -27.05 52.26 12.69
CA GLU E 157 -25.84 52.00 13.46
C GLU E 157 -26.08 50.80 14.38
N PRO E 158 -25.00 50.18 14.87
CA PRO E 158 -23.60 50.38 14.51
C PRO E 158 -23.02 49.35 13.55
N VAL E 159 -21.79 49.62 13.12
CA VAL E 159 -20.91 48.62 12.54
C VAL E 159 -19.78 48.41 13.55
N THR E 160 -19.15 47.24 13.46
CA THR E 160 -17.87 47.03 14.13
C THR E 160 -16.78 46.91 13.09
N VAL E 161 -15.64 47.51 13.38
CA VAL E 161 -14.48 47.50 12.49
C VAL E 161 -13.27 46.99 13.27
N SER E 162 -12.60 46.00 12.72
CA SER E 162 -11.30 45.56 13.21
C SER E 162 -10.32 45.55 12.04
N TRP E 163 -9.05 45.46 12.36
CA TRP E 163 -8.00 45.30 11.37
C TRP E 163 -7.28 43.99 11.62
N ASN E 164 -7.09 43.22 10.56
CA ASN E 164 -6.46 41.90 10.63
C ASN E 164 -7.05 41.04 11.74
N SER E 165 -8.39 41.05 11.83
CA SER E 165 -9.15 40.24 12.79
C SER E 165 -8.76 40.52 14.24
N GLY E 166 -8.30 41.74 14.53
CA GLY E 166 -7.95 42.15 15.87
C GLY E 166 -6.47 42.14 16.17
N ALA E 167 -5.64 41.66 15.24
CA ALA E 167 -4.21 41.58 15.49
C ALA E 167 -3.53 42.93 15.33
N LEU E 168 -4.19 43.89 14.68
CA LEU E 168 -3.70 45.24 14.49
C LEU E 168 -4.63 46.21 15.18
N THR E 169 -4.14 46.89 16.21
CA THR E 169 -4.91 47.84 16.98
C THR E 169 -4.22 49.19 17.16
N SER E 170 -2.92 49.20 17.41
CA SER E 170 -2.16 50.43 17.57
C SER E 170 -2.23 51.31 16.33
N GLY E 171 -2.47 52.60 16.55
CA GLY E 171 -2.53 53.57 15.47
C GLY E 171 -3.80 53.56 14.65
N VAL E 172 -4.80 52.79 15.05
CA VAL E 172 -6.07 52.73 14.35
C VAL E 172 -6.96 53.86 14.85
N HIS E 173 -7.56 54.60 13.91
CA HIS E 173 -8.63 55.54 14.20
C HIS E 173 -9.87 55.11 13.41
N THR E 174 -10.90 54.66 14.12
CA THR E 174 -12.18 54.37 13.50
C THR E 174 -13.08 55.56 13.82
N PHE E 175 -13.41 56.32 12.79
CA PHE E 175 -14.11 57.58 13.01
C PHE E 175 -15.58 57.34 13.39
N PRO E 176 -16.15 58.24 14.18
CA PRO E 176 -17.59 58.16 14.46
C PRO E 176 -18.37 58.17 13.17
N ALA E 177 -19.45 57.38 13.13
CA ALA E 177 -20.26 57.37 11.93
C ALA E 177 -20.85 58.75 11.75
N VAL E 178 -21.00 59.15 10.50
CA VAL E 178 -21.71 60.38 10.19
C VAL E 178 -22.98 59.99 9.45
N LEU E 179 -24.08 60.69 9.72
CA LEU E 179 -25.31 60.49 8.96
C LEU E 179 -25.27 61.34 7.69
N GLN E 180 -25.27 60.68 6.54
CA GLN E 180 -25.23 61.34 5.26
C GLN E 180 -26.59 61.95 4.92
N SER E 181 -26.56 62.89 3.97
CA SER E 181 -27.80 63.53 3.54
C SER E 181 -28.81 62.53 2.98
N SER E 182 -28.36 61.34 2.56
CA SER E 182 -29.24 60.31 2.06
C SER E 182 -30.03 59.60 3.16
N GLY E 183 -29.60 59.70 4.41
CA GLY E 183 -30.22 58.97 5.48
C GLY E 183 -29.53 57.68 5.87
N LEU E 184 -28.43 57.34 5.21
CA LEU E 184 -27.59 56.20 5.56
C LEU E 184 -26.32 56.69 6.23
N TYR E 185 -25.77 55.87 7.12
CA TYR E 185 -24.55 56.21 7.83
C TYR E 185 -23.30 55.90 7.01
N SER E 186 -22.22 56.58 7.36
CA SER E 186 -20.91 56.35 6.78
C SER E 186 -19.82 56.70 7.79
N LEU E 187 -18.72 55.97 7.73
CA LEU E 187 -17.52 56.30 8.47
C LEU E 187 -16.32 55.80 7.70
N SER E 188 -15.14 56.27 8.09
CA SER E 188 -13.89 55.69 7.63
C SER E 188 -13.14 55.13 8.83
N SER E 189 -12.38 54.06 8.59
CA SER E 189 -11.42 53.54 9.55
C SER E 189 -10.05 53.59 8.91
N VAL E 190 -9.12 54.26 9.58
CA VAL E 190 -7.76 54.41 9.07
C VAL E 190 -6.79 53.85 10.10
N VAL E 191 -5.58 53.55 9.62
CA VAL E 191 -4.50 53.08 10.48
C VAL E 191 -3.21 53.62 9.90
N THR E 192 -2.27 53.98 10.76
CA THR E 192 -0.95 54.38 10.30
C THR E 192 0.04 53.27 10.59
N VAL E 193 0.91 53.00 9.61
CA VAL E 193 1.81 51.86 9.66
C VAL E 193 3.14 52.27 9.03
N PRO E 194 4.22 51.54 9.33
CA PRO E 194 5.49 51.81 8.67
C PRO E 194 5.41 51.57 7.17
N SER E 195 6.01 52.49 6.41
CA SER E 195 6.06 52.34 4.95
C SER E 195 6.80 51.08 4.53
N SER E 196 7.80 50.65 5.30
CA SER E 196 8.50 49.41 5.01
C SER E 196 7.58 48.19 5.00
N SER E 197 6.43 48.27 5.66
CA SER E 197 5.51 47.14 5.75
C SER E 197 4.55 47.02 4.57
N LEU E 198 4.46 48.02 3.69
CA LEU E 198 3.52 47.94 2.57
C LEU E 198 3.94 46.82 1.62
N GLY E 199 2.99 45.93 1.33
CA GLY E 199 3.21 44.79 0.45
C GLY E 199 3.78 43.58 1.16
N THR E 200 4.53 43.78 2.24
CA THR E 200 5.10 42.69 3.02
C THR E 200 4.11 42.16 4.06
N GLN E 201 3.35 43.07 4.68
CA GLN E 201 2.31 42.73 5.63
C GLN E 201 0.96 43.00 4.97
N THR E 202 0.09 42.00 4.98
CA THR E 202 -1.26 42.13 4.45
C THR E 202 -2.13 42.89 5.43
N TYR E 203 -2.97 43.79 4.89
CA TYR E 203 -3.90 44.57 5.69
C TYR E 203 -5.32 44.33 5.20
N ILE E 204 -6.16 43.84 6.10
CA ILE E 204 -7.55 43.52 5.83
C ILE E 204 -8.38 44.18 6.91
N CYS E 205 -9.37 44.98 6.52
CA CYS E 205 -10.34 45.50 7.48
C CYS E 205 -11.56 44.60 7.51
N ASN E 206 -12.01 44.30 8.73
CA ASN E 206 -13.15 43.41 8.96
C ASN E 206 -14.29 44.26 9.48
N VAL E 207 -15.37 44.33 8.70
CA VAL E 207 -16.50 45.23 8.97
C VAL E 207 -17.73 44.36 9.13
N ASN E 208 -18.28 44.32 10.34
CA ASN E 208 -19.48 43.57 10.65
C ASN E 208 -20.64 44.51 10.96
N HIS E 209 -21.82 44.16 10.47
CA HIS E 209 -23.03 44.94 10.70
C HIS E 209 -24.13 43.95 11.10
N LYS E 210 -24.45 43.91 12.39
CA LYS E 210 -25.39 42.92 12.89
C LYS E 210 -26.83 43.08 12.41
N PRO E 211 -27.39 44.31 12.31
CA PRO E 211 -28.80 44.38 11.87
C PRO E 211 -29.03 43.72 10.53
N SER E 212 -28.08 43.85 9.61
CA SER E 212 -28.22 43.17 8.34
C SER E 212 -27.46 41.87 8.37
N ASN E 213 -26.83 41.57 9.51
CA ASN E 213 -25.98 40.39 9.68
C ASN E 213 -24.94 40.26 8.58
N THR E 214 -24.21 41.33 8.30
CA THR E 214 -23.20 41.27 7.25
C THR E 214 -21.82 41.39 7.89
N LYS E 215 -20.85 40.71 7.29
CA LYS E 215 -19.44 40.76 7.68
C LYS E 215 -18.62 40.95 6.41
N VAL E 216 -17.79 41.98 6.37
CA VAL E 216 -16.96 42.24 5.20
C VAL E 216 -15.49 42.28 5.60
N ASP E 217 -14.65 41.64 4.80
CA ASP E 217 -13.20 41.67 4.93
C ASP E 217 -12.65 42.28 3.64
N LYS E 218 -12.05 43.45 3.73
CA LYS E 218 -11.56 44.10 2.53
C LYS E 218 -10.04 44.24 2.58
N LYS E 219 -9.32 43.60 1.66
CA LYS E 219 -7.88 43.78 1.60
C LYS E 219 -7.53 45.11 0.96
N VAL E 220 -6.63 45.86 1.59
CA VAL E 220 -6.24 47.20 1.17
C VAL E 220 -4.76 47.17 0.83
N GLU E 221 -4.44 47.41 -0.44
CA GLU E 221 -3.08 47.27 -0.94
C GLU E 221 -2.74 48.46 -1.82
N PRO E 222 -1.46 48.73 -2.05
CA PRO E 222 -1.07 49.77 -3.00
C PRO E 222 -1.69 49.58 -4.38
N LYS E 223 -2.19 50.67 -4.94
CA LYS E 223 -2.88 50.64 -6.22
C LYS E 223 -1.89 50.65 -7.38
N ASP F 1 -39.93 78.48 30.36
CA ASP F 1 -38.91 77.67 31.02
C ASP F 1 -37.78 78.54 31.57
N ILE F 2 -36.91 77.92 32.37
CA ILE F 2 -35.70 78.55 32.88
C ILE F 2 -34.52 78.03 32.08
N GLN F 3 -33.66 78.95 31.61
CA GLN F 3 -32.47 78.58 30.85
C GLN F 3 -31.25 78.61 31.76
N LEU F 4 -30.45 77.54 31.69
CA LEU F 4 -29.17 77.44 32.39
C LEU F 4 -28.05 77.59 31.37
N THR F 5 -27.16 78.55 31.61
CA THR F 5 -26.04 78.82 30.73
C THR F 5 -24.73 78.48 31.42
N GLN F 6 -23.96 77.54 30.85
CA GLN F 6 -22.69 77.14 31.41
C GLN F 6 -21.55 77.83 30.67
N SER F 7 -20.51 78.20 31.43
CA SER F 7 -19.32 78.80 30.82
C SER F 7 -18.04 78.35 31.51
N PRO F 8 -16.96 78.15 30.73
CA PRO F 8 -16.93 78.20 29.26
C PRO F 8 -17.54 76.94 28.65
N SER F 9 -17.81 76.95 27.34
CA SER F 9 -18.29 75.74 26.70
C SER F 9 -17.19 74.70 26.57
N PHE F 10 -15.95 75.13 26.37
CA PHE F 10 -14.82 74.21 26.24
C PHE F 10 -13.66 74.75 27.04
N LEU F 11 -13.23 74.00 28.05
CA LEU F 11 -12.18 74.44 28.95
C LEU F 11 -10.99 73.51 28.75
N SER F 12 -9.83 74.08 28.45
CA SER F 12 -8.59 73.35 28.33
C SER F 12 -7.76 73.53 29.59
N ALA F 13 -7.28 72.43 30.14
CA ALA F 13 -6.49 72.51 31.36
C ALA F 13 -5.52 71.34 31.38
N SER F 14 -4.54 71.48 32.26
CA SER F 14 -3.52 70.47 32.46
C SER F 14 -3.83 69.67 33.71
N VAL F 15 -3.40 68.40 33.72
CA VAL F 15 -3.46 67.63 34.94
C VAL F 15 -2.83 68.44 36.06
N GLY F 16 -3.53 68.53 37.18
CA GLY F 16 -3.08 69.28 38.34
C GLY F 16 -3.69 70.67 38.49
N ASP F 17 -4.33 71.21 37.46
CA ASP F 17 -4.91 72.55 37.56
C ASP F 17 -6.14 72.57 38.48
N LYS F 18 -6.33 73.68 39.17
CA LYS F 18 -7.59 73.99 39.82
C LYS F 18 -8.44 74.74 38.80
N VAL F 19 -9.66 74.27 38.57
CA VAL F 19 -10.57 74.93 37.62
C VAL F 19 -11.95 75.07 38.21
N THR F 20 -12.65 76.13 37.77
CA THR F 20 -14.01 76.43 38.18
C THR F 20 -14.85 76.68 36.94
N ILE F 21 -16.00 76.01 36.85
CA ILE F 21 -16.95 76.19 35.75
C ILE F 21 -18.22 76.79 36.32
N THR F 22 -18.94 77.51 35.48
CA THR F 22 -20.05 78.35 35.93
C THR F 22 -21.35 77.91 35.29
N CYS F 23 -22.43 77.97 36.07
CA CYS F 23 -23.79 77.70 35.61
C CYS F 23 -24.65 78.87 36.07
N ARG F 24 -25.30 79.56 35.13
CA ARG F 24 -26.19 80.66 35.45
C ARG F 24 -27.62 80.34 35.06
N ALA F 25 -28.55 80.66 35.95
CA ALA F 25 -29.97 80.44 35.71
C ALA F 25 -30.67 81.74 35.35
N SER F 26 -31.61 81.66 34.40
CA SER F 26 -32.35 82.83 33.95
C SER F 26 -33.33 83.32 35.01
N GLN F 27 -33.70 82.46 35.96
CA GLN F 27 -34.53 82.86 37.10
C GLN F 27 -33.94 82.22 38.36
N GLY F 28 -34.35 82.72 39.52
CA GLY F 28 -33.86 82.16 40.77
C GLY F 28 -34.36 80.75 40.98
N VAL F 29 -33.44 79.81 41.21
CA VAL F 29 -33.78 78.42 41.52
C VAL F 29 -33.42 78.04 42.96
N ARG F 30 -33.13 79.01 43.83
CA ARG F 30 -32.74 78.78 45.23
C ARG F 30 -31.50 77.88 45.27
N ASN F 31 -31.45 76.83 46.09
CA ASN F 31 -30.36 75.86 46.11
C ASN F 31 -30.69 74.57 45.37
N GLU F 32 -31.74 74.55 44.56
CA GLU F 32 -32.28 73.29 44.05
C GLU F 32 -31.64 73.00 42.70
N LEU F 33 -30.41 72.50 42.76
CA LEU F 33 -29.53 72.43 41.60
C LEU F 33 -28.57 71.26 41.80
N ALA F 34 -28.34 70.48 40.75
CA ALA F 34 -27.45 69.34 40.77
C ALA F 34 -26.40 69.46 39.67
N TRP F 35 -25.26 68.80 39.89
CA TRP F 35 -24.21 68.68 38.88
C TRP F 35 -23.98 67.21 38.56
N TYR F 36 -23.69 66.95 37.28
CA TYR F 36 -23.42 65.61 36.77
C TYR F 36 -22.14 65.58 35.97
N GLN F 37 -21.54 64.39 35.93
CA GLN F 37 -20.43 64.07 35.04
C GLN F 37 -20.92 63.10 33.99
N GLN F 38 -20.53 63.32 32.74
CA GLN F 38 -20.82 62.38 31.66
C GLN F 38 -19.57 62.17 30.82
N LYS F 39 -19.30 60.91 30.50
CA LYS F 39 -18.20 60.55 29.65
C LYS F 39 -18.75 59.97 28.34
N PRO F 40 -18.02 60.04 27.24
CA PRO F 40 -18.56 59.56 25.97
C PRO F 40 -19.02 58.11 26.08
N GLY F 41 -20.24 57.84 25.62
CA GLY F 41 -20.76 56.49 25.62
C GLY F 41 -21.35 56.00 26.93
N LYS F 42 -21.36 56.83 27.98
CA LYS F 42 -21.83 56.42 29.29
C LYS F 42 -22.97 57.32 29.76
N ALA F 43 -23.77 56.79 30.67
CA ALA F 43 -24.79 57.59 31.33
C ALA F 43 -24.14 58.60 32.27
N PRO F 44 -24.79 59.72 32.53
CA PRO F 44 -24.28 60.66 33.54
C PRO F 44 -24.19 60.03 34.92
N ASN F 45 -23.30 60.61 35.74
CA ASN F 45 -23.15 60.26 37.14
C ASN F 45 -23.39 61.53 37.97
N LEU F 46 -24.16 61.38 39.05
CA LEU F 46 -24.44 62.52 39.93
C LEU F 46 -23.24 62.90 40.79
N LEU F 47 -22.88 64.19 40.75
CA LEU F 47 -21.79 64.75 41.56
C LEU F 47 -22.28 65.54 42.76
N ILE F 48 -23.18 66.50 42.53
CA ILE F 48 -23.58 67.51 43.52
C ILE F 48 -25.09 67.65 43.51
N TYR F 49 -25.69 67.78 44.70
CA TYR F 49 -27.09 68.15 44.81
C TYR F 49 -27.22 69.20 45.89
N TYR F 50 -28.40 69.83 45.94
CA TYR F 50 -28.65 70.99 46.82
C TYR F 50 -27.59 72.06 46.60
N ALA F 51 -27.09 72.12 45.36
CA ALA F 51 -26.10 73.08 44.89
C ALA F 51 -24.71 72.94 45.53
N SER F 52 -24.62 72.47 46.78
CA SER F 52 -23.30 72.30 47.38
C SER F 52 -23.00 70.94 48.01
N THR F 53 -23.94 70.00 48.04
CA THR F 53 -23.73 68.76 48.78
C THR F 53 -23.17 67.67 47.89
N LEU F 54 -22.07 67.04 48.33
CA LEU F 54 -21.44 65.97 47.56
C LEU F 54 -22.25 64.68 47.62
N GLN F 55 -22.52 64.12 46.43
CA GLN F 55 -23.13 62.79 46.35
C GLN F 55 -22.19 61.73 46.91
N SER F 56 -22.78 60.72 47.56
CA SER F 56 -22.02 59.61 48.13
C SER F 56 -21.06 58.99 47.12
N GLY F 57 -19.80 58.86 47.54
CA GLY F 57 -18.77 58.25 46.71
C GLY F 57 -18.04 59.18 45.77
N VAL F 58 -18.50 60.41 45.61
CA VAL F 58 -17.83 61.37 44.74
C VAL F 58 -16.58 61.88 45.45
N PRO F 59 -15.44 61.97 44.76
CA PRO F 59 -14.21 62.40 45.43
C PRO F 59 -14.29 63.82 45.99
N SER F 60 -13.59 64.01 47.12
CA SER F 60 -13.61 65.28 47.84
C SER F 60 -13.02 66.43 47.05
N ARG F 61 -12.30 66.17 45.96
CA ARG F 61 -11.73 67.25 45.17
C ARG F 61 -12.81 68.03 44.41
N PHE F 62 -14.04 67.50 44.34
CA PHE F 62 -15.18 68.20 43.78
C PHE F 62 -15.87 69.01 44.87
N SER F 63 -16.21 70.26 44.56
CA SER F 63 -17.02 71.08 45.43
C SER F 63 -17.84 72.03 44.58
N ALA F 64 -18.88 72.60 45.19
CA ALA F 64 -19.77 73.49 44.46
C ALA F 64 -20.38 74.50 45.42
N THR F 65 -20.74 75.65 44.88
CA THR F 65 -21.26 76.77 45.65
C THR F 65 -22.40 77.44 44.89
N GLY F 66 -23.10 78.33 45.59
CA GLY F 66 -24.08 79.19 44.97
C GLY F 66 -25.52 79.07 45.42
N SER F 67 -26.30 80.09 45.09
CA SER F 67 -27.72 80.15 45.35
C SER F 67 -28.32 81.13 44.34
N GLY F 68 -29.64 81.10 44.22
CA GLY F 68 -30.26 82.07 43.35
C GLY F 68 -30.02 81.82 41.88
N THR F 69 -29.31 82.74 41.22
CA THR F 69 -29.02 82.66 39.80
C THR F 69 -27.58 82.31 39.45
N HIS F 70 -26.67 82.19 40.42
CA HIS F 70 -25.26 82.00 40.11
C HIS F 70 -24.68 80.80 40.87
N PHE F 71 -24.13 79.84 40.12
CA PHE F 71 -23.62 78.59 40.67
C PHE F 71 -22.25 78.28 40.06
N THR F 72 -21.37 77.70 40.86
CA THR F 72 -20.08 77.23 40.38
C THR F 72 -19.77 75.83 40.87
N LEU F 73 -18.97 75.11 40.09
CA LEU F 73 -18.42 73.82 40.47
C LEU F 73 -16.90 73.94 40.37
N THR F 74 -16.18 73.48 41.39
CA THR F 74 -14.73 73.60 41.42
C THR F 74 -14.10 72.22 41.62
N VAL F 75 -13.04 71.96 40.87
CA VAL F 75 -12.15 70.82 41.12
C VAL F 75 -10.83 71.34 41.65
N SER F 76 -10.46 70.91 42.86
CA SER F 76 -9.29 71.49 43.50
C SER F 76 -8.00 71.09 42.77
N SER F 77 -7.90 69.83 42.34
CA SER F 77 -6.79 69.39 41.50
C SER F 77 -7.27 68.33 40.51
N LEU F 78 -7.28 68.65 39.22
CA LEU F 78 -7.78 67.74 38.20
C LEU F 78 -6.92 66.49 38.09
N GLN F 79 -7.59 65.34 38.00
CA GLN F 79 -6.97 64.05 37.71
C GLN F 79 -7.39 63.56 36.33
N PRO F 80 -6.64 62.65 35.72
CA PRO F 80 -6.98 62.23 34.35
C PRO F 80 -8.42 61.79 34.14
N GLU F 81 -9.02 61.12 35.13
CA GLU F 81 -10.40 60.66 34.95
C GLU F 81 -11.42 61.81 35.02
N ASP F 82 -11.00 63.02 35.38
CA ASP F 82 -11.93 64.13 35.52
C ASP F 82 -12.16 64.90 34.22
N PHE F 83 -11.44 64.60 33.15
CA PHE F 83 -11.64 65.31 31.90
C PHE F 83 -12.82 64.65 31.19
N ALA F 84 -13.91 65.40 31.05
CA ALA F 84 -15.22 64.86 30.71
C ALA F 84 -16.13 66.07 30.46
N THR F 85 -17.40 65.80 30.20
CA THR F 85 -18.38 66.86 30.08
C THR F 85 -19.17 66.91 31.39
N TYR F 86 -19.48 68.12 31.83
CA TYR F 86 -20.21 68.39 33.07
C TYR F 86 -21.48 69.16 32.77
N PHE F 87 -22.59 68.74 33.38
CA PHE F 87 -23.88 69.38 33.22
C PHE F 87 -24.41 69.85 34.57
N CYS F 88 -25.10 70.99 34.56
CA CYS F 88 -25.89 71.42 35.70
C CYS F 88 -27.37 71.23 35.37
N GLN F 89 -28.18 71.08 36.41
CA GLN F 89 -29.60 70.83 36.26
C GLN F 89 -30.35 71.48 37.42
N HIS F 90 -31.45 72.15 37.12
CA HIS F 90 -32.33 72.69 38.15
C HIS F 90 -33.60 71.86 38.23
N MET F 91 -34.19 71.83 39.42
CA MET F 91 -35.47 71.17 39.64
C MET F 91 -36.53 72.08 40.28
N SER F 92 -36.38 73.41 40.17
CA SER F 92 -37.22 74.33 40.93
C SER F 92 -38.65 74.45 40.39
N SER F 93 -38.90 74.05 39.15
CA SER F 93 -40.22 74.21 38.53
C SER F 93 -40.20 73.47 37.20
N TYR F 94 -41.39 73.26 36.64
CA TYR F 94 -41.49 72.49 35.40
C TYR F 94 -41.35 73.37 34.17
N PRO F 95 -40.70 72.83 33.11
CA PRO F 95 -40.02 71.54 33.04
C PRO F 95 -38.58 71.59 33.61
N LEU F 96 -38.08 70.45 34.10
CA LEU F 96 -36.67 70.33 34.46
C LEU F 96 -35.80 70.57 33.22
N THR F 97 -34.72 71.34 33.39
CA THR F 97 -33.79 71.58 32.30
C THR F 97 -32.33 71.42 32.73
N PHE F 98 -31.49 71.15 31.72
CA PHE F 98 -30.05 70.96 31.82
C PHE F 98 -29.33 72.09 31.10
N GLY F 99 -28.12 72.40 31.56
CA GLY F 99 -27.25 73.28 30.81
C GLY F 99 -26.71 72.65 29.54
N GLY F 100 -26.05 73.47 28.73
CA GLY F 100 -25.54 73.01 27.44
C GLY F 100 -24.27 72.19 27.50
N GLY F 101 -23.67 72.07 28.67
CA GLY F 101 -22.49 71.27 28.93
C GLY F 101 -21.19 72.07 28.82
N THR F 102 -20.22 71.65 29.64
CA THR F 102 -18.86 72.16 29.62
C THR F 102 -17.92 70.97 29.43
N LYS F 103 -17.19 70.95 28.31
CA LYS F 103 -16.24 69.89 28.05
C LYS F 103 -14.85 70.31 28.52
N VAL F 104 -14.24 69.50 29.38
CA VAL F 104 -12.91 69.75 29.92
C VAL F 104 -11.91 68.85 29.22
N GLU F 105 -10.97 69.46 28.51
CA GLU F 105 -9.99 68.72 27.73
C GLU F 105 -8.58 68.97 28.27
N ILE F 106 -7.67 68.04 27.95
CA ILE F 106 -6.30 68.08 28.44
C ILE F 106 -5.43 68.93 27.52
N LYS F 107 -4.65 69.84 28.10
CA LYS F 107 -3.64 70.57 27.34
C LYS F 107 -2.42 69.68 27.09
N ARG F 108 -1.84 69.82 25.90
CA ARG F 108 -0.55 69.20 25.59
C ARG F 108 0.20 70.12 24.65
N THR F 109 1.42 69.71 24.30
CA THR F 109 2.22 70.49 23.36
C THR F 109 1.57 70.48 21.99
N VAL F 110 1.79 71.56 21.24
CA VAL F 110 1.24 71.67 19.90
C VAL F 110 1.84 70.59 19.02
N ALA F 111 0.99 69.92 18.24
CA ALA F 111 1.41 68.87 17.31
C ALA F 111 0.73 69.08 15.97
N ALA F 112 1.53 69.23 14.91
CA ALA F 112 0.97 69.39 13.57
C ALA F 112 0.41 68.08 13.05
N PRO F 113 -0.66 68.14 12.26
CA PRO F 113 -1.23 66.92 11.67
C PRO F 113 -0.37 66.33 10.57
N SER F 114 -0.39 65.01 10.47
CA SER F 114 0.10 64.34 9.26
C SER F 114 -1.09 64.21 8.32
N VAL F 115 -0.92 64.62 7.07
CA VAL F 115 -2.03 64.73 6.14
C VAL F 115 -1.87 63.72 5.01
N PHE F 116 -2.95 63.01 4.71
CA PHE F 116 -3.00 62.00 3.66
C PHE F 116 -4.28 62.20 2.87
N ILE F 117 -4.20 62.04 1.55
CA ILE F 117 -5.38 62.05 0.70
C ILE F 117 -5.53 60.69 0.05
N PHE F 118 -6.77 60.21 -0.04
CA PHE F 118 -7.09 58.93 -0.64
C PHE F 118 -8.09 59.11 -1.77
N PRO F 119 -7.73 58.77 -3.01
CA PRO F 119 -8.71 58.81 -4.10
C PRO F 119 -9.78 57.77 -3.90
N PRO F 120 -10.92 57.90 -4.59
CA PRO F 120 -11.92 56.83 -4.55
C PRO F 120 -11.41 55.56 -5.22
N SER F 121 -11.84 54.44 -4.68
CA SER F 121 -11.51 53.16 -5.31
C SER F 121 -12.25 53.01 -6.62
N ASP F 122 -11.67 52.20 -7.51
CA ASP F 122 -12.34 51.88 -8.77
C ASP F 122 -13.65 51.12 -8.51
N GLU F 123 -13.68 50.33 -7.44
CA GLU F 123 -14.90 49.60 -7.10
C GLU F 123 -16.05 50.55 -6.81
N GLN F 124 -15.79 51.63 -6.07
CA GLN F 124 -16.85 52.58 -5.76
C GLN F 124 -17.30 53.31 -7.03
N LEU F 125 -16.34 53.65 -7.89
CA LEU F 125 -16.66 54.37 -9.10
C LEU F 125 -17.63 53.59 -9.99
N LYS F 126 -17.51 52.25 -10.00
CA LYS F 126 -18.42 51.40 -10.77
C LYS F 126 -19.86 51.58 -10.35
N SER F 127 -20.10 51.93 -9.08
CA SER F 127 -21.45 52.00 -8.53
C SER F 127 -22.10 53.36 -8.74
N GLY F 128 -21.35 54.35 -9.23
CA GLY F 128 -21.89 55.65 -9.59
C GLY F 128 -21.56 56.77 -8.64
N THR F 129 -20.75 56.54 -7.60
CA THR F 129 -20.33 57.60 -6.71
C THR F 129 -18.82 57.56 -6.53
N ALA F 130 -18.27 58.71 -6.14
CA ALA F 130 -16.84 58.86 -5.88
C ALA F 130 -16.68 59.56 -4.54
N SER F 131 -16.00 58.91 -3.60
CA SER F 131 -15.65 59.52 -2.33
C SER F 131 -14.16 59.78 -2.27
N VAL F 132 -13.78 61.01 -1.95
CA VAL F 132 -12.40 61.41 -1.77
C VAL F 132 -12.22 61.74 -0.30
N VAL F 133 -11.21 61.14 0.33
CA VAL F 133 -10.99 61.24 1.76
C VAL F 133 -9.69 61.98 2.04
N CYS F 134 -9.75 62.97 2.92
CA CYS F 134 -8.59 63.67 3.44
C CYS F 134 -8.49 63.37 4.93
N LEU F 135 -7.34 62.85 5.36
CA LEU F 135 -7.10 62.46 6.75
C LEU F 135 -6.11 63.41 7.41
N LEU F 136 -6.47 63.90 8.59
CA LEU F 136 -5.59 64.68 9.46
C LEU F 136 -5.33 63.82 10.70
N ASN F 137 -4.08 63.40 10.90
CA ASN F 137 -3.75 62.46 11.95
C ASN F 137 -2.97 63.09 13.10
N ASN F 138 -3.45 62.85 14.32
CA ASN F 138 -2.74 63.10 15.58
C ASN F 138 -2.30 64.56 15.74
N PHE F 139 -3.28 65.47 15.81
CA PHE F 139 -2.96 66.89 15.95
C PHE F 139 -3.55 67.47 17.24
N TYR F 140 -2.98 68.58 17.68
CA TYR F 140 -3.46 69.40 18.81
C TYR F 140 -3.05 70.86 18.61
N PRO F 141 -3.95 71.81 18.95
CA PRO F 141 -5.30 71.68 19.50
C PRO F 141 -6.36 71.27 18.46
N ARG F 142 -7.62 71.16 18.91
CA ARG F 142 -8.68 70.63 18.07
C ARG F 142 -8.97 71.50 16.86
N GLU F 143 -8.77 72.81 16.96
CA GLU F 143 -9.19 73.70 15.88
C GLU F 143 -8.40 73.40 14.61
N ALA F 144 -9.11 73.07 13.54
CA ALA F 144 -8.51 72.81 12.24
C ALA F 144 -9.52 73.14 11.16
N LYS F 145 -9.02 73.59 10.01
CA LYS F 145 -9.86 73.89 8.86
C LYS F 145 -9.44 73.04 7.67
N VAL F 146 -10.41 72.37 7.03
CA VAL F 146 -10.19 71.59 5.82
C VAL F 146 -11.05 72.18 4.71
N GLN F 147 -10.42 72.54 3.59
CA GLN F 147 -11.11 73.07 2.43
C GLN F 147 -10.82 72.19 1.22
N TRP F 148 -11.85 71.84 0.47
CA TRP F 148 -11.74 71.04 -0.75
C TRP F 148 -11.69 71.95 -1.97
N LYS F 149 -10.79 71.65 -2.90
CA LYS F 149 -10.69 72.36 -4.18
C LYS F 149 -10.75 71.36 -5.33
N VAL F 150 -11.62 71.62 -6.30
CA VAL F 150 -11.73 70.80 -7.51
C VAL F 150 -11.49 71.69 -8.73
N ASP F 151 -10.37 71.46 -9.42
CA ASP F 151 -9.89 72.35 -10.49
C ASP F 151 -9.80 73.80 -10.04
N ASN F 152 -9.17 74.01 -8.88
CA ASN F 152 -8.96 75.31 -8.26
C ASN F 152 -10.28 76.05 -7.97
N ALA F 153 -11.41 75.35 -7.90
CA ALA F 153 -12.69 75.94 -7.50
C ALA F 153 -13.01 75.48 -6.10
N LEU F 154 -13.24 76.44 -5.20
CA LEU F 154 -13.57 76.10 -3.82
C LEU F 154 -14.92 75.41 -3.72
N GLN F 155 -14.96 74.30 -2.99
CA GLN F 155 -16.17 73.50 -2.83
C GLN F 155 -16.91 73.87 -1.54
N SER F 156 -18.23 73.83 -1.60
CA SER F 156 -19.08 74.01 -0.42
C SER F 156 -20.27 73.06 -0.50
N GLY F 157 -20.65 72.51 0.66
CA GLY F 157 -21.86 71.72 0.77
C GLY F 157 -21.76 70.25 0.40
N ASN F 158 -20.69 69.82 -0.27
CA ASN F 158 -20.55 68.42 -0.68
C ASN F 158 -19.59 67.63 0.20
N SER F 159 -19.15 68.16 1.33
CA SER F 159 -18.26 67.42 2.23
C SER F 159 -18.85 67.33 3.63
N GLN F 160 -18.42 66.28 4.35
CA GLN F 160 -18.75 66.08 5.76
C GLN F 160 -17.48 65.76 6.53
N GLU F 161 -17.41 66.24 7.77
CA GLU F 161 -16.28 65.98 8.65
C GLU F 161 -16.67 65.06 9.81
N SER F 162 -15.72 64.26 10.26
CA SER F 162 -15.83 63.50 11.50
C SER F 162 -14.54 63.67 12.29
N VAL F 163 -14.66 63.92 13.58
CA VAL F 163 -13.50 64.10 14.45
C VAL F 163 -13.54 63.08 15.57
N THR F 164 -12.37 62.52 15.90
CA THR F 164 -12.30 61.58 17.01
C THR F 164 -12.32 62.34 18.34
N GLU F 165 -12.71 61.62 19.39
CA GLU F 165 -12.49 62.13 20.74
C GLU F 165 -11.00 62.21 21.02
N GLN F 166 -10.62 63.14 21.90
CA GLN F 166 -9.22 63.28 22.27
C GLN F 166 -8.65 61.93 22.69
N ASP F 167 -7.52 61.56 22.10
CA ASP F 167 -6.93 60.25 22.36
C ASP F 167 -6.54 60.14 23.83
N SER F 168 -6.90 59.01 24.45
CA SER F 168 -6.66 58.80 25.88
C SER F 168 -5.17 58.78 26.23
N LYS F 169 -4.32 58.38 25.29
CA LYS F 169 -2.88 58.27 25.58
C LYS F 169 -2.10 59.53 25.24
N ASP F 170 -2.12 59.95 23.98
CA ASP F 170 -1.26 61.03 23.51
C ASP F 170 -1.96 62.38 23.43
N SER F 171 -3.24 62.44 23.78
CA SER F 171 -4.02 63.67 23.88
C SER F 171 -4.17 64.39 22.54
N THR F 172 -4.03 63.69 21.42
CA THR F 172 -4.26 64.30 20.13
C THR F 172 -5.66 63.98 19.61
N TYR F 173 -6.01 64.62 18.50
CA TYR F 173 -7.24 64.40 17.76
C TYR F 173 -6.90 63.91 16.35
N SER F 174 -7.87 63.23 15.74
CA SER F 174 -7.79 62.95 14.31
C SER F 174 -9.11 63.35 13.66
N LEU F 175 -9.03 63.68 12.37
CA LEU F 175 -10.17 64.21 11.64
C LEU F 175 -10.17 63.65 10.22
N SER F 176 -11.36 63.29 9.76
CA SER F 176 -11.59 62.91 8.38
C SER F 176 -12.52 63.94 7.74
N SER F 177 -12.21 64.32 6.51
CA SER F 177 -13.11 65.12 5.70
C SER F 177 -13.38 64.32 4.44
N THR F 178 -14.66 64.13 4.13
CA THR F 178 -15.07 63.27 3.02
C THR F 178 -15.86 64.07 1.99
N LEU F 179 -15.34 64.12 0.77
CA LEU F 179 -15.95 64.81 -0.35
C LEU F 179 -16.70 63.77 -1.16
N THR F 180 -18.00 64.00 -1.39
CA THR F 180 -18.81 63.04 -2.11
C THR F 180 -19.33 63.68 -3.39
N LEU F 181 -19.01 63.04 -4.52
CA LEU F 181 -19.45 63.50 -5.84
C LEU F 181 -20.07 62.34 -6.61
N SER F 182 -20.96 62.65 -7.54
CA SER F 182 -21.39 61.65 -8.50
C SER F 182 -20.23 61.28 -9.42
N LYS F 183 -20.30 60.09 -10.03
CA LYS F 183 -19.28 59.68 -10.98
C LYS F 183 -19.14 60.66 -12.14
N ALA F 184 -20.27 61.14 -12.68
CA ALA F 184 -20.24 62.11 -13.77
C ALA F 184 -19.46 63.36 -13.41
N ASP F 185 -19.78 63.97 -12.27
CA ASP F 185 -19.09 65.19 -11.85
C ASP F 185 -17.61 64.91 -11.57
N TYR F 186 -17.32 63.76 -10.95
CA TYR F 186 -15.94 63.41 -10.64
C TYR F 186 -15.08 63.38 -11.90
N GLU F 187 -15.58 62.73 -12.95
CA GLU F 187 -14.80 62.61 -14.18
C GLU F 187 -14.81 63.90 -15.01
N LYS F 188 -15.60 64.89 -14.61
CA LYS F 188 -15.67 66.18 -15.30
C LYS F 188 -14.59 67.15 -14.81
N HIS F 189 -13.73 66.69 -13.89
CA HIS F 189 -12.65 67.51 -13.36
C HIS F 189 -11.41 66.64 -13.17
N LYS F 190 -10.25 67.29 -13.06
CA LYS F 190 -8.97 66.60 -12.93
C LYS F 190 -8.34 66.69 -11.54
N VAL F 191 -8.03 67.90 -11.08
CA VAL F 191 -7.24 68.10 -9.86
C VAL F 191 -8.12 68.10 -8.62
N TYR F 192 -7.84 67.17 -7.70
CA TYR F 192 -8.54 67.10 -6.42
C TYR F 192 -7.53 67.32 -5.30
N ALA F 193 -7.80 68.31 -4.44
CA ALA F 193 -6.88 68.74 -3.40
C ALA F 193 -7.64 69.08 -2.12
N CYS F 194 -7.09 68.71 -0.97
CA CYS F 194 -7.54 69.21 0.32
C CYS F 194 -6.44 70.05 0.95
N GLU F 195 -6.81 71.24 1.42
CA GLU F 195 -5.89 72.19 2.04
C GLU F 195 -6.21 72.28 3.53
N VAL F 196 -5.20 72.09 4.37
CA VAL F 196 -5.37 72.00 5.82
C VAL F 196 -4.68 73.18 6.50
N THR F 197 -5.42 73.87 7.36
CA THR F 197 -4.90 74.97 8.17
C THR F 197 -4.92 74.59 9.64
N HIS F 198 -3.77 74.70 10.29
CA HIS F 198 -3.66 74.43 11.72
C HIS F 198 -2.48 75.22 12.26
N GLN F 199 -2.58 75.69 13.50
CA GLN F 199 -1.55 76.58 14.03
C GLN F 199 -0.21 75.88 14.26
N GLY F 200 -0.20 74.54 14.31
CA GLY F 200 1.06 73.83 14.47
C GLY F 200 1.90 73.73 13.21
N LEU F 201 1.31 74.05 12.07
CA LEU F 201 1.99 74.00 10.78
C LEU F 201 2.68 75.32 10.49
N SER F 202 3.94 75.25 10.06
CA SER F 202 4.63 76.47 9.66
C SER F 202 3.91 77.14 8.48
N SER F 203 3.29 76.35 7.62
CA SER F 203 2.52 76.87 6.48
C SER F 203 1.37 75.91 6.21
N PRO F 204 0.25 76.42 5.71
CA PRO F 204 -0.84 75.53 5.28
C PRO F 204 -0.34 74.45 4.32
N VAL F 205 -0.92 73.26 4.43
CA VAL F 205 -0.47 72.09 3.68
C VAL F 205 -1.56 71.65 2.69
N THR F 206 -1.15 71.45 1.44
CA THR F 206 -2.01 70.93 0.37
C THR F 206 -1.54 69.52 -0.02
N LYS F 207 -2.47 68.56 0.00
CA LYS F 207 -2.27 67.23 -0.58
C LYS F 207 -3.26 67.04 -1.72
N SER F 208 -2.78 66.56 -2.86
CA SER F 208 -3.63 66.47 -4.04
C SER F 208 -3.26 65.24 -4.86
N PHE F 209 -4.15 64.89 -5.78
CA PHE F 209 -3.89 63.92 -6.84
C PHE F 209 -4.60 64.38 -8.11
N ASN F 210 -4.15 63.84 -9.23
CA ASN F 210 -4.81 64.00 -10.52
C ASN F 210 -5.60 62.75 -10.88
N ARG F 211 -6.89 62.93 -11.16
CA ARG F 211 -7.75 61.81 -11.50
C ARG F 211 -7.18 61.01 -12.66
N GLY F 212 -7.01 59.71 -12.46
CA GLY F 212 -6.43 58.84 -13.45
C GLY F 212 -5.01 58.44 -13.13
N GLN G 1 40.60 -42.87 -36.25
CA GLN G 1 39.60 -42.71 -37.30
C GLN G 1 38.93 -44.04 -37.59
N GLU G 2 39.70 -45.12 -37.49
CA GLU G 2 39.26 -46.45 -37.88
C GLU G 2 38.54 -47.08 -36.70
N VAL G 3 37.21 -47.14 -36.78
CA VAL G 3 36.37 -47.53 -35.66
C VAL G 3 35.18 -48.33 -36.17
N LEU G 4 34.62 -49.12 -35.26
CA LEU G 4 33.39 -49.86 -35.50
C LEU G 4 32.37 -49.41 -34.46
N VAL G 5 31.18 -49.04 -34.92
CA VAL G 5 30.11 -48.55 -34.06
C VAL G 5 28.98 -49.57 -34.09
N GLN G 6 28.60 -50.08 -32.92
CA GLN G 6 27.60 -51.13 -32.81
C GLN G 6 26.29 -50.58 -32.29
N SER G 7 25.22 -51.31 -32.56
CA SER G 7 23.90 -50.93 -32.08
C SER G 7 23.81 -51.05 -30.56
N GLY G 8 22.76 -50.43 -30.01
CA GLY G 8 22.61 -50.35 -28.57
C GLY G 8 22.16 -51.67 -27.95
N ALA G 9 22.18 -51.68 -26.62
CA ALA G 9 21.80 -52.86 -25.86
C ALA G 9 20.38 -53.31 -26.20
N GLU G 10 20.15 -54.62 -26.10
CA GLU G 10 18.86 -55.22 -26.43
C GLU G 10 18.48 -56.26 -25.38
N VAL G 11 17.17 -56.39 -25.15
CA VAL G 11 16.60 -57.46 -24.34
C VAL G 11 15.63 -58.26 -25.21
N LYS G 12 15.72 -59.58 -25.15
CA LYS G 12 14.80 -60.46 -25.85
C LYS G 12 14.45 -61.63 -24.94
N LYS G 13 13.29 -62.25 -25.22
CA LYS G 13 12.85 -63.44 -24.51
C LYS G 13 13.40 -64.69 -25.16
N PRO G 14 13.49 -65.80 -24.41
CA PRO G 14 13.98 -67.05 -24.99
C PRO G 14 13.15 -67.50 -26.20
N GLY G 15 13.84 -68.04 -27.19
CA GLY G 15 13.21 -68.54 -28.40
C GLY G 15 13.12 -67.55 -29.53
N ALA G 16 13.23 -66.25 -29.24
CA ALA G 16 13.13 -65.22 -30.27
C ALA G 16 14.49 -65.04 -30.97
N SER G 17 14.57 -64.03 -31.83
CA SER G 17 15.81 -63.71 -32.54
C SER G 17 16.12 -62.23 -32.33
N VAL G 18 17.41 -61.91 -32.34
CA VAL G 18 17.90 -60.55 -32.21
C VAL G 18 18.83 -60.23 -33.38
N LYS G 19 18.74 -59.01 -33.90
CA LYS G 19 19.59 -58.53 -34.97
C LYS G 19 20.42 -57.37 -34.48
N VAL G 20 21.73 -57.52 -34.55
CA VAL G 20 22.68 -56.54 -34.05
C VAL G 20 23.49 -56.02 -35.24
N SER G 21 23.80 -54.73 -35.23
CA SER G 21 24.49 -54.11 -36.36
C SER G 21 25.83 -53.52 -35.92
N CYS G 22 26.73 -53.38 -36.90
CA CYS G 22 28.08 -52.88 -36.68
C CYS G 22 28.49 -52.11 -37.93
N ARG G 23 28.69 -50.80 -37.82
CA ARG G 23 29.03 -49.96 -38.95
C ARG G 23 30.48 -49.53 -38.88
N ALA G 24 31.19 -49.64 -40.01
CA ALA G 24 32.60 -49.32 -40.10
C ALA G 24 32.79 -47.87 -40.54
N PHE G 25 33.69 -47.17 -39.86
CA PHE G 25 34.05 -45.81 -40.24
C PHE G 25 35.55 -45.69 -40.42
N GLY G 26 35.95 -44.84 -41.36
CA GLY G 26 37.34 -44.46 -41.53
C GLY G 26 38.20 -45.44 -42.31
N TYR G 27 37.61 -46.47 -42.89
CA TYR G 27 38.35 -47.40 -43.73
C TYR G 27 37.37 -48.04 -44.71
N THR G 28 37.91 -48.85 -45.62
CA THR G 28 37.10 -49.50 -46.63
C THR G 28 36.47 -50.75 -46.03
N PHE G 29 35.13 -50.71 -45.88
CA PHE G 29 34.41 -51.79 -45.22
C PHE G 29 34.70 -53.15 -45.86
N THR G 30 34.85 -53.17 -47.18
CA THR G 30 35.03 -54.42 -47.91
C THR G 30 36.48 -54.91 -47.92
N GLY G 31 37.38 -54.23 -47.21
CA GLY G 31 38.78 -54.58 -47.26
C GLY G 31 39.29 -55.52 -46.19
N ASN G 32 38.46 -55.91 -45.22
CA ASN G 32 38.92 -56.76 -44.13
C ASN G 32 37.82 -57.71 -43.71
N ALA G 33 38.19 -58.97 -43.48
CA ALA G 33 37.26 -59.91 -42.88
C ALA G 33 36.85 -59.42 -41.50
N LEU G 34 35.64 -59.79 -41.09
CA LEU G 34 35.09 -59.28 -39.83
C LEU G 34 34.62 -60.44 -38.97
N HIS G 35 35.08 -60.44 -37.71
CA HIS G 35 34.73 -61.46 -36.74
C HIS G 35 33.60 -60.97 -35.86
N TRP G 36 32.83 -61.91 -35.32
CA TRP G 36 31.92 -61.64 -34.22
C TRP G 36 32.34 -62.50 -33.03
N VAL G 37 32.51 -61.85 -31.87
CA VAL G 37 33.01 -62.48 -30.65
C VAL G 37 32.12 -62.02 -29.51
N ARG G 38 31.74 -62.96 -28.64
CA ARG G 38 30.86 -62.64 -27.52
C ARG G 38 31.56 -62.96 -26.20
N GLN G 39 31.05 -62.33 -25.14
CA GLN G 39 31.61 -62.45 -23.80
C GLN G 39 30.46 -62.53 -22.80
N ALA G 40 30.29 -63.69 -22.19
CA ALA G 40 29.27 -63.83 -21.15
C ALA G 40 29.76 -63.10 -19.89
N PRO G 41 28.83 -62.63 -19.05
CA PRO G 41 29.25 -61.81 -17.89
C PRO G 41 30.21 -62.57 -16.98
N GLY G 42 31.37 -61.97 -16.74
CA GLY G 42 32.39 -62.58 -15.92
C GLY G 42 33.17 -63.69 -16.59
N GLN G 43 32.92 -63.97 -17.87
CA GLN G 43 33.50 -65.10 -18.59
C GLN G 43 34.50 -64.60 -19.63
N GLY G 44 35.03 -65.54 -20.42
CA GLY G 44 35.99 -65.24 -21.46
C GLY G 44 35.37 -64.96 -22.80
N LEU G 45 36.20 -65.06 -23.84
CA LEU G 45 35.82 -64.71 -25.21
C LEU G 45 35.52 -65.97 -26.02
N GLU G 46 34.44 -65.91 -26.80
CA GLU G 46 33.99 -67.05 -27.59
C GLU G 46 33.76 -66.61 -29.03
N TRP G 47 34.41 -67.30 -29.97
CA TRP G 47 34.32 -66.99 -31.39
C TRP G 47 33.03 -67.59 -31.97
N LEU G 48 32.20 -66.75 -32.59
CA LEU G 48 30.97 -67.18 -33.24
C LEU G 48 31.16 -67.50 -34.72
N GLY G 49 31.92 -66.68 -35.42
CA GLY G 49 32.12 -66.84 -36.84
C GLY G 49 32.67 -65.56 -37.42
N TRP G 50 32.93 -65.59 -38.73
CA TRP G 50 33.38 -64.38 -39.40
C TRP G 50 32.80 -64.32 -40.81
N ILE G 51 32.81 -63.11 -41.37
CA ILE G 51 32.22 -62.83 -42.66
C ILE G 51 33.21 -62.03 -43.50
N ASN G 52 33.25 -62.30 -44.81
CA ASN G 52 33.99 -61.47 -45.75
C ASN G 52 33.06 -60.39 -46.26
N PRO G 53 33.27 -59.12 -45.92
CA PRO G 53 32.30 -58.09 -46.33
C PRO G 53 32.27 -57.87 -47.82
N HIS G 54 33.34 -58.22 -48.53
CA HIS G 54 33.37 -58.06 -49.98
C HIS G 54 32.43 -59.05 -50.66
N SER G 55 32.66 -60.34 -50.44
CA SER G 55 31.88 -61.39 -51.10
C SER G 55 30.59 -61.74 -50.38
N GLY G 56 30.54 -61.54 -49.07
CA GLY G 56 29.44 -62.02 -48.27
C GLY G 56 29.58 -63.43 -47.75
N ASP G 57 30.65 -64.13 -48.10
CA ASP G 57 30.87 -65.48 -47.60
C ASP G 57 31.02 -65.48 -46.08
N THR G 58 30.54 -66.55 -45.46
CA THR G 58 30.59 -66.71 -44.01
C THR G 58 31.14 -68.08 -43.67
N THR G 59 31.80 -68.15 -42.51
CA THR G 59 32.10 -69.42 -41.87
C THR G 59 31.71 -69.27 -40.41
N THR G 60 30.81 -70.14 -39.96
CA THR G 60 30.27 -70.07 -38.61
C THR G 60 30.89 -71.19 -37.77
N SER G 61 31.24 -70.88 -36.53
CA SER G 61 31.67 -71.91 -35.60
C SER G 61 30.61 -73.00 -35.55
N GLN G 62 31.06 -74.24 -35.59
CA GLN G 62 30.12 -75.34 -35.79
C GLN G 62 29.17 -75.50 -34.62
N LYS G 63 29.53 -75.01 -33.44
CA LYS G 63 28.59 -74.95 -32.32
C LYS G 63 27.36 -74.12 -32.67
N PHE G 64 27.52 -73.08 -33.49
CA PHE G 64 26.45 -72.14 -33.79
C PHE G 64 25.87 -72.30 -35.19
N GLN G 65 26.34 -73.26 -35.96
CA GLN G 65 25.89 -73.42 -37.34
C GLN G 65 24.38 -73.60 -37.41
N GLY G 66 23.74 -72.84 -38.30
CA GLY G 66 22.31 -72.90 -38.48
C GLY G 66 21.51 -72.11 -37.47
N ARG G 67 22.16 -71.52 -36.48
CA ARG G 67 21.53 -70.70 -35.46
C ARG G 67 22.01 -69.26 -35.49
N VAL G 68 23.31 -69.04 -35.70
CA VAL G 68 23.90 -67.72 -35.85
C VAL G 68 24.12 -67.45 -37.33
N TYR G 69 23.69 -66.27 -37.80
CA TYR G 69 23.77 -65.90 -39.21
C TYR G 69 24.43 -64.53 -39.35
N MET G 70 25.38 -64.43 -40.27
CA MET G 70 26.11 -63.21 -40.54
C MET G 70 25.76 -62.70 -41.94
N THR G 71 25.41 -61.42 -42.03
CA THR G 71 25.11 -60.75 -43.29
C THR G 71 25.81 -59.41 -43.31
N ARG G 72 25.78 -58.76 -44.47
CA ARG G 72 26.36 -57.43 -44.59
C ARG G 72 25.57 -56.60 -45.59
N ASP G 73 25.59 -55.28 -45.38
CA ASP G 73 25.06 -54.30 -46.32
C ASP G 73 26.22 -53.38 -46.69
N LYS G 74 26.76 -53.55 -47.91
CA LYS G 74 27.96 -52.81 -48.30
C LYS G 74 27.70 -51.32 -48.44
N SER G 75 26.51 -50.93 -48.91
CA SER G 75 26.24 -49.53 -49.19
C SER G 75 26.36 -48.66 -47.94
N ILE G 76 25.99 -49.21 -46.78
CA ILE G 76 26.02 -48.48 -45.53
C ILE G 76 27.19 -48.91 -44.64
N ASN G 77 28.16 -49.66 -45.18
CA ASN G 77 29.36 -50.05 -44.45
C ASN G 77 29.02 -50.80 -43.15
N THR G 78 27.98 -51.64 -43.20
CA THR G 78 27.43 -52.23 -42.00
C THR G 78 27.31 -53.75 -42.14
N ALA G 79 27.69 -54.47 -41.09
CA ALA G 79 27.49 -55.90 -40.97
C ALA G 79 26.39 -56.20 -39.95
N PHE G 80 25.68 -57.30 -40.16
CA PHE G 80 24.59 -57.71 -39.27
C PHE G 80 24.85 -59.10 -38.70
N LEU G 81 24.46 -59.28 -37.45
CA LEU G 81 24.52 -60.57 -36.76
C LEU G 81 23.13 -60.94 -36.28
N ASP G 82 22.59 -62.06 -36.78
CA ASP G 82 21.32 -62.60 -36.33
C ASP G 82 21.56 -63.82 -35.46
N VAL G 83 21.17 -63.73 -34.19
CA VAL G 83 21.23 -64.86 -33.25
C VAL G 83 19.80 -65.29 -32.96
N THR G 84 19.46 -66.52 -33.32
CA THR G 84 18.10 -67.03 -33.25
C THR G 84 17.97 -68.12 -32.20
N ARG G 85 16.71 -68.50 -31.94
CA ARG G 85 16.36 -69.54 -30.97
C ARG G 85 17.09 -69.33 -29.64
N LEU G 86 16.94 -68.11 -29.10
CA LEU G 86 17.72 -67.67 -27.95
C LEU G 86 17.39 -68.42 -26.67
N THR G 87 18.40 -68.59 -25.82
CA THR G 87 18.27 -69.01 -24.43
C THR G 87 19.10 -68.10 -23.54
N SER G 88 19.00 -68.32 -22.23
CA SER G 88 19.74 -67.49 -21.27
C SER G 88 21.25 -67.65 -21.39
N ASP G 89 21.71 -68.75 -21.99
CA ASP G 89 23.15 -68.93 -22.20
C ASP G 89 23.72 -67.92 -23.19
N ASP G 90 22.87 -67.23 -23.93
CA ASP G 90 23.29 -66.26 -24.95
C ASP G 90 23.44 -64.85 -24.40
N THR G 91 23.16 -64.64 -23.12
CA THR G 91 23.37 -63.33 -22.50
C THR G 91 24.84 -62.98 -22.48
N GLY G 92 25.16 -61.76 -22.87
CA GLY G 92 26.54 -61.29 -22.86
C GLY G 92 26.70 -60.06 -23.72
N ILE G 93 27.95 -59.65 -23.88
CA ILE G 93 28.33 -58.54 -24.74
C ILE G 93 28.83 -59.09 -26.06
N TYR G 94 28.29 -58.59 -27.17
CA TYR G 94 28.65 -59.04 -28.50
C TYR G 94 29.49 -57.97 -29.18
N TYR G 95 30.69 -58.37 -29.64
CA TYR G 95 31.60 -57.49 -30.34
C TYR G 95 31.70 -57.90 -31.80
N CYS G 96 31.80 -56.91 -32.67
CA CYS G 96 32.34 -57.09 -34.00
C CYS G 96 33.80 -56.66 -33.95
N ALA G 97 34.67 -57.39 -34.66
CA ALA G 97 36.10 -57.11 -34.61
C ALA G 97 36.71 -57.36 -35.98
N ARG G 98 37.36 -56.33 -36.50
CA ARG G 98 38.01 -56.42 -37.80
C ARG G 98 39.32 -57.20 -37.68
N ASP G 99 39.60 -58.04 -38.66
CA ASP G 99 40.87 -58.73 -38.77
C ASP G 99 41.81 -57.96 -39.70
N LYS G 100 43.09 -57.90 -39.31
CA LYS G 100 44.11 -57.34 -40.18
C LYS G 100 44.12 -58.04 -41.53
N TYR G 101 43.93 -59.35 -41.54
CA TYR G 101 43.70 -60.13 -42.76
C TYR G 101 44.89 -60.06 -43.73
N TYR G 102 46.10 -59.90 -43.21
CA TYR G 102 47.28 -59.99 -44.05
C TYR G 102 47.29 -61.32 -44.80
N GLY G 103 47.63 -61.27 -46.09
CA GLY G 103 47.64 -62.48 -46.89
C GLY G 103 46.27 -63.10 -47.06
N ASN G 104 45.21 -62.34 -46.82
CA ASN G 104 43.83 -62.83 -46.89
C ASN G 104 43.61 -64.01 -45.95
N GLU G 105 44.26 -63.97 -44.79
CA GLU G 105 44.08 -64.97 -43.74
C GLU G 105 44.05 -64.29 -42.39
N ALA G 106 43.54 -65.01 -41.39
CA ALA G 106 43.43 -64.46 -40.04
C ALA G 106 44.82 -64.16 -39.47
N VAL G 107 44.98 -62.95 -38.94
CA VAL G 107 46.25 -62.52 -38.37
C VAL G 107 46.01 -61.98 -36.96
N GLY G 108 45.01 -61.11 -36.82
CA GLY G 108 44.66 -60.58 -35.52
C GLY G 108 43.54 -59.56 -35.64
N MET G 109 42.84 -59.36 -34.52
CA MET G 109 41.68 -58.49 -34.45
C MET G 109 42.14 -57.15 -33.90
N ASP G 110 42.36 -56.19 -34.80
CA ASP G 110 43.01 -54.93 -34.45
C ASP G 110 42.05 -53.79 -34.14
N VAL G 111 40.80 -53.85 -34.59
CA VAL G 111 39.81 -52.82 -34.32
C VAL G 111 38.53 -53.49 -33.83
N TRP G 112 38.07 -53.08 -32.66
CA TRP G 112 36.89 -53.65 -32.03
C TRP G 112 35.80 -52.60 -31.88
N GLY G 113 34.57 -53.01 -32.13
CA GLY G 113 33.44 -52.21 -31.75
C GLY G 113 33.33 -52.08 -30.24
N GLN G 114 32.42 -51.23 -29.81
CA GLN G 114 32.25 -50.98 -28.39
C GLN G 114 31.47 -52.08 -27.69
N GLY G 115 30.86 -52.98 -28.43
CA GLY G 115 30.08 -54.08 -27.85
C GLY G 115 28.61 -53.72 -27.71
N THR G 116 27.78 -54.75 -27.88
CA THR G 116 26.34 -54.62 -27.72
C THR G 116 25.89 -55.61 -26.65
N SER G 117 25.34 -55.09 -25.57
CA SER G 117 24.83 -55.94 -24.49
C SER G 117 23.52 -56.57 -24.90
N VAL G 118 23.44 -57.90 -24.81
CA VAL G 118 22.23 -58.66 -25.10
C VAL G 118 21.83 -59.42 -23.85
N THR G 119 20.60 -59.20 -23.38
CA THR G 119 20.04 -59.91 -22.23
C THR G 119 18.88 -60.77 -22.70
N VAL G 120 18.98 -62.07 -22.49
CA VAL G 120 17.93 -63.03 -22.83
C VAL G 120 17.34 -63.55 -21.54
N SER G 121 16.06 -63.27 -21.31
CA SER G 121 15.42 -63.66 -20.07
C SER G 121 13.91 -63.59 -20.26
N SER G 122 13.20 -64.36 -19.43
CA SER G 122 11.76 -64.22 -19.31
C SER G 122 11.39 -63.18 -18.26
N ALA G 123 12.38 -62.66 -17.54
CA ALA G 123 12.17 -61.55 -16.63
C ALA G 123 11.74 -60.33 -17.45
N SER G 124 11.00 -59.44 -16.80
CA SER G 124 10.48 -58.28 -17.50
C SER G 124 10.68 -57.02 -16.66
N THR G 125 10.69 -55.89 -17.37
CA THR G 125 11.21 -54.61 -16.88
C THR G 125 10.61 -54.19 -15.54
N LYS G 126 11.47 -53.92 -14.57
CA LYS G 126 11.00 -53.52 -13.25
C LYS G 126 11.99 -52.55 -12.63
N GLY G 127 11.47 -51.47 -12.06
CA GLY G 127 12.30 -50.56 -11.31
C GLY G 127 12.67 -51.18 -9.98
N PRO G 128 13.84 -50.84 -9.46
CA PRO G 128 14.30 -51.47 -8.21
C PRO G 128 13.53 -50.99 -6.99
N SER G 129 13.48 -51.87 -5.99
CA SER G 129 13.11 -51.48 -4.64
C SER G 129 14.38 -51.06 -3.90
N VAL G 130 14.36 -49.88 -3.31
CA VAL G 130 15.53 -49.29 -2.66
C VAL G 130 15.26 -49.22 -1.16
N PHE G 131 16.12 -49.89 -0.38
CA PHE G 131 15.99 -49.98 1.06
C PHE G 131 17.25 -49.44 1.74
N PRO G 132 17.09 -48.81 2.90
CA PRO G 132 18.26 -48.27 3.60
C PRO G 132 19.10 -49.37 4.25
N LEU G 133 20.41 -49.20 4.17
CA LEU G 133 21.36 -49.92 5.02
C LEU G 133 21.78 -48.93 6.08
N ALA G 134 21.16 -49.01 7.24
CA ALA G 134 21.30 -47.91 8.17
C ALA G 134 22.66 -48.00 8.87
N PRO G 135 23.32 -46.87 9.10
CA PRO G 135 24.61 -46.89 9.79
C PRO G 135 24.44 -47.41 11.21
N SER G 136 25.37 -48.26 11.64
CA SER G 136 25.30 -48.81 12.98
C SER G 136 25.33 -47.70 14.01
N SER G 137 24.47 -47.80 15.02
CA SER G 137 24.50 -46.86 16.13
C SER G 137 25.73 -47.06 16.99
N LYS G 138 26.47 -48.14 16.78
CA LYS G 138 27.69 -48.45 17.51
C LYS G 138 28.92 -47.91 16.77
N SER G 139 28.70 -47.08 15.74
CA SER G 139 29.79 -46.54 14.94
C SER G 139 30.86 -45.90 15.81
N THR G 140 32.12 -46.11 15.41
CA THR G 140 33.25 -45.73 16.25
C THR G 140 33.30 -44.23 16.48
N SER G 141 33.44 -43.83 17.75
CA SER G 141 33.57 -42.43 18.10
C SER G 141 34.79 -41.80 17.44
N GLY G 142 34.56 -40.75 16.66
CA GLY G 142 35.62 -40.11 15.90
C GLY G 142 36.17 -41.02 14.83
N GLY G 143 35.52 -42.17 14.65
CA GLY G 143 35.94 -43.20 13.74
C GLY G 143 35.18 -43.14 12.44
N THR G 144 35.02 -44.31 11.82
CA THR G 144 34.38 -44.42 10.51
C THR G 144 33.06 -45.17 10.62
N ALA G 145 32.02 -44.60 10.02
CA ALA G 145 30.70 -45.24 9.93
C ALA G 145 30.41 -45.58 8.48
N ALA G 146 29.71 -46.70 8.27
CA ALA G 146 29.31 -47.13 6.95
C ALA G 146 27.80 -47.13 6.84
N LEU G 147 27.29 -46.72 5.68
CA LEU G 147 25.87 -46.73 5.38
C LEU G 147 25.73 -46.96 3.88
N GLY G 148 24.49 -47.17 3.43
CA GLY G 148 24.31 -47.46 2.02
C GLY G 148 22.86 -47.64 1.66
N CYS G 149 22.66 -48.10 0.43
CA CYS G 149 21.35 -48.42 -0.13
C CYS G 149 21.39 -49.78 -0.80
N LEU G 150 20.38 -50.60 -0.53
CA LEU G 150 20.18 -51.87 -1.21
C LEU G 150 19.25 -51.66 -2.40
N VAL G 151 19.73 -51.98 -3.60
CA VAL G 151 19.00 -51.76 -4.85
C VAL G 151 18.62 -53.15 -5.37
N LYS G 152 17.36 -53.54 -5.14
CA LYS G 152 16.96 -54.95 -5.26
C LYS G 152 15.81 -55.12 -6.25
N ASP G 153 15.85 -56.24 -6.97
CA ASP G 153 14.75 -56.71 -7.83
C ASP G 153 14.44 -55.72 -8.96
N TYR G 154 15.44 -55.48 -9.80
CA TYR G 154 15.23 -54.69 -11.01
C TYR G 154 15.64 -55.47 -12.24
N PHE G 155 15.06 -55.08 -13.37
CA PHE G 155 15.39 -55.67 -14.67
C PHE G 155 15.08 -54.71 -15.80
N PRO G 156 15.92 -54.68 -16.83
CA PRO G 156 17.24 -55.31 -16.92
C PRO G 156 18.31 -54.41 -16.33
N GLU G 157 19.58 -54.76 -16.49
CA GLU G 157 20.64 -53.80 -16.22
C GLU G 157 20.58 -52.69 -17.26
N PRO G 158 21.18 -51.52 -16.95
CA PRO G 158 21.78 -51.15 -15.66
C PRO G 158 20.93 -50.22 -14.81
N VAL G 159 21.40 -49.98 -13.58
CA VAL G 159 20.96 -48.87 -12.77
C VAL G 159 22.13 -47.91 -12.62
N THR G 160 21.82 -46.64 -12.38
CA THR G 160 22.82 -45.66 -11.96
C THR G 160 22.56 -45.28 -10.51
N VAL G 161 23.63 -45.17 -9.73
CA VAL G 161 23.54 -44.82 -8.33
C VAL G 161 24.47 -43.64 -8.06
N SER G 162 23.92 -42.60 -7.43
CA SER G 162 24.70 -41.48 -6.94
C SER G 162 24.35 -41.26 -5.47
N TRP G 163 25.19 -40.49 -4.79
CA TRP G 163 24.94 -40.10 -3.41
C TRP G 163 24.81 -38.58 -3.34
N ASN G 164 23.73 -38.12 -2.73
CA ASN G 164 23.42 -36.69 -2.60
C ASN G 164 23.53 -35.97 -3.94
N SER G 165 22.98 -36.60 -4.98
CA SER G 165 22.92 -36.03 -6.33
C SER G 165 24.31 -35.71 -6.90
N GLY G 166 25.34 -36.45 -6.48
CA GLY G 166 26.66 -36.29 -7.02
C GLY G 166 27.63 -35.51 -6.15
N ALA G 167 27.15 -34.93 -5.04
CA ALA G 167 28.04 -34.18 -4.16
C ALA G 167 28.87 -35.08 -3.26
N LEU G 168 28.48 -36.35 -3.12
CA LEU G 168 29.22 -37.33 -2.33
C LEU G 168 29.68 -38.45 -3.24
N THR G 169 30.99 -38.57 -3.40
CA THR G 169 31.59 -39.60 -4.25
C THR G 169 32.71 -40.35 -3.55
N SER G 170 33.55 -39.66 -2.78
CA SER G 170 34.66 -40.31 -2.09
C SER G 170 34.16 -41.37 -1.12
N GLY G 171 34.83 -42.53 -1.13
CA GLY G 171 34.49 -43.61 -0.24
C GLY G 171 33.27 -44.42 -0.65
N VAL G 172 32.69 -44.12 -1.81
CA VAL G 172 31.52 -44.85 -2.28
C VAL G 172 31.98 -46.11 -3.01
N HIS G 173 31.39 -47.25 -2.65
CA HIS G 173 31.54 -48.48 -3.41
C HIS G 173 30.16 -48.94 -3.85
N THR G 174 29.90 -48.88 -5.14
CA THR G 174 28.67 -49.40 -5.73
C THR G 174 29.01 -50.75 -6.34
N PHE G 175 28.50 -51.82 -5.74
CA PHE G 175 28.92 -53.16 -6.11
C PHE G 175 28.34 -53.57 -7.46
N PRO G 176 29.05 -54.43 -8.19
CA PRO G 176 28.50 -54.96 -9.44
C PRO G 176 27.15 -55.62 -9.20
N ALA G 177 26.24 -55.45 -10.16
CA ALA G 177 24.93 -56.07 -10.05
C ALA G 177 25.08 -57.57 -10.00
N VAL G 178 24.24 -58.21 -9.21
CA VAL G 178 24.24 -59.65 -9.05
C VAL G 178 22.92 -60.18 -9.61
N LEU G 179 23.00 -61.23 -10.43
CA LEU G 179 21.78 -61.84 -10.95
C LEU G 179 21.29 -62.84 -9.91
N GLN G 180 20.16 -62.53 -9.28
CA GLN G 180 19.60 -63.39 -8.25
C GLN G 180 18.93 -64.62 -8.87
N SER G 181 18.66 -65.61 -8.02
CA SER G 181 17.99 -66.83 -8.46
C SER G 181 16.60 -66.55 -9.02
N SER G 182 16.00 -65.41 -8.68
CA SER G 182 14.67 -65.07 -9.19
C SER G 182 14.68 -64.58 -10.63
N GLY G 183 15.84 -64.18 -11.15
CA GLY G 183 15.93 -63.58 -12.46
C GLY G 183 15.96 -62.06 -12.46
N LEU G 184 15.91 -61.44 -11.29
CA LEU G 184 16.05 -60.00 -11.15
C LEU G 184 17.43 -59.68 -10.58
N TYR G 185 17.94 -58.52 -10.96
CA TYR G 185 19.26 -58.10 -10.49
C TYR G 185 19.18 -57.41 -9.14
N SER G 186 20.30 -57.40 -8.43
CA SER G 186 20.42 -56.68 -7.18
C SER G 186 21.86 -56.23 -6.98
N LEU G 187 22.02 -55.08 -6.34
CA LEU G 187 23.33 -54.61 -5.92
C LEU G 187 23.15 -53.77 -4.66
N SER G 188 24.26 -53.52 -3.99
CA SER G 188 24.31 -52.54 -2.90
C SER G 188 25.27 -51.43 -3.28
N SER G 189 24.94 -50.22 -2.81
CA SER G 189 25.84 -49.09 -2.88
C SER G 189 26.10 -48.62 -1.47
N VAL G 190 27.37 -48.59 -1.07
CA VAL G 190 27.74 -48.19 0.28
C VAL G 190 28.68 -47.00 0.20
N VAL G 191 28.78 -46.29 1.31
CA VAL G 191 29.73 -45.19 1.45
C VAL G 191 30.20 -45.18 2.88
N THR G 192 31.48 -44.89 3.08
CA THR G 192 32.03 -44.71 4.41
C THR G 192 32.20 -43.23 4.66
N VAL G 193 31.76 -42.79 5.83
CA VAL G 193 31.69 -41.38 6.20
C VAL G 193 32.10 -41.24 7.65
N PRO G 194 32.50 -40.03 8.06
CA PRO G 194 32.84 -39.84 9.48
C PRO G 194 31.64 -40.14 10.37
N SER G 195 31.90 -40.89 11.45
CA SER G 195 30.83 -41.20 12.39
C SER G 195 30.25 -39.94 13.01
N SER G 196 31.05 -38.88 13.12
CA SER G 196 30.54 -37.62 13.64
C SER G 196 29.44 -37.04 12.76
N SER G 197 29.54 -37.25 11.44
CA SER G 197 28.65 -36.58 10.50
C SER G 197 27.26 -37.20 10.46
N LEU G 198 27.04 -38.30 11.16
CA LEU G 198 25.73 -38.91 11.21
C LEU G 198 24.76 -37.97 11.90
N GLY G 199 23.66 -37.66 11.23
CA GLY G 199 22.66 -36.75 11.74
C GLY G 199 22.89 -35.29 11.40
N THR G 200 24.15 -34.87 11.22
CA THR G 200 24.46 -33.50 10.83
C THR G 200 24.41 -33.31 9.32
N GLN G 201 24.89 -34.30 8.56
CA GLN G 201 24.86 -34.29 7.11
C GLN G 201 23.80 -35.27 6.61
N THR G 202 22.91 -34.79 5.75
CA THR G 202 21.89 -35.65 5.18
C THR G 202 22.50 -36.51 4.08
N TYR G 203 22.15 -37.80 4.06
CA TYR G 203 22.65 -38.74 3.07
C TYR G 203 21.47 -39.31 2.29
N ILE G 204 21.48 -39.09 0.97
CA ILE G 204 20.42 -39.53 0.08
C ILE G 204 21.09 -40.22 -1.12
N CYS G 205 20.69 -41.46 -1.39
CA CYS G 205 21.12 -42.17 -2.59
C CYS G 205 20.10 -42.00 -3.69
N ASN G 206 20.56 -41.69 -4.90
CA ASN G 206 19.70 -41.49 -6.06
C ASN G 206 19.92 -42.65 -7.02
N VAL G 207 18.86 -43.41 -7.27
CA VAL G 207 18.93 -44.64 -8.06
C VAL G 207 18.03 -44.46 -9.28
N ASN G 208 18.62 -44.40 -10.46
CA ASN G 208 17.89 -44.22 -11.71
C ASN G 208 17.97 -45.51 -12.54
N HIS G 209 16.84 -45.87 -13.14
CA HIS G 209 16.74 -47.06 -13.99
C HIS G 209 16.00 -46.68 -15.26
N LYS G 210 16.73 -46.54 -16.36
CA LYS G 210 16.15 -46.02 -17.60
C LYS G 210 15.14 -46.96 -18.27
N PRO G 211 15.37 -48.29 -18.32
CA PRO G 211 14.39 -49.16 -19.01
C PRO G 211 12.98 -49.03 -18.48
N SER G 212 12.82 -48.91 -17.16
CA SER G 212 11.52 -48.68 -16.56
C SER G 212 11.30 -47.20 -16.31
N ASN G 213 12.31 -46.38 -16.61
CA ASN G 213 12.31 -44.94 -16.36
C ASN G 213 11.81 -44.62 -14.96
N THR G 214 12.51 -45.16 -13.98
CA THR G 214 12.28 -44.85 -12.58
C THR G 214 13.49 -44.12 -12.03
N LYS G 215 13.25 -43.23 -11.08
CA LYS G 215 14.29 -42.54 -10.34
C LYS G 215 13.92 -42.66 -8.88
N VAL G 216 14.83 -43.11 -8.02
CA VAL G 216 14.52 -43.21 -6.61
C VAL G 216 15.57 -42.45 -5.82
N ASP G 217 15.10 -41.65 -4.86
CA ASP G 217 15.94 -40.98 -3.88
C ASP G 217 15.56 -41.57 -2.53
N LYS G 218 16.55 -42.03 -1.77
CA LYS G 218 16.28 -42.62 -0.46
C LYS G 218 17.23 -42.02 0.57
N LYS G 219 16.70 -41.33 1.57
CA LYS G 219 17.52 -40.82 2.67
C LYS G 219 17.83 -41.96 3.64
N VAL G 220 19.10 -42.07 4.03
CA VAL G 220 19.59 -43.12 4.91
C VAL G 220 20.06 -42.45 6.20
N GLU G 221 19.40 -42.78 7.31
CA GLU G 221 19.63 -42.14 8.59
C GLU G 221 19.69 -43.21 9.68
N PRO G 222 20.29 -42.88 10.83
CA PRO G 222 20.30 -43.84 11.95
C PRO G 222 18.90 -44.30 12.33
N LYS G 223 18.77 -45.59 12.59
CA LYS G 223 17.47 -46.18 12.92
C LYS G 223 17.11 -45.94 14.39
N ALA H 1 47.11 -70.19 -41.97
CA ALA H 1 45.96 -69.79 -41.17
C ALA H 1 44.67 -69.91 -41.98
N VAL H 2 43.52 -69.79 -41.29
CA VAL H 2 42.23 -69.86 -41.96
C VAL H 2 41.98 -68.56 -42.73
N GLY H 3 41.22 -68.67 -43.80
CA GLY H 3 40.90 -67.51 -44.63
C GLY H 3 39.51 -67.63 -45.21
N ILE H 4 38.92 -66.48 -45.52
CA ILE H 4 37.56 -66.45 -46.04
C ILE H 4 37.52 -65.74 -47.39
N GLY H 5 38.66 -65.77 -48.09
CA GLY H 5 38.70 -65.37 -49.49
C GLY H 5 39.24 -63.96 -49.70
N ALA H 6 39.23 -63.57 -50.96
CA ALA H 6 39.74 -62.26 -51.38
C ALA H 6 38.86 -61.13 -50.88
N VAL H 7 39.47 -59.97 -50.69
CA VAL H 7 38.77 -58.75 -50.29
C VAL H 7 38.96 -57.69 -51.38
N PHE H 8 38.50 -56.47 -51.12
CA PHE H 8 38.61 -55.39 -52.09
C PHE H 8 39.12 -54.11 -51.45
N LEU H 9 39.99 -53.37 -52.15
CA LEU H 9 40.56 -52.16 -51.58
C LEU H 9 39.99 -50.87 -52.14
N GLY H 10 39.46 -50.89 -53.35
CA GLY H 10 38.84 -49.74 -53.98
C GLY H 10 39.76 -49.03 -54.96
N PHE H 11 39.26 -47.88 -55.42
CA PHE H 11 40.02 -47.02 -56.33
C PHE H 11 41.28 -46.51 -55.64
N LEU H 12 42.43 -46.69 -56.29
CA LEU H 12 43.72 -46.29 -55.74
C LEU H 12 44.00 -46.93 -54.39
N GLY H 13 43.39 -48.09 -54.14
CA GLY H 13 43.51 -48.78 -52.86
C GLY H 13 44.92 -49.14 -52.48
N ALA H 14 45.58 -49.93 -53.32
CA ALA H 14 46.93 -50.41 -53.07
C ALA H 14 48.00 -49.44 -53.53
N ALA H 15 47.84 -48.17 -53.15
CA ALA H 15 48.84 -47.17 -53.52
C ALA H 15 50.08 -47.31 -52.65
N GLY H 16 49.88 -47.69 -51.40
CA GLY H 16 50.90 -47.92 -50.40
C GLY H 16 51.33 -49.36 -50.31
N SER H 17 50.72 -50.25 -51.10
CA SER H 17 51.09 -51.65 -51.09
C SER H 17 52.27 -51.87 -52.03
N THR H 18 52.91 -53.02 -51.90
CA THR H 18 54.03 -53.34 -52.77
C THR H 18 53.60 -53.40 -54.23
N MET H 19 54.59 -53.25 -55.12
CA MET H 19 54.29 -53.31 -56.55
C MET H 19 53.74 -54.68 -56.93
N GLY H 20 54.26 -55.74 -56.31
CA GLY H 20 53.75 -57.07 -56.58
C GLY H 20 52.33 -57.23 -56.10
N ALA H 21 52.01 -56.62 -54.95
CA ALA H 21 50.65 -56.70 -54.42
C ALA H 21 49.72 -55.77 -55.18
N ALA H 22 50.22 -54.59 -55.57
CA ALA H 22 49.43 -53.61 -56.29
C ALA H 22 49.17 -54.02 -57.72
N SER H 23 49.91 -55.02 -58.22
CA SER H 23 49.71 -55.51 -59.58
C SER H 23 48.44 -56.33 -59.72
N MET H 24 47.81 -56.67 -58.59
CA MET H 24 46.57 -57.43 -58.58
C MET H 24 45.34 -56.53 -58.71
N THR H 25 45.48 -55.23 -58.52
CA THR H 25 44.39 -54.26 -58.54
C THR H 25 44.39 -53.40 -59.79
N LEU H 26 44.99 -53.90 -60.88
CA LEU H 26 45.08 -53.13 -62.12
C LEU H 26 43.71 -52.88 -62.75
N THR H 27 42.80 -53.85 -62.64
CA THR H 27 41.51 -53.69 -63.29
C THR H 27 40.58 -52.77 -62.49
N VAL H 28 41.05 -52.19 -61.40
CA VAL H 28 40.25 -51.28 -60.56
C VAL H 28 40.56 -49.84 -60.91
N GLN H 29 41.84 -49.50 -61.06
CA GLN H 29 42.23 -48.15 -61.46
C GLN H 29 41.91 -47.89 -62.92
N ALA H 30 41.74 -48.95 -63.72
CA ALA H 30 41.42 -48.81 -65.13
C ALA H 30 39.94 -48.52 -65.33
N ARG H 31 39.14 -48.99 -64.38
CA ARG H 31 37.69 -48.86 -64.40
C ARG H 31 37.23 -47.43 -64.14
N ASN H 32 37.75 -46.79 -63.09
CA ASN H 32 37.35 -45.43 -62.77
C ASN H 32 38.21 -44.38 -63.45
N LEU H 33 38.82 -44.72 -64.59
CA LEU H 33 39.68 -43.78 -65.28
C LEU H 33 38.92 -42.99 -66.32
N LEU H 34 37.85 -43.59 -66.86
CA LEU H 34 36.98 -42.96 -67.84
C LEU H 34 35.62 -42.64 -67.23
N SER H 35 35.10 -43.55 -66.39
CA SER H 35 33.84 -43.42 -65.65
C SER H 35 32.63 -43.12 -66.53
N GLY H 36 32.09 -44.13 -67.20
CA GLY H 36 30.93 -43.95 -68.05
C GLY H 36 31.19 -43.18 -69.33
N THR H 58 25.11 -21.02 -71.70
CA THR H 58 25.18 -20.63 -70.29
C THR H 58 26.47 -21.15 -69.67
N VAL H 59 27.17 -20.27 -68.95
CA VAL H 59 28.44 -20.62 -68.32
C VAL H 59 28.20 -21.52 -67.13
N TRP H 60 29.26 -21.86 -66.39
CA TRP H 60 29.25 -22.72 -65.21
C TRP H 60 28.87 -24.15 -65.56
N GLY H 61 28.18 -24.34 -66.68
CA GLY H 61 27.88 -25.66 -67.17
C GLY H 61 28.91 -26.03 -68.21
N ILE H 62 29.56 -25.00 -68.76
CA ILE H 62 30.64 -25.19 -69.71
C ILE H 62 31.96 -25.45 -68.98
N LYS H 63 31.98 -25.24 -67.67
CA LYS H 63 33.19 -25.48 -66.89
C LYS H 63 33.53 -26.97 -66.91
N GLN H 64 32.52 -27.82 -66.86
CA GLN H 64 32.67 -29.28 -66.83
C GLN H 64 32.82 -29.91 -68.21
N LEU H 65 32.31 -29.26 -69.26
CA LEU H 65 32.40 -29.82 -70.60
C LEU H 65 33.85 -29.94 -71.07
N GLN H 66 34.61 -28.86 -71.02
CA GLN H 66 36.00 -28.89 -71.44
C GLN H 66 36.86 -29.81 -70.57
N ALA H 67 36.40 -30.13 -69.37
CA ALA H 67 37.13 -31.02 -68.46
C ALA H 67 36.90 -32.46 -68.87
N ARG H 68 35.68 -32.78 -69.24
CA ARG H 68 35.33 -34.14 -69.65
C ARG H 68 35.85 -34.38 -71.07
N VAL H 69 36.23 -33.31 -71.77
CA VAL H 69 36.91 -33.43 -73.05
C VAL H 69 38.37 -33.80 -72.79
N LEU H 70 38.98 -33.16 -71.78
CA LEU H 70 40.36 -33.48 -71.40
C LEU H 70 40.43 -34.87 -70.79
N ALA H 71 39.30 -35.37 -70.26
CA ALA H 71 39.28 -36.69 -69.65
C ALA H 71 39.46 -37.75 -70.72
N VAL H 72 38.80 -37.56 -71.87
CA VAL H 72 38.91 -38.53 -72.96
C VAL H 72 40.19 -38.30 -73.74
N GLU H 73 40.74 -37.09 -73.71
CA GLU H 73 42.02 -36.86 -74.37
C GLU H 73 43.13 -37.54 -73.58
N ARG H 74 43.00 -37.56 -72.26
CA ARG H 74 43.98 -38.23 -71.42
C ARG H 74 43.85 -39.75 -71.55
N TYR H 75 42.63 -40.24 -71.80
CA TYR H 75 42.44 -41.67 -71.94
C TYR H 75 43.00 -42.16 -73.27
N LEU H 76 42.63 -41.51 -74.38
CA LEU H 76 43.12 -41.94 -75.68
C LEU H 76 44.62 -41.69 -75.83
N ARG H 77 45.17 -40.72 -75.10
CA ARG H 77 46.62 -40.50 -75.16
C ARG H 77 47.32 -41.73 -74.63
N ASP H 78 46.88 -42.22 -73.47
CA ASP H 78 47.47 -43.42 -72.90
C ASP H 78 47.12 -44.64 -73.75
N GLN H 79 45.91 -44.67 -74.33
CA GLN H 79 45.50 -45.79 -75.17
C GLN H 79 46.30 -45.83 -76.47
N GLN H 80 46.68 -44.65 -76.98
CA GLN H 80 47.48 -44.61 -78.20
C GLN H 80 48.88 -45.13 -77.91
N LEU H 81 49.47 -44.71 -76.78
CA LEU H 81 50.77 -45.24 -76.38
C LEU H 81 50.69 -46.74 -76.13
N LEU H 82 49.58 -47.19 -75.52
CA LEU H 82 49.38 -48.60 -75.24
C LEU H 82 49.19 -49.43 -76.50
N GLY H 83 48.83 -48.78 -77.61
CA GLY H 83 48.60 -49.45 -78.87
C GLY H 83 49.83 -49.49 -79.75
N ILE H 84 50.57 -48.39 -79.83
CA ILE H 84 51.77 -48.36 -80.67
C ILE H 84 52.86 -49.23 -80.08
N TRP H 85 52.79 -49.53 -78.78
CA TRP H 85 53.73 -50.46 -78.18
C TRP H 85 53.26 -51.87 -78.49
N GLY H 86 54.02 -52.87 -78.01
CA GLY H 86 53.57 -54.24 -78.22
C GLY H 86 52.56 -54.71 -77.21
N CYS H 87 51.48 -53.94 -77.06
CA CYS H 87 50.47 -54.27 -76.05
C CYS H 87 49.08 -54.21 -76.68
N SER H 88 48.56 -52.98 -76.86
CA SER H 88 47.19 -52.76 -77.32
C SER H 88 46.22 -53.37 -76.31
N GLY H 89 46.27 -54.70 -76.17
CA GLY H 89 45.55 -55.40 -75.12
C GLY H 89 46.03 -54.87 -73.78
N LYS H 90 45.11 -54.33 -72.97
CA LYS H 90 45.48 -53.60 -71.76
C LYS H 90 46.04 -54.46 -70.62
N LEU H 91 45.98 -53.90 -69.40
CA LEU H 91 46.48 -54.50 -68.16
C LEU H 91 47.98 -54.80 -68.15
N ILE H 92 48.39 -55.95 -68.69
CA ILE H 92 49.81 -56.32 -68.69
C ILE H 92 50.25 -56.77 -70.08
N CYS H 93 51.53 -56.55 -70.37
CA CYS H 93 52.11 -57.02 -71.63
C CYS H 93 53.63 -57.00 -71.47
N CYS H 94 54.31 -57.94 -72.13
CA CYS H 94 55.77 -58.04 -72.09
C CYS H 94 56.36 -57.38 -73.35
N THR H 95 57.65 -57.08 -73.30
CA THR H 95 58.34 -56.45 -74.42
C THR H 95 59.74 -57.02 -74.54
N ASN H 96 60.31 -56.90 -75.73
CA ASN H 96 61.66 -57.41 -75.99
C ASN H 96 62.69 -56.31 -75.81
N VAL H 97 62.68 -55.68 -74.64
CA VAL H 97 63.63 -54.61 -74.34
C VAL H 97 64.42 -54.97 -73.07
N PRO H 98 65.74 -55.11 -73.15
CA PRO H 98 66.56 -55.41 -71.96
C PRO H 98 66.59 -54.26 -70.97
N TRP H 99 66.39 -54.58 -69.69
CA TRP H 99 66.39 -53.54 -68.65
C TRP H 99 67.81 -53.05 -68.40
N ASN H 100 68.09 -51.80 -68.79
CA ASN H 100 69.41 -51.23 -68.58
C ASN H 100 69.64 -51.01 -67.08
N SER H 101 70.79 -51.48 -66.57
CA SER H 101 71.10 -51.42 -65.14
C SER H 101 71.20 -49.99 -64.61
N SER H 102 71.48 -49.02 -65.47
CA SER H 102 71.63 -47.63 -65.04
C SER H 102 70.31 -47.05 -64.53
N TRP H 103 69.19 -47.68 -64.87
CA TRP H 103 67.87 -47.24 -64.45
C TRP H 103 67.56 -47.79 -63.05
N SER H 104 68.39 -47.37 -62.08
CA SER H 104 68.27 -47.82 -60.69
C SER H 104 68.36 -49.34 -60.58
N ASN H 105 69.57 -49.86 -60.51
CA ASN H 105 69.80 -51.29 -60.45
C ASN H 105 69.27 -51.93 -59.17
N ARG H 106 68.05 -52.45 -59.23
CA ARG H 106 67.44 -53.16 -58.11
C ARG H 106 67.18 -54.61 -58.54
N ASN H 107 66.96 -55.47 -57.55
CA ASN H 107 66.69 -56.87 -57.82
C ASN H 107 65.18 -57.16 -57.90
N LEU H 108 64.87 -58.36 -58.40
CA LEU H 108 63.47 -58.78 -58.56
C LEU H 108 62.75 -58.80 -57.23
N SER H 109 63.42 -59.29 -56.18
CA SER H 109 62.79 -59.38 -54.87
C SER H 109 62.85 -58.05 -54.14
N GLU H 110 63.60 -57.09 -54.68
CA GLU H 110 63.76 -55.77 -54.09
C GLU H 110 62.83 -54.74 -54.73
N ILE H 111 62.12 -55.12 -55.80
CA ILE H 111 61.20 -54.23 -56.50
C ILE H 111 59.74 -54.56 -56.20
N TRP H 112 59.33 -55.81 -56.43
CA TRP H 112 57.95 -56.24 -56.28
C TRP H 112 57.53 -56.51 -54.83
N ASP H 113 58.48 -56.60 -53.89
CA ASP H 113 58.16 -56.92 -52.51
C ASP H 113 58.84 -55.94 -51.54
N ASN H 114 59.21 -54.76 -52.03
CA ASN H 114 59.87 -53.76 -51.17
C ASN H 114 59.78 -52.36 -51.77
N MET H 115 58.83 -52.09 -52.65
CA MET H 115 58.73 -50.79 -53.31
C MET H 115 57.30 -50.54 -53.76
N THR H 116 56.84 -49.30 -53.56
CA THR H 116 55.51 -48.90 -53.99
C THR H 116 55.60 -48.28 -55.39
N TRP H 117 54.47 -48.22 -56.07
CA TRP H 117 54.47 -47.64 -57.41
C TRP H 117 54.79 -46.14 -57.37
N LEU H 118 54.33 -45.45 -56.32
CA LEU H 118 54.61 -44.03 -56.15
C LEU H 118 56.10 -43.77 -55.90
N GLN H 119 56.73 -44.59 -55.06
CA GLN H 119 58.14 -44.41 -54.76
C GLN H 119 58.99 -44.78 -55.96
N TRP H 120 58.52 -45.76 -56.74
CA TRP H 120 59.25 -46.22 -57.91
C TRP H 120 59.19 -45.17 -59.02
N ASP H 121 57.99 -44.62 -59.26
CA ASP H 121 57.84 -43.64 -60.32
C ASP H 121 58.65 -42.39 -60.01
N LYS H 122 59.00 -42.17 -58.73
CA LYS H 122 59.77 -41.01 -58.35
C LYS H 122 61.21 -41.15 -58.80
N GLU H 123 61.71 -42.38 -58.84
CA GLU H 123 63.09 -42.65 -59.24
C GLU H 123 63.20 -42.77 -60.76
N ILE H 124 62.26 -43.50 -61.38
CA ILE H 124 62.33 -43.74 -62.82
C ILE H 124 61.74 -42.58 -63.60
N SER H 125 61.22 -41.56 -62.92
CA SER H 125 60.65 -40.42 -63.62
C SER H 125 61.68 -39.81 -64.56
N ASN H 126 62.96 -39.94 -64.20
CA ASN H 126 64.05 -39.43 -65.02
C ASN H 126 64.24 -40.21 -66.31
N TYR H 127 63.92 -41.50 -66.32
CA TYR H 127 64.15 -42.34 -67.50
C TYR H 127 62.86 -42.81 -68.13
N THR H 128 61.71 -42.31 -67.65
CA THR H 128 60.43 -42.71 -68.21
C THR H 128 60.35 -42.35 -69.68
N GLN H 129 60.78 -41.13 -70.02
CA GLN H 129 60.74 -40.67 -71.39
C GLN H 129 61.72 -41.44 -72.27
N ILE H 130 62.83 -41.91 -71.71
CA ILE H 130 63.81 -42.68 -72.47
C ILE H 130 63.29 -44.07 -72.83
N ILE H 131 62.70 -44.75 -71.86
CA ILE H 131 62.18 -46.11 -72.07
C ILE H 131 61.05 -46.11 -73.10
N TYR H 132 60.20 -45.09 -73.06
CA TYR H 132 59.08 -45.01 -73.99
C TYR H 132 59.54 -45.04 -75.44
N GLY H 133 60.68 -44.41 -75.74
CA GLY H 133 61.18 -44.41 -77.11
C GLY H 133 61.67 -45.76 -77.59
N LEU H 134 62.21 -46.58 -76.69
CA LEU H 134 62.72 -47.89 -77.07
C LEU H 134 61.60 -48.91 -77.24
N LEU H 135 60.37 -48.58 -76.86
CA LEU H 135 59.26 -49.52 -76.94
C LEU H 135 58.43 -49.31 -78.19
N GLU H 136 58.13 -48.06 -78.53
CA GLU H 136 57.29 -47.76 -79.70
C GLU H 136 58.07 -47.78 -81.01
N GLU H 137 59.33 -47.31 -80.98
CA GLU H 137 60.15 -47.17 -82.18
C GLU H 137 60.98 -48.42 -82.45
N SER H 138 61.80 -48.83 -81.48
CA SER H 138 62.72 -49.94 -81.70
C SER H 138 62.01 -51.28 -81.89
N GLN H 139 60.79 -51.41 -81.37
CA GLN H 139 60.08 -52.68 -81.37
C GLN H 139 59.10 -52.86 -82.52
N ASN H 140 57.85 -52.45 -82.32
CA ASN H 140 56.77 -52.73 -83.26
C ASN H 140 56.99 -52.15 -84.65
N GLN H 141 58.05 -51.39 -84.85
CA GLN H 141 58.41 -50.93 -86.17
C GLN H 141 59.34 -51.95 -86.79
N GLN H 142 60.06 -52.67 -85.93
CA GLN H 142 60.98 -53.74 -86.30
C GLN H 142 60.32 -55.09 -86.18
N GLU H 143 59.34 -55.22 -85.28
CA GLU H 143 58.64 -56.48 -85.08
C GLU H 143 57.57 -56.71 -86.14
N LYS H 144 56.75 -55.70 -86.41
CA LYS H 144 55.69 -55.82 -87.40
C LYS H 144 56.27 -55.88 -88.81
N ASN H 145 57.35 -55.12 -89.06
CA ASN H 145 58.00 -55.21 -90.36
C ASN H 145 58.60 -56.58 -90.56
N GLU H 146 59.06 -57.23 -89.48
CA GLU H 146 59.54 -58.59 -89.62
C GLU H 146 58.39 -59.49 -90.02
N GLN H 147 57.18 -59.20 -89.51
CA GLN H 147 56.04 -60.06 -89.82
C GLN H 147 55.63 -59.92 -91.27
N ASP H 148 55.82 -58.75 -91.88
CA ASP H 148 55.48 -58.65 -93.29
C ASP H 148 56.42 -59.53 -94.10
N LEU H 149 57.63 -59.73 -93.58
CA LEU H 149 58.60 -60.62 -94.19
C LEU H 149 58.35 -62.07 -93.81
N LEU H 150 57.72 -62.30 -92.65
CA LEU H 150 57.48 -63.65 -92.18
C LEU H 150 56.18 -64.21 -92.72
N ALA H 151 55.31 -63.33 -93.22
CA ALA H 151 53.98 -63.64 -93.72
C ALA H 151 53.94 -63.80 -95.24
N LEU H 152 55.02 -63.42 -95.95
CA LEU H 152 55.06 -63.53 -97.40
C LEU H 152 55.37 -64.95 -97.89
N ASP H 153 55.99 -65.77 -97.06
CA ASP H 153 56.31 -67.15 -97.46
C ASP H 153 55.23 -68.15 -97.03
N ASP I 1 38.32 -79.26 -31.39
CA ASP I 1 38.89 -77.92 -31.25
C ASP I 1 40.26 -77.98 -30.61
N ILE I 2 40.98 -76.86 -30.64
CA ILE I 2 42.26 -76.70 -29.97
C ILE I 2 42.04 -75.87 -28.72
N GLN I 3 42.59 -76.33 -27.60
CA GLN I 3 42.48 -75.65 -26.31
C GLN I 3 43.76 -74.89 -26.00
N LEU I 4 43.60 -73.63 -25.60
CA LEU I 4 44.69 -72.79 -25.12
C LEU I 4 44.56 -72.62 -23.61
N THR I 5 45.63 -72.95 -22.90
CA THR I 5 45.69 -72.87 -21.44
C THR I 5 46.70 -71.80 -21.04
N GLN I 6 46.22 -70.79 -20.30
CA GLN I 6 47.07 -69.71 -19.85
C GLN I 6 47.47 -69.88 -18.39
N SER I 7 48.70 -69.51 -18.07
CA SER I 7 49.20 -69.57 -16.70
C SER I 7 50.14 -68.40 -16.38
N PRO I 8 50.06 -67.87 -15.14
CA PRO I 8 49.07 -68.26 -14.14
C PRO I 8 47.70 -67.66 -14.42
N SER I 9 46.66 -68.15 -13.73
CA SER I 9 45.34 -67.54 -13.90
C SER I 9 45.27 -66.18 -13.21
N PHE I 10 45.98 -66.01 -12.11
CA PHE I 10 46.04 -64.74 -11.40
C PHE I 10 47.47 -64.49 -10.96
N LEU I 11 48.06 -63.42 -11.49
CA LEU I 11 49.45 -63.07 -11.25
C LEU I 11 49.51 -61.77 -10.46
N SER I 12 50.21 -61.79 -9.32
CA SER I 12 50.41 -60.62 -8.50
C SER I 12 51.80 -60.05 -8.75
N ALA I 13 51.87 -58.75 -9.04
CA ALA I 13 53.14 -58.10 -9.30
C ALA I 13 53.05 -56.63 -8.93
N SER I 14 54.21 -56.01 -8.77
CA SER I 14 54.35 -54.60 -8.42
C SER I 14 54.72 -53.78 -9.65
N VAL I 15 54.37 -52.49 -9.61
CA VAL I 15 54.83 -51.56 -10.63
C VAL I 15 56.34 -51.66 -10.74
N GLY I 16 56.84 -51.84 -11.97
CA GLY I 16 58.26 -51.98 -12.22
C GLY I 16 58.74 -53.40 -12.46
N ASP I 17 57.93 -54.40 -12.13
CA ASP I 17 58.35 -55.79 -12.30
C ASP I 17 58.43 -56.19 -13.77
N LYS I 18 59.35 -57.10 -14.07
CA LYS I 18 59.34 -57.87 -15.31
C LYS I 18 58.52 -59.14 -15.06
N VAL I 19 57.51 -59.37 -15.88
CA VAL I 19 56.65 -60.54 -15.71
C VAL I 19 56.46 -61.22 -17.07
N THR I 20 56.27 -62.53 -17.00
CA THR I 20 56.04 -63.37 -18.18
C THR I 20 54.83 -64.25 -17.94
N ILE I 21 53.89 -64.24 -18.88
CA ILE I 21 52.70 -65.10 -18.80
C ILE I 21 52.77 -66.09 -19.96
N THR I 22 52.14 -67.24 -19.76
CA THR I 22 52.32 -68.39 -20.63
C THR I 22 50.99 -68.80 -21.27
N CYS I 23 51.07 -69.20 -22.54
CA CYS I 23 49.92 -69.73 -23.28
C CYS I 23 50.35 -71.04 -23.92
N ARG I 24 49.65 -72.11 -23.61
CA ARG I 24 49.95 -73.44 -24.16
C ARG I 24 48.80 -73.92 -25.03
N ALA I 25 49.15 -74.47 -26.19
CA ALA I 25 48.19 -75.02 -27.12
C ALA I 25 48.17 -76.54 -27.05
N SER I 26 46.99 -77.12 -27.15
CA SER I 26 46.87 -78.58 -27.13
C SER I 26 47.37 -79.22 -28.42
N GLN I 27 47.42 -78.45 -29.51
CA GLN I 27 47.99 -78.91 -30.77
C GLN I 27 48.85 -77.78 -31.34
N GLY I 28 49.71 -78.13 -32.29
CA GLY I 28 50.60 -77.14 -32.89
C GLY I 28 49.81 -76.12 -33.71
N VAL I 29 50.03 -74.84 -33.42
CA VAL I 29 49.40 -73.75 -34.16
C VAL I 29 50.41 -72.89 -34.91
N ARG I 30 51.64 -73.35 -35.07
CA ARG I 30 52.72 -72.65 -35.80
C ARG I 30 52.97 -71.30 -35.13
N ASN I 31 53.10 -70.20 -35.88
CA ASN I 31 53.25 -68.85 -35.35
C ASN I 31 51.95 -68.05 -35.40
N GLU I 32 50.81 -68.73 -35.61
CA GLU I 32 49.56 -68.06 -35.93
C GLU I 32 48.78 -67.83 -34.64
N LEU I 33 49.22 -66.81 -33.90
CA LEU I 33 48.74 -66.56 -32.55
C LEU I 33 48.84 -65.08 -32.25
N ALA I 34 47.83 -64.55 -31.56
CA ALA I 34 47.78 -63.15 -31.19
C ALA I 34 47.58 -63.00 -29.68
N TRP I 35 48.03 -61.87 -29.15
CA TRP I 35 47.81 -61.49 -27.76
C TRP I 35 47.00 -60.21 -27.69
N TYR I 36 46.08 -60.13 -26.72
CA TYR I 36 45.20 -58.98 -26.53
C TYR I 36 45.24 -58.51 -25.09
N GLN I 37 44.92 -57.23 -24.91
CA GLN I 37 44.70 -56.62 -23.60
C GLN I 37 43.23 -56.24 -23.46
N GLN I 38 42.63 -56.56 -22.31
CA GLN I 38 41.27 -56.16 -22.00
C GLN I 38 41.20 -55.62 -20.58
N LYS I 39 40.53 -54.48 -20.42
CA LYS I 39 40.24 -53.84 -19.17
C LYS I 39 38.73 -53.90 -18.91
N PRO I 40 38.30 -53.88 -17.65
CA PRO I 40 36.86 -54.02 -17.37
C PRO I 40 36.03 -52.97 -18.10
N GLY I 41 34.98 -53.44 -18.79
CA GLY I 41 34.06 -52.57 -19.47
C GLY I 41 34.49 -52.11 -20.85
N LYS I 42 35.64 -52.55 -21.34
CA LYS I 42 36.16 -52.11 -22.63
C LYS I 42 36.38 -53.30 -23.55
N ALA I 43 36.40 -53.00 -24.85
CA ALA I 43 36.76 -54.00 -25.83
C ALA I 43 38.26 -54.30 -25.75
N PRO I 44 38.68 -55.50 -26.13
CA PRO I 44 40.11 -55.82 -26.16
C PRO I 44 40.87 -54.96 -27.16
N ASN I 45 42.18 -54.82 -26.90
CA ASN I 45 43.11 -54.15 -27.80
C ASN I 45 44.21 -55.12 -28.23
N LEU I 46 44.52 -55.10 -29.52
CA LEU I 46 45.55 -55.99 -30.06
C LEU I 46 46.95 -55.54 -29.66
N LEU I 47 47.72 -56.46 -29.09
CA LEU I 47 49.11 -56.24 -28.72
C LEU I 47 50.09 -56.92 -29.66
N ILE I 48 49.90 -58.21 -29.92
CA ILE I 48 50.86 -59.05 -30.63
C ILE I 48 50.11 -59.87 -31.66
N TYR I 49 50.71 -60.03 -32.85
CA TYR I 49 50.24 -60.99 -33.83
C TYR I 49 51.45 -61.70 -34.43
N TYR I 50 51.21 -62.77 -35.17
CA TYR I 50 52.27 -63.66 -35.63
C TYR I 50 53.15 -64.13 -34.47
N ALA I 51 52.53 -64.26 -33.30
CA ALA I 51 53.16 -64.72 -32.06
C ALA I 51 54.22 -63.78 -31.48
N SER I 52 54.91 -63.01 -32.32
CA SER I 52 55.98 -62.15 -31.81
C SER I 52 55.96 -60.70 -32.29
N THR I 53 55.06 -60.32 -33.19
CA THR I 53 55.12 -58.99 -33.80
C THR I 53 54.26 -57.99 -33.04
N LEU I 54 54.84 -56.85 -32.71
CA LEU I 54 54.13 -55.79 -31.98
C LEU I 54 53.14 -55.08 -32.89
N GLN I 55 51.89 -54.96 -32.43
CA GLN I 55 50.91 -54.13 -33.11
C GLN I 55 51.32 -52.67 -33.08
N SER I 56 51.02 -51.96 -34.17
CA SER I 56 51.33 -50.54 -34.27
C SER I 56 50.77 -49.77 -33.08
N GLY I 57 51.63 -48.95 -32.46
CA GLY I 57 51.23 -48.14 -31.34
C GLY I 57 51.37 -48.80 -29.98
N VAL I 58 51.61 -50.11 -29.95
CA VAL I 58 51.80 -50.81 -28.69
C VAL I 58 53.19 -50.51 -28.14
N PRO I 59 53.34 -50.19 -26.85
CA PRO I 59 54.64 -49.79 -26.32
C PRO I 59 55.70 -50.88 -26.45
N SER I 60 56.96 -50.43 -26.60
CA SER I 60 58.08 -51.32 -26.82
C SER I 60 58.36 -52.23 -25.63
N ARG I 61 57.83 -51.93 -24.44
CA ARG I 61 58.06 -52.79 -23.29
C ARG I 61 57.33 -54.12 -23.40
N PHE I 62 56.40 -54.26 -24.35
CA PHE I 62 55.75 -55.52 -24.63
C PHE I 62 56.55 -56.30 -25.68
N SER I 63 56.73 -57.59 -25.43
CA SER I 63 57.30 -58.50 -26.41
C SER I 63 56.68 -59.87 -26.22
N ALA I 64 56.82 -60.73 -27.23
CA ALA I 64 56.22 -62.05 -27.19
C ALA I 64 57.05 -63.02 -28.02
N THR I 65 56.99 -64.29 -27.64
CA THR I 65 57.80 -65.33 -28.25
C THR I 65 56.99 -66.61 -28.42
N GLY I 66 57.56 -67.56 -29.13
CA GLY I 66 57.01 -68.90 -29.19
C GLY I 66 56.58 -69.44 -30.54
N SER I 67 56.43 -70.76 -30.63
CA SER I 67 55.92 -71.45 -31.81
C SER I 67 55.35 -72.78 -31.36
N GLY I 68 54.60 -73.41 -32.25
CA GLY I 68 54.07 -74.74 -31.96
C GLY I 68 53.00 -74.71 -30.88
N THR I 69 53.32 -75.27 -29.71
CA THR I 69 52.37 -75.36 -28.61
C THR I 69 52.69 -74.45 -27.43
N HIS I 70 53.79 -73.70 -27.46
CA HIS I 70 54.25 -72.95 -26.28
C HIS I 70 54.51 -71.50 -26.65
N PHE I 71 53.83 -70.58 -25.96
CA PHE I 71 53.91 -69.15 -26.23
C PHE I 71 53.99 -68.39 -24.92
N THR I 72 54.73 -67.27 -24.94
CA THR I 72 54.82 -66.38 -23.79
C THR I 72 54.68 -64.93 -24.22
N LEU I 73 54.19 -64.09 -23.31
CA LEU I 73 54.16 -62.65 -23.45
C LEU I 73 54.90 -62.03 -22.28
N THR I 74 55.78 -61.07 -22.56
CA THR I 74 56.63 -60.45 -21.56
C THR I 74 56.42 -58.94 -21.54
N VAL I 75 56.31 -58.39 -20.33
CA VAL I 75 56.38 -56.95 -20.11
C VAL I 75 57.69 -56.68 -19.37
N SER I 76 58.56 -55.89 -19.99
CA SER I 76 59.89 -55.68 -19.43
C SER I 76 59.83 -54.86 -18.14
N SER I 77 58.96 -53.85 -18.10
CA SER I 77 58.74 -53.09 -16.87
C SER I 77 57.27 -52.69 -16.83
N LEU I 78 56.52 -53.25 -15.88
CA LEU I 78 55.10 -52.97 -15.77
C LEU I 78 54.87 -51.53 -15.37
N GLN I 79 53.92 -50.88 -16.05
CA GLN I 79 53.43 -49.55 -15.71
C GLN I 79 51.98 -49.65 -15.22
N PRO I 80 51.49 -48.64 -14.49
CA PRO I 80 50.14 -48.73 -13.92
C PRO I 80 49.04 -49.09 -14.92
N GLU I 81 49.11 -48.59 -16.15
CA GLU I 81 48.06 -48.90 -17.11
C GLU I 81 48.16 -50.32 -17.67
N ASP I 82 49.22 -51.07 -17.34
CA ASP I 82 49.37 -52.42 -17.86
C ASP I 82 48.67 -53.47 -17.01
N PHE I 83 48.13 -53.10 -15.86
CA PHE I 83 47.43 -54.05 -15.00
C PHE I 83 46.00 -54.20 -15.52
N ALA I 84 45.70 -55.37 -16.05
CA ALA I 84 44.51 -55.65 -16.85
C ALA I 84 44.46 -57.15 -17.10
N THR I 85 43.52 -57.58 -17.94
CA THR I 85 43.42 -58.97 -18.35
C THR I 85 44.02 -59.14 -19.74
N TYR I 86 44.76 -60.24 -19.93
CA TYR I 86 45.44 -60.55 -21.19
C TYR I 86 44.98 -61.89 -21.74
N PHE I 87 44.71 -61.93 -23.04
CA PHE I 87 44.28 -63.14 -23.74
C PHE I 87 45.23 -63.49 -24.88
N CYS I 88 45.40 -64.80 -25.10
CA CYS I 88 46.01 -65.33 -26.31
C CYS I 88 44.94 -65.97 -27.18
N GLN I 89 45.20 -66.02 -28.48
CA GLN I 89 44.22 -66.51 -29.45
C GLN I 89 44.95 -67.18 -30.61
N HIS I 90 44.44 -68.33 -31.04
CA HIS I 90 44.96 -69.01 -32.22
C HIS I 90 43.98 -68.88 -33.37
N MET I 91 44.52 -68.90 -34.60
CA MET I 91 43.72 -68.89 -35.81
C MET I 91 44.12 -69.99 -36.79
N SER I 92 44.74 -71.08 -36.30
CA SER I 92 45.31 -72.08 -37.20
C SER I 92 44.26 -73.00 -37.82
N SER I 93 43.05 -73.06 -37.26
CA SER I 93 42.01 -73.95 -37.76
C SER I 93 40.70 -73.60 -37.05
N TYR I 94 39.60 -74.11 -37.59
CA TYR I 94 38.27 -73.83 -37.06
C TYR I 94 37.91 -74.79 -35.94
N PRO I 95 37.23 -74.27 -34.90
CA PRO I 95 36.92 -72.85 -34.69
C PRO I 95 38.05 -72.09 -34.00
N LEU I 96 38.11 -70.78 -34.24
CA LEU I 96 39.02 -69.91 -33.48
C LEU I 96 38.67 -69.98 -31.99
N THR I 97 39.71 -70.03 -31.15
CA THR I 97 39.49 -70.06 -29.70
C THR I 97 40.44 -69.11 -28.99
N PHE I 98 40.02 -68.71 -27.80
CA PHE I 98 40.78 -67.82 -26.91
C PHE I 98 41.19 -68.59 -25.66
N GLY I 99 42.28 -68.15 -25.05
CA GLY I 99 42.65 -68.66 -23.74
C GLY I 99 41.70 -68.19 -22.65
N GLY I 100 41.88 -68.77 -21.46
CA GLY I 100 41.01 -68.45 -20.35
C GLY I 100 41.32 -67.14 -19.67
N GLY I 101 42.43 -66.51 -20.01
CA GLY I 101 42.79 -65.21 -19.49
C GLY I 101 43.73 -65.27 -18.29
N THR I 102 44.59 -64.26 -18.19
CA THR I 102 45.47 -64.04 -17.04
C THR I 102 45.24 -62.62 -16.54
N LYS I 103 44.76 -62.48 -15.31
CA LYS I 103 44.50 -61.17 -14.72
C LYS I 103 45.71 -60.73 -13.89
N VAL I 104 46.25 -59.57 -14.22
CA VAL I 104 47.43 -59.01 -13.56
C VAL I 104 46.97 -57.91 -12.60
N GLU I 105 47.23 -58.10 -11.32
CA GLU I 105 46.84 -57.18 -10.26
C GLU I 105 48.07 -56.61 -9.57
N ILE I 106 47.88 -55.47 -8.91
CA ILE I 106 48.97 -54.76 -8.24
C ILE I 106 49.13 -55.30 -6.82
N LYS I 107 50.38 -55.57 -6.44
CA LYS I 107 50.68 -55.93 -5.06
C LYS I 107 50.75 -54.69 -4.18
N ARG I 108 50.26 -54.81 -2.95
CA ARG I 108 50.42 -53.78 -1.93
C ARG I 108 50.55 -54.45 -0.57
N THR I 109 50.72 -53.62 0.46
CA THR I 109 50.81 -54.12 1.82
C THR I 109 49.49 -54.73 2.28
N VAL I 110 49.59 -55.70 3.18
CA VAL I 110 48.40 -56.37 3.71
C VAL I 110 47.54 -55.37 4.49
N ALA I 111 46.23 -55.39 4.23
CA ALA I 111 45.29 -54.50 4.91
C ALA I 111 44.05 -55.28 5.32
N ALA I 112 43.72 -55.24 6.60
CA ALA I 112 42.54 -55.93 7.10
C ALA I 112 41.26 -55.21 6.71
N PRO I 113 40.17 -55.95 6.50
CA PRO I 113 38.89 -55.32 6.15
C PRO I 113 38.21 -54.65 7.33
N SER I 114 37.50 -53.56 7.03
CA SER I 114 36.52 -53.00 7.95
C SER I 114 35.17 -53.66 7.68
N VAL I 115 34.57 -54.22 8.74
CA VAL I 115 33.40 -55.07 8.59
C VAL I 115 32.21 -54.38 9.25
N PHE I 116 31.09 -54.35 8.55
CA PHE I 116 29.86 -53.74 9.00
C PHE I 116 28.72 -54.69 8.68
N ILE I 117 27.77 -54.81 9.59
CA ILE I 117 26.56 -55.61 9.37
C ILE I 117 25.37 -54.66 9.37
N PHE I 118 24.45 -54.88 8.43
CA PHE I 118 23.26 -54.05 8.30
C PHE I 118 22.03 -54.92 8.35
N PRO I 119 21.15 -54.74 9.33
CA PRO I 119 19.90 -55.50 9.37
C PRO I 119 18.98 -55.09 8.24
N PRO I 120 17.99 -55.92 7.91
CA PRO I 120 17.00 -55.48 6.91
C PRO I 120 16.16 -54.33 7.43
N SER I 121 15.81 -53.42 6.54
CA SER I 121 14.94 -52.32 6.90
C SER I 121 13.51 -52.83 7.11
N ASP I 122 12.74 -52.08 7.90
CA ASP I 122 11.33 -52.42 8.11
C ASP I 122 10.53 -52.33 6.82
N GLU I 123 10.92 -51.43 5.91
CA GLU I 123 10.22 -51.31 4.64
C GLU I 123 10.28 -52.61 3.84
N GLN I 124 11.45 -53.24 3.80
CA GLN I 124 11.58 -54.51 3.08
C GLN I 124 10.79 -55.61 3.76
N LEU I 125 10.79 -55.64 5.10
CA LEU I 125 10.08 -56.67 5.84
C LEU I 125 8.58 -56.64 5.56
N LYS I 126 8.02 -55.45 5.31
CA LYS I 126 6.60 -55.35 4.98
C LYS I 126 6.26 -56.09 3.70
N SER I 127 7.21 -56.20 2.76
CA SER I 127 6.92 -56.80 1.47
C SER I 127 7.13 -58.32 1.44
N GLY I 128 7.66 -58.92 2.50
CA GLY I 128 7.75 -60.36 2.61
C GLY I 128 9.13 -60.98 2.50
N THR I 129 10.19 -60.18 2.36
CA THR I 129 11.55 -60.72 2.30
C THR I 129 12.43 -59.96 3.28
N ALA I 130 13.53 -60.60 3.68
CA ALA I 130 14.52 -60.02 4.58
C ALA I 130 15.90 -60.21 3.99
N SER I 131 16.61 -59.11 3.75
CA SER I 131 17.99 -59.14 3.30
C SER I 131 18.92 -58.62 4.38
N VAL I 132 19.94 -59.41 4.72
CA VAL I 132 20.96 -59.05 5.69
C VAL I 132 22.27 -58.87 4.95
N VAL I 133 22.93 -57.73 5.15
CA VAL I 133 24.11 -57.35 4.38
C VAL I 133 25.32 -57.29 5.31
N CYS I 134 26.40 -57.96 4.90
CA CYS I 134 27.70 -57.89 5.56
C CYS I 134 28.66 -57.21 4.59
N LEU I 135 29.28 -56.13 5.03
CA LEU I 135 30.18 -55.32 4.21
C LEU I 135 31.62 -55.49 4.69
N LEU I 136 32.51 -55.81 3.76
CA LEU I 136 33.96 -55.84 3.98
C LEU I 136 34.57 -54.72 3.14
N ASN I 137 35.17 -53.73 3.80
CA ASN I 137 35.62 -52.52 3.14
C ASN I 137 37.14 -52.43 3.08
N ASN I 138 37.66 -52.25 1.86
CA ASN I 138 39.04 -51.82 1.61
C ASN I 138 40.08 -52.78 2.20
N PHE I 139 40.13 -54.00 1.65
CA PHE I 139 41.06 -55.02 2.13
C PHE I 139 41.96 -55.52 1.00
N TYR I 140 43.08 -56.13 1.40
CA TYR I 140 44.04 -56.83 0.51
C TYR I 140 44.75 -57.94 1.29
N PRO I 141 45.00 -59.10 0.65
CA PRO I 141 44.66 -59.51 -0.73
C PRO I 141 43.20 -59.88 -0.95
N ARG I 142 42.89 -60.27 -2.19
CA ARG I 142 41.50 -60.50 -2.59
C ARG I 142 40.87 -61.66 -1.82
N GLU I 143 41.67 -62.65 -1.42
CA GLU I 143 41.10 -63.85 -0.81
C GLU I 143 40.45 -63.49 0.53
N ALA I 144 39.14 -63.79 0.63
CA ALA I 144 38.40 -63.54 1.86
C ALA I 144 37.25 -64.53 1.95
N LYS I 145 36.90 -64.91 3.18
CA LYS I 145 35.82 -65.84 3.44
C LYS I 145 34.77 -65.19 4.33
N VAL I 146 33.51 -65.26 3.92
CA VAL I 146 32.37 -64.79 4.69
C VAL I 146 31.44 -65.96 4.93
N GLN I 147 31.12 -66.22 6.20
CA GLN I 147 30.20 -67.27 6.59
C GLN I 147 29.05 -66.66 7.38
N TRP I 148 27.82 -67.06 7.04
CA TRP I 148 26.63 -66.62 7.74
C TRP I 148 26.22 -67.63 8.79
N LYS I 149 25.87 -67.13 9.98
CA LYS I 149 25.37 -67.95 11.07
C LYS I 149 24.07 -67.36 11.58
N VAL I 150 23.02 -68.18 11.65
CA VAL I 150 21.71 -67.77 12.14
C VAL I 150 21.36 -68.68 13.30
N ASP I 151 21.31 -68.11 14.51
CA ASP I 151 21.20 -68.87 15.75
C ASP I 151 22.25 -69.97 15.80
N ASN I 152 23.49 -69.58 15.52
CA ASN I 152 24.66 -70.46 15.53
C ASN I 152 24.54 -71.64 14.56
N ALA I 153 23.70 -71.53 13.55
CA ALA I 153 23.60 -72.51 12.48
C ALA I 153 24.22 -71.95 11.22
N LEU I 154 25.22 -72.63 10.69
CA LEU I 154 25.91 -72.18 9.49
C LEU I 154 24.98 -72.26 8.28
N GLN I 155 24.95 -71.18 7.50
CA GLN I 155 24.07 -71.09 6.34
C GLN I 155 24.81 -71.43 5.06
N SER I 156 24.09 -72.08 4.13
CA SER I 156 24.60 -72.36 2.80
C SER I 156 23.48 -72.20 1.79
N GLY I 157 23.82 -71.67 0.61
CA GLY I 157 22.90 -71.59 -0.50
C GLY I 157 21.98 -70.39 -0.54
N ASN I 158 21.84 -69.65 0.58
CA ASN I 158 20.96 -68.50 0.62
C ASN I 158 21.69 -67.16 0.57
N SER I 159 22.99 -67.15 0.27
CA SER I 159 23.77 -65.93 0.20
C SER I 159 24.44 -65.79 -1.16
N GLN I 160 24.67 -64.53 -1.55
CA GLN I 160 25.40 -64.19 -2.76
C GLN I 160 26.43 -63.12 -2.45
N GLU I 161 27.58 -63.20 -3.10
CA GLU I 161 28.66 -62.25 -2.94
C GLU I 161 28.81 -61.39 -4.19
N SER I 162 29.24 -60.14 -3.97
CA SER I 162 29.66 -59.25 -5.04
C SER I 162 30.95 -58.57 -4.60
N VAL I 163 31.93 -58.54 -5.50
CA VAL I 163 33.25 -57.98 -5.21
C VAL I 163 33.55 -56.86 -6.21
N THR I 164 34.14 -55.78 -5.71
CA THR I 164 34.57 -54.68 -6.55
C THR I 164 35.86 -55.03 -7.25
N GLU I 165 36.09 -54.38 -8.39
CA GLU I 165 37.41 -54.40 -9.01
C GLU I 165 38.41 -53.68 -8.13
N GLN I 166 39.67 -54.06 -8.27
CA GLN I 166 40.75 -53.42 -7.52
C GLN I 166 40.68 -51.91 -7.70
N ASP I 167 40.64 -51.18 -6.58
CA ASP I 167 40.50 -49.73 -6.65
C ASP I 167 41.71 -49.10 -7.32
N SER I 168 41.46 -48.17 -8.24
CA SER I 168 42.54 -47.60 -9.03
C SER I 168 43.54 -46.80 -8.19
N LYS I 169 43.09 -46.23 -7.07
CA LYS I 169 43.98 -45.39 -6.26
C LYS I 169 44.71 -46.17 -5.19
N ASP I 170 43.97 -46.80 -4.28
CA ASP I 170 44.54 -47.44 -3.10
C ASP I 170 44.75 -48.94 -3.26
N SER I 171 44.38 -49.50 -4.41
CA SER I 171 44.62 -50.90 -4.76
C SER I 171 43.91 -51.89 -3.83
N THR I 172 42.82 -51.48 -3.19
CA THR I 172 42.05 -52.38 -2.35
C THR I 172 40.81 -52.91 -3.09
N TYR I 173 40.19 -53.90 -2.48
CA TYR I 173 38.93 -54.48 -2.93
C TYR I 173 37.89 -54.25 -1.84
N SER I 174 36.63 -54.30 -2.23
CA SER I 174 35.53 -54.35 -1.27
C SER I 174 34.59 -55.49 -1.65
N LEU I 175 33.89 -56.02 -0.66
CA LEU I 175 33.04 -57.19 -0.86
C LEU I 175 31.75 -57.03 -0.06
N SER I 176 30.64 -57.34 -0.72
CA SER I 176 29.34 -57.42 -0.06
C SER I 176 28.87 -58.86 -0.12
N SER I 177 28.33 -59.34 0.99
CA SER I 177 27.66 -60.63 1.05
C SER I 177 26.23 -60.40 1.50
N THR I 178 25.28 -60.92 0.72
CA THR I 178 23.86 -60.64 0.94
C THR I 178 23.14 -61.95 1.25
N LEU I 179 22.56 -62.02 2.44
CA LEU I 179 21.79 -63.16 2.90
C LEU I 179 20.31 -62.85 2.69
N THR I 180 19.62 -63.70 1.94
CA THR I 180 18.22 -63.47 1.59
C THR I 180 17.35 -64.56 2.21
N LEU I 181 16.39 -64.14 3.02
CA LEU I 181 15.43 -65.02 3.67
C LEU I 181 14.04 -64.45 3.48
N SER I 182 13.03 -65.33 3.53
CA SER I 182 11.66 -64.87 3.65
C SER I 182 11.41 -64.26 5.03
N LYS I 183 10.38 -63.44 5.11
CA LYS I 183 10.03 -62.81 6.39
C LYS I 183 9.74 -63.84 7.47
N ALA I 184 8.99 -64.89 7.13
CA ALA I 184 8.67 -65.94 8.10
C ALA I 184 9.93 -66.56 8.69
N ASP I 185 10.85 -66.99 7.83
CA ASP I 185 12.09 -67.58 8.31
C ASP I 185 12.92 -66.57 9.10
N TYR I 186 12.91 -65.30 8.67
CA TYR I 186 13.66 -64.26 9.38
C TYR I 186 13.20 -64.13 10.82
N GLU I 187 11.88 -64.09 11.03
CA GLU I 187 11.33 -63.92 12.36
C GLU I 187 11.33 -65.21 13.18
N LYS I 188 11.70 -66.33 12.59
CA LYS I 188 11.79 -67.61 13.30
C LYS I 188 13.14 -67.78 13.99
N HIS I 189 14.02 -66.79 13.89
CA HIS I 189 15.35 -66.82 14.50
C HIS I 189 15.68 -65.44 15.05
N LYS I 190 16.68 -65.39 15.94
CA LYS I 190 17.08 -64.16 16.60
C LYS I 190 18.45 -63.66 16.15
N VAL I 191 19.50 -64.45 16.36
CA VAL I 191 20.88 -63.99 16.21
C VAL I 191 21.32 -64.13 14.75
N TYR I 192 21.74 -63.02 14.17
CA TYR I 192 22.28 -62.98 12.80
C TYR I 192 23.72 -62.46 12.84
N ALA I 193 24.65 -63.25 12.32
CA ALA I 193 26.07 -62.95 12.40
C ALA I 193 26.77 -63.35 11.11
N CYS I 194 27.71 -62.52 10.67
CA CYS I 194 28.65 -62.86 9.61
C CYS I 194 30.06 -62.93 10.17
N GLU I 195 30.77 -64.01 9.86
CA GLU I 195 32.12 -64.25 10.34
C GLU I 195 33.08 -64.12 9.16
N VAL I 196 34.10 -63.28 9.31
CA VAL I 196 35.01 -62.90 8.23
C VAL I 196 36.40 -63.43 8.54
N THR I 197 36.98 -64.15 7.58
CA THR I 197 38.34 -64.66 7.68
C THR I 197 39.21 -63.99 6.63
N HIS I 198 40.32 -63.40 7.06
CA HIS I 198 41.26 -62.76 6.16
C HIS I 198 42.63 -62.75 6.83
N GLN I 199 43.69 -62.88 6.03
CA GLN I 199 45.03 -63.02 6.60
C GLN I 199 45.53 -61.72 7.24
N GLY I 200 44.92 -60.58 6.91
CA GLY I 200 45.29 -59.33 7.55
C GLY I 200 44.77 -59.19 8.95
N LEU I 201 43.76 -59.99 9.31
CA LEU I 201 43.24 -60.05 10.66
C LEU I 201 44.02 -61.11 11.42
N SER I 202 44.58 -60.74 12.56
CA SER I 202 45.23 -61.74 13.39
C SER I 202 44.23 -62.77 13.91
N SER I 203 42.94 -62.40 13.99
CA SER I 203 41.90 -63.30 14.42
C SER I 203 40.61 -63.06 13.65
N PRO I 204 39.85 -64.13 13.37
CA PRO I 204 38.55 -63.97 12.69
C PRO I 204 37.62 -63.01 13.42
N VAL I 205 36.81 -62.30 12.63
CA VAL I 205 35.93 -61.23 13.13
C VAL I 205 34.47 -61.63 12.92
N THR I 206 33.66 -61.45 13.96
CA THR I 206 32.21 -61.63 13.90
C THR I 206 31.50 -60.30 14.14
N LYS I 207 30.60 -59.93 13.24
CA LYS I 207 29.64 -58.85 13.43
C LYS I 207 28.23 -59.41 13.42
N SER I 208 27.43 -59.00 14.41
CA SER I 208 26.11 -59.60 14.58
C SER I 208 25.13 -58.56 15.10
N PHE I 209 23.84 -58.92 15.01
CA PHE I 209 22.76 -58.19 15.67
C PHE I 209 21.70 -59.19 16.11
N ASN I 210 20.85 -58.76 17.05
CA ASN I 210 19.68 -59.53 17.45
C ASN I 210 18.43 -58.92 16.82
N ARG I 211 17.65 -59.76 16.14
CA ARG I 211 16.44 -59.29 15.48
C ARG I 211 15.51 -58.61 16.47
N GLY I 212 15.14 -57.37 16.15
CA GLY I 212 14.30 -56.58 17.03
C GLY I 212 15.06 -55.53 17.79
N GLN J 1 7.94 -9.39 -2.11
CA GLN J 1 7.04 -10.52 -1.95
C GLN J 1 7.44 -11.33 -0.70
N VAL J 2 6.46 -11.92 -0.03
CA VAL J 2 6.68 -12.71 1.17
C VAL J 2 6.31 -14.16 0.89
N HIS J 3 7.31 -15.04 0.92
CA HIS J 3 7.11 -16.46 0.67
C HIS J 3 7.48 -17.26 1.91
N LEU J 4 6.56 -18.12 2.34
CA LEU J 4 6.74 -18.99 3.49
C LEU J 4 6.65 -20.43 3.05
N GLN J 5 7.55 -21.27 3.55
CA GLN J 5 7.59 -22.68 3.20
C GLN J 5 7.75 -23.51 4.47
N GLU J 6 6.84 -24.46 4.65
CA GLU J 6 6.87 -25.37 5.79
C GLU J 6 7.51 -26.69 5.40
N SER J 7 8.19 -27.31 6.36
CA SER J 7 8.84 -28.58 6.09
C SER J 7 8.98 -29.36 7.39
N GLY J 8 8.54 -30.62 7.36
CA GLY J 8 8.64 -31.45 8.53
C GLY J 8 8.83 -32.91 8.19
N PRO J 9 8.74 -33.77 9.21
CA PRO J 9 8.92 -35.21 8.95
C PRO J 9 7.76 -35.82 8.18
N GLY J 10 6.54 -35.46 8.55
CA GLY J 10 5.33 -35.95 7.97
C GLY J 10 4.73 -37.11 8.75
N LEU J 11 5.56 -37.94 9.37
CA LEU J 11 5.11 -39.08 10.17
C LEU J 11 5.90 -39.08 11.47
N VAL J 12 5.21 -39.03 12.60
CA VAL J 12 5.83 -39.01 13.92
C VAL J 12 5.20 -40.08 14.79
N LYS J 13 6.03 -40.92 15.41
CA LYS J 13 5.54 -41.98 16.27
C LYS J 13 4.88 -41.41 17.53
N PRO J 14 3.93 -42.15 18.11
CA PRO J 14 3.29 -41.70 19.34
C PRO J 14 4.30 -41.53 20.48
N SER J 15 3.99 -40.61 21.39
CA SER J 15 4.83 -40.29 22.55
C SER J 15 6.24 -39.87 22.14
N GLU J 16 6.35 -39.14 21.04
CA GLU J 16 7.62 -38.64 20.55
C GLU J 16 7.58 -37.11 20.52
N THR J 17 8.61 -36.49 19.95
CA THR J 17 8.71 -35.04 19.85
C THR J 17 8.69 -34.61 18.39
N LEU J 18 7.60 -33.97 17.97
CA LEU J 18 7.47 -33.45 16.60
C LEU J 18 8.29 -32.18 16.42
N SER J 19 9.06 -32.12 15.33
CA SER J 19 9.87 -30.95 15.02
C SER J 19 9.55 -30.47 13.61
N LEU J 20 9.17 -29.21 13.49
CA LEU J 20 8.81 -28.58 12.23
C LEU J 20 9.67 -27.35 12.01
N THR J 21 9.75 -26.91 10.75
CA THR J 21 10.56 -25.76 10.36
C THR J 21 9.87 -24.97 9.25
N CYS J 22 9.78 -23.64 9.42
CA CYS J 22 9.15 -22.72 8.46
C CYS J 22 10.20 -21.84 7.80
N ASN J 23 10.60 -22.26 6.65
CA ASN J 23 11.60 -21.48 5.94
C ASN J 23 10.98 -20.17 5.37
N VAL J 24 11.53 -19.07 5.84
CA VAL J 24 11.02 -17.75 5.50
C VAL J 24 11.95 -17.08 4.51
N SER J 25 11.36 -16.54 3.46
CA SER J 25 12.04 -15.80 2.43
C SER J 25 11.21 -14.55 2.17
N GLY J 26 11.86 -13.39 2.11
CA GLY J 26 11.16 -12.16 1.85
C GLY J 26 11.10 -11.17 3.00
N THR J 27 11.41 -11.59 4.22
CA THR J 27 11.36 -10.70 5.36
C THR J 27 12.25 -11.26 6.46
N LEU J 28 12.58 -10.40 7.42
CA LEU J 28 13.40 -10.78 8.55
C LEU J 28 12.53 -11.35 9.66
N VAL J 29 13.10 -12.28 10.43
CA VAL J 29 12.32 -12.94 11.48
C VAL J 29 12.25 -12.09 12.73
N ARG J 30 13.00 -10.99 12.79
CA ARG J 30 13.03 -10.12 13.95
C ARG J 30 12.00 -9.01 13.85
N ASP J 31 11.60 -8.63 12.62
CA ASP J 31 10.69 -7.52 12.38
C ASP J 31 9.23 -7.95 12.26
N ASN J 32 8.89 -9.18 12.63
CA ASN J 32 7.50 -9.58 12.50
C ASN J 32 7.15 -10.53 13.63
N TYR J 33 5.85 -10.69 13.83
CA TYR J 33 5.33 -11.69 14.76
C TYR J 33 5.10 -12.94 13.93
N TRP J 34 5.22 -14.11 14.57
CA TRP J 34 5.08 -15.37 13.86
C TRP J 34 4.16 -16.32 14.62
N SER J 35 3.16 -16.86 13.92
CA SER J 35 2.19 -17.77 14.53
C SER J 35 2.13 -19.10 13.79
N TRP J 36 1.76 -20.14 14.54
CA TRP J 36 1.56 -21.50 14.05
C TRP J 36 0.11 -21.88 14.27
N ILE J 37 -0.50 -22.45 13.23
CA ILE J 37 -1.90 -22.86 13.23
C ILE J 37 -2.01 -24.31 12.75
N ARG J 38 -2.68 -25.13 13.54
CA ARG J 38 -2.92 -26.54 13.25
C ARG J 38 -4.38 -26.80 12.91
N GLN J 39 -4.61 -27.86 12.12
CA GLN J 39 -5.98 -28.17 11.73
C GLN J 39 -6.22 -29.65 11.42
N PRO J 40 -6.93 -30.39 12.27
CA PRO J 40 -7.25 -31.78 11.93
C PRO J 40 -8.19 -31.83 10.73
N LEU J 41 -8.30 -33.02 10.15
CA LEU J 41 -9.13 -33.21 8.96
C LEU J 41 -10.62 -33.11 9.32
N GLY J 42 -11.27 -32.05 8.84
CA GLY J 42 -12.68 -31.86 9.07
C GLY J 42 -13.04 -31.16 10.36
N LYS J 43 -12.12 -30.39 10.92
CA LYS J 43 -12.32 -29.66 12.16
C LYS J 43 -11.88 -28.21 11.95
N GLN J 44 -12.18 -27.38 12.95
CA GLN J 44 -11.83 -25.97 12.85
C GLN J 44 -10.36 -25.74 13.26
N PRO J 45 -9.72 -24.76 12.63
CA PRO J 45 -8.30 -24.46 12.90
C PRO J 45 -8.04 -24.15 14.37
N GLU J 46 -6.96 -24.72 14.89
CA GLU J 46 -6.55 -24.53 16.27
C GLU J 46 -5.25 -23.74 16.33
N TRP J 47 -5.30 -22.59 17.00
CA TRP J 47 -4.16 -21.69 17.17
C TRP J 47 -3.15 -22.30 18.13
N ILE J 48 -1.90 -22.43 17.70
CA ILE J 48 -0.89 -23.04 18.55
C ILE J 48 -0.19 -22.01 19.46
N GLY J 49 0.17 -20.86 18.93
CA GLY J 49 0.84 -19.83 19.72
C GLY J 49 1.61 -18.90 18.83
N TYR J 50 1.98 -17.75 19.39
CA TYR J 50 2.74 -16.74 18.64
C TYR J 50 4.10 -16.54 19.29
N VAL J 51 5.11 -16.32 18.44
CA VAL J 51 6.48 -16.11 18.88
C VAL J 51 7.04 -14.81 18.28
N HIS J 52 7.80 -14.08 19.08
CA HIS J 52 8.42 -12.82 18.66
C HIS J 52 9.72 -12.62 19.42
N ASP J 53 10.55 -11.72 18.90
CA ASP J 53 11.82 -11.40 19.56
C ASP J 53 11.54 -10.67 20.86
N SER J 54 12.61 -10.38 21.61
CA SER J 54 12.56 -9.67 22.89
C SER J 54 11.75 -10.42 23.94
N GLY J 55 11.58 -11.74 23.77
CA GLY J 55 10.91 -12.57 24.75
C GLY J 55 9.40 -12.59 24.72
N ASP J 56 8.76 -11.84 23.82
CA ASP J 56 7.30 -11.81 23.73
C ASP J 56 6.82 -13.10 23.06
N THR J 57 6.51 -14.11 23.86
CA THR J 57 6.08 -15.40 23.33
C THR J 57 5.06 -16.04 24.28
N ASN J 58 3.88 -16.38 23.75
CA ASN J 58 2.83 -17.03 24.53
C ASN J 58 2.36 -18.28 23.79
N TYR J 59 1.87 -19.26 24.55
CA TYR J 59 1.44 -20.55 24.02
C TYR J 59 -0.05 -20.79 24.26
N ASN J 60 -0.52 -21.91 23.72
CA ASN J 60 -1.89 -22.35 23.88
C ASN J 60 -2.10 -23.03 25.23
N PRO J 61 -2.99 -22.52 26.08
CA PRO J 61 -3.25 -23.16 27.38
C PRO J 61 -3.52 -24.64 27.29
N SER J 62 -4.07 -25.10 26.16
CA SER J 62 -4.35 -26.51 25.96
C SER J 62 -3.10 -27.32 25.68
N LEU J 63 -2.08 -26.68 25.10
CA LEU J 63 -0.82 -27.34 24.77
C LEU J 63 0.37 -26.71 25.49
N LYS J 64 0.14 -26.13 26.68
CA LYS J 64 1.19 -25.39 27.39
C LYS J 64 2.41 -26.25 27.71
N SER J 65 2.20 -27.43 28.29
CA SER J 65 3.31 -28.24 28.78
C SER J 65 3.83 -29.22 27.74
N ARG J 66 3.60 -28.95 26.46
CA ARG J 66 4.07 -29.82 25.39
C ARG J 66 4.71 -29.07 24.24
N VAL J 67 4.42 -27.77 24.05
CA VAL J 67 4.93 -27.03 22.91
C VAL J 67 6.12 -26.16 23.31
N HIS J 68 7.01 -25.96 22.33
CA HIS J 68 8.21 -25.12 22.45
C HIS J 68 8.46 -24.49 21.09
N LEU J 69 8.65 -23.17 21.07
CA LEU J 69 8.89 -22.41 19.85
C LEU J 69 10.23 -21.70 19.89
N SER J 70 10.77 -21.36 18.71
CA SER J 70 12.06 -20.69 18.63
C SER J 70 12.17 -19.95 17.30
N LEU J 71 13.09 -18.97 17.28
CA LEU J 71 13.39 -18.15 16.12
C LEU J 71 14.89 -18.16 15.86
N ASP J 72 15.30 -18.58 14.66
CA ASP J 72 16.70 -18.62 14.26
C ASP J 72 17.07 -17.36 13.45
N LYS J 73 17.72 -16.38 14.10
CA LYS J 73 18.07 -15.16 13.37
C LYS J 73 19.28 -15.34 12.46
N SER J 74 20.07 -16.39 12.68
CA SER J 74 21.26 -16.66 11.87
C SER J 74 20.88 -17.40 10.58
N LYS J 75 19.93 -18.31 10.69
CA LYS J 75 19.47 -19.11 9.56
C LYS J 75 18.19 -18.55 8.97
N ASN J 76 17.63 -17.53 9.60
CA ASN J 76 16.41 -16.85 9.17
C ASN J 76 15.25 -17.83 8.98
N LEU J 77 14.85 -18.45 10.10
CA LEU J 77 13.75 -19.41 10.06
C LEU J 77 13.06 -19.50 11.41
N VAL J 78 11.90 -20.13 11.41
CA VAL J 78 11.07 -20.34 12.60
C VAL J 78 11.02 -21.83 12.88
N SER J 79 11.19 -22.21 14.14
CA SER J 79 11.21 -23.61 14.53
C SER J 79 9.99 -23.94 15.41
N LEU J 80 9.72 -25.24 15.54
CA LEU J 80 8.60 -25.71 16.36
C LEU J 80 8.95 -27.07 16.96
N ARG J 81 8.57 -27.27 18.22
CA ARG J 81 8.80 -28.53 18.94
C ARG J 81 7.56 -28.92 19.74
N LEU J 82 7.11 -30.17 19.60
CA LEU J 82 5.96 -30.71 20.31
C LEU J 82 6.29 -32.06 20.92
N THR J 83 6.46 -32.09 22.24
CA THR J 83 6.80 -33.33 22.94
C THR J 83 5.54 -34.10 23.34
N GLY J 84 5.63 -35.42 23.29
CA GLY J 84 4.52 -36.28 23.66
C GLY J 84 3.30 -36.19 22.74
N VAL J 85 3.48 -36.54 21.47
CA VAL J 85 2.41 -36.47 20.48
C VAL J 85 1.52 -37.71 20.56
N THR J 86 0.26 -37.53 20.18
CA THR J 86 -0.72 -38.63 20.14
C THR J 86 -1.43 -38.62 18.80
N ALA J 87 -2.52 -39.40 18.69
CA ALA J 87 -3.25 -39.46 17.43
C ALA J 87 -4.08 -38.20 17.19
N ALA J 88 -4.30 -37.40 18.24
CA ALA J 88 -5.09 -36.18 18.13
C ALA J 88 -4.28 -35.05 17.53
N ASP J 89 -2.95 -35.18 17.52
CA ASP J 89 -2.05 -34.15 16.99
C ASP J 89 -1.83 -34.31 15.49
N SER J 90 -2.41 -35.33 14.87
CA SER J 90 -2.29 -35.57 13.44
C SER J 90 -3.10 -34.52 12.70
N ALA J 91 -2.43 -33.51 12.13
CA ALA J 91 -3.13 -32.44 11.45
C ALA J 91 -2.19 -31.77 10.45
N ILE J 92 -2.63 -30.64 9.88
CA ILE J 92 -1.87 -29.84 8.91
C ILE J 92 -1.40 -28.54 9.58
N TYR J 93 -0.09 -28.42 9.82
CA TYR J 93 0.51 -27.28 10.51
C TYR J 93 0.90 -26.14 9.58
N TYR J 94 0.38 -24.94 9.85
CA TYR J 94 0.69 -23.75 9.06
C TYR J 94 1.56 -22.76 9.85
N CYS J 95 2.40 -22.01 9.11
CA CYS J 95 3.24 -20.94 9.63
C CYS J 95 2.86 -19.63 8.91
N ALA J 96 2.44 -18.62 9.65
CA ALA J 96 1.97 -17.38 9.05
C ALA J 96 2.48 -16.15 9.80
N THR J 97 2.73 -15.08 9.05
CA THR J 97 3.15 -13.83 9.67
C THR J 97 1.98 -13.29 10.50
N THR J 98 2.30 -12.47 11.49
CA THR J 98 1.29 -11.94 12.39
C THR J 98 1.45 -10.45 12.64
N LYS J 99 0.39 -9.69 12.38
CA LYS J 99 0.34 -8.27 12.67
C LYS J 99 -0.57 -8.07 13.87
N HIS J 100 -0.11 -7.28 14.83
CA HIS J 100 -0.85 -7.04 16.05
C HIS J 100 -1.70 -5.78 15.91
N GLY J 101 -2.75 -5.72 16.71
CA GLY J 101 -3.62 -4.56 16.74
C GLY J 101 -4.12 -4.36 18.15
N ARG J 102 -4.51 -3.12 18.44
CA ARG J 102 -4.99 -2.73 19.76
C ARG J 102 -6.37 -2.09 19.69
N ARG J 103 -7.34 -2.76 20.31
CA ARG J 103 -8.73 -2.32 20.39
C ARG J 103 -9.02 -1.53 21.67
N ILE J 104 -9.28 -0.23 21.51
CA ILE J 104 -9.56 0.66 22.63
C ILE J 104 -11.07 0.87 22.76
N TYR J 105 -11.60 0.58 23.95
CA TYR J 105 -13.03 0.72 24.25
C TYR J 105 -13.29 1.63 25.45
N GLY J 106 -12.31 1.79 26.34
CA GLY J 106 -12.44 2.56 27.56
C GLY J 106 -11.80 3.93 27.52
N VAL J 107 -10.95 4.20 28.51
CA VAL J 107 -10.30 5.50 28.68
C VAL J 107 -8.79 5.37 28.47
N VAL J 108 -8.35 4.28 27.82
CA VAL J 108 -6.95 4.03 27.48
C VAL J 108 -6.07 3.96 28.72
N ALA J 109 -6.08 5.03 29.50
CA ALA J 109 -5.22 5.14 30.68
C ALA J 109 -5.52 4.07 31.72
N PHE J 110 -6.75 3.58 31.79
CA PHE J 110 -7.09 2.57 32.77
C PHE J 110 -6.92 1.16 32.24
N LYS J 111 -6.07 0.98 31.22
CA LYS J 111 -5.81 -0.33 30.61
C LYS J 111 -7.11 -0.97 30.13
N GLU J 112 -8.07 -0.13 29.77
CA GLU J 112 -9.38 -0.56 29.29
C GLU J 112 -9.32 -0.84 27.78
N TRP J 113 -8.44 -1.78 27.43
CA TRP J 113 -8.22 -2.20 26.05
C TRP J 113 -7.69 -3.64 26.03
N PHE J 114 -7.55 -4.19 24.82
CA PHE J 114 -7.00 -5.53 24.65
C PHE J 114 -6.39 -5.63 23.27
N THR J 115 -5.32 -6.44 23.16
CA THR J 115 -4.60 -6.63 21.91
C THR J 115 -5.10 -7.86 21.16
N TYR J 116 -5.42 -7.70 19.89
CA TYR J 116 -5.87 -8.79 19.03
C TYR J 116 -4.84 -9.04 17.92
N PHE J 117 -4.63 -10.31 17.57
CA PHE J 117 -3.71 -10.71 16.52
C PHE J 117 -4.45 -11.28 15.32
N TYR J 118 -3.86 -11.11 14.14
CA TYR J 118 -4.46 -11.66 12.93
C TYR J 118 -3.39 -11.95 11.89
N MET J 119 -3.50 -13.12 11.27
CA MET J 119 -2.54 -13.54 10.26
C MET J 119 -3.01 -13.09 8.87
N ASP J 120 -2.11 -12.48 8.11
CA ASP J 120 -2.42 -11.96 6.79
C ASP J 120 -1.75 -12.74 5.67
N VAL J 121 -0.50 -13.16 5.87
CA VAL J 121 0.26 -13.89 4.87
C VAL J 121 0.53 -15.29 5.41
N TRP J 122 -0.16 -16.28 4.86
CA TRP J 122 0.00 -17.67 5.29
C TRP J 122 1.00 -18.38 4.39
N GLY J 123 1.32 -19.62 4.75
CA GLY J 123 2.19 -20.45 3.94
C GLY J 123 1.41 -21.61 3.34
N LYS J 124 2.11 -22.39 2.52
CA LYS J 124 1.47 -23.54 1.89
C LYS J 124 1.10 -24.61 2.91
N GLY J 125 1.93 -24.82 3.93
CA GLY J 125 1.63 -25.80 4.96
C GLY J 125 2.28 -27.16 4.75
N THR J 126 2.48 -27.88 5.86
CA THR J 126 3.04 -29.23 5.90
C THR J 126 2.04 -30.19 6.55
N SER J 127 2.11 -31.46 6.15
CA SER J 127 1.22 -32.51 6.65
C SER J 127 1.92 -33.39 7.68
N VAL J 128 1.31 -33.54 8.86
CA VAL J 128 1.85 -34.37 9.94
C VAL J 128 0.82 -35.41 10.39
N THR J 129 1.16 -36.70 10.24
CA THR J 129 0.31 -37.81 10.63
C THR J 129 1.01 -38.60 11.73
N VAL J 130 0.31 -38.86 12.83
CA VAL J 130 0.87 -39.61 13.96
C VAL J 130 0.38 -41.04 13.90
N SER J 131 1.29 -41.97 13.65
CA SER J 131 0.96 -43.39 13.58
C SER J 131 2.19 -44.22 13.89
N SER J 132 1.99 -45.36 14.53
CA SER J 132 3.09 -46.25 14.90
C SER J 132 3.47 -47.20 13.77
N ALA J 133 2.89 -47.02 12.58
CA ALA J 133 3.17 -47.85 11.42
C ALA J 133 4.38 -47.31 10.66
N SER J 134 5.06 -48.20 9.95
CA SER J 134 6.23 -47.79 9.21
C SER J 134 5.87 -47.09 7.91
N THR J 135 6.90 -46.47 7.33
CA THR J 135 6.85 -45.73 6.07
C THR J 135 7.16 -46.65 4.89
N LYS J 136 6.36 -46.55 3.82
CA LYS J 136 6.55 -47.36 2.62
C LYS J 136 6.86 -46.55 1.38
N GLY J 137 7.90 -46.98 0.66
CA GLY J 137 8.25 -46.33 -0.58
C GLY J 137 7.24 -46.76 -1.61
N PRO J 138 6.75 -45.82 -2.40
CA PRO J 138 5.77 -46.15 -3.44
C PRO J 138 6.39 -46.90 -4.62
N SER J 139 5.54 -47.62 -5.35
CA SER J 139 5.95 -48.31 -6.57
C SER J 139 5.11 -47.68 -7.68
N VAL J 140 5.76 -46.88 -8.52
CA VAL J 140 5.10 -46.12 -9.60
C VAL J 140 4.99 -46.94 -10.87
N PHE J 141 3.78 -47.00 -11.45
CA PHE J 141 3.60 -47.71 -12.71
C PHE J 141 2.94 -46.84 -13.78
N PRO J 142 3.46 -46.84 -15.01
CA PRO J 142 2.94 -45.98 -16.10
C PRO J 142 1.63 -46.43 -16.74
N LEU J 143 0.75 -45.45 -17.04
CA LEU J 143 -0.53 -45.72 -17.71
C LEU J 143 -0.42 -45.40 -19.20
N ALA J 144 -0.43 -46.45 -20.03
CA ALA J 144 -0.26 -46.32 -21.48
C ALA J 144 -1.39 -45.54 -22.15
N PRO J 145 -1.06 -44.69 -23.13
CA PRO J 145 -2.08 -43.92 -23.87
C PRO J 145 -3.03 -44.77 -24.70
N SER J 146 -4.32 -44.40 -24.69
CA SER J 146 -5.33 -45.10 -25.48
C SER J 146 -6.48 -44.13 -25.72
N SER J 147 -6.56 -43.61 -26.95
CA SER J 147 -7.61 -42.67 -27.34
C SER J 147 -7.72 -41.48 -26.39
N GLY J 152 -11.17 -38.77 -32.19
CA GLY J 152 -11.58 -37.53 -31.53
C GLY J 152 -10.51 -36.45 -31.60
N GLY J 153 -9.31 -36.85 -31.98
CA GLY J 153 -8.20 -35.92 -32.09
C GLY J 153 -7.48 -35.65 -30.80
N THR J 154 -7.95 -36.24 -29.69
CA THR J 154 -7.39 -36.10 -28.36
C THR J 154 -6.99 -37.48 -27.85
N ALA J 155 -6.21 -37.50 -26.77
CA ALA J 155 -5.75 -38.75 -26.19
C ALA J 155 -5.49 -38.54 -24.70
N ALA J 156 -5.58 -39.63 -23.95
CA ALA J 156 -5.37 -39.62 -22.51
C ALA J 156 -4.03 -40.25 -22.17
N LEU J 157 -3.42 -39.75 -21.08
CA LEU J 157 -2.12 -40.23 -20.62
C LEU J 157 -1.96 -39.91 -19.14
N GLY J 158 -1.37 -40.83 -18.39
CA GLY J 158 -1.18 -40.61 -16.97
C GLY J 158 -0.17 -41.57 -16.35
N CYS J 159 -0.05 -41.48 -15.02
CA CYS J 159 0.83 -42.33 -14.23
C CYS J 159 0.03 -42.97 -13.11
N LEU J 160 0.67 -43.81 -12.31
CA LEU J 160 0.00 -44.49 -11.20
C LEU J 160 0.99 -44.67 -10.06
N VAL J 161 0.64 -44.18 -8.87
CA VAL J 161 1.43 -44.32 -7.65
C VAL J 161 0.76 -45.37 -6.78
N LYS J 162 1.38 -46.54 -6.65
CA LYS J 162 0.78 -47.67 -5.95
C LYS J 162 1.46 -47.93 -4.62
N ASP J 163 0.63 -48.13 -3.59
CA ASP J 163 1.03 -48.52 -2.25
C ASP J 163 2.05 -47.61 -1.59
N TYR J 164 1.61 -46.58 -0.86
CA TYR J 164 2.55 -45.74 -0.12
C TYR J 164 1.91 -45.27 1.17
N PHE J 165 2.77 -44.79 2.06
CA PHE J 165 2.38 -44.30 3.38
C PHE J 165 3.48 -43.48 4.03
N PRO J 166 3.14 -42.31 4.59
CA PRO J 166 1.80 -41.71 4.56
C PRO J 166 1.73 -40.59 3.51
N GLU J 167 0.66 -39.80 3.57
CA GLU J 167 0.47 -38.66 2.67
C GLU J 167 1.47 -37.54 3.02
N PRO J 168 1.79 -36.67 2.05
CA PRO J 168 1.33 -36.73 0.67
C PRO J 168 2.42 -37.12 -0.34
N VAL J 169 2.09 -36.95 -1.62
CA VAL J 169 3.02 -37.19 -2.72
C VAL J 169 2.83 -36.09 -3.74
N THR J 170 3.89 -35.33 -4.02
CA THR J 170 3.87 -34.25 -5.00
C THR J 170 4.21 -34.82 -6.37
N VAL J 171 3.33 -34.62 -7.34
CA VAL J 171 3.51 -35.14 -8.69
C VAL J 171 3.51 -33.99 -9.69
N SER J 172 4.62 -33.85 -10.42
CA SER J 172 4.76 -32.84 -11.45
C SER J 172 5.06 -33.54 -12.77
N TRP J 173 4.89 -32.80 -13.86
CA TRP J 173 5.09 -33.32 -15.20
C TRP J 173 6.16 -32.54 -15.94
N ASN J 174 7.12 -33.28 -16.50
CA ASN J 174 8.25 -32.72 -17.24
C ASN J 174 9.00 -31.68 -16.41
N SER J 175 9.22 -32.01 -15.13
CA SER J 175 9.92 -31.15 -14.17
C SER J 175 9.22 -29.80 -14.01
N GLY J 176 7.91 -29.77 -14.19
CA GLY J 176 7.11 -28.58 -14.03
C GLY J 176 6.89 -27.78 -15.28
N ALA J 177 7.23 -28.34 -16.45
CA ALA J 177 7.07 -27.68 -17.74
C ALA J 177 5.73 -28.03 -18.38
N LEU J 178 4.77 -28.49 -17.59
CA LEU J 178 3.45 -28.86 -18.12
C LEU J 178 2.41 -28.74 -17.00
N THR J 179 1.67 -27.63 -17.00
CA THR J 179 0.66 -27.36 -15.99
C THR J 179 -0.73 -27.25 -16.59
N SER J 180 -0.87 -27.40 -17.91
CA SER J 180 -2.15 -27.28 -18.60
C SER J 180 -2.71 -28.67 -18.91
N GLY J 181 -3.88 -28.97 -18.35
CA GLY J 181 -4.54 -30.25 -18.58
C GLY J 181 -4.20 -31.33 -17.59
N VAL J 182 -3.54 -31.00 -16.50
CA VAL J 182 -3.14 -31.95 -15.48
C VAL J 182 -4.21 -32.00 -14.40
N HIS J 183 -4.70 -33.21 -14.10
CA HIS J 183 -5.73 -33.41 -13.06
C HIS J 183 -5.25 -34.54 -12.15
N THR J 184 -4.73 -34.16 -10.99
CA THR J 184 -4.25 -35.12 -9.99
C THR J 184 -5.38 -35.47 -9.02
N PHE J 185 -5.69 -36.78 -8.91
CA PHE J 185 -6.76 -37.32 -8.08
C PHE J 185 -6.29 -37.66 -6.67
N PRO J 186 -7.20 -37.52 -5.70
CA PRO J 186 -6.90 -37.89 -4.32
C PRO J 186 -6.67 -39.39 -4.15
N ALA J 187 -5.76 -39.72 -3.23
CA ALA J 187 -5.37 -41.11 -2.97
C ALA J 187 -6.50 -41.89 -2.31
N VAL J 188 -6.30 -43.22 -2.26
CA VAL J 188 -7.23 -44.16 -1.65
C VAL J 188 -6.51 -44.95 -0.57
N LEU J 189 -7.13 -45.04 0.59
CA LEU J 189 -6.65 -45.79 1.76
C LEU J 189 -7.02 -47.24 1.55
N GLN J 190 -6.02 -48.09 1.31
CA GLN J 190 -6.36 -49.49 1.09
C GLN J 190 -6.77 -50.14 2.40
N SER J 191 -7.24 -51.38 2.31
CA SER J 191 -7.63 -52.07 3.53
C SER J 191 -6.40 -52.45 4.32
N SER J 192 -5.26 -52.53 3.64
CA SER J 192 -3.96 -52.85 4.19
C SER J 192 -3.36 -51.66 4.93
N GLY J 193 -3.90 -50.46 4.72
CA GLY J 193 -3.40 -49.27 5.38
C GLY J 193 -2.41 -48.46 4.56
N LEU J 194 -2.45 -48.61 3.22
CA LEU J 194 -1.56 -47.93 2.30
C LEU J 194 -2.32 -47.06 1.29
N TYR J 195 -1.78 -45.88 0.99
CA TYR J 195 -2.38 -44.97 0.02
C TYR J 195 -1.93 -45.29 -1.41
N SER J 196 -2.69 -44.76 -2.37
CA SER J 196 -2.44 -44.98 -3.80
C SER J 196 -3.12 -43.87 -4.61
N LEU J 197 -2.37 -43.13 -5.42
CA LEU J 197 -2.93 -42.02 -6.21
C LEU J 197 -2.78 -42.26 -7.72
N SER J 198 -3.30 -41.29 -8.49
CA SER J 198 -3.24 -41.28 -9.95
C SER J 198 -3.26 -39.84 -10.46
N SER J 199 -2.64 -39.62 -11.62
CA SER J 199 -2.57 -38.30 -12.25
C SER J 199 -2.67 -38.42 -13.76
N VAL J 200 -3.71 -37.86 -14.39
CA VAL J 200 -3.88 -37.96 -15.83
C VAL J 200 -3.70 -36.60 -16.50
N VAL J 201 -3.27 -36.63 -17.77
CA VAL J 201 -3.06 -35.43 -18.57
C VAL J 201 -3.75 -35.58 -19.94
N THR J 202 -4.61 -34.61 -20.28
CA THR J 202 -5.31 -34.58 -21.57
C THR J 202 -4.37 -33.98 -22.62
N VAL J 203 -3.88 -34.81 -23.54
CA VAL J 203 -2.95 -34.31 -24.56
C VAL J 203 -3.43 -34.60 -25.97
N PRO J 204 -3.04 -33.78 -26.95
CA PRO J 204 -3.40 -34.05 -28.35
C PRO J 204 -2.81 -35.36 -28.84
N SER J 205 -3.57 -36.03 -29.70
CA SER J 205 -3.14 -37.34 -30.21
C SER J 205 -1.84 -37.24 -30.98
N SER J 206 -1.54 -36.07 -31.54
CA SER J 206 -0.31 -35.83 -32.30
C SER J 206 0.88 -35.81 -31.34
N SER J 207 1.37 -37.00 -30.98
CA SER J 207 2.51 -37.07 -30.06
C SER J 207 3.49 -38.14 -30.52
N LEU J 208 3.80 -38.16 -31.82
CA LEU J 208 4.82 -39.06 -32.34
C LEU J 208 6.19 -38.71 -31.78
N GLY J 209 6.51 -37.42 -31.77
CA GLY J 209 7.69 -36.84 -31.16
C GLY J 209 9.08 -37.44 -31.37
N THR J 210 9.60 -38.13 -30.35
CA THR J 210 8.85 -38.41 -29.13
C THR J 210 8.78 -37.22 -28.19
N GLN J 211 7.57 -36.68 -28.03
CA GLN J 211 7.35 -35.65 -27.05
C GLN J 211 7.40 -36.35 -25.69
N THR J 212 8.61 -36.48 -25.13
CA THR J 212 8.85 -37.26 -23.93
C THR J 212 8.03 -36.75 -22.74
N TYR J 213 7.06 -37.53 -22.29
CA TYR J 213 6.24 -37.22 -21.11
C TYR J 213 6.75 -38.00 -19.90
N ILE J 214 7.45 -37.31 -19.01
CA ILE J 214 7.99 -37.89 -17.78
C ILE J 214 7.35 -37.22 -16.57
N CYS J 215 6.53 -37.97 -15.84
CA CYS J 215 5.90 -37.46 -14.62
C CYS J 215 6.87 -37.58 -13.44
N ASN J 216 6.96 -36.54 -12.62
CA ASN J 216 7.87 -36.53 -11.46
C ASN J 216 7.08 -36.75 -10.17
N VAL J 217 7.33 -37.89 -9.52
CA VAL J 217 6.67 -38.28 -8.28
C VAL J 217 7.62 -38.06 -7.11
N ASN J 218 7.18 -37.34 -6.08
CA ASN J 218 7.98 -37.05 -4.88
C ASN J 218 7.21 -37.48 -3.63
N HIS J 219 7.91 -38.14 -2.71
CA HIS J 219 7.34 -38.60 -1.44
C HIS J 219 8.26 -38.21 -0.28
N LYS J 220 7.93 -37.10 0.38
CA LYS J 220 8.77 -36.61 1.46
C LYS J 220 8.94 -37.61 2.61
N PRO J 221 7.89 -38.31 3.08
CA PRO J 221 8.09 -39.27 4.19
C PRO J 221 9.02 -40.43 3.88
N SER J 222 9.24 -40.78 2.60
CA SER J 222 10.15 -41.86 2.24
C SER J 222 11.32 -41.29 1.47
N ASN J 223 11.34 -39.98 1.32
CA ASN J 223 12.36 -39.22 0.61
C ASN J 223 12.56 -39.79 -0.79
N THR J 224 11.46 -40.22 -1.40
CA THR J 224 11.42 -40.90 -2.70
C THR J 224 10.94 -39.96 -3.79
N LYS J 225 11.77 -39.74 -4.80
CA LYS J 225 11.43 -38.91 -5.96
C LYS J 225 11.57 -39.77 -7.23
N VAL J 226 10.42 -40.13 -7.83
CA VAL J 226 10.37 -41.02 -9.00
C VAL J 226 9.81 -40.31 -10.24
N ASP J 227 10.62 -40.29 -11.30
CA ASP J 227 10.27 -39.73 -12.60
C ASP J 227 9.94 -40.90 -13.55
N LYS J 228 8.67 -41.02 -13.98
CA LYS J 228 8.23 -42.11 -14.86
C LYS J 228 7.80 -41.62 -16.25
N ARG J 229 8.30 -42.30 -17.30
CA ARG J 229 7.96 -41.98 -18.68
C ARG J 229 6.95 -42.97 -19.25
N VAL J 230 5.87 -42.43 -19.82
CA VAL J 230 4.76 -43.21 -20.39
C VAL J 230 4.92 -43.35 -21.90
N GLU J 231 4.93 -44.60 -22.39
CA GLU J 231 5.07 -44.87 -23.81
C GLU J 231 3.97 -45.83 -24.24
N PRO J 232 3.32 -45.58 -25.40
CA PRO J 232 2.24 -46.45 -25.91
C PRO J 232 2.69 -47.88 -26.18
N ALA K 1 -22.19 -30.75 14.06
CA ALA K 1 -21.09 -29.79 14.06
C ALA K 1 -21.02 -28.91 12.77
N PRO K 2 -21.10 -29.52 11.57
CA PRO K 2 -21.03 -28.72 10.34
C PRO K 2 -22.37 -28.05 10.03
N THR K 3 -22.28 -26.88 9.39
CA THR K 3 -23.47 -26.13 9.00
C THR K 3 -23.39 -25.79 7.52
N PHE K 4 -24.55 -25.57 6.90
CA PHE K 4 -24.64 -25.27 5.48
C PHE K 4 -25.61 -24.14 5.18
N VAL K 5 -25.27 -23.31 4.21
CA VAL K 5 -26.10 -22.21 3.73
C VAL K 5 -26.07 -22.18 2.20
N SER K 6 -27.22 -22.45 1.56
CA SER K 6 -27.30 -22.46 0.10
C SER K 6 -27.96 -21.15 -0.34
N VAL K 7 -27.27 -20.40 -1.21
CA VAL K 7 -27.74 -19.11 -1.71
C VAL K 7 -27.61 -19.06 -3.22
N ALA K 8 -28.67 -18.61 -3.89
CA ALA K 8 -28.66 -18.47 -5.34
C ALA K 8 -27.61 -17.46 -5.80
N PRO K 9 -26.99 -17.68 -6.96
CA PRO K 9 -25.97 -16.76 -7.47
C PRO K 9 -26.51 -15.35 -7.64
N GLY K 10 -25.74 -14.38 -7.18
CA GLY K 10 -26.13 -13.00 -7.31
C GLY K 10 -26.94 -12.48 -6.14
N GLN K 11 -27.37 -13.36 -5.24
CA GLN K 11 -28.17 -12.97 -4.10
C GLN K 11 -27.25 -12.59 -2.95
N THR K 12 -27.71 -12.73 -1.71
CA THR K 12 -26.91 -12.35 -0.54
C THR K 12 -26.79 -13.51 0.44
N ALA K 13 -25.56 -13.84 0.83
CA ALA K 13 -25.31 -14.92 1.79
C ALA K 13 -24.93 -14.33 3.14
N ARG K 14 -25.42 -14.96 4.21
CA ARG K 14 -25.14 -14.58 5.60
C ARG K 14 -24.76 -15.83 6.39
N ILE K 15 -23.67 -15.73 7.16
CA ILE K 15 -23.04 -16.85 7.87
C ILE K 15 -22.93 -16.60 9.38
N THR K 16 -23.35 -17.59 10.18
CA THR K 16 -23.28 -17.51 11.64
C THR K 16 -22.19 -18.48 12.10
N CYS K 17 -21.31 -17.97 12.95
CA CYS K 17 -20.17 -18.70 13.52
C CYS K 17 -19.91 -18.21 14.93
N GLY K 18 -19.35 -19.07 15.76
CA GLY K 18 -19.03 -18.69 17.11
C GLY K 18 -20.20 -18.61 18.07
N GLU K 19 -19.83 -18.44 19.34
CA GLU K 19 -20.78 -18.34 20.43
C GLU K 19 -21.51 -17.00 20.38
N GLU K 20 -22.40 -16.78 21.34
CA GLU K 20 -23.12 -15.51 21.43
C GLU K 20 -22.21 -14.43 22.01
N SER K 21 -22.39 -13.20 21.52
CA SER K 21 -21.56 -12.10 22.02
C SER K 21 -21.86 -11.80 23.48
N LEU K 22 -20.80 -11.65 24.28
CA LEU K 22 -20.91 -11.29 25.69
C LEU K 22 -20.40 -9.89 26.00
N GLY K 23 -19.42 -9.43 25.22
CA GLY K 23 -18.82 -8.11 25.34
C GLY K 23 -18.41 -7.53 24.00
N SER K 24 -17.54 -6.53 24.05
CA SER K 24 -17.01 -5.93 22.83
C SER K 24 -16.13 -6.96 22.13
N ARG K 25 -16.42 -7.22 20.86
CA ARG K 25 -15.74 -8.26 20.11
C ARG K 25 -14.79 -7.67 19.08
N SER K 26 -13.90 -8.54 18.56
CA SER K 26 -13.01 -8.22 17.46
C SER K 26 -12.96 -9.48 16.59
N VAL K 27 -14.07 -9.77 15.91
CA VAL K 27 -14.17 -11.01 15.16
C VAL K 27 -13.29 -10.94 13.92
N ILE K 28 -12.42 -11.93 13.75
CA ILE K 28 -11.58 -12.03 12.57
C ILE K 28 -12.10 -13.18 11.74
N TRP K 29 -12.44 -12.91 10.48
CA TRP K 29 -12.98 -13.90 9.58
C TRP K 29 -11.90 -14.39 8.62
N TYR K 30 -12.04 -15.65 8.21
CA TYR K 30 -11.13 -16.29 7.29
C TYR K 30 -11.92 -17.13 6.30
N GLN K 31 -11.42 -17.27 5.08
CA GLN K 31 -12.05 -18.10 4.07
C GLN K 31 -11.09 -19.20 3.65
N GLN K 32 -11.57 -20.44 3.63
CA GLN K 32 -10.74 -21.58 3.25
C GLN K 32 -11.33 -22.36 2.08
N ARG K 33 -10.81 -22.13 0.89
CA ARG K 33 -11.18 -22.89 -0.30
C ARG K 33 -10.66 -24.32 -0.16
N PRO K 34 -11.43 -25.31 -0.62
CA PRO K 34 -11.00 -26.72 -0.48
C PRO K 34 -9.65 -27.11 -1.05
N GLY K 35 -8.79 -27.67 -0.18
CA GLY K 35 -7.45 -28.10 -0.52
C GLY K 35 -6.38 -27.05 -0.49
N GLN K 36 -6.68 -25.87 0.06
CA GLN K 36 -5.74 -24.77 0.12
C GLN K 36 -5.54 -24.24 1.54
N ALA K 37 -4.80 -23.07 1.68
CA ALA K 37 -4.55 -22.50 3.01
C ALA K 37 -5.50 -21.34 3.30
N PRO K 38 -5.87 -21.18 4.56
CA PRO K 38 -6.77 -20.08 4.98
C PRO K 38 -6.25 -18.69 4.63
N SER K 39 -7.15 -17.87 4.08
CA SER K 39 -6.85 -16.49 3.69
C SER K 39 -7.71 -15.52 4.50
N LEU K 40 -7.13 -14.36 4.79
CA LEU K 40 -7.82 -13.33 5.56
C LEU K 40 -8.86 -12.62 4.70
N ILE K 41 -10.08 -12.49 5.21
CA ILE K 41 -11.17 -11.81 4.51
C ILE K 41 -11.55 -10.52 5.21
N ILE K 42 -11.95 -10.61 6.49
CA ILE K 42 -12.35 -9.44 7.26
C ILE K 42 -11.76 -9.56 8.66
N TYR K 43 -10.93 -8.60 9.02
CA TYR K 43 -10.38 -8.52 10.37
C TYR K 43 -11.00 -7.32 11.06
N ASN K 44 -11.00 -7.35 12.38
CA ASN K 44 -11.59 -6.30 13.20
C ASN K 44 -13.04 -6.04 12.79
N ASN K 45 -13.85 -7.09 12.93
CA ASN K 45 -15.30 -7.04 12.68
C ASN K 45 -15.71 -6.70 11.25
N ASN K 46 -15.30 -5.54 10.72
CA ASN K 46 -15.73 -5.14 9.39
C ASN K 46 -14.66 -4.35 8.66
N ASP K 47 -13.40 -4.73 8.82
CA ASP K 47 -12.30 -4.09 8.12
C ASP K 47 -11.68 -5.07 7.14
N ARG K 48 -11.78 -4.74 5.83
CA ARG K 48 -11.24 -5.61 4.79
C ARG K 48 -9.87 -5.13 4.36
N PRO K 49 -8.91 -6.05 4.23
CA PRO K 49 -7.56 -5.67 3.77
C PRO K 49 -7.53 -5.40 2.27
N SER K 50 -6.34 -5.18 1.73
CA SER K 50 -6.23 -4.91 0.30
C SER K 50 -6.50 -6.19 -0.45
N GLY K 51 -7.37 -6.13 -1.46
CA GLY K 51 -7.69 -7.30 -2.23
C GLY K 51 -9.08 -7.87 -2.01
N ILE K 52 -9.79 -7.44 -0.96
CA ILE K 52 -11.11 -7.97 -0.63
C ILE K 52 -12.20 -7.02 -1.13
N PRO K 53 -13.14 -7.49 -1.95
CA PRO K 53 -14.23 -6.63 -2.45
C PRO K 53 -15.16 -6.18 -1.34
N ASP K 54 -16.00 -5.18 -1.64
CA ASP K 54 -16.93 -4.67 -0.63
C ASP K 54 -18.14 -5.57 -0.50
N ARG K 55 -18.18 -6.68 -1.24
CA ARG K 55 -19.28 -7.63 -1.14
C ARG K 55 -19.26 -8.37 0.19
N PHE K 56 -18.08 -8.50 0.80
CA PHE K 56 -17.93 -9.19 2.07
C PHE K 56 -18.01 -8.16 3.19
N SER K 57 -19.05 -8.27 4.02
CA SER K 57 -19.24 -7.37 5.15
C SER K 57 -19.53 -8.18 6.39
N GLY K 58 -19.11 -7.66 7.54
CA GLY K 58 -19.32 -8.32 8.82
C GLY K 58 -20.06 -7.46 9.81
N SER K 59 -20.74 -8.11 10.75
CA SER K 59 -21.47 -7.41 11.78
C SER K 59 -20.51 -6.66 12.72
N PRO K 60 -20.84 -5.43 13.10
CA PRO K 60 -19.97 -4.66 13.99
C PRO K 60 -19.82 -5.32 15.34
N GLY K 61 -18.62 -5.23 15.90
CA GLY K 61 -18.35 -5.83 17.20
C GLY K 61 -18.71 -4.94 18.36
N SER K 62 -19.84 -4.23 18.24
CA SER K 62 -20.37 -3.36 19.27
C SER K 62 -21.75 -3.77 19.76
N THR K 63 -22.36 -4.79 19.15
CA THR K 63 -23.67 -5.32 19.54
C THR K 63 -23.53 -6.45 20.54
N PHE K 64 -24.17 -6.30 21.70
CA PHE K 64 -24.08 -7.27 22.80
C PHE K 64 -25.27 -8.22 22.78
N GLY K 65 -25.00 -9.51 22.63
CA GLY K 65 -26.01 -10.53 22.63
C GLY K 65 -26.34 -11.17 21.29
N THR K 66 -25.49 -11.03 20.29
CA THR K 66 -25.70 -11.59 18.96
C THR K 66 -24.50 -12.40 18.53
N THR K 67 -24.70 -13.30 17.58
CA THR K 67 -23.62 -14.13 17.06
C THR K 67 -22.94 -13.41 15.90
N ALA K 68 -21.71 -13.82 15.61
CA ALA K 68 -20.96 -13.23 14.50
C ALA K 68 -21.60 -13.62 13.17
N THR K 69 -21.89 -12.60 12.35
CA THR K 69 -22.57 -12.78 11.06
C THR K 69 -21.75 -12.18 9.93
N LEU K 70 -21.51 -12.97 8.88
CA LEU K 70 -20.79 -12.57 7.68
C LEU K 70 -21.74 -12.45 6.49
N THR K 71 -21.93 -11.23 5.99
CA THR K 71 -22.85 -10.97 4.87
C THR K 71 -22.06 -10.88 3.56
N ILE K 72 -22.49 -11.64 2.55
CA ILE K 72 -21.85 -11.68 1.24
C ILE K 72 -22.87 -11.28 0.17
N THR K 73 -22.80 -10.03 -0.29
CA THR K 73 -23.70 -9.55 -1.34
C THR K 73 -23.18 -9.98 -2.70
N SER K 74 -24.10 -10.12 -3.67
CA SER K 74 -23.77 -10.54 -5.02
C SER K 74 -23.01 -11.87 -5.02
N VAL K 75 -23.70 -12.90 -4.53
CA VAL K 75 -23.09 -14.23 -4.39
C VAL K 75 -22.76 -14.80 -5.76
N GLU K 76 -21.52 -15.23 -5.94
CA GLU K 76 -21.05 -15.83 -7.17
C GLU K 76 -20.54 -17.24 -6.88
N ALA K 77 -20.34 -18.01 -7.94
CA ALA K 77 -19.88 -19.39 -7.80
C ALA K 77 -18.51 -19.44 -7.16
N GLY K 78 -17.73 -18.37 -7.29
CA GLY K 78 -16.39 -18.30 -6.73
C GLY K 78 -16.36 -18.20 -5.22
N ASP K 79 -17.47 -17.79 -4.59
CA ASP K 79 -17.58 -17.63 -3.15
C ASP K 79 -17.86 -18.94 -2.41
N GLU K 80 -18.01 -20.05 -3.14
CA GLU K 80 -18.29 -21.38 -2.57
C GLU K 80 -17.08 -21.92 -1.83
N ALA K 81 -17.05 -21.75 -0.50
CA ALA K 81 -15.95 -22.22 0.34
C ALA K 81 -16.40 -22.28 1.78
N ASP K 82 -15.46 -22.60 2.67
CA ASP K 82 -15.68 -22.67 4.10
C ASP K 82 -15.25 -21.34 4.73
N TYR K 83 -15.97 -20.94 5.78
CA TYR K 83 -15.70 -19.68 6.47
C TYR K 83 -15.62 -19.90 7.97
N TYR K 84 -14.50 -19.51 8.56
CA TYR K 84 -14.23 -19.60 10.00
C TYR K 84 -14.18 -18.21 10.62
N CYS K 85 -14.35 -18.16 11.94
CA CYS K 85 -14.31 -16.90 12.67
C CYS K 85 -13.44 -17.03 13.91
N HIS K 86 -12.76 -15.94 14.26
CA HIS K 86 -11.88 -15.85 15.42
C HIS K 86 -12.48 -14.85 16.41
N ILE K 87 -13.16 -15.37 17.42
CA ILE K 87 -13.88 -14.55 18.39
C ILE K 87 -12.88 -13.89 19.35
N TRP K 88 -12.90 -12.57 19.41
CA TRP K 88 -12.10 -11.78 20.36
C TRP K 88 -13.01 -11.01 21.31
N ASP K 89 -13.39 -11.62 22.42
CA ASP K 89 -14.30 -11.00 23.37
C ASP K 89 -13.47 -10.45 24.53
N SER K 90 -13.87 -9.29 25.05
CA SER K 90 -13.14 -8.66 26.15
C SER K 90 -13.42 -9.26 27.51
N ARG K 91 -14.37 -10.18 27.61
CA ARG K 91 -14.72 -10.83 28.86
C ARG K 91 -14.31 -12.29 28.85
N ARG K 92 -13.96 -12.80 27.69
CA ARG K 92 -13.59 -14.18 27.56
C ARG K 92 -12.10 -14.27 27.24
N PRO K 93 -11.42 -15.31 27.71
CA PRO K 93 -10.01 -15.49 27.36
C PRO K 93 -9.84 -15.67 25.86
N THR K 94 -8.59 -15.56 25.43
CA THR K 94 -8.25 -15.69 24.03
C THR K 94 -8.61 -17.08 23.52
N ASN K 95 -9.50 -17.12 22.52
CA ASN K 95 -9.94 -18.38 21.94
C ASN K 95 -8.86 -18.87 20.99
N TRP K 96 -8.23 -19.98 21.35
CA TRP K 96 -7.17 -20.58 20.57
C TRP K 96 -7.71 -21.57 19.57
N VAL K 97 -9.04 -21.62 19.43
CA VAL K 97 -9.74 -22.47 18.48
C VAL K 97 -10.80 -21.62 17.79
N PHE K 98 -10.75 -21.57 16.45
CA PHE K 98 -11.72 -20.81 15.68
C PHE K 98 -13.12 -21.41 15.90
N GLY K 99 -14.15 -20.57 15.73
CA GLY K 99 -15.50 -21.08 15.87
C GLY K 99 -15.84 -22.04 14.74
N GLU K 100 -16.87 -22.87 14.94
CA GLU K 100 -17.27 -23.82 13.90
C GLU K 100 -17.72 -23.15 12.60
N GLY K 101 -17.05 -23.53 11.51
CA GLY K 101 -17.30 -22.96 10.20
C GLY K 101 -18.66 -23.29 9.62
N THR K 102 -19.02 -22.51 8.58
CA THR K 102 -20.27 -22.67 7.83
C THR K 102 -19.96 -22.71 6.33
N THR K 103 -20.41 -23.78 5.65
CA THR K 103 -20.16 -24.01 4.23
C THR K 103 -21.20 -23.32 3.34
N LEU K 104 -20.72 -22.54 2.36
CA LEU K 104 -21.56 -21.83 1.39
C LEU K 104 -21.76 -22.59 0.07
N ILE K 105 -23.01 -22.91 -0.25
CA ILE K 105 -23.39 -23.62 -1.47
C ILE K 105 -24.01 -22.61 -2.43
N VAL K 106 -23.38 -22.43 -3.58
CA VAL K 106 -23.88 -21.53 -4.62
C VAL K 106 -24.81 -22.37 -5.49
N LEU K 107 -26.12 -22.12 -5.38
CA LEU K 107 -27.11 -22.90 -6.11
C LEU K 107 -27.00 -22.68 -7.61
N SER K 108 -27.78 -23.47 -8.37
CA SER K 108 -27.82 -23.39 -9.83
C SER K 108 -26.42 -23.57 -10.41
N GLN K 109 -25.71 -24.57 -9.91
CA GLN K 109 -24.38 -24.89 -10.44
C GLN K 109 -24.39 -25.30 -11.94
N PRO K 110 -25.30 -26.22 -12.37
CA PRO K 110 -26.22 -27.10 -11.64
C PRO K 110 -25.85 -28.61 -11.77
N LYS K 111 -25.59 -29.07 -13.00
CA LYS K 111 -25.23 -30.43 -13.35
C LYS K 111 -23.92 -30.47 -14.14
N ALA K 112 -23.24 -31.62 -14.13
CA ALA K 112 -21.97 -31.80 -14.83
C ALA K 112 -21.79 -33.25 -15.24
N ALA K 113 -21.62 -33.49 -16.54
CA ALA K 113 -21.43 -34.85 -17.06
C ALA K 113 -20.04 -35.38 -16.72
N PRO K 114 -19.94 -36.56 -16.11
CA PRO K 114 -18.63 -37.12 -15.72
C PRO K 114 -17.74 -37.51 -16.90
N SER K 115 -16.45 -37.13 -16.80
CA SER K 115 -15.44 -37.47 -17.81
C SER K 115 -14.62 -38.65 -17.28
N VAL K 116 -15.04 -39.87 -17.63
CA VAL K 116 -14.39 -41.11 -17.18
C VAL K 116 -13.27 -41.53 -18.13
N THR K 117 -12.24 -42.17 -17.58
CA THR K 117 -11.11 -42.67 -18.38
C THR K 117 -10.56 -43.94 -17.74
N LEU K 118 -10.52 -45.04 -18.49
CA LEU K 118 -10.08 -46.35 -17.98
C LEU K 118 -8.73 -46.74 -18.58
N PHE K 119 -7.74 -46.95 -17.71
CA PHE K 119 -6.41 -47.35 -18.16
C PHE K 119 -6.17 -48.82 -17.80
N PRO K 120 -5.62 -49.58 -18.75
CA PRO K 120 -5.28 -50.99 -18.52
C PRO K 120 -4.05 -51.13 -17.63
N PRO K 121 -3.82 -52.32 -17.07
CA PRO K 121 -2.65 -52.48 -16.22
C PRO K 121 -1.42 -52.21 -17.07
N SER K 122 -0.45 -51.58 -16.44
CA SER K 122 0.76 -51.19 -17.12
C SER K 122 1.61 -52.36 -17.52
N SER K 123 2.45 -52.11 -18.51
CA SER K 123 3.34 -53.14 -18.98
C SER K 123 4.38 -53.39 -17.90
N GLU K 124 4.64 -52.36 -17.06
CA GLU K 124 5.62 -52.41 -15.98
C GLU K 124 5.21 -53.17 -14.73
N GLU K 125 3.93 -53.11 -14.33
CA GLU K 125 3.48 -53.81 -13.11
C GLU K 125 3.23 -55.30 -13.33
N LEU K 126 2.82 -55.67 -14.53
CA LEU K 126 2.53 -57.06 -14.80
C LEU K 126 3.81 -57.88 -14.58
N GLN K 127 4.93 -57.23 -14.79
CA GLN K 127 6.28 -57.75 -14.60
C GLN K 127 6.66 -57.89 -13.14
N ALA K 128 5.93 -57.21 -12.24
CA ALA K 128 6.13 -57.30 -10.80
C ALA K 128 5.13 -58.26 -10.19
N ASN K 129 4.54 -59.12 -11.03
CA ASN K 129 3.54 -60.10 -10.62
C ASN K 129 2.37 -59.37 -9.95
N LYS K 130 2.04 -58.19 -10.51
CA LYS K 130 0.96 -57.33 -10.06
C LYS K 130 0.22 -56.76 -11.27
N ALA K 131 -1.07 -56.47 -11.08
CA ALA K 131 -1.89 -55.87 -12.14
C ALA K 131 -2.91 -54.93 -11.52
N THR K 132 -3.20 -53.81 -12.19
CA THR K 132 -4.15 -52.86 -11.63
C THR K 132 -4.84 -52.04 -12.71
N LEU K 133 -6.18 -52.09 -12.74
CA LEU K 133 -7.02 -51.30 -13.64
C LEU K 133 -7.39 -49.98 -12.95
N VAL K 134 -7.30 -48.87 -13.68
CA VAL K 134 -7.56 -47.53 -13.13
C VAL K 134 -8.73 -46.85 -13.85
N CYS K 135 -9.72 -46.34 -13.10
CA CYS K 135 -10.88 -45.65 -13.69
C CYS K 135 -10.97 -44.23 -13.13
N LEU K 136 -10.52 -43.24 -13.90
CA LEU K 136 -10.53 -41.84 -13.48
C LEU K 136 -11.84 -41.15 -13.85
N ILE K 137 -12.48 -40.50 -12.88
CA ILE K 137 -13.75 -39.79 -13.06
C ILE K 137 -13.58 -38.34 -12.62
N SER K 138 -13.86 -37.39 -13.54
CA SER K 138 -13.71 -35.97 -13.25
C SER K 138 -14.80 -35.15 -13.93
N ASP K 139 -14.83 -33.86 -13.59
CA ASP K 139 -15.76 -32.86 -14.14
C ASP K 139 -17.23 -33.24 -13.93
N PHE K 140 -17.58 -33.68 -12.73
CA PHE K 140 -18.96 -34.05 -12.42
C PHE K 140 -19.49 -33.35 -11.17
N TYR K 141 -20.75 -32.91 -11.23
CA TYR K 141 -21.42 -32.25 -10.10
C TYR K 141 -22.86 -32.76 -9.99
N PRO K 142 -23.30 -33.10 -8.77
CA PRO K 142 -22.59 -33.07 -7.49
C PRO K 142 -21.70 -34.31 -7.25
N GLY K 143 -20.92 -34.27 -6.17
CA GLY K 143 -19.99 -35.32 -5.80
C GLY K 143 -20.70 -36.49 -5.13
N ALA K 144 -21.27 -37.40 -5.94
CA ALA K 144 -21.96 -38.57 -5.40
C ALA K 144 -21.99 -39.63 -6.50
N VAL K 145 -20.98 -40.52 -6.49
CA VAL K 145 -20.84 -41.55 -7.52
C VAL K 145 -20.74 -42.94 -6.91
N THR K 146 -21.15 -43.94 -7.72
CA THR K 146 -21.05 -45.36 -7.36
C THR K 146 -20.40 -46.12 -8.51
N VAL K 147 -19.30 -46.83 -8.24
CA VAL K 147 -18.52 -47.55 -9.24
C VAL K 147 -18.73 -49.06 -9.11
N ALA K 148 -19.00 -49.74 -10.23
CA ALA K 148 -19.15 -51.20 -10.24
C ALA K 148 -18.30 -51.83 -11.34
N TRP K 149 -17.33 -52.67 -10.98
CA TRP K 149 -16.48 -53.28 -11.99
C TRP K 149 -17.12 -54.56 -12.55
N LYS K 150 -16.73 -54.91 -13.78
CA LYS K 150 -17.27 -56.08 -14.47
C LYS K 150 -16.20 -56.87 -15.23
N ALA K 151 -16.20 -58.19 -15.01
CA ALA K 151 -15.41 -59.15 -15.78
C ALA K 151 -16.36 -59.80 -16.79
N ASP K 152 -16.21 -59.43 -18.06
CA ASP K 152 -17.12 -59.76 -19.16
C ASP K 152 -18.51 -59.23 -18.86
N SER K 153 -19.41 -60.09 -18.41
CA SER K 153 -20.75 -59.67 -18.00
C SER K 153 -21.02 -59.97 -16.54
N SER K 154 -20.06 -60.55 -15.82
CA SER K 154 -20.11 -60.93 -14.42
C SER K 154 -19.45 -59.89 -13.54
N PRO K 155 -20.12 -59.49 -12.46
CA PRO K 155 -19.57 -58.48 -11.54
C PRO K 155 -18.36 -58.98 -10.77
N VAL K 156 -17.52 -58.02 -10.37
CA VAL K 156 -16.31 -58.27 -9.60
C VAL K 156 -16.62 -57.99 -8.13
N LYS K 157 -16.36 -58.98 -7.28
CA LYS K 157 -16.73 -58.91 -5.87
C LYS K 157 -15.70 -58.19 -5.02
N ALA K 158 -14.45 -58.66 -5.04
CA ALA K 158 -13.38 -58.12 -4.22
C ALA K 158 -12.34 -57.40 -5.07
N GLY K 159 -11.49 -56.64 -4.37
CA GLY K 159 -10.42 -55.90 -4.98
C GLY K 159 -10.75 -54.49 -5.41
N VAL K 160 -11.96 -54.00 -5.16
CA VAL K 160 -12.36 -52.67 -5.58
C VAL K 160 -12.10 -51.67 -4.47
N GLU K 161 -11.29 -50.65 -4.76
CA GLU K 161 -10.97 -49.55 -3.85
C GLU K 161 -11.29 -48.22 -4.53
N THR K 162 -12.21 -47.45 -3.95
CA THR K 162 -12.68 -46.21 -4.54
C THR K 162 -12.54 -45.03 -3.60
N THR K 163 -12.05 -43.91 -4.13
CA THR K 163 -11.87 -42.71 -3.34
C THR K 163 -13.21 -41.98 -3.20
N THR K 164 -13.26 -41.11 -2.31
CA THR K 164 -14.43 -40.29 -2.07
C THR K 164 -14.36 -38.98 -2.86
N PRO K 165 -15.52 -38.55 -3.39
CA PRO K 165 -15.57 -37.30 -4.16
C PRO K 165 -14.90 -36.17 -3.38
N SER K 166 -14.26 -35.27 -4.12
CA SER K 166 -13.53 -34.17 -3.51
C SER K 166 -13.45 -33.06 -4.54
N LYS K 167 -14.14 -31.96 -4.25
CA LYS K 167 -14.19 -30.83 -5.17
C LYS K 167 -12.82 -30.18 -5.26
N GLN K 168 -12.52 -29.61 -6.44
CA GLN K 168 -11.20 -28.99 -6.69
C GLN K 168 -11.33 -27.63 -7.37
N SER K 169 -11.56 -26.57 -6.58
CA SER K 169 -11.62 -25.21 -7.10
C SER K 169 -12.57 -25.08 -8.29
N ASN K 170 -13.60 -25.89 -8.33
CA ASN K 170 -14.54 -25.91 -9.46
C ASN K 170 -15.75 -26.73 -9.06
N ASN K 171 -16.56 -27.03 -10.08
CA ASN K 171 -17.65 -27.96 -9.96
C ASN K 171 -17.13 -29.39 -10.06
N LYS K 172 -15.88 -29.53 -10.52
CA LYS K 172 -15.19 -30.79 -10.71
C LYS K 172 -14.94 -31.48 -9.36
N TYR K 173 -15.60 -32.59 -9.13
CA TYR K 173 -15.29 -33.40 -7.97
C TYR K 173 -14.33 -34.46 -8.53
N ALA K 174 -13.52 -35.06 -7.66
CA ALA K 174 -12.55 -36.04 -8.15
C ALA K 174 -12.77 -37.42 -7.54
N ALA K 175 -12.59 -38.45 -8.37
CA ALA K 175 -12.76 -39.82 -7.91
C ALA K 175 -11.99 -40.80 -8.79
N SER K 176 -11.19 -41.66 -8.15
CA SER K 176 -10.39 -42.69 -8.82
C SER K 176 -10.78 -44.05 -8.25
N SER K 177 -11.02 -45.03 -9.11
CA SER K 177 -11.39 -46.39 -8.73
C SER K 177 -10.33 -47.37 -9.23
N TYR K 178 -9.81 -48.18 -8.30
CA TYR K 178 -8.75 -49.14 -8.61
C TYR K 178 -9.23 -50.58 -8.47
N LEU K 179 -8.67 -51.47 -9.29
CA LEU K 179 -8.99 -52.90 -9.23
C LEU K 179 -7.68 -53.68 -9.33
N SER K 180 -7.20 -54.19 -8.20
CA SER K 180 -5.96 -54.96 -8.17
C SER K 180 -6.27 -56.38 -8.65
N LEU K 181 -5.63 -56.80 -9.73
CA LEU K 181 -5.84 -58.13 -10.27
C LEU K 181 -4.49 -58.81 -10.47
N THR K 182 -4.55 -60.03 -10.84
CA THR K 182 -3.33 -60.75 -11.09
C THR K 182 -3.10 -60.87 -12.60
N PRO K 183 -1.84 -60.96 -13.03
CA PRO K 183 -1.57 -61.12 -14.46
C PRO K 183 -2.33 -62.28 -15.09
N GLU K 184 -2.67 -63.30 -14.31
CA GLU K 184 -3.46 -64.39 -14.86
C GLU K 184 -4.93 -64.00 -14.95
N GLN K 185 -5.42 -63.21 -13.99
CA GLN K 185 -6.81 -62.79 -14.02
C GLN K 185 -7.08 -61.82 -15.17
N TRP K 186 -6.11 -60.95 -15.47
CA TRP K 186 -6.27 -59.97 -16.54
C TRP K 186 -6.37 -60.57 -17.93
N LYS K 187 -5.51 -61.54 -18.24
CA LYS K 187 -5.53 -62.17 -19.56
C LYS K 187 -6.60 -63.24 -19.68
N SER K 188 -7.32 -63.53 -18.60
CA SER K 188 -8.35 -64.55 -18.53
C SER K 188 -9.60 -64.11 -19.28
N HIS K 189 -10.35 -63.20 -18.67
CA HIS K 189 -11.61 -62.75 -19.25
C HIS K 189 -11.38 -62.00 -20.56
N LYS K 190 -12.47 -61.83 -21.32
CA LYS K 190 -12.38 -61.19 -22.62
C LYS K 190 -12.07 -59.70 -22.48
N SER K 191 -12.80 -59.01 -21.62
CA SER K 191 -12.63 -57.59 -21.43
C SER K 191 -13.19 -57.21 -20.07
N TYR K 192 -12.69 -56.11 -19.53
CA TYR K 192 -13.17 -55.57 -18.28
C TYR K 192 -13.85 -54.24 -18.59
N SER K 193 -14.83 -53.87 -17.76
CA SER K 193 -15.64 -52.67 -17.92
C SER K 193 -15.65 -51.85 -16.64
N CYS K 194 -15.88 -50.55 -16.77
CA CYS K 194 -15.95 -49.60 -15.66
C CYS K 194 -17.31 -48.89 -15.71
N GLN K 195 -18.29 -49.44 -14.97
CA GLN K 195 -19.65 -48.90 -14.94
C GLN K 195 -19.72 -47.83 -13.85
N VAL K 196 -19.92 -46.58 -14.26
CA VAL K 196 -20.03 -45.43 -13.36
C VAL K 196 -21.47 -44.93 -13.30
N THR K 197 -22.10 -45.00 -12.13
CA THR K 197 -23.48 -44.53 -11.93
C THR K 197 -23.44 -43.13 -11.31
N HIS K 198 -23.82 -42.09 -12.06
CA HIS K 198 -23.86 -40.75 -11.50
C HIS K 198 -25.27 -40.21 -11.63
N GLU K 199 -25.85 -39.80 -10.49
CA GLU K 199 -27.20 -39.25 -10.44
C GLU K 199 -28.20 -40.23 -11.04
N GLY K 200 -28.47 -40.05 -12.33
CA GLY K 200 -29.42 -40.86 -13.08
C GLY K 200 -28.83 -41.54 -14.31
N SER K 201 -27.66 -41.10 -14.76
CA SER K 201 -27.06 -41.69 -15.95
C SER K 201 -25.96 -42.67 -15.55
N THR K 202 -25.57 -43.51 -16.49
CA THR K 202 -24.52 -44.51 -16.25
C THR K 202 -23.62 -44.65 -17.47
N VAL K 203 -22.36 -44.23 -17.34
CA VAL K 203 -21.35 -44.30 -18.41
C VAL K 203 -20.51 -45.56 -18.22
N GLU K 204 -20.27 -46.29 -19.31
CA GLU K 204 -19.50 -47.54 -19.30
C GLU K 204 -18.36 -47.48 -20.31
N LYS K 205 -17.13 -47.72 -19.83
CA LYS K 205 -15.96 -47.81 -20.69
C LYS K 205 -15.30 -49.17 -20.48
N THR K 206 -14.86 -49.79 -21.57
CA THR K 206 -14.30 -51.13 -21.53
C THR K 206 -12.80 -51.13 -21.85
N VAL K 207 -12.20 -52.32 -21.78
CA VAL K 207 -10.78 -52.51 -22.07
C VAL K 207 -10.54 -53.97 -22.41
N ALA K 208 -9.75 -54.21 -23.46
CA ALA K 208 -9.45 -55.55 -23.94
C ALA K 208 -7.95 -55.74 -23.99
N PRO K 209 -7.42 -56.90 -23.58
CA PRO K 209 -5.98 -57.12 -23.67
C PRO K 209 -5.52 -57.16 -25.11
N THR K 210 -4.21 -57.09 -25.29
CA THR K 210 -3.63 -57.11 -26.62
C THR K 210 -2.70 -58.29 -26.85
N GLN L 1 -0.58 11.40 5.05
CA GLN L 1 -1.55 11.96 4.11
C GLN L 1 -0.95 13.15 3.36
N VAL L 2 -1.35 13.33 2.10
CA VAL L 2 -0.86 14.41 1.24
C VAL L 2 -1.96 15.39 0.87
N HIS L 3 -1.87 16.63 1.35
CA HIS L 3 -2.84 17.67 1.05
C HIS L 3 -2.15 18.80 0.30
N LEU L 4 -2.70 19.19 -0.84
CA LEU L 4 -2.15 20.27 -1.64
C LEU L 4 -3.17 21.38 -1.81
N GLN L 5 -2.75 22.62 -1.65
CA GLN L 5 -3.65 23.76 -1.78
C GLN L 5 -2.93 24.80 -2.63
N GLU L 6 -3.56 25.23 -3.71
CA GLU L 6 -3.04 26.25 -4.61
C GLU L 6 -3.71 27.58 -4.28
N SER L 7 -2.98 28.67 -4.48
CA SER L 7 -3.53 29.98 -4.19
C SER L 7 -2.90 31.06 -5.05
N GLY L 8 -3.75 31.89 -5.65
CA GLY L 8 -3.31 32.97 -6.51
C GLY L 8 -4.22 34.18 -6.50
N PRO L 9 -3.97 35.12 -7.41
CA PRO L 9 -4.80 36.35 -7.43
C PRO L 9 -6.23 36.17 -7.90
N GLY L 10 -6.45 35.40 -8.97
CA GLY L 10 -7.78 35.20 -9.51
C GLY L 10 -8.09 36.11 -10.68
N LEU L 11 -7.56 37.34 -10.67
CA LEU L 11 -7.76 38.33 -11.73
C LEU L 11 -6.41 38.93 -12.06
N VAL L 12 -6.00 38.84 -13.33
CA VAL L 12 -4.71 39.36 -13.75
C VAL L 12 -4.91 40.25 -14.98
N LYS L 13 -4.37 41.47 -14.91
CA LYS L 13 -4.47 42.42 -16.00
C LYS L 13 -3.67 41.93 -17.21
N PRO L 14 -4.05 42.33 -18.42
CA PRO L 14 -3.28 41.93 -19.61
C PRO L 14 -1.84 42.43 -19.58
N SER L 15 -0.96 41.66 -20.24
CA SER L 15 0.47 41.98 -20.33
C SER L 15 1.13 42.15 -18.96
N GLU L 16 0.72 41.34 -17.99
CA GLU L 16 1.29 41.39 -16.65
C GLU L 16 1.95 40.06 -16.29
N THR L 17 2.35 39.93 -15.01
CA THR L 17 3.03 38.73 -14.51
C THR L 17 2.19 38.04 -13.45
N LEU L 18 1.66 36.86 -13.79
CA LEU L 18 0.88 36.02 -12.90
C LEU L 18 1.78 35.29 -11.91
N SER L 19 1.44 35.33 -10.62
CA SER L 19 2.22 34.63 -9.60
C SER L 19 1.29 33.72 -8.80
N LEU L 20 1.62 32.43 -8.76
CA LEU L 20 0.83 31.43 -8.05
C LEU L 20 1.70 30.69 -7.04
N THR L 21 1.05 30.06 -6.04
CA THR L 21 1.73 29.33 -4.98
C THR L 21 0.94 28.09 -4.57
N CYS L 22 1.61 26.92 -4.48
CA CYS L 22 1.01 25.63 -4.07
C CYS L 22 1.51 25.20 -2.71
N ASN L 23 0.73 25.49 -1.73
CA ASN L 23 1.07 25.14 -0.38
C ASN L 23 0.93 23.63 -0.13
N VAL L 24 2.04 23.00 0.22
CA VAL L 24 2.11 21.57 0.39
C VAL L 24 2.17 21.23 1.86
N SER L 25 1.32 20.29 2.25
CA SER L 25 1.27 19.77 3.60
C SER L 25 1.17 18.26 3.48
N GLY L 26 1.98 17.56 4.25
CA GLY L 26 2.01 16.10 4.27
C GLY L 26 3.27 15.50 3.70
N THR L 27 4.06 16.28 2.98
CA THR L 27 5.30 15.83 2.38
C THR L 27 6.14 17.06 2.12
N LEU L 28 7.43 16.84 1.91
CA LEU L 28 8.36 17.93 1.61
C LEU L 28 8.44 18.21 0.13
N VAL L 29 8.69 19.47 -0.20
CA VAL L 29 8.75 19.86 -1.61
C VAL L 29 10.09 19.49 -2.20
N ARG L 30 11.02 19.04 -1.35
CA ARG L 30 12.34 18.66 -1.80
C ARG L 30 12.37 17.17 -2.16
N ASP L 31 11.48 16.37 -1.56
CA ASP L 31 11.46 14.92 -1.77
C ASP L 31 10.46 14.46 -2.84
N ASN L 32 9.92 15.38 -3.64
CA ASN L 32 8.94 15.00 -4.66
C ASN L 32 9.06 15.87 -5.90
N TYR L 33 8.46 15.40 -6.99
CA TYR L 33 8.36 16.18 -8.21
C TYR L 33 7.04 16.96 -8.15
N TRP L 34 7.00 18.13 -8.77
CA TRP L 34 5.83 18.99 -8.73
C TRP L 34 5.48 19.51 -10.12
N SER L 35 4.21 19.34 -10.54
CA SER L 35 3.78 19.78 -11.85
C SER L 35 2.59 20.73 -11.74
N TRP L 36 2.47 21.63 -12.73
CA TRP L 36 1.36 22.57 -12.81
C TRP L 36 0.59 22.29 -14.09
N ILE L 37 -0.73 22.21 -13.99
CA ILE L 37 -1.61 21.93 -15.12
C ILE L 37 -2.73 22.97 -15.17
N ARG L 38 -2.90 23.63 -16.32
CA ARG L 38 -3.97 24.60 -16.49
C ARG L 38 -5.01 24.05 -17.45
N GLN L 39 -6.24 24.57 -17.32
CA GLN L 39 -7.34 24.06 -18.15
C GLN L 39 -8.42 25.10 -18.43
N PRO L 40 -8.52 25.60 -19.66
CA PRO L 40 -9.60 26.54 -20.01
C PRO L 40 -10.97 25.89 -19.90
N LEU L 41 -11.99 26.74 -19.89
CA LEU L 41 -13.38 26.32 -19.75
C LEU L 41 -13.90 25.57 -20.97
N GLY L 42 -14.13 24.26 -20.82
CA GLY L 42 -14.68 23.45 -21.89
C GLY L 42 -13.64 22.94 -22.85
N LYS L 43 -12.39 22.86 -22.42
CA LYS L 43 -11.27 22.40 -23.22
C LYS L 43 -10.46 21.36 -22.45
N GLN L 44 -9.53 20.73 -23.14
CA GLN L 44 -8.67 19.71 -22.58
C GLN L 44 -7.47 20.29 -21.82
N PRO L 45 -7.06 19.59 -20.75
CA PRO L 45 -5.95 20.05 -19.90
C PRO L 45 -4.62 20.24 -20.62
N GLU L 46 -3.93 21.35 -20.30
CA GLU L 46 -2.63 21.67 -20.88
C GLU L 46 -1.52 21.62 -19.83
N TRP L 47 -0.52 20.77 -20.07
CA TRP L 47 0.63 20.62 -19.18
C TRP L 47 1.52 21.86 -19.25
N ILE L 48 1.79 22.48 -18.11
CA ILE L 48 2.60 23.69 -18.09
C ILE L 48 4.09 23.39 -17.97
N GLY L 49 4.47 22.47 -17.09
CA GLY L 49 5.87 22.11 -16.90
C GLY L 49 6.06 21.51 -15.52
N TYR L 50 7.19 20.83 -15.35
CA TYR L 50 7.52 20.19 -14.08
C TYR L 50 8.78 20.81 -13.46
N VAL L 51 8.77 20.89 -12.12
CA VAL L 51 9.86 21.46 -11.34
C VAL L 51 10.31 20.50 -10.23
N HIS L 52 11.62 20.42 -10.01
CA HIS L 52 12.21 19.56 -8.99
C HIS L 52 13.49 20.21 -8.48
N ASP L 53 13.97 19.74 -7.33
CA ASP L 53 15.21 20.25 -6.77
C ASP L 53 16.39 19.82 -7.64
N SER L 54 17.59 20.30 -7.27
CA SER L 54 18.84 19.99 -7.98
C SER L 54 18.82 20.49 -9.43
N GLY L 55 17.97 21.46 -9.75
CA GLY L 55 17.95 22.06 -11.07
C GLY L 55 17.17 21.32 -12.13
N ASP L 56 16.54 20.20 -11.80
CA ASP L 56 15.76 19.43 -12.76
C ASP L 56 14.43 20.12 -13.05
N THR L 57 14.39 20.96 -14.10
CA THR L 57 13.17 21.70 -14.45
C THR L 57 13.06 21.90 -15.96
N ASN L 58 11.92 21.48 -16.52
CA ASN L 58 11.64 21.63 -17.95
C ASN L 58 10.27 22.28 -18.10
N TYR L 59 10.08 23.00 -19.19
CA TYR L 59 8.85 23.75 -19.47
C TYR L 59 8.17 23.26 -20.74
N ASN L 60 7.00 23.84 -21.00
CA ASN L 60 6.24 23.55 -22.20
C ASN L 60 6.78 24.34 -23.38
N PRO L 61 7.22 23.69 -24.44
CA PRO L 61 7.76 24.41 -25.61
C PRO L 61 6.88 25.54 -26.12
N SER L 62 5.57 25.44 -25.95
CA SER L 62 4.66 26.50 -26.40
C SER L 62 4.69 27.71 -25.49
N LEU L 63 5.00 27.53 -24.21
CA LEU L 63 5.05 28.61 -23.23
C LEU L 63 6.45 28.75 -22.63
N LYS L 64 7.47 28.39 -23.41
CA LYS L 64 8.85 28.37 -22.93
C LYS L 64 9.32 29.74 -22.44
N SER L 65 9.08 30.78 -23.23
CA SER L 65 9.62 32.10 -22.95
C SER L 65 8.70 32.97 -22.08
N ARG L 66 7.80 32.37 -21.30
CA ARG L 66 6.93 33.18 -20.45
C ARG L 66 6.79 32.65 -19.03
N VAL L 67 7.06 31.37 -18.78
CA VAL L 67 6.86 30.76 -17.46
C VAL L 67 8.19 30.63 -16.72
N HIS L 68 8.11 30.70 -15.38
CA HIS L 68 9.24 30.55 -14.46
C HIS L 68 8.71 29.85 -13.22
N LEU L 69 9.39 28.78 -12.80
CA LEU L 69 9.03 28.00 -11.63
C LEU L 69 10.15 28.01 -10.59
N SER L 70 9.76 27.76 -9.35
CA SER L 70 10.71 27.75 -8.25
C SER L 70 10.12 26.93 -7.12
N LEU L 71 11.00 26.48 -6.23
CA LEU L 71 10.64 25.69 -5.06
C LEU L 71 11.22 26.33 -3.82
N ASP L 72 10.38 26.66 -2.86
CA ASP L 72 10.86 27.23 -1.60
C ASP L 72 10.96 26.11 -0.58
N LYS L 73 12.18 25.62 -0.36
CA LYS L 73 12.40 24.52 0.56
C LYS L 73 12.34 24.98 2.01
N SER L 74 12.45 26.29 2.22
CA SER L 74 12.39 26.88 3.56
C SER L 74 10.94 27.04 4.00
N LYS L 75 10.07 27.42 3.07
CA LYS L 75 8.66 27.62 3.35
C LYS L 75 7.83 26.43 2.93
N ASN L 76 8.45 25.43 2.30
CA ASN L 76 7.79 24.19 1.86
C ASN L 76 6.60 24.51 0.96
N LEU L 77 6.90 25.10 -0.18
CA LEU L 77 5.86 25.45 -1.15
C LEU L 77 6.45 25.51 -2.55
N VAL L 78 5.55 25.54 -3.53
CA VAL L 78 5.89 25.62 -4.94
C VAL L 78 5.39 26.95 -5.47
N SER L 79 6.21 27.64 -6.25
CA SER L 79 5.84 28.95 -6.77
C SER L 79 5.70 28.87 -8.28
N LEU L 80 5.03 29.88 -8.85
CA LEU L 80 4.83 29.93 -10.29
C LEU L 80 4.78 31.37 -10.78
N ARG L 81 5.38 31.63 -11.94
CA ARG L 81 5.40 32.96 -12.53
C ARG L 81 5.14 32.89 -14.04
N LEU L 82 4.22 33.74 -14.52
CA LEU L 82 3.84 33.82 -15.94
C LEU L 82 3.83 35.27 -16.41
N THR L 83 4.83 35.65 -17.20
CA THR L 83 4.95 37.01 -17.70
C THR L 83 4.21 37.18 -19.02
N GLY L 84 3.63 38.37 -19.21
CA GLY L 84 2.90 38.67 -20.42
C GLY L 84 1.64 37.86 -20.65
N VAL L 85 0.66 37.98 -19.77
CA VAL L 85 -0.57 37.21 -19.89
C VAL L 85 -1.53 37.85 -20.87
N THR L 86 -2.34 37.00 -21.51
CA THR L 86 -3.38 37.44 -22.44
C THR L 86 -4.70 36.76 -22.09
N ALA L 87 -5.69 36.84 -22.99
CA ALA L 87 -6.99 36.24 -22.72
C ALA L 87 -6.96 34.73 -22.85
N ALA L 88 -5.93 34.18 -23.51
CA ALA L 88 -5.81 32.75 -23.71
C ALA L 88 -5.30 32.05 -22.46
N ASP L 89 -4.72 32.79 -21.52
CA ASP L 89 -4.16 32.26 -20.30
C ASP L 89 -5.19 32.11 -19.19
N SER L 90 -6.43 32.51 -19.45
CA SER L 90 -7.55 32.41 -18.49
C SER L 90 -7.96 30.96 -18.32
N ALA L 91 -7.58 30.32 -17.21
CA ALA L 91 -7.91 28.91 -17.01
C ALA L 91 -7.89 28.58 -15.52
N ILE L 92 -8.01 27.29 -15.20
CA ILE L 92 -7.98 26.78 -13.83
C ILE L 92 -6.66 26.05 -13.61
N TYR L 93 -5.77 26.62 -12.80
CA TYR L 93 -4.43 26.06 -12.57
C TYR L 93 -4.38 25.06 -11.41
N TYR L 94 -3.91 23.83 -11.69
CA TYR L 94 -3.79 22.79 -10.67
C TYR L 94 -2.32 22.52 -10.37
N CYS L 95 -2.05 22.11 -9.13
CA CYS L 95 -0.72 21.69 -8.65
C CYS L 95 -0.84 20.24 -8.17
N ALA L 96 -0.06 19.34 -8.77
CA ALA L 96 -0.17 17.92 -8.44
C ALA L 96 1.20 17.27 -8.31
N THR L 97 1.29 16.31 -7.39
CA THR L 97 2.52 15.56 -7.21
C THR L 97 2.78 14.74 -8.48
N THR L 98 4.05 14.42 -8.73
CA THR L 98 4.40 13.70 -9.94
C THR L 98 5.38 12.56 -9.69
N LYS L 99 5.00 11.34 -10.07
CA LYS L 99 5.88 10.18 -10.00
C LYS L 99 6.29 9.80 -11.41
N HIS L 100 7.58 9.53 -11.60
CA HIS L 100 8.16 9.21 -12.89
C HIS L 100 8.20 7.69 -13.09
N GLY L 101 8.26 7.29 -14.35
CA GLY L 101 8.37 5.89 -14.67
C GLY L 101 9.26 5.78 -15.89
N ARG L 102 9.86 4.62 -16.06
CA ARG L 102 10.79 4.41 -17.16
C ARG L 102 10.34 3.20 -17.99
N ARG L 103 9.98 3.48 -19.25
CA ARG L 103 9.50 2.47 -20.20
C ARG L 103 10.65 1.97 -21.06
N ILE L 104 11.04 0.70 -20.89
CA ILE L 104 12.13 0.09 -21.64
C ILE L 104 11.54 -0.77 -22.75
N TYR L 105 11.95 -0.49 -24.00
CA TYR L 105 11.48 -1.22 -25.17
C TYR L 105 12.62 -1.84 -25.97
N GLY L 106 13.83 -1.29 -25.86
CA GLY L 106 14.99 -1.73 -26.61
C GLY L 106 15.95 -2.56 -25.81
N VAL L 107 17.22 -2.19 -25.81
CA VAL L 107 18.27 -2.94 -25.14
C VAL L 107 18.87 -2.14 -23.97
N VAL L 108 18.17 -1.12 -23.49
CA VAL L 108 18.59 -0.31 -22.34
C VAL L 108 19.93 0.39 -22.59
N ALA L 109 20.96 -0.39 -22.90
CA ALA L 109 22.31 0.16 -23.05
C ALA L 109 22.39 1.17 -24.19
N PHE L 110 21.55 1.04 -25.21
CA PHE L 110 21.59 1.99 -26.32
C PHE L 110 20.62 3.14 -26.12
N LYS L 111 20.27 3.43 -24.86
CA LYS L 111 19.37 4.51 -24.51
C LYS L 111 18.04 4.37 -25.25
N GLU L 112 17.66 3.13 -25.54
CA GLU L 112 16.43 2.80 -26.25
C GLU L 112 15.26 2.72 -25.27
N TRP L 113 15.01 3.84 -24.59
CA TRP L 113 13.93 3.94 -23.62
C TRP L 113 13.49 5.39 -23.51
N PHE L 114 12.43 5.62 -22.73
CA PHE L 114 11.95 6.97 -22.50
C PHE L 114 11.20 7.04 -21.17
N THR L 115 11.29 8.19 -20.52
CA THR L 115 10.65 8.41 -19.23
C THR L 115 9.28 9.05 -19.40
N TYR L 116 8.27 8.48 -18.74
CA TYR L 116 6.91 8.99 -18.77
C TYR L 116 6.53 9.47 -17.38
N PHE L 117 5.80 10.58 -17.31
CA PHE L 117 5.34 11.15 -16.05
C PHE L 117 3.83 11.03 -15.88
N TYR L 118 3.41 10.92 -14.64
CA TYR L 118 1.99 10.84 -14.31
C TYR L 118 1.73 11.38 -12.92
N MET L 119 0.67 12.20 -12.82
CA MET L 119 0.25 12.80 -11.57
C MET L 119 -0.75 11.89 -10.90
N ASP L 120 -0.54 11.62 -9.62
CA ASP L 120 -1.40 10.73 -8.84
C ASP L 120 -2.20 11.49 -7.81
N VAL L 121 -1.56 12.47 -7.17
CA VAL L 121 -2.16 13.29 -6.12
C VAL L 121 -2.25 14.72 -6.65
N TRP L 122 -3.46 15.16 -6.97
CA TRP L 122 -3.75 16.48 -7.50
C TRP L 122 -4.14 17.44 -6.38
N GLY L 123 -4.31 18.71 -6.76
CA GLY L 123 -4.75 19.74 -5.84
C GLY L 123 -6.16 20.21 -6.13
N LYS L 124 -6.63 21.12 -5.26
CA LYS L 124 -7.98 21.67 -5.40
C LYS L 124 -8.14 22.54 -6.65
N GLY L 125 -7.14 23.32 -7.01
CA GLY L 125 -7.12 24.17 -8.17
C GLY L 125 -7.49 25.61 -7.82
N THR L 126 -6.98 26.55 -8.63
CA THR L 126 -7.27 27.97 -8.50
C THR L 126 -7.87 28.51 -9.79
N SER L 127 -8.68 29.54 -9.67
CA SER L 127 -9.31 30.15 -10.84
C SER L 127 -8.54 31.42 -11.16
N VAL L 128 -8.07 31.55 -12.39
CA VAL L 128 -7.33 32.74 -12.84
C VAL L 128 -8.02 33.27 -14.08
N THR L 129 -8.53 34.50 -14.00
CA THR L 129 -9.22 35.14 -15.11
C THR L 129 -8.46 36.39 -15.57
N VAL L 130 -8.21 36.48 -16.87
CA VAL L 130 -7.50 37.62 -17.46
C VAL L 130 -8.52 38.55 -18.09
N SER L 131 -8.68 39.74 -17.50
CA SER L 131 -9.61 40.75 -18.01
C SER L 131 -9.12 42.12 -17.54
N SER L 132 -9.34 43.13 -18.38
CA SER L 132 -8.90 44.47 -18.03
C SER L 132 -9.90 45.22 -17.16
N ALA L 133 -10.98 44.56 -16.71
CA ALA L 133 -12.00 45.16 -15.87
C ALA L 133 -11.62 45.06 -14.39
N SER L 134 -12.16 45.99 -13.60
CA SER L 134 -11.87 46.03 -12.17
C SER L 134 -12.68 44.99 -11.40
N THR L 135 -12.28 44.80 -10.14
CA THR L 135 -12.91 43.88 -9.19
C THR L 135 -14.01 44.62 -8.41
N LYS L 136 -15.18 43.99 -8.28
CA LYS L 136 -16.31 44.56 -7.56
C LYS L 136 -16.72 43.68 -6.38
N GLY L 137 -16.92 44.30 -5.22
CA GLY L 137 -17.35 43.57 -4.05
C GLY L 137 -18.82 43.22 -4.18
N PRO L 138 -19.16 41.98 -3.83
CA PRO L 138 -20.54 41.51 -3.94
C PRO L 138 -21.47 42.14 -2.92
N SER L 139 -22.76 42.10 -3.24
CA SER L 139 -23.81 42.59 -2.35
C SER L 139 -24.73 41.41 -2.04
N VAL L 140 -24.65 40.92 -0.82
CA VAL L 140 -25.38 39.75 -0.34
C VAL L 140 -26.76 40.15 0.17
N PHE L 141 -27.82 39.47 -0.30
CA PHE L 141 -29.18 39.73 0.17
C PHE L 141 -29.90 38.47 0.67
N PRO L 142 -30.55 38.55 1.83
CA PRO L 142 -31.22 37.38 2.43
C PRO L 142 -32.54 36.98 1.77
N LEU L 143 -32.73 35.67 1.62
CA LEU L 143 -33.96 35.10 1.06
C LEU L 143 -34.85 34.58 2.20
N ALA L 144 -35.96 35.28 2.47
CA ALA L 144 -36.86 34.94 3.56
C ALA L 144 -37.52 33.57 3.41
N PRO L 145 -37.64 32.80 4.49
CA PRO L 145 -38.29 31.48 4.43
C PRO L 145 -39.78 31.54 4.09
N SER L 146 -40.23 30.59 3.26
CA SER L 146 -41.65 30.52 2.89
C SER L 146 -41.98 29.09 2.48
N SER L 147 -42.66 28.36 3.38
CA SER L 147 -43.06 26.97 3.13
C SER L 147 -41.89 26.08 2.73
N GLY L 152 -46.55 20.94 4.77
CA GLY L 152 -45.70 19.83 4.36
C GLY L 152 -44.70 19.41 5.42
N GLY L 153 -44.51 20.27 6.41
CA GLY L 153 -43.57 20.00 7.48
C GLY L 153 -42.15 20.37 7.18
N THR L 154 -41.88 20.86 5.96
CA THR L 154 -40.57 21.26 5.49
C THR L 154 -40.60 22.73 5.11
N ALA L 155 -39.41 23.31 4.93
CA ALA L 155 -39.32 24.72 4.55
C ALA L 155 -38.01 24.95 3.80
N ALA L 156 -38.01 25.99 2.97
CA ALA L 156 -36.84 26.38 2.17
C ALA L 156 -36.22 27.64 2.77
N LEU L 157 -34.90 27.76 2.62
CA LEU L 157 -34.17 28.90 3.15
C LEU L 157 -32.86 29.05 2.39
N GLY L 158 -32.47 30.29 2.09
CA GLY L 158 -31.23 30.49 1.37
C GLY L 158 -30.73 31.92 1.43
N CYS L 159 -29.65 32.18 0.67
CA CYS L 159 -29.03 33.51 0.56
C CYS L 159 -28.92 33.90 -0.91
N LEU L 160 -28.43 35.11 -1.19
CA LEU L 160 -28.28 35.61 -2.56
C LEU L 160 -27.07 36.51 -2.69
N VAL L 161 -26.16 36.19 -3.62
CA VAL L 161 -24.98 37.00 -3.92
C VAL L 161 -25.19 37.69 -5.28
N LYS L 162 -25.41 39.01 -5.29
CA LYS L 162 -25.75 39.73 -6.52
C LYS L 162 -24.59 40.62 -6.98
N ASP L 163 -24.28 40.55 -8.29
CA ASP L 163 -23.27 41.42 -8.90
C ASP L 163 -21.88 41.42 -8.25
N TYR L 164 -21.02 40.52 -8.74
CA TYR L 164 -19.64 40.46 -8.28
C TYR L 164 -18.76 40.06 -9.46
N PHE L 165 -17.47 40.28 -9.31
CA PHE L 165 -16.51 39.97 -10.35
C PHE L 165 -15.08 39.98 -9.79
N PRO L 166 -14.28 38.95 -10.12
CA PRO L 166 -14.69 37.80 -10.94
C PRO L 166 -14.98 36.56 -10.09
N GLU L 167 -15.10 35.41 -10.75
CA GLU L 167 -15.31 34.13 -10.06
C GLU L 167 -14.05 33.70 -9.29
N PRO L 168 -14.21 32.88 -8.24
CA PRO L 168 -15.46 32.37 -7.67
C PRO L 168 -15.82 32.96 -6.29
N VAL L 169 -16.82 32.37 -5.64
CA VAL L 169 -17.24 32.74 -4.29
C VAL L 169 -17.54 31.48 -3.49
N THR L 170 -16.84 31.28 -2.37
CA THR L 170 -17.06 30.12 -1.50
C THR L 170 -18.15 30.46 -0.47
N VAL L 171 -19.21 29.64 -0.44
CA VAL L 171 -20.33 29.87 0.47
C VAL L 171 -20.53 28.66 1.38
N SER L 172 -20.42 28.89 2.69
CA SER L 172 -20.62 27.87 3.71
C SER L 172 -21.75 28.33 4.63
N TRP L 173 -22.27 27.39 5.41
CA TRP L 173 -23.38 27.64 6.32
C TRP L 173 -22.98 27.32 7.75
N ASN L 174 -23.21 28.29 8.64
CA ASN L 174 -22.89 28.20 10.07
C ASN L 174 -21.41 27.84 10.28
N SER L 175 -20.53 28.49 9.50
CA SER L 175 -19.09 28.27 9.57
C SER L 175 -18.74 26.81 9.31
N GLY L 176 -19.56 26.14 8.53
CA GLY L 176 -19.36 24.75 8.14
C GLY L 176 -20.02 23.73 9.03
N ALA L 177 -20.94 24.13 9.91
CA ALA L 177 -21.63 23.19 10.79
C ALA L 177 -22.95 22.70 10.20
N LEU L 178 -23.13 22.82 8.88
CA LEU L 178 -24.36 22.38 8.23
C LEU L 178 -24.03 22.08 6.76
N THR L 179 -23.85 20.81 6.44
CA THR L 179 -23.51 20.36 5.10
C THR L 179 -24.56 19.45 4.49
N SER L 180 -25.66 19.20 5.20
CA SER L 180 -26.74 18.33 4.74
C SER L 180 -27.90 19.15 4.19
N GLY L 181 -28.20 18.95 2.91
CA GLY L 181 -29.29 19.64 2.24
C GLY L 181 -28.93 20.94 1.57
N VAL L 182 -27.65 21.23 1.41
CA VAL L 182 -27.17 22.46 0.79
C VAL L 182 -26.95 22.24 -0.70
N HIS L 183 -27.55 23.09 -1.54
CA HIS L 183 -27.41 23.02 -2.99
C HIS L 183 -27.08 24.43 -3.50
N THR L 184 -25.81 24.65 -3.80
CA THR L 184 -25.29 25.91 -4.32
C THR L 184 -25.31 25.92 -5.85
N PHE L 185 -26.02 26.96 -6.46
CA PHE L 185 -26.18 27.09 -7.91
C PHE L 185 -25.07 27.91 -8.57
N PRO L 186 -24.77 27.52 -9.81
CA PRO L 186 -23.78 28.24 -10.61
C PRO L 186 -24.21 29.65 -10.97
N ALA L 187 -23.24 30.56 -11.02
CA ALA L 187 -23.56 31.95 -11.30
C ALA L 187 -24.03 32.13 -12.74
N VAL L 188 -24.57 33.31 -13.02
CA VAL L 188 -25.05 33.70 -14.34
C VAL L 188 -24.34 34.98 -14.73
N LEU L 189 -23.79 35.03 -15.94
CA LEU L 189 -23.11 36.24 -16.39
C LEU L 189 -24.17 37.22 -16.90
N GLN L 190 -24.42 38.30 -16.16
CA GLN L 190 -25.41 39.22 -16.69
C GLN L 190 -24.82 40.02 -17.85
N SER L 191 -25.68 40.82 -18.46
CA SER L 191 -25.27 41.64 -19.58
C SER L 191 -24.33 42.75 -19.13
N SER L 192 -24.35 43.10 -17.85
CA SER L 192 -23.47 44.15 -17.35
C SER L 192 -22.04 43.63 -17.19
N GLY L 193 -21.85 42.31 -17.19
CA GLY L 193 -20.54 41.71 -17.05
C GLY L 193 -20.22 41.31 -15.63
N LEU L 194 -21.24 41.12 -14.80
CA LEU L 194 -21.13 40.75 -13.39
C LEU L 194 -21.86 39.44 -13.11
N TYR L 195 -21.27 38.60 -12.26
CA TYR L 195 -21.84 37.31 -11.88
C TYR L 195 -22.82 37.47 -10.71
N SER L 196 -23.64 36.44 -10.51
CA SER L 196 -24.68 36.42 -9.47
C SER L 196 -25.08 34.98 -9.18
N LEU L 197 -24.95 34.53 -7.92
CA LEU L 197 -25.28 33.17 -7.49
C LEU L 197 -26.41 33.15 -6.47
N SER L 198 -26.76 31.93 -6.05
CA SER L 198 -27.79 31.67 -5.03
C SER L 198 -27.44 30.36 -4.33
N SER L 199 -27.85 30.24 -3.05
CA SER L 199 -27.60 29.03 -2.25
C SER L 199 -28.78 28.73 -1.34
N VAL L 200 -29.45 27.58 -1.50
CA VAL L 200 -30.60 27.23 -0.68
C VAL L 200 -30.31 26.04 0.25
N VAL L 201 -31.01 26.01 1.39
CA VAL L 201 -30.89 24.94 2.38
C VAL L 201 -32.28 24.43 2.76
N THR L 202 -32.48 23.12 2.65
CA THR L 202 -33.75 22.49 3.03
C THR L 202 -33.74 22.23 4.54
N VAL L 203 -34.54 22.96 5.30
CA VAL L 203 -34.54 22.78 6.75
C VAL L 203 -35.94 22.46 7.25
N PRO L 204 -36.06 21.72 8.36
CA PRO L 204 -37.39 21.44 8.92
C PRO L 204 -38.09 22.71 9.36
N SER L 205 -39.41 22.73 9.19
CA SER L 205 -40.16 23.93 9.54
C SER L 205 -39.99 24.25 11.02
N SER L 206 -39.72 23.23 11.83
CA SER L 206 -39.51 23.40 13.25
C SER L 206 -38.19 24.12 13.45
N SER L 207 -38.21 25.43 13.27
CA SER L 207 -37.01 26.23 13.44
C SER L 207 -37.41 27.49 14.19
N LEU L 208 -38.20 27.30 15.24
CA LEU L 208 -38.56 28.40 16.12
C LEU L 208 -37.30 28.89 16.82
N GLY L 209 -36.50 27.95 17.31
CA GLY L 209 -35.19 28.17 17.87
C GLY L 209 -34.93 29.28 18.88
N THR L 210 -34.30 30.35 18.42
CA THR L 210 -33.94 30.51 17.01
C THR L 210 -32.72 29.70 16.60
N GLN L 211 -32.96 28.70 15.75
CA GLN L 211 -31.85 27.94 15.17
C GLN L 211 -31.15 28.81 14.14
N THR L 212 -30.17 29.61 14.59
CA THR L 212 -29.50 30.63 13.78
C THR L 212 -28.83 30.04 12.53
N TYR L 213 -29.36 30.36 11.34
CA TYR L 213 -28.79 29.96 10.05
C TYR L 213 -27.99 31.13 9.48
N ILE L 214 -26.66 31.03 9.55
CA ILE L 214 -25.75 32.06 9.05
C ILE L 214 -24.88 31.50 7.92
N CYS L 215 -25.09 31.99 6.70
CA CYS L 215 -24.29 31.59 5.55
C CYS L 215 -23.00 32.42 5.47
N ASN L 216 -21.86 31.76 5.21
CA ASN L 216 -20.56 32.45 5.13
C ASN L 216 -20.16 32.59 3.66
N VAL L 217 -20.11 33.83 3.16
CA VAL L 217 -19.76 34.14 1.78
C VAL L 217 -18.35 34.71 1.72
N ASN L 218 -17.49 34.14 0.86
CA ASN L 218 -16.11 34.61 0.73
C ASN L 218 -15.81 34.90 -0.73
N HIS L 219 -15.15 36.04 -0.98
CA HIS L 219 -14.75 36.47 -2.32
C HIS L 219 -13.28 36.89 -2.26
N LYS L 220 -12.41 35.94 -2.62
CA LYS L 220 -10.97 36.19 -2.55
C LYS L 220 -10.47 37.32 -3.44
N PRO L 221 -10.92 37.47 -4.69
CA PRO L 221 -10.39 38.58 -5.52
C PRO L 221 -10.69 39.94 -4.93
N SER L 222 -11.69 40.05 -4.05
CA SER L 222 -11.97 41.29 -3.38
C SER L 222 -11.74 41.09 -1.91
N ASN L 223 -11.29 39.87 -1.55
CA ASN L 223 -11.00 39.43 -0.18
C ASN L 223 -12.19 39.71 0.73
N THR L 224 -13.40 39.51 0.19
CA THR L 224 -14.65 39.86 0.85
C THR L 224 -15.27 38.59 1.41
N LYS L 225 -15.48 38.58 2.74
CA LYS L 225 -16.08 37.48 3.47
C LYS L 225 -17.36 37.94 4.18
N VAL L 226 -18.53 37.51 3.68
CA VAL L 226 -19.84 37.94 4.20
C VAL L 226 -20.65 36.78 4.81
N ASP L 227 -21.01 36.93 6.10
CA ASP L 227 -21.85 36.01 6.87
C ASP L 227 -23.24 36.66 6.93
N LYS L 228 -24.25 36.06 6.31
CA LYS L 228 -25.60 36.65 6.25
C LYS L 228 -26.64 35.80 7.02
N ARG L 229 -27.48 36.45 7.85
CA ARG L 229 -28.53 35.79 8.66
C ARG L 229 -29.94 35.93 8.06
N VAL L 230 -30.63 34.81 7.91
CA VAL L 230 -31.98 34.75 7.34
C VAL L 230 -33.05 34.68 8.42
N GLU L 231 -33.98 35.64 8.42
CA GLU L 231 -35.08 35.67 9.38
C GLU L 231 -36.40 35.86 8.63
N PRO L 232 -37.46 35.12 9.00
CA PRO L 232 -38.77 35.24 8.34
C PRO L 232 -39.40 36.64 8.44
#